data_8GOU
#
_entry.id   8GOU
#
_cell.length_a   1.00
_cell.length_b   1.00
_cell.length_c   1.00
_cell.angle_alpha   90.00
_cell.angle_beta   90.00
_cell.angle_gamma   90.00
#
_symmetry.space_group_name_H-M   'P 1'
#
loop_
_entity.id
_entity.type
_entity.pdbx_description
1 polymer 'Spike glycoprotein'
2 polymer 'TH003 Fab heavy chain'
3 polymer 'TH003 Fab light chain'
4 non-polymer 2-acetamido-2-deoxy-beta-D-glucopyranose
#
loop_
_entity_poly.entity_id
_entity_poly.type
_entity_poly.pdbx_seq_one_letter_code
_entity_poly.pdbx_strand_id
1 'polypeptide(L)'
;MFVFLVLLPLVSSQCVNLITRTQLPPAYTNSFTRGVYYPDKVFRSSVLHSTQDLFLPFFSNVTWFHAIHVSGTNGTKRFD
NPVLPFNDGVYFASTEKSNIIRGWIFGTTLDSKTQSLLIVNNATNVVIKVCEFQFCNDPFLDVYYHKNNKSWMESEFRVY
SSANNCTFEYVSQPFLMDLEGKQGNFKNLREFVFKNIDGYFKIYSKHTPINLGRDLPQGFSALEPLVDLPIGINITRFQT
LLALHRSYLTPGDSSSGWTAGAAAYYVGYLQPRTFLLKYNENGTITDAVDCALDPLSETKCTLKSFTVEKGIYQTSNFRV
QPTESIVRFPNITNLCPFDEVFNATRFASVYAWNRKRISNCVADYSVLYNFAPFFAFKCYGVSPTKLNDLCFTNVYADSF
VIRGNEVSQIAPGQTGNIADYNYKLPDDFTGCVIAWNSNKLDSKVGGNYNYRYRLFRKSNLKPFERDISTEIYQAGNKPC
NGVAGVNCYFPLQSYGFRPTYGVGHQPYRVVVLSFELLHAPATVCGPKKSTNLVKNKCVNFNFNGLTGTGVLTESNKKFL
PFQQFGRDIADTTDAVRDPQTLEILDITPCSFGGVSVITPGTNTSNQVAVLYQGVNCTEVPVAIHADQLTPTWRVYSTGS
NVFQTRAGCLIGAEYVNSSYECDIPIGAGICASYQTQTKSHGSASSVASQSIIAYTMSLGAENSVAYSNNSIAIPTNFTI
SVTTEILPVSMTKTSVDCTMYICGDSTECSNLLLQYGSFCTQLKRALTGIAVEQDKNTQEVFAQVKQIYKTPPIKYFGGF
NFSQILPDPSKPSKRSPIEDLLFNKVTLADAGFIKQYGDCLGDIAARDLICAQKFNGLTVLPPLLTDEMIAQYTSALLAG
TITSGWTFGAGPALQIPFPMQMAYRFNGIGVTQNVLYENQKLIANQFNSAIGKIQDSLSSTPSALGKLQDVVNHNAQALN
TLVKQLSSKFGAISSVLNDILSRLDPPEAEVQIDRLITGRLQSLQTYVTQQLIRAAEIRASANLAATKMSECVLGQSKRV
DFCGKGYHLMSFPQSAPHGVVFLHVTYVPAQEKNFTTAPAICHDGKAHFPREGVFVSNGTHWFVTQRNFYEPQIITTDNT
FVSGNCDVVIGIVNNTVYDPLQPELDSFKEELDKYFKNHTSPDVDLGDISGINASVVNIQKEIDRLNEVAKNLNESLIDL
QELGKYEQGSGYIPEAPRDGQAYVRKDGEWVFLSTFLSGLEVLFQGPGGWSHPQFEKGGGSGGGSGGSAWSHPQFEKGGS
HHHHHHHH
;
A,B,C
2 'polypeptide(L)'
;EVRLLESGGGLVQPGGSLRLSCAASGFTFNDYAMSWVRQAPGEGLEWVSTISYSGGSTYYADSVKGRFTISRDNSKNMLY
LQMNSLRAEDTALYYCANGVATADWYFDLWGRGTLVTVSS
;
I,H
3 'polypeptide(L)'
;QSALTQPRSVSGSPGQSVTISCTGTSSDVGGYNYVSWFQHHPGKAPKLMIYDVTDRPSGVPDRFSGSKSGNTASLTISGL
QAEDAADYYCCSYAGTYTVFGGGTKLTVL
;
J,K
#
# COMPACT_ATOMS: atom_id res chain seq x y z
N ALA A 27 0.47 -52.05 18.32
CA ALA A 27 1.59 -52.29 17.42
C ALA A 27 1.97 -51.00 16.69
N TYR A 28 2.81 -51.12 15.68
CA TYR A 28 3.24 -49.97 14.90
C TYR A 28 3.61 -50.42 13.50
N THR A 29 3.50 -49.49 12.54
CA THR A 29 3.91 -49.75 11.17
C THR A 29 4.07 -48.41 10.47
N ASN A 30 5.19 -48.24 9.77
CA ASN A 30 5.45 -46.98 9.10
C ASN A 30 4.49 -46.79 7.93
N SER A 31 3.93 -45.60 7.83
CA SER A 31 3.08 -45.24 6.70
C SER A 31 3.96 -44.64 5.63
N PHE A 32 3.91 -45.22 4.44
CA PHE A 32 4.71 -44.73 3.33
C PHE A 32 4.09 -43.49 2.71
N THR A 33 4.42 -43.22 1.45
CA THR A 33 3.97 -42.00 0.79
C THR A 33 2.49 -42.13 0.41
N ARG A 34 1.64 -41.90 1.40
CA ARG A 34 0.20 -42.07 1.27
C ARG A 34 -0.50 -40.88 1.92
N GLY A 35 -1.82 -40.84 1.75
CA GLY A 35 -2.62 -39.82 2.39
C GLY A 35 -2.85 -38.54 1.61
N VAL A 36 -2.23 -38.36 0.44
CA VAL A 36 -2.47 -37.14 -0.30
C VAL A 36 -3.86 -37.16 -0.91
N TYR A 37 -4.50 -36.00 -0.95
CA TYR A 37 -5.86 -35.91 -1.47
C TYR A 37 -6.02 -34.59 -2.20
N TYR A 38 -7.01 -34.51 -3.06
CA TYR A 38 -7.25 -33.28 -3.78
C TYR A 38 -7.80 -32.23 -2.82
N PRO A 39 -7.07 -31.17 -2.55
CA PRO A 39 -7.48 -30.25 -1.48
C PRO A 39 -8.41 -29.12 -1.87
N ASP A 40 -8.43 -28.72 -3.15
CA ASP A 40 -9.11 -27.48 -3.52
C ASP A 40 -10.11 -27.62 -4.66
N LYS A 41 -10.38 -28.83 -5.13
CA LYS A 41 -11.35 -29.11 -6.20
C LYS A 41 -11.23 -28.15 -7.38
N VAL A 42 -10.03 -27.70 -7.70
CA VAL A 42 -9.81 -26.88 -8.89
C VAL A 42 -8.85 -27.60 -9.81
N PHE A 43 -9.19 -27.66 -11.08
CA PHE A 43 -8.41 -28.39 -12.06
C PHE A 43 -7.16 -27.61 -12.43
N ARG A 44 -6.04 -28.30 -12.55
CA ARG A 44 -4.80 -27.72 -12.99
C ARG A 44 -4.11 -28.76 -13.85
N SER A 45 -3.43 -28.32 -14.90
CA SER A 45 -2.85 -29.23 -15.86
C SER A 45 -1.37 -28.97 -16.00
N SER A 46 -0.58 -30.03 -15.87
CA SER A 46 0.87 -29.99 -16.08
C SER A 46 1.51 -28.82 -15.35
N VAL A 47 1.33 -28.79 -14.03
CA VAL A 47 1.87 -27.74 -13.18
C VAL A 47 2.15 -28.29 -11.80
N LEU A 48 3.03 -27.61 -11.08
CA LEU A 48 3.38 -27.95 -9.71
C LEU A 48 2.73 -26.94 -8.78
N HIS A 49 2.22 -27.42 -7.66
CA HIS A 49 1.53 -26.56 -6.72
C HIS A 49 1.91 -26.88 -5.29
N SER A 50 2.17 -25.85 -4.50
CA SER A 50 2.51 -26.00 -3.09
C SER A 50 1.37 -25.53 -2.22
N THR A 51 0.95 -26.35 -1.27
CA THR A 51 -0.19 -26.04 -0.43
C THR A 51 0.11 -26.36 1.03
N GLN A 52 -0.34 -25.48 1.92
CA GLN A 52 -0.21 -25.66 3.36
C GLN A 52 -1.55 -26.13 3.93
N ASP A 53 -1.63 -27.39 4.34
CA ASP A 53 -2.86 -27.95 4.86
C ASP A 53 -2.51 -29.13 5.77
N LEU A 54 -3.54 -29.75 6.34
CA LEU A 54 -3.38 -30.85 7.27
C LEU A 54 -3.14 -32.13 6.48
N PHE A 55 -1.91 -32.61 6.45
CA PHE A 55 -1.57 -33.82 5.74
C PHE A 55 -1.03 -34.87 6.68
N LEU A 56 -0.86 -36.09 6.15
CA LEU A 56 -0.25 -37.17 6.89
C LEU A 56 1.24 -37.22 6.62
N PRO A 57 2.09 -36.91 7.59
CA PRO A 57 3.54 -36.92 7.35
C PRO A 57 4.02 -38.26 6.84
N PHE A 58 4.92 -38.22 5.86
CA PHE A 58 5.45 -39.43 5.26
C PHE A 58 6.33 -40.22 6.21
N PHE A 59 6.38 -41.52 5.97
CA PHE A 59 7.23 -42.45 6.71
C PHE A 59 6.95 -42.43 8.21
N SER A 60 5.73 -42.09 8.59
CA SER A 60 5.39 -42.11 10.01
C SER A 60 4.74 -43.45 10.36
N ASN A 61 4.98 -43.90 11.59
CA ASN A 61 4.42 -45.16 12.02
C ASN A 61 2.96 -44.97 12.39
N VAL A 62 2.16 -46.01 12.15
CA VAL A 62 0.72 -45.95 12.42
C VAL A 62 0.30 -47.18 13.20
N THR A 63 -0.64 -46.98 14.11
CA THR A 63 -1.14 -48.07 14.93
C THR A 63 -1.91 -49.09 14.09
N TRP A 64 -1.78 -50.35 14.48
CA TRP A 64 -2.36 -51.48 13.76
C TRP A 64 -3.25 -52.23 14.74
N PHE A 65 -4.47 -52.55 14.33
CA PHE A 65 -5.40 -53.28 15.19
C PHE A 65 -6.06 -54.43 14.45
N HIS A 66 -6.51 -55.40 15.24
CA HIS A 66 -7.17 -56.61 14.76
C HIS A 66 -8.62 -56.65 15.22
N ALA A 67 -9.44 -57.36 14.46
CA ALA A 67 -10.88 -57.42 14.69
C ALA A 67 -11.30 -58.75 15.31
N ILE A 68 -10.82 -59.03 16.52
CA ILE A 68 -11.23 -60.23 17.25
C ILE A 68 -12.18 -59.86 18.39
N HIS A 69 -11.67 -59.17 19.40
CA HIS A 69 -12.49 -58.68 20.50
C HIS A 69 -11.72 -57.58 21.21
N VAL A 70 -12.47 -56.63 21.76
CA VAL A 70 -11.97 -55.52 22.59
C VAL A 70 -10.48 -55.23 22.46
N ASP A 80 -17.11 -52.34 22.31
CA ASP A 80 -16.34 -53.34 21.59
C ASP A 80 -14.95 -52.81 21.23
N ASN A 81 -14.89 -51.55 20.82
CA ASN A 81 -13.66 -50.93 20.38
C ASN A 81 -13.35 -49.76 21.29
N PRO A 82 -12.10 -49.59 21.74
CA PRO A 82 -11.80 -48.49 22.65
C PRO A 82 -11.81 -47.16 21.91
N VAL A 83 -11.98 -46.11 22.70
CA VAL A 83 -12.07 -44.76 22.15
C VAL A 83 -10.68 -44.24 21.86
N LEU A 84 -10.56 -43.53 20.74
CA LEU A 84 -9.33 -42.92 20.29
C LEU A 84 -9.59 -41.44 20.09
N PRO A 85 -8.73 -40.55 20.54
CA PRO A 85 -9.03 -39.12 20.45
C PRO A 85 -8.96 -38.65 19.00
N PHE A 86 -9.71 -37.59 18.73
CA PHE A 86 -9.73 -36.95 17.41
C PHE A 86 -8.94 -35.65 17.46
N ASN A 87 -7.62 -35.77 17.38
CA ASN A 87 -6.78 -34.58 17.54
C ASN A 87 -7.11 -33.58 16.44
N ASP A 88 -6.84 -33.95 15.18
CA ASP A 88 -7.10 -33.04 14.08
C ASP A 88 -7.63 -33.73 12.83
N GLY A 89 -7.62 -35.05 12.75
CA GLY A 89 -8.00 -35.74 11.53
C GLY A 89 -7.39 -37.12 11.47
N VAL A 90 -8.13 -38.10 10.97
CA VAL A 90 -7.73 -39.51 11.05
C VAL A 90 -7.64 -40.08 9.65
N TYR A 91 -6.61 -40.88 9.40
CA TYR A 91 -6.44 -41.59 8.14
C TYR A 91 -6.70 -43.06 8.41
N PHE A 92 -7.84 -43.56 7.96
CA PHE A 92 -8.32 -44.90 8.28
C PHE A 92 -8.21 -45.80 7.06
N ALA A 93 -7.33 -46.80 7.12
CA ALA A 93 -7.19 -47.78 6.06
C ALA A 93 -7.69 -49.14 6.52
N SER A 94 -8.27 -49.91 5.58
CA SER A 94 -8.84 -51.20 5.92
C SER A 94 -8.64 -52.20 4.80
N THR A 95 -8.14 -53.38 5.14
CA THR A 95 -8.01 -54.49 4.20
C THR A 95 -8.99 -55.59 4.59
N GLU A 96 -10.04 -55.76 3.80
CA GLU A 96 -11.11 -56.72 4.07
C GLU A 96 -11.71 -57.22 2.76
N LYS A 97 -12.41 -58.34 2.87
CA LYS A 97 -13.08 -58.91 1.71
C LYS A 97 -14.48 -59.42 2.07
N SER A 98 -15.06 -58.93 3.18
CA SER A 98 -16.40 -59.36 3.56
C SER A 98 -17.28 -58.24 4.11
N ASN A 99 -16.85 -56.99 4.04
CA ASN A 99 -17.63 -55.86 4.57
C ASN A 99 -17.98 -56.05 6.04
N ILE A 100 -16.98 -56.45 6.83
CA ILE A 100 -17.24 -56.73 8.24
C ILE A 100 -17.28 -55.45 9.09
N ILE A 101 -16.56 -54.41 8.71
CA ILE A 101 -16.59 -53.13 9.40
C ILE A 101 -17.50 -52.20 8.64
N ARG A 102 -18.48 -51.63 9.33
CA ARG A 102 -19.59 -50.99 8.66
C ARG A 102 -19.90 -49.56 9.08
N GLY A 103 -19.19 -49.00 10.05
CA GLY A 103 -19.52 -47.63 10.41
C GLY A 103 -18.67 -47.09 11.54
N TRP A 104 -19.01 -45.86 11.94
CA TRP A 104 -18.31 -45.13 12.98
C TRP A 104 -19.33 -44.33 13.78
N ILE A 105 -18.90 -43.81 14.92
CA ILE A 105 -19.72 -42.94 15.75
C ILE A 105 -18.81 -41.89 16.37
N PHE A 106 -19.22 -40.63 16.29
CA PHE A 106 -18.39 -39.53 16.78
C PHE A 106 -19.18 -38.69 17.77
N GLY A 107 -18.47 -37.82 18.47
CA GLY A 107 -19.10 -36.91 19.41
C GLY A 107 -18.17 -36.66 20.58
N THR A 108 -18.62 -35.77 21.47
CA THR A 108 -17.88 -35.47 22.69
C THR A 108 -18.20 -36.44 23.81
N THR A 109 -19.27 -37.23 23.69
CA THR A 109 -19.65 -38.24 24.67
C THR A 109 -20.71 -39.13 24.06
N LEU A 110 -20.77 -40.37 24.56
CA LEU A 110 -21.75 -41.32 24.05
C LEU A 110 -23.14 -41.16 24.66
N ASP A 111 -23.26 -40.39 25.74
CA ASP A 111 -24.56 -40.21 26.35
C ASP A 111 -25.36 -39.15 25.61
N SER A 112 -26.65 -39.07 25.93
CA SER A 112 -27.52 -38.09 25.29
C SER A 112 -27.36 -36.71 25.89
N LYS A 113 -26.42 -36.56 26.83
CA LYS A 113 -26.14 -35.29 27.49
C LYS A 113 -25.54 -34.28 26.53
N THR A 114 -25.18 -34.71 25.33
CA THR A 114 -24.61 -33.85 24.31
C THR A 114 -25.05 -34.36 22.95
N GLN A 115 -25.06 -33.47 21.97
CA GLN A 115 -25.58 -33.78 20.63
C GLN A 115 -24.55 -34.65 19.94
N SER A 116 -24.54 -35.93 20.32
CA SER A 116 -23.65 -36.87 19.67
C SER A 116 -24.04 -37.06 18.21
N LEU A 117 -23.18 -37.76 17.46
CA LEU A 117 -23.44 -37.98 16.01
C LEU A 117 -23.50 -39.48 15.72
N LEU A 118 -24.12 -39.87 14.59
CA LEU A 118 -24.26 -41.30 14.23
C LEU A 118 -24.02 -41.49 12.73
N ILE A 119 -22.99 -42.26 12.34
CA ILE A 119 -22.76 -42.55 10.93
C ILE A 119 -22.75 -44.05 10.71
N VAL A 120 -23.67 -44.56 9.90
CA VAL A 120 -23.78 -46.00 9.73
C VAL A 120 -23.85 -46.30 8.24
N ASN A 121 -22.89 -47.08 7.75
CA ASN A 121 -22.91 -47.53 6.37
C ASN A 121 -23.65 -48.86 6.29
N ASN A 122 -23.87 -49.33 5.07
CA ASN A 122 -24.59 -50.59 4.91
C ASN A 122 -24.39 -51.07 3.48
N ALA A 123 -24.89 -52.29 3.22
CA ALA A 123 -24.80 -52.88 1.89
C ALA A 123 -25.68 -52.16 0.89
N THR A 124 -26.69 -51.43 1.36
CA THR A 124 -27.64 -50.76 0.49
C THR A 124 -27.43 -49.26 0.40
N ASN A 125 -27.12 -48.62 1.52
CA ASN A 125 -26.99 -47.16 1.54
C ASN A 125 -26.36 -46.75 2.87
N VAL A 126 -25.94 -45.50 2.93
CA VAL A 126 -25.40 -44.93 4.16
C VAL A 126 -26.48 -44.14 4.88
N VAL A 127 -26.46 -44.17 6.20
CA VAL A 127 -27.36 -43.38 7.04
C VAL A 127 -26.52 -42.52 7.97
N ILE A 128 -26.58 -41.21 7.79
CA ILE A 128 -25.86 -40.26 8.62
C ILE A 128 -26.86 -39.46 9.45
N LYS A 129 -26.59 -39.34 10.75
CA LYS A 129 -27.53 -38.72 11.67
C LYS A 129 -26.77 -37.94 12.73
N VAL A 130 -27.37 -36.84 13.18
CA VAL A 130 -26.88 -36.07 14.33
C VAL A 130 -28.08 -35.81 15.23
N CYS A 131 -28.26 -36.68 16.23
CA CYS A 131 -29.49 -36.63 17.01
C CYS A 131 -29.32 -36.79 18.51
N GLU A 132 -28.09 -36.68 19.03
CA GLU A 132 -27.84 -36.77 20.47
C GLU A 132 -28.33 -38.08 21.05
N PHE A 133 -28.22 -39.16 20.26
CA PHE A 133 -28.67 -40.46 20.71
C PHE A 133 -27.69 -41.01 21.74
N GLN A 134 -28.18 -41.33 22.93
CA GLN A 134 -27.30 -41.89 23.94
C GLN A 134 -26.91 -43.31 23.55
N PHE A 135 -25.64 -43.61 23.69
CA PHE A 135 -25.08 -44.90 23.34
C PHE A 135 -24.90 -45.74 24.59
N CYS A 136 -24.61 -47.01 24.35
CA CYS A 136 -24.39 -47.94 25.45
C CYS A 136 -22.97 -47.74 25.99
N ASN A 137 -22.61 -48.53 27.02
CA ASN A 137 -21.27 -48.43 27.57
C ASN A 137 -20.21 -48.76 26.53
N ASP A 138 -20.55 -49.60 25.57
CA ASP A 138 -19.74 -50.00 24.43
C ASP A 138 -20.63 -49.94 23.20
N PRO A 139 -20.06 -49.70 22.02
CA PRO A 139 -20.88 -49.72 20.82
C PRO A 139 -21.45 -51.12 20.66
N PHE A 140 -22.75 -51.18 20.36
CA PHE A 140 -23.40 -52.47 20.24
C PHE A 140 -22.79 -53.28 19.10
N LEU A 141 -22.75 -54.58 19.31
CA LEU A 141 -22.19 -55.51 18.34
C LEU A 141 -23.37 -56.16 17.61
N ASP A 142 -23.53 -55.81 16.34
CA ASP A 142 -24.61 -56.33 15.53
C ASP A 142 -24.54 -57.84 15.38
N PHE A 157 -30.46 -57.47 16.21
CA PHE A 157 -29.20 -56.84 16.57
C PHE A 157 -28.86 -55.71 15.60
N ARG A 158 -29.86 -54.90 15.25
CA ARG A 158 -29.64 -53.82 14.30
C ARG A 158 -29.44 -52.45 14.93
N VAL A 159 -29.92 -52.21 16.16
CA VAL A 159 -29.75 -50.90 16.77
C VAL A 159 -29.71 -51.02 18.28
N TYR A 160 -28.99 -50.09 18.91
CA TYR A 160 -28.95 -49.98 20.36
C TYR A 160 -28.55 -48.54 20.69
N SER A 161 -29.53 -47.74 21.07
CA SER A 161 -29.29 -46.34 21.41
C SER A 161 -30.55 -45.81 22.07
N SER A 162 -30.40 -44.67 22.74
CA SER A 162 -31.52 -44.05 23.43
C SER A 162 -32.29 -43.15 22.46
N ALA A 163 -33.23 -42.38 23.01
CA ALA A 163 -34.05 -41.48 22.23
C ALA A 163 -33.20 -40.43 21.53
N ASN A 164 -33.81 -39.76 20.56
CA ASN A 164 -33.12 -38.78 19.73
C ASN A 164 -33.99 -37.55 19.58
N ASN A 165 -33.32 -36.43 19.28
CA ASN A 165 -33.97 -35.15 18.97
C ASN A 165 -33.34 -34.56 17.73
N CYS A 166 -33.21 -35.42 16.73
CA CYS A 166 -32.37 -35.20 15.57
C CYS A 166 -32.58 -33.82 14.95
N THR A 167 -31.50 -33.21 14.50
CA THR A 167 -31.56 -31.95 13.76
C THR A 167 -31.12 -32.07 12.31
N PHE A 168 -30.36 -33.09 11.94
CA PHE A 168 -29.95 -33.26 10.56
C PHE A 168 -29.80 -34.75 10.27
N GLU A 169 -30.17 -35.15 9.08
CA GLU A 169 -30.07 -36.54 8.66
C GLU A 169 -29.82 -36.57 7.16
N TYR A 170 -29.14 -37.61 6.70
CA TYR A 170 -28.70 -37.65 5.32
C TYR A 170 -28.52 -39.11 4.91
N VAL A 171 -28.74 -39.40 3.63
CA VAL A 171 -28.67 -40.75 3.11
C VAL A 171 -28.22 -40.71 1.66
N SER A 172 -27.48 -41.74 1.24
CA SER A 172 -27.00 -41.88 -0.12
C SER A 172 -26.47 -43.30 -0.31
N GLN A 173 -25.96 -43.57 -1.51
CA GLN A 173 -25.47 -44.87 -1.87
C GLN A 173 -24.35 -45.31 -0.93
N PRO A 174 -24.09 -46.61 -0.83
CA PRO A 174 -23.10 -47.08 0.15
C PRO A 174 -21.67 -46.77 -0.29
N PHE A 175 -20.78 -46.79 0.70
CA PHE A 175 -19.35 -46.60 0.49
C PHE A 175 -18.60 -47.86 0.06
N LEU A 176 -19.06 -48.52 -0.97
CA LEU A 176 -18.42 -49.77 -1.39
C LEU A 176 -18.22 -49.80 -2.89
N LYS A 187 -8.72 -57.89 1.18
CA LYS A 187 -7.56 -57.72 0.33
C LYS A 187 -7.61 -56.39 -0.42
N ASN A 188 -8.79 -55.80 -0.48
CA ASN A 188 -8.99 -54.52 -1.17
C ASN A 188 -8.70 -53.41 -0.16
N LEU A 189 -7.77 -52.54 -0.50
CA LEU A 189 -7.37 -51.47 0.43
C LEU A 189 -8.21 -50.22 0.20
N ARG A 190 -9.14 -50.00 1.11
CA ARG A 190 -9.98 -48.81 1.13
C ARG A 190 -9.30 -47.80 2.05
N GLU A 191 -9.19 -46.56 1.59
CA GLU A 191 -8.55 -45.51 2.37
C GLU A 191 -9.52 -44.37 2.58
N PHE A 192 -9.46 -43.75 3.77
CA PHE A 192 -10.37 -42.68 4.12
C PHE A 192 -9.63 -41.61 4.92
N VAL A 193 -10.01 -40.36 4.71
CA VAL A 193 -9.50 -39.25 5.49
C VAL A 193 -10.71 -38.46 5.97
N PHE A 194 -10.83 -38.28 7.28
CA PHE A 194 -11.97 -37.58 7.86
C PHE A 194 -11.52 -36.28 8.48
N LYS A 195 -12.16 -35.19 8.10
CA LYS A 195 -11.76 -33.87 8.56
C LYS A 195 -13.00 -33.05 8.90
N ASN A 196 -12.92 -32.28 9.99
CA ASN A 196 -14.04 -31.45 10.42
C ASN A 196 -13.44 -30.21 11.08
N ILE A 197 -13.34 -29.12 10.32
CA ILE A 197 -12.66 -27.94 10.83
C ILE A 197 -13.53 -26.68 10.80
N ASP A 198 -14.03 -26.34 9.62
CA ASP A 198 -14.67 -25.05 9.37
C ASP A 198 -16.19 -25.13 9.44
N GLY A 199 -16.71 -25.92 10.37
CA GLY A 199 -18.14 -26.11 10.44
C GLY A 199 -18.63 -27.17 9.49
N TYR A 200 -17.72 -27.76 8.71
CA TYR A 200 -18.04 -28.83 7.79
C TYR A 200 -17.21 -30.04 8.16
N PHE A 201 -17.77 -31.21 7.90
CA PHE A 201 -17.09 -32.48 8.10
C PHE A 201 -16.90 -33.10 6.73
N LYS A 202 -15.66 -33.38 6.36
CA LYS A 202 -15.37 -33.76 4.99
C LYS A 202 -14.75 -35.14 4.93
N ILE A 203 -15.07 -35.86 3.87
CA ILE A 203 -14.60 -37.22 3.65
C ILE A 203 -13.91 -37.33 2.30
N TYR A 204 -12.77 -37.98 2.28
CA TYR A 204 -12.07 -38.34 1.06
C TYR A 204 -11.90 -39.85 1.07
N SER A 205 -11.82 -40.47 -0.09
CA SER A 205 -11.79 -41.92 -0.08
C SER A 205 -11.19 -42.47 -1.36
N LYS A 206 -10.84 -43.75 -1.30
CA LYS A 206 -10.31 -44.48 -2.44
C LYS A 206 -10.38 -45.98 -2.12
N HIS A 207 -10.72 -46.78 -3.12
CA HIS A 207 -10.87 -48.22 -2.98
C HIS A 207 -9.89 -48.87 -3.94
N THR A 208 -8.94 -49.64 -3.43
CA THR A 208 -7.99 -50.13 -4.42
C THR A 208 -7.72 -51.62 -4.32
N PRO A 209 -7.49 -52.26 -5.45
CA PRO A 209 -7.05 -53.66 -5.48
C PRO A 209 -5.68 -53.83 -4.85
N ILE A 210 -5.33 -55.10 -4.60
CA ILE A 210 -4.03 -55.48 -4.08
C ILE A 210 -3.61 -56.81 -4.69
N ASP A 215 -0.11 -56.27 3.64
CA ASP A 215 0.71 -55.15 4.08
C ASP A 215 0.38 -53.89 3.29
N LEU A 216 0.80 -52.74 3.79
CA LEU A 216 0.53 -51.50 3.08
C LEU A 216 1.45 -51.39 1.86
N PRO A 217 0.90 -51.10 0.69
CA PRO A 217 1.74 -50.97 -0.51
C PRO A 217 2.50 -49.67 -0.54
N GLN A 218 3.60 -49.68 -1.29
CA GLN A 218 4.41 -48.50 -1.52
C GLN A 218 3.86 -47.60 -2.63
N GLY A 219 2.80 -48.03 -3.30
CA GLY A 219 2.28 -47.29 -4.44
C GLY A 219 1.65 -45.97 -4.04
N PHE A 220 1.79 -44.99 -4.93
CA PHE A 220 1.23 -43.66 -4.77
C PHE A 220 -0.21 -43.62 -5.29
N SER A 221 -1.09 -42.96 -4.53
CA SER A 221 -2.48 -42.84 -4.94
C SER A 221 -3.17 -41.74 -4.13
N ALA A 222 -3.85 -40.82 -4.82
CA ALA A 222 -4.48 -39.69 -4.15
C ALA A 222 -5.95 -39.97 -3.83
N LEU A 223 -6.41 -39.40 -2.72
CA LEU A 223 -7.80 -39.50 -2.29
C LEU A 223 -8.71 -38.44 -2.90
N GLU A 224 -9.96 -38.83 -3.21
CA GLU A 224 -10.92 -37.92 -3.82
C GLU A 224 -11.97 -37.47 -2.82
N PRO A 225 -12.40 -36.21 -2.92
CA PRO A 225 -13.43 -35.68 -2.01
C PRO A 225 -14.76 -36.39 -2.18
N LEU A 226 -15.23 -37.02 -1.11
CA LEU A 226 -16.47 -37.78 -1.24
C LEU A 226 -17.71 -36.97 -0.86
N VAL A 227 -17.74 -36.41 0.34
CA VAL A 227 -18.89 -35.62 0.79
C VAL A 227 -18.40 -34.50 1.69
N ASP A 228 -19.04 -33.34 1.60
CA ASP A 228 -18.73 -32.19 2.45
C ASP A 228 -19.99 -31.72 3.18
N LEU A 229 -20.16 -32.14 4.37
CA LEU A 229 -21.41 -31.87 5.08
C LEU A 229 -21.32 -30.58 5.88
N PRO A 230 -22.44 -29.86 6.01
CA PRO A 230 -22.47 -28.59 6.74
C PRO A 230 -22.64 -28.70 8.25
N ILE A 231 -22.79 -29.89 8.82
CA ILE A 231 -23.02 -30.01 10.26
C ILE A 231 -21.90 -29.36 11.04
N GLY A 232 -22.29 -28.53 12.01
CA GLY A 232 -21.36 -27.81 12.85
C GLY A 232 -21.20 -28.36 14.24
N ILE A 233 -21.39 -29.67 14.41
CA ILE A 233 -21.28 -30.28 15.72
C ILE A 233 -19.85 -30.20 16.22
N ASN A 234 -19.71 -29.97 17.53
CA ASN A 234 -18.40 -29.93 18.17
C ASN A 234 -17.92 -31.36 18.37
N ILE A 235 -17.12 -31.84 17.43
CA ILE A 235 -16.59 -33.20 17.44
C ILE A 235 -15.29 -33.23 18.25
N THR A 236 -15.23 -34.14 19.22
CA THR A 236 -14.01 -34.35 19.99
C THR A 236 -13.56 -35.80 20.08
N ARG A 237 -14.45 -36.77 19.91
CA ARG A 237 -14.10 -38.18 19.97
C ARG A 237 -14.67 -38.91 18.78
N PHE A 238 -14.10 -40.09 18.51
CA PHE A 238 -14.51 -40.90 17.38
C PHE A 238 -14.34 -42.37 17.73
N GLN A 239 -15.13 -43.21 17.07
CA GLN A 239 -15.14 -44.64 17.35
C GLN A 239 -15.31 -45.41 16.05
N THR A 240 -15.24 -46.73 16.16
CA THR A 240 -15.45 -47.62 15.03
C THR A 240 -16.67 -48.48 15.34
N LEU A 241 -17.26 -49.10 14.32
CA LEU A 241 -18.41 -49.97 14.50
C LEU A 241 -18.14 -51.35 13.92
N LEU A 242 -18.46 -52.38 14.69
CA LEU A 242 -18.23 -53.77 14.33
C LEU A 242 -19.56 -54.49 14.09
N ALA A 243 -19.45 -55.72 13.60
CA ALA A 243 -20.63 -56.54 13.31
C ALA A 243 -20.25 -58.00 13.51
N LEU A 244 -21.25 -58.87 13.50
CA LEU A 244 -21.01 -60.30 13.68
C LEU A 244 -22.27 -61.08 13.32
N HIS A 245 -22.07 -62.30 12.83
CA HIS A 245 -23.15 -63.16 12.39
C HIS A 245 -23.81 -63.86 13.58
N ARG A 246 -25.14 -63.74 13.66
CA ARG A 246 -25.94 -64.42 14.68
C ARG A 246 -25.39 -64.14 16.07
N SER A 247 -25.09 -62.87 16.34
CA SER A 247 -24.52 -62.44 17.59
C SER A 247 -25.57 -61.69 18.40
N TYR A 248 -25.56 -61.91 19.71
CA TYR A 248 -26.47 -61.19 20.58
C TYR A 248 -26.01 -59.75 20.73
N LEU A 249 -26.95 -58.89 21.09
CA LEU A 249 -26.67 -57.47 21.25
C LEU A 249 -27.34 -57.01 22.54
N THR A 250 -26.57 -56.36 23.39
CA THR A 250 -27.01 -55.86 24.68
C THR A 250 -26.32 -54.54 24.98
N PRO A 251 -26.93 -53.70 25.82
CA PRO A 251 -26.25 -52.45 26.21
C PRO A 251 -24.89 -52.65 26.85
N GLY A 252 -24.68 -53.73 27.59
CA GLY A 252 -23.39 -53.98 28.18
C GLY A 252 -22.98 -55.43 28.00
N ASP A 253 -21.72 -55.66 27.64
CA ASP A 253 -21.26 -57.02 27.40
C ASP A 253 -19.82 -57.17 27.85
N SER A 254 -19.42 -58.42 28.07
CA SER A 254 -18.07 -58.74 28.53
C SER A 254 -17.11 -58.78 27.35
N SER A 255 -15.90 -59.27 27.60
CA SER A 255 -14.85 -59.37 26.60
C SER A 255 -14.98 -60.63 25.75
N SER A 256 -16.08 -61.37 25.88
CA SER A 256 -16.25 -62.58 25.09
C SER A 256 -16.49 -62.25 23.62
N GLY A 257 -17.36 -61.27 23.35
CA GLY A 257 -17.58 -60.95 21.97
C GLY A 257 -18.23 -62.11 21.21
N TRP A 258 -18.11 -62.02 19.89
CA TRP A 258 -18.63 -63.04 18.99
C TRP A 258 -17.57 -63.29 17.92
N THR A 259 -17.62 -64.49 17.33
CA THR A 259 -16.63 -64.83 16.33
C THR A 259 -16.79 -63.92 15.12
N ALA A 260 -15.68 -63.70 14.42
CA ALA A 260 -15.70 -62.87 13.22
C ALA A 260 -14.49 -63.22 12.37
N GLY A 261 -14.54 -62.77 11.11
CA GLY A 261 -13.46 -63.02 10.19
C GLY A 261 -12.19 -62.27 10.54
N ALA A 262 -11.09 -62.79 10.01
CA ALA A 262 -9.78 -62.19 10.18
C ALA A 262 -9.74 -60.86 9.42
N ALA A 263 -9.41 -59.77 10.12
CA ALA A 263 -9.39 -58.46 9.49
C ALA A 263 -8.58 -57.51 10.35
N ALA A 264 -8.24 -56.37 9.76
CA ALA A 264 -7.43 -55.38 10.45
C ALA A 264 -7.65 -54.00 9.85
N TYR A 265 -7.37 -52.99 10.66
CA TYR A 265 -7.52 -51.60 10.28
C TYR A 265 -6.43 -50.76 10.91
N TYR A 266 -5.88 -49.82 10.14
CA TYR A 266 -4.80 -48.95 10.57
C TYR A 266 -5.36 -47.56 10.84
N VAL A 267 -4.68 -46.81 11.70
CA VAL A 267 -5.09 -45.45 12.03
C VAL A 267 -3.88 -44.54 11.99
N GLY A 268 -4.02 -43.38 11.35
CA GLY A 268 -2.97 -42.39 11.34
C GLY A 268 -3.53 -41.00 11.56
N TYR A 269 -2.68 -40.13 12.10
CA TYR A 269 -3.04 -38.76 12.46
C TYR A 269 -2.39 -37.73 11.55
N LEU A 270 -3.19 -36.81 11.04
CA LEU A 270 -2.78 -35.72 10.16
C LEU A 270 -2.11 -34.61 10.96
N GLN A 271 -1.30 -33.83 10.27
CA GLN A 271 -0.58 -32.72 10.87
C GLN A 271 -0.53 -31.55 9.90
N PRO A 272 -0.43 -30.32 10.39
CA PRO A 272 -0.31 -29.17 9.48
C PRO A 272 1.05 -29.22 8.78
N ARG A 273 1.02 -29.37 7.47
CA ARG A 273 2.23 -29.48 6.69
C ARG A 273 2.11 -28.66 5.41
N THR A 274 3.25 -28.42 4.78
CA THR A 274 3.30 -27.78 3.48
C THR A 274 3.70 -28.82 2.46
N PHE A 275 2.83 -29.07 1.49
CA PHE A 275 3.06 -30.11 0.50
C PHE A 275 3.17 -29.52 -0.90
N LEU A 276 4.09 -30.05 -1.68
CA LEU A 276 4.23 -29.68 -3.08
C LEU A 276 3.58 -30.77 -3.92
N LEU A 277 2.44 -30.46 -4.52
CA LEU A 277 1.66 -31.42 -5.27
C LEU A 277 1.94 -31.26 -6.76
N LYS A 278 2.04 -32.37 -7.46
CA LYS A 278 2.32 -32.37 -8.89
C LYS A 278 1.09 -32.81 -9.67
N TYR A 279 0.58 -31.94 -10.52
CA TYR A 279 -0.54 -32.29 -11.39
C TYR A 279 -0.02 -32.65 -12.75
N ASN A 280 -0.57 -33.71 -13.34
CA ASN A 280 -0.19 -34.11 -14.68
C ASN A 280 -1.12 -33.43 -15.68
N GLU A 281 -0.99 -33.79 -16.95
CA GLU A 281 -1.78 -33.15 -18.00
C GLU A 281 -3.26 -33.43 -17.87
N ASN A 282 -3.67 -34.42 -17.11
CA ASN A 282 -5.08 -34.74 -16.97
C ASN A 282 -5.66 -34.24 -15.65
N GLY A 283 -4.88 -33.50 -14.88
CA GLY A 283 -5.45 -32.91 -13.69
C GLY A 283 -5.48 -33.83 -12.51
N THR A 284 -4.69 -34.90 -12.53
CA THR A 284 -4.63 -35.83 -11.41
C THR A 284 -3.24 -35.81 -10.79
N ILE A 285 -3.21 -35.96 -9.47
CA ILE A 285 -1.96 -35.93 -8.72
C ILE A 285 -1.17 -37.21 -8.94
N THR A 286 0.09 -37.08 -9.34
CA THR A 286 0.94 -38.24 -9.54
C THR A 286 2.05 -38.41 -8.53
N ASP A 287 2.59 -37.32 -7.98
CA ASP A 287 3.64 -37.36 -6.97
C ASP A 287 3.47 -36.18 -6.02
N ALA A 288 4.11 -36.30 -4.86
CA ALA A 288 4.09 -35.23 -3.88
C ALA A 288 5.35 -35.36 -3.04
N VAL A 289 5.82 -34.24 -2.53
CA VAL A 289 7.02 -34.19 -1.71
C VAL A 289 6.73 -33.43 -0.43
N ASP A 290 7.06 -34.03 0.70
CA ASP A 290 6.85 -33.38 1.98
C ASP A 290 7.93 -32.34 2.17
N CYS A 291 7.53 -31.07 2.23
CA CYS A 291 8.48 -29.97 2.22
C CYS A 291 9.38 -29.94 3.44
N ALA A 292 9.04 -30.66 4.51
CA ALA A 292 9.81 -30.60 5.74
C ALA A 292 10.30 -31.97 6.20
N LEU A 293 10.52 -32.89 5.26
CA LEU A 293 10.96 -34.21 5.67
C LEU A 293 12.46 -34.24 5.91
N ASP A 294 13.25 -33.98 4.88
CA ASP A 294 14.70 -34.02 5.01
C ASP A 294 15.26 -32.89 4.15
N PRO A 295 16.56 -32.59 4.23
CA PRO A 295 17.06 -31.44 3.48
C PRO A 295 16.87 -31.53 1.98
N LEU A 296 17.02 -32.70 1.39
CA LEU A 296 16.84 -32.78 -0.06
C LEU A 296 15.41 -32.49 -0.45
N SER A 297 14.45 -33.00 0.31
CA SER A 297 13.06 -32.70 0.01
C SER A 297 12.80 -31.22 0.18
N GLU A 298 13.41 -30.60 1.18
CA GLU A 298 13.18 -29.17 1.37
C GLU A 298 13.76 -28.38 0.22
N THR A 299 14.89 -28.82 -0.33
CA THR A 299 15.44 -28.14 -1.49
C THR A 299 14.52 -28.28 -2.70
N LYS A 300 14.00 -29.48 -2.94
CA LYS A 300 13.02 -29.63 -4.02
C LYS A 300 11.85 -28.71 -3.80
N CYS A 301 11.34 -28.66 -2.59
CA CYS A 301 10.16 -27.85 -2.32
C CYS A 301 10.44 -26.37 -2.46
N THR A 302 11.65 -25.92 -2.16
CA THR A 302 11.90 -24.49 -2.32
C THR A 302 12.12 -24.13 -3.78
N LEU A 303 12.98 -24.87 -4.49
CA LEU A 303 13.11 -24.62 -5.93
C LEU A 303 11.85 -24.94 -6.72
N LYS A 304 10.84 -25.55 -6.11
CA LYS A 304 9.63 -25.93 -6.81
C LYS A 304 9.94 -26.77 -8.04
N SER A 305 10.76 -27.80 -7.85
CA SER A 305 11.13 -28.66 -8.97
C SER A 305 11.55 -30.01 -8.43
N PHE A 306 11.06 -31.07 -9.05
CA PHE A 306 11.41 -32.40 -8.58
C PHE A 306 12.85 -32.76 -8.86
N THR A 307 13.48 -32.12 -9.84
CA THR A 307 14.88 -32.38 -10.15
C THR A 307 15.69 -31.14 -9.85
N VAL A 308 16.62 -31.26 -8.90
CA VAL A 308 17.52 -30.16 -8.55
C VAL A 308 18.91 -30.51 -9.09
N GLU A 309 19.54 -29.54 -9.72
CA GLU A 309 20.85 -29.72 -10.33
C GLU A 309 21.95 -29.55 -9.28
N LYS A 310 23.16 -29.89 -9.69
CA LYS A 310 24.31 -29.77 -8.82
C LYS A 310 24.50 -28.32 -8.40
N GLY A 311 24.71 -28.11 -7.10
CA GLY A 311 24.94 -26.77 -6.60
C GLY A 311 24.70 -26.68 -5.11
N ILE A 312 24.71 -25.44 -4.63
CA ILE A 312 24.49 -25.11 -3.23
C ILE A 312 23.23 -24.25 -3.15
N TYR A 313 22.34 -24.59 -2.23
CA TYR A 313 21.07 -23.89 -2.12
C TYR A 313 20.83 -23.46 -0.69
N GLN A 314 20.40 -22.22 -0.51
CA GLN A 314 20.04 -21.68 0.80
C GLN A 314 18.58 -21.95 1.12
N THR A 315 18.32 -23.00 1.89
CA THR A 315 16.92 -23.38 2.08
C THR A 315 16.24 -22.59 3.19
N SER A 316 16.84 -22.52 4.37
CA SER A 316 16.11 -21.93 5.50
C SER A 316 17.11 -21.50 6.58
N ASN A 317 16.56 -21.21 7.77
CA ASN A 317 17.33 -20.81 8.93
C ASN A 317 16.95 -21.64 10.14
N PHE A 318 17.89 -21.76 11.07
CA PHE A 318 17.68 -22.49 12.31
C PHE A 318 17.93 -21.55 13.48
N ARG A 319 17.30 -21.86 14.61
CA ARG A 319 17.45 -21.03 15.80
C ARG A 319 17.13 -21.88 17.01
N VAL A 320 18.09 -22.02 17.92
CA VAL A 320 17.90 -22.86 19.10
C VAL A 320 16.76 -22.33 19.94
N GLN A 321 15.87 -23.21 20.33
CA GLN A 321 14.72 -22.76 21.08
C GLN A 321 15.05 -22.63 22.56
N PRO A 322 14.32 -21.77 23.28
CA PRO A 322 14.54 -21.66 24.72
C PRO A 322 14.07 -22.93 25.40
N THR A 323 14.85 -23.40 26.37
CA THR A 323 14.49 -24.62 27.06
C THR A 323 13.67 -24.42 28.32
N GLU A 324 13.59 -23.20 28.84
CA GLU A 324 12.83 -22.93 30.06
C GLU A 324 12.51 -21.44 30.12
N SER A 325 11.58 -21.12 31.01
CA SER A 325 11.16 -19.73 31.22
C SER A 325 11.28 -19.37 32.69
N ILE A 326 11.79 -18.17 32.96
CA ILE A 326 12.03 -17.69 34.32
C ILE A 326 11.39 -16.33 34.47
N VAL A 327 10.89 -16.07 35.67
CA VAL A 327 10.27 -14.81 36.02
C VAL A 327 10.98 -14.28 37.27
N ARG A 328 11.22 -12.98 37.29
CA ARG A 328 12.01 -12.37 38.36
C ARG A 328 11.34 -11.10 38.86
N PHE A 329 10.82 -11.12 40.08
CA PHE A 329 10.19 -9.95 40.66
C PHE A 329 10.69 -9.64 42.06
N PRO A 330 10.60 -8.38 42.48
CA PRO A 330 11.05 -7.99 43.82
C PRO A 330 10.22 -8.58 44.95
N ASN A 331 10.59 -8.28 46.19
CA ASN A 331 9.86 -8.74 47.37
C ASN A 331 8.71 -7.81 47.75
N ILE A 332 7.88 -7.48 46.76
CA ILE A 332 6.74 -6.58 46.93
C ILE A 332 5.59 -7.36 47.54
N THR A 333 5.65 -7.57 48.86
CA THR A 333 4.63 -8.31 49.58
C THR A 333 3.40 -7.50 49.97
N ASN A 334 3.47 -6.17 50.06
CA ASN A 334 2.33 -5.37 50.47
C ASN A 334 1.44 -5.02 49.28
N LEU A 335 0.13 -5.19 49.46
CA LEU A 335 -0.87 -4.88 48.46
C LEU A 335 -1.21 -3.39 48.43
N CYS A 336 -2.00 -3.03 47.41
CA CYS A 336 -2.34 -1.71 46.88
C CYS A 336 -3.65 -1.21 47.49
N PRO A 337 -3.72 0.06 47.90
CA PRO A 337 -4.92 0.59 48.56
C PRO A 337 -6.08 0.86 47.59
N PHE A 338 -6.38 -0.13 46.76
CA PHE A 338 -7.48 0.00 45.81
C PHE A 338 -8.83 0.14 46.51
N ASP A 339 -9.10 -0.68 47.53
CA ASP A 339 -10.40 -0.56 48.18
C ASP A 339 -10.60 0.79 48.85
N GLU A 340 -9.52 1.44 49.27
CA GLU A 340 -9.67 2.76 49.88
C GLU A 340 -10.24 3.77 48.90
N VAL A 341 -9.90 3.66 47.63
CA VAL A 341 -10.46 4.57 46.64
C VAL A 341 -11.80 4.07 46.16
N PHE A 342 -11.88 2.78 45.85
CA PHE A 342 -13.06 2.24 45.20
C PHE A 342 -14.20 2.17 46.18
N ASN A 343 -13.95 1.56 47.33
CA ASN A 343 -14.97 1.36 48.35
C ASN A 343 -14.96 2.50 49.35
N ALA A 344 -14.69 3.71 48.86
CA ALA A 344 -14.70 4.89 49.71
C ALA A 344 -16.12 5.36 50.01
N THR A 345 -16.25 6.06 51.13
CA THR A 345 -17.54 6.60 51.56
C THR A 345 -18.04 7.71 50.63
N ARG A 346 -17.22 8.75 50.45
CA ARG A 346 -17.59 9.90 49.64
C ARG A 346 -16.61 10.11 48.49
N PHE A 347 -17.15 10.37 47.31
CA PHE A 347 -16.36 10.74 46.15
C PHE A 347 -16.31 12.26 46.03
N ALA A 348 -15.30 12.75 45.31
CA ALA A 348 -15.13 14.18 45.15
C ALA A 348 -16.04 14.72 44.04
N SER A 349 -16.39 16.01 44.15
CA SER A 349 -17.05 16.66 43.03
C SER A 349 -16.10 16.69 41.83
N VAL A 350 -16.68 16.76 40.64
CA VAL A 350 -15.85 16.68 39.43
C VAL A 350 -14.99 17.92 39.23
N TYR A 351 -15.50 19.10 39.57
CA TYR A 351 -14.71 20.30 39.36
C TYR A 351 -13.47 20.30 40.25
N ALA A 352 -13.62 19.88 41.50
CA ALA A 352 -12.49 19.64 42.40
C ALA A 352 -12.32 18.13 42.55
N TRP A 353 -11.66 17.52 41.57
CA TRP A 353 -11.50 16.08 41.56
C TRP A 353 -10.26 15.66 42.36
N ASN A 354 -10.35 14.49 42.96
CA ASN A 354 -9.29 14.00 43.84
C ASN A 354 -8.28 13.18 43.07
N ARG A 355 -7.01 13.33 43.44
CA ARG A 355 -5.93 12.53 42.89
C ARG A 355 -5.21 11.78 43.99
N LYS A 356 -5.09 10.47 43.84
CA LYS A 356 -4.29 9.64 44.71
C LYS A 356 -3.17 8.95 43.93
N ARG A 357 -1.94 9.10 44.38
CA ARG A 357 -0.86 8.35 43.76
C ARG A 357 -0.79 7.00 44.45
N ILE A 358 -0.79 5.92 43.68
CA ILE A 358 -0.66 4.57 44.21
C ILE A 358 0.73 4.05 43.90
N SER A 359 1.45 3.60 44.91
CA SER A 359 2.77 3.05 44.70
C SER A 359 3.13 2.07 45.81
N ASN A 360 4.31 1.46 45.67
CA ASN A 360 4.88 0.56 46.68
C ASN A 360 3.99 -0.62 47.02
N CYS A 361 3.27 -1.16 46.04
CA CYS A 361 2.33 -2.21 46.35
C CYS A 361 2.11 -3.09 45.12
N VAL A 362 1.37 -4.17 45.31
CA VAL A 362 0.99 -5.07 44.22
C VAL A 362 -0.45 -4.84 43.81
N ALA A 363 -0.67 -4.68 42.50
CA ALA A 363 -1.97 -4.35 41.93
C ALA A 363 -2.64 -5.59 41.36
N ASP A 364 -3.34 -6.35 42.18
CA ASP A 364 -4.23 -7.38 41.63
C ASP A 364 -5.65 -6.85 41.54
N TYR A 365 -6.26 -7.02 40.36
CA TYR A 365 -7.56 -6.43 40.11
C TYR A 365 -8.72 -7.39 40.32
N SER A 366 -8.48 -8.53 40.97
CA SER A 366 -9.57 -9.45 41.23
C SER A 366 -10.59 -8.88 42.20
N VAL A 367 -10.23 -7.80 42.87
CA VAL A 367 -11.15 -7.12 43.80
C VAL A 367 -12.26 -6.40 43.05
N LEU A 368 -11.91 -5.42 42.20
CA LEU A 368 -12.92 -4.78 41.37
C LEU A 368 -13.69 -5.75 40.48
N TYR A 369 -13.22 -6.99 40.35
CA TYR A 369 -14.02 -7.96 39.62
C TYR A 369 -15.14 -8.49 40.50
N ASN A 370 -14.89 -8.53 41.81
CA ASN A 370 -15.96 -8.74 42.79
C ASN A 370 -16.41 -7.38 43.33
N PHE A 371 -16.95 -6.62 42.39
CA PHE A 371 -17.50 -5.29 42.60
C PHE A 371 -18.71 -5.14 41.71
N ALA A 372 -19.24 -3.92 41.66
CA ALA A 372 -20.59 -3.70 41.17
C ALA A 372 -20.73 -4.10 39.71
N PRO A 373 -21.97 -4.39 39.29
CA PRO A 373 -22.31 -4.41 37.88
C PRO A 373 -21.88 -3.13 37.20
N PHE A 374 -20.87 -3.23 36.35
CA PHE A 374 -20.21 -2.04 35.87
C PHE A 374 -21.05 -1.42 34.76
N PHE A 375 -21.17 -0.10 34.79
CA PHE A 375 -21.86 0.62 33.73
C PHE A 375 -21.01 0.73 32.48
N ALA A 376 -19.69 0.76 32.65
CA ALA A 376 -18.78 0.91 31.53
C ALA A 376 -17.40 0.50 32.02
N PHE A 377 -16.61 -0.18 31.20
CA PHE A 377 -15.22 -0.50 31.62
C PHE A 377 -14.27 -0.01 30.52
N LYS A 378 -14.77 0.87 29.66
CA LYS A 378 -13.95 1.38 28.53
C LYS A 378 -12.50 1.53 28.99
N CYS A 379 -11.63 0.69 28.46
CA CYS A 379 -10.20 0.76 28.82
C CYS A 379 -9.41 1.20 27.60
N TYR A 380 -8.38 2.04 27.77
CA TYR A 380 -7.71 2.54 26.57
C TYR A 380 -6.21 2.27 26.54
N GLY A 381 -5.76 1.68 25.44
CA GLY A 381 -4.38 1.36 25.13
C GLY A 381 -3.77 0.18 25.84
N VAL A 382 -4.60 -0.65 26.47
CA VAL A 382 -4.12 -1.80 27.24
C VAL A 382 -5.27 -2.78 27.36
N SER A 383 -4.98 -4.06 27.20
CA SER A 383 -5.99 -5.08 27.42
C SER A 383 -6.19 -5.27 28.91
N PRO A 384 -7.40 -5.02 29.43
CA PRO A 384 -7.63 -5.26 30.86
C PRO A 384 -7.42 -6.69 31.31
N THR A 385 -7.84 -7.69 30.53
CA THR A 385 -7.59 -9.05 30.96
C THR A 385 -6.12 -9.37 31.20
N LYS A 386 -5.21 -8.53 30.72
CA LYS A 386 -3.78 -8.65 30.99
C LYS A 386 -3.27 -7.74 32.09
N LEU A 387 -4.16 -7.16 32.87
CA LEU A 387 -3.81 -6.19 33.91
C LEU A 387 -3.37 -6.86 35.19
N ASN A 388 -3.02 -8.14 35.12
CA ASN A 388 -2.33 -8.78 36.22
C ASN A 388 -0.85 -8.97 35.97
N ASP A 389 -0.38 -8.75 34.74
CA ASP A 389 1.05 -8.68 34.45
C ASP A 389 1.39 -7.25 34.01
N LEU A 390 1.25 -6.31 34.94
CA LEU A 390 1.27 -4.89 34.58
C LEU A 390 2.67 -4.29 34.69
N CYS A 391 3.29 -4.35 35.86
CA CYS A 391 4.62 -3.77 36.06
C CYS A 391 4.66 -2.28 35.69
N PHE A 392 3.78 -1.49 36.29
CA PHE A 392 3.77 -0.06 36.05
C PHE A 392 4.57 0.67 37.11
N THR A 393 5.14 1.83 36.73
CA THR A 393 5.89 2.60 37.71
C THR A 393 4.98 3.47 38.57
N ASN A 394 4.14 4.28 37.95
CA ASN A 394 3.25 5.13 38.72
C ASN A 394 1.84 4.99 38.20
N VAL A 395 0.88 4.97 39.10
CA VAL A 395 -0.52 4.90 38.73
C VAL A 395 -1.30 5.94 39.51
N TYR A 396 -2.02 6.79 38.81
CA TYR A 396 -2.74 7.88 39.43
C TYR A 396 -4.22 7.51 39.46
N ALA A 397 -4.86 7.71 40.60
CA ALA A 397 -6.27 7.38 40.76
C ALA A 397 -7.07 8.65 40.96
N ASP A 398 -7.62 9.17 39.87
CA ASP A 398 -8.48 10.35 39.90
C ASP A 398 -9.91 9.90 40.13
N SER A 399 -10.62 10.57 41.04
CA SER A 399 -11.95 10.11 41.42
C SER A 399 -12.94 11.25 41.53
N PHE A 400 -14.18 11.00 41.08
CA PHE A 400 -15.26 11.97 41.10
C PHE A 400 -16.57 11.25 40.76
N VAL A 401 -17.68 12.01 40.80
CA VAL A 401 -19.01 11.51 40.49
C VAL A 401 -19.74 12.38 39.47
N ILE A 402 -20.43 11.73 38.52
CA ILE A 402 -21.29 12.40 37.55
C ILE A 402 -22.52 11.54 37.32
N ARG A 403 -23.41 12.04 36.49
CA ARG A 403 -24.56 11.27 36.04
C ARG A 403 -24.19 10.44 34.81
N GLY A 404 -25.03 9.44 34.54
CA GLY A 404 -24.74 8.52 33.44
C GLY A 404 -24.71 9.18 32.08
N ASN A 405 -25.55 10.19 31.89
CA ASN A 405 -25.59 10.93 30.62
C ASN A 405 -24.26 11.58 30.27
N GLU A 406 -23.40 11.79 31.27
CA GLU A 406 -22.17 12.55 31.11
C GLU A 406 -20.93 11.68 31.00
N VAL A 407 -21.09 10.37 31.13
CA VAL A 407 -19.96 9.45 31.09
C VAL A 407 -19.31 9.42 29.72
N SER A 408 -20.06 9.74 28.67
CA SER A 408 -19.45 9.84 27.34
C SER A 408 -18.40 10.93 27.26
N GLN A 409 -18.52 11.98 28.08
CA GLN A 409 -17.48 13.02 28.04
C GLN A 409 -16.15 12.56 28.63
N ILE A 410 -16.11 11.44 29.33
CA ILE A 410 -14.91 10.94 29.97
C ILE A 410 -14.13 10.02 29.04
N ALA A 411 -13.44 10.60 28.07
CA ALA A 411 -12.75 9.81 27.05
C ALA A 411 -11.66 10.67 26.44
N PRO A 412 -10.64 10.05 25.87
CA PRO A 412 -9.59 10.83 25.21
C PRO A 412 -10.18 11.73 24.13
N GLY A 413 -9.78 13.00 24.17
CA GLY A 413 -10.18 13.87 23.09
C GLY A 413 -11.66 14.15 23.05
N GLN A 414 -12.30 14.30 24.20
CA GLN A 414 -13.72 14.63 24.22
C GLN A 414 -13.92 16.12 24.48
N THR A 415 -15.16 16.55 24.32
CA THR A 415 -15.55 17.94 24.47
C THR A 415 -16.83 18.04 25.29
N GLY A 416 -17.10 19.21 25.82
CA GLY A 416 -18.27 19.45 26.64
C GLY A 416 -17.93 20.14 27.95
N ASN A 417 -18.99 20.47 28.69
CA ASN A 417 -18.84 21.20 29.94
C ASN A 417 -17.88 20.49 30.87
N ILE A 418 -17.99 19.17 30.96
CA ILE A 418 -17.13 18.42 31.88
C ILE A 418 -15.73 18.35 31.30
N ALA A 419 -15.63 17.95 30.03
CA ALA A 419 -14.33 17.78 29.42
C ALA A 419 -13.59 19.10 29.30
N ASP A 420 -14.30 20.21 29.21
CA ASP A 420 -13.64 21.49 28.99
C ASP A 420 -13.43 22.31 30.25
N TYR A 421 -14.43 22.38 31.13
CA TYR A 421 -14.39 23.24 32.30
C TYR A 421 -14.29 22.47 33.61
N ASN A 422 -14.16 21.14 33.55
CA ASN A 422 -14.21 20.38 34.79
C ASN A 422 -13.08 19.37 34.88
N TYR A 423 -13.06 18.39 33.97
CA TYR A 423 -12.04 17.36 33.97
C TYR A 423 -11.60 17.09 32.54
N LYS A 424 -10.33 17.33 32.23
CA LYS A 424 -9.83 17.16 30.88
C LYS A 424 -8.82 16.03 30.86
N LEU A 425 -8.95 15.12 29.91
CA LEU A 425 -8.05 14.02 29.62
C LEU A 425 -7.17 14.30 28.42
N PRO A 426 -5.93 13.85 28.45
CA PRO A 426 -5.02 14.08 27.33
C PRO A 426 -5.32 13.10 26.22
N ASP A 427 -4.92 13.48 25.01
CA ASP A 427 -5.06 12.62 23.84
C ASP A 427 -4.16 11.39 23.87
N ASP A 428 -3.13 11.36 24.73
CA ASP A 428 -2.24 10.21 24.86
C ASP A 428 -2.60 9.26 26.00
N PHE A 429 -3.82 9.34 26.53
CA PHE A 429 -4.15 8.61 27.75
C PHE A 429 -3.83 7.13 27.61
N THR A 430 -3.08 6.62 28.57
CA THR A 430 -2.74 5.20 28.68
C THR A 430 -3.27 4.66 29.99
N GLY A 431 -4.50 4.16 29.96
CA GLY A 431 -5.10 3.63 31.17
C GLY A 431 -6.50 3.16 30.88
N CYS A 432 -7.26 2.91 31.93
CA CYS A 432 -8.58 2.34 31.76
C CYS A 432 -9.53 3.14 32.64
N VAL A 433 -10.77 3.29 32.18
CA VAL A 433 -11.80 4.05 32.90
C VAL A 433 -12.93 3.14 33.36
N ILE A 434 -13.12 3.03 34.67
CA ILE A 434 -14.17 2.21 35.25
C ILE A 434 -15.20 3.09 35.96
N ALA A 435 -16.48 2.88 35.64
CA ALA A 435 -17.57 3.71 36.14
C ALA A 435 -18.77 2.84 36.52
N TRP A 436 -19.52 3.26 37.53
CA TRP A 436 -20.69 2.48 37.91
C TRP A 436 -21.72 3.34 38.63
N ASN A 437 -23.00 3.03 38.39
CA ASN A 437 -24.11 3.72 39.02
C ASN A 437 -24.07 3.63 40.54
N SER A 438 -24.07 4.79 41.19
CA SER A 438 -24.06 4.91 42.64
C SER A 438 -25.31 5.61 43.13
N ASN A 439 -26.39 5.48 42.36
CA ASN A 439 -27.67 6.13 42.67
C ASN A 439 -28.13 5.87 44.10
N LYS A 440 -28.06 4.63 44.55
CA LYS A 440 -28.64 4.29 45.84
C LYS A 440 -27.97 5.00 47.01
N LEU A 441 -26.71 5.36 46.87
CA LEU A 441 -25.99 6.04 47.95
C LEU A 441 -25.89 7.54 47.75
N ASP A 442 -25.86 8.01 46.51
CA ASP A 442 -25.54 9.40 46.24
C ASP A 442 -26.74 10.23 45.78
N SER A 443 -27.85 9.60 45.43
CA SER A 443 -29.07 10.33 45.11
C SER A 443 -29.86 10.58 46.39
N LYS A 444 -30.51 11.74 46.45
CA LYS A 444 -31.31 12.10 47.62
C LYS A 444 -32.70 12.51 47.17
N VAL A 445 -33.60 12.61 48.15
CA VAL A 445 -35.02 12.73 47.86
C VAL A 445 -35.32 14.00 47.08
N GLY A 446 -34.85 15.14 47.55
CA GLY A 446 -35.08 16.40 46.89
C GLY A 446 -33.92 16.77 45.99
N GLY A 447 -33.10 15.79 45.64
CA GLY A 447 -31.88 16.06 44.92
C GLY A 447 -30.69 16.22 45.84
N ASN A 448 -29.58 15.56 45.51
CA ASN A 448 -28.35 15.73 46.26
C ASN A 448 -27.64 16.96 45.73
N TYR A 449 -27.66 18.04 46.50
CA TYR A 449 -27.06 19.29 46.10
C TYR A 449 -25.63 19.47 46.59
N ASN A 450 -25.03 18.44 47.16
CA ASN A 450 -23.65 18.54 47.60
C ASN A 450 -22.66 18.27 46.47
N TYR A 451 -23.13 17.66 45.38
CA TYR A 451 -22.29 17.39 44.22
C TYR A 451 -22.44 18.52 43.20
N ARG A 452 -21.32 19.17 42.90
CA ARG A 452 -21.33 20.35 42.04
C ARG A 452 -20.35 20.15 40.89
N TYR A 453 -20.48 21.00 39.88
CA TYR A 453 -19.59 20.98 38.73
C TYR A 453 -19.50 22.38 38.17
N ARG A 454 -18.43 22.64 37.42
CA ARG A 454 -18.19 23.96 36.88
C ARG A 454 -18.96 24.13 35.58
N LEU A 455 -19.79 25.16 35.55
CA LEU A 455 -20.60 25.51 34.40
C LEU A 455 -19.91 26.54 33.52
N PHE A 456 -19.10 27.41 34.11
CA PHE A 456 -18.53 28.55 33.42
C PHE A 456 -17.03 28.58 33.61
N ARG A 457 -16.31 28.71 32.51
CA ARG A 457 -14.87 28.95 32.53
C ARG A 457 -14.47 29.67 31.25
N LYS A 458 -13.58 30.64 31.40
CA LYS A 458 -13.22 31.48 30.26
C LYS A 458 -12.47 30.68 29.20
N SER A 459 -11.51 29.85 29.61
CA SER A 459 -10.83 28.93 28.72
C SER A 459 -11.00 27.50 29.23
N ASN A 460 -10.76 26.55 28.34
CA ASN A 460 -10.78 25.14 28.72
C ASN A 460 -9.59 24.81 29.61
N LEU A 461 -9.77 23.76 30.41
CA LEU A 461 -8.67 23.20 31.18
C LEU A 461 -7.65 22.50 30.28
N LYS A 462 -6.41 22.51 30.73
CA LYS A 462 -5.41 21.62 30.15
C LYS A 462 -5.60 20.22 30.69
N PRO A 463 -5.13 19.21 29.97
CA PRO A 463 -5.30 17.83 30.46
C PRO A 463 -4.85 17.71 31.90
N PHE A 464 -5.67 17.05 32.72
CA PHE A 464 -5.39 16.77 34.12
C PHE A 464 -5.29 18.04 34.95
N GLU A 465 -5.93 19.12 34.53
CA GLU A 465 -5.95 20.36 35.27
C GLU A 465 -7.13 20.43 36.22
N ARG A 466 -6.97 21.23 37.27
CA ARG A 466 -7.98 21.34 38.32
C ARG A 466 -8.24 22.82 38.57
N ASP A 467 -9.50 23.24 38.43
CA ASP A 467 -9.92 24.61 38.71
C ASP A 467 -11.00 24.57 39.77
N ILE A 468 -10.68 25.02 40.97
CA ILE A 468 -11.62 25.13 42.07
C ILE A 468 -12.03 26.57 42.35
N SER A 469 -11.73 27.49 41.44
CA SER A 469 -12.15 28.88 41.62
C SER A 469 -13.67 28.99 41.70
N THR A 470 -14.14 29.92 42.52
CA THR A 470 -15.56 30.18 42.70
C THR A 470 -15.91 31.63 42.37
N GLU A 471 -15.24 32.20 41.38
CA GLU A 471 -15.38 33.61 41.06
C GLU A 471 -16.40 33.80 39.94
N ILE A 472 -17.16 34.89 40.03
CA ILE A 472 -18.26 35.16 39.12
C ILE A 472 -17.78 35.11 37.67
N TYR A 473 -18.69 34.81 36.75
CA TYR A 473 -18.40 34.71 35.33
C TYR A 473 -19.05 35.91 34.63
N GLN A 474 -18.38 36.42 33.61
CA GLN A 474 -18.91 37.53 32.82
C GLN A 474 -19.38 37.00 31.48
N ALA A 475 -20.70 36.81 31.37
CA ALA A 475 -21.34 36.53 30.09
C ALA A 475 -21.65 37.79 29.30
N GLY A 476 -21.76 38.93 29.97
CA GLY A 476 -22.00 40.20 29.33
C GLY A 476 -20.74 41.03 29.23
N ASN A 477 -20.91 42.32 28.98
CA ASN A 477 -19.77 43.21 28.82
C ASN A 477 -19.69 44.20 29.98
N LYS A 478 -20.24 43.82 31.12
CA LYS A 478 -20.21 44.65 32.31
C LYS A 478 -19.28 44.00 33.32
N PRO A 479 -18.25 44.68 33.79
CA PRO A 479 -17.29 44.05 34.71
C PRO A 479 -18.01 43.68 36.00
N CYS A 480 -17.99 42.38 36.33
CA CYS A 480 -18.57 41.93 37.59
C CYS A 480 -17.51 42.12 38.65
N ASN A 481 -17.76 43.03 39.59
CA ASN A 481 -16.87 43.28 40.72
C ASN A 481 -17.29 42.38 41.87
N GLY A 482 -16.93 41.10 41.76
CA GLY A 482 -17.34 40.14 42.76
C GLY A 482 -18.84 40.11 42.98
N VAL A 483 -19.61 40.36 41.93
CA VAL A 483 -21.06 40.38 42.02
C VAL A 483 -21.64 39.65 40.82
N ALA A 484 -22.71 38.90 41.04
CA ALA A 484 -23.40 38.17 40.00
C ALA A 484 -24.67 38.91 39.61
N GLY A 485 -25.62 38.22 38.98
CA GLY A 485 -26.85 38.82 38.51
C GLY A 485 -26.97 38.69 37.00
N VAL A 486 -27.38 39.78 36.37
CA VAL A 486 -27.60 39.76 34.92
C VAL A 486 -26.27 39.65 34.21
N ASN A 487 -26.14 38.64 33.36
CA ASN A 487 -24.92 38.36 32.61
C ASN A 487 -23.71 38.03 33.47
N CYS A 488 -23.82 38.10 34.80
CA CYS A 488 -22.73 37.68 35.65
C CYS A 488 -23.19 36.49 36.47
N TYR A 489 -22.41 35.41 36.44
CA TYR A 489 -22.85 34.13 36.98
C TYR A 489 -21.86 33.56 37.99
N PHE A 490 -22.37 32.75 38.91
CA PHE A 490 -21.52 31.86 39.69
C PHE A 490 -21.08 30.67 38.85
N PRO A 491 -19.80 30.27 38.91
CA PRO A 491 -19.29 29.30 37.93
C PRO A 491 -19.61 27.85 38.25
N LEU A 492 -20.04 27.52 39.46
CA LEU A 492 -20.34 26.14 39.83
C LEU A 492 -21.84 25.93 39.96
N GLN A 493 -22.27 24.70 39.67
CA GLN A 493 -23.67 24.34 39.70
C GLN A 493 -23.83 22.93 40.27
N SER A 494 -24.80 22.75 41.15
CA SER A 494 -25.01 21.46 41.76
C SER A 494 -25.80 20.53 40.84
N TYR A 495 -25.54 19.23 40.98
CA TYR A 495 -26.26 18.23 40.20
C TYR A 495 -27.67 17.98 40.72
N GLY A 496 -27.86 17.96 42.04
CA GLY A 496 -29.18 17.69 42.57
C GLY A 496 -29.76 16.33 42.28
N PHE A 497 -28.99 15.27 42.52
CA PHE A 497 -29.39 13.90 42.20
C PHE A 497 -30.62 13.48 43.00
N ARG A 498 -31.69 13.12 42.29
CA ARG A 498 -33.01 12.68 42.74
C ARG A 498 -33.35 11.26 42.30
N PRO A 499 -34.09 10.51 43.13
CA PRO A 499 -34.48 9.15 42.74
C PRO A 499 -35.51 9.12 41.63
N THR A 500 -36.05 10.27 41.25
CA THR A 500 -36.97 10.38 40.13
C THR A 500 -36.26 10.61 38.81
N TYR A 501 -34.92 10.68 38.82
CA TYR A 501 -34.17 10.87 37.60
C TYR A 501 -34.03 9.56 36.85
N GLY A 502 -33.97 9.66 35.53
CA GLY A 502 -33.58 8.53 34.73
C GLY A 502 -32.15 8.12 35.03
N VAL A 503 -31.79 6.95 34.49
CA VAL A 503 -30.48 6.40 34.79
C VAL A 503 -29.41 7.32 34.21
N GLY A 504 -29.76 8.06 33.17
CA GLY A 504 -28.83 9.00 32.56
C GLY A 504 -28.50 10.12 33.52
N HIS A 505 -29.45 10.48 34.38
CA HIS A 505 -29.30 11.56 35.34
C HIS A 505 -29.04 11.04 36.73
N GLN A 506 -28.76 9.79 36.87
CA GLN A 506 -28.52 9.18 38.16
C GLN A 506 -27.04 9.31 38.50
N PRO A 507 -26.68 9.37 39.78
CA PRO A 507 -25.27 9.55 40.13
C PRO A 507 -24.45 8.31 39.77
N TYR A 508 -23.27 8.54 39.20
CA TYR A 508 -22.35 7.47 38.85
C TYR A 508 -20.97 7.75 39.44
N ARG A 509 -20.39 6.76 40.10
CA ARG A 509 -19.04 6.93 40.62
C ARG A 509 -18.05 6.48 39.55
N VAL A 510 -17.02 7.29 39.34
CA VAL A 510 -16.07 7.06 38.25
C VAL A 510 -14.65 7.08 38.80
N VAL A 511 -13.85 6.09 38.41
CA VAL A 511 -12.43 6.05 38.76
C VAL A 511 -11.62 5.89 37.48
N VAL A 512 -10.76 6.87 37.19
CA VAL A 512 -9.92 6.87 36.00
C VAL A 512 -8.50 6.54 36.41
N LEU A 513 -8.02 5.37 36.02
CA LEU A 513 -6.66 4.94 36.31
C LEU A 513 -5.75 5.28 35.14
N SER A 514 -4.77 6.15 35.39
CA SER A 514 -3.78 6.53 34.40
C SER A 514 -2.49 5.76 34.66
N PHE A 515 -2.07 4.96 33.70
CA PHE A 515 -0.88 4.14 33.83
C PHE A 515 0.29 4.85 33.17
N GLU A 516 1.24 5.26 33.99
CA GLU A 516 2.39 6.04 33.55
C GLU A 516 3.62 5.15 33.41
N LEU A 517 4.24 5.19 32.23
CA LEU A 517 5.32 4.27 31.93
C LEU A 517 6.62 4.85 32.49
N LEU A 518 7.75 4.16 32.24
CA LEU A 518 9.05 4.65 32.71
C LEU A 518 10.18 3.68 32.33
N HIS A 519 11.35 3.86 32.96
CA HIS A 519 12.49 2.98 32.76
C HIS A 519 13.11 2.54 34.08
N ALA A 520 12.39 2.70 35.19
CA ALA A 520 13.00 2.38 36.47
C ALA A 520 12.09 1.42 37.24
N PRO A 521 12.50 0.92 38.42
CA PRO A 521 11.66 0.04 39.23
C PRO A 521 10.15 0.21 39.11
N ALA A 522 9.48 -0.77 38.51
CA ALA A 522 8.02 -0.75 38.43
C ALA A 522 7.46 -0.93 39.84
N THR A 523 7.60 0.10 40.67
CA THR A 523 7.19 0.06 42.07
C THR A 523 5.78 -0.51 42.28
N VAL A 524 4.99 -0.61 41.22
CA VAL A 524 3.74 -1.35 41.24
C VAL A 524 3.83 -2.46 40.20
N CYS A 525 3.66 -3.70 40.64
CA CYS A 525 3.75 -4.85 39.77
C CYS A 525 2.56 -5.77 40.01
N GLY A 526 2.51 -6.84 39.24
CA GLY A 526 1.39 -7.74 39.26
C GLY A 526 1.59 -8.98 40.10
N PRO A 527 0.50 -9.55 40.56
CA PRO A 527 0.58 -10.78 41.34
C PRO A 527 1.18 -11.89 40.53
N LYS A 528 2.45 -12.17 40.79
CA LYS A 528 3.16 -13.27 40.17
C LYS A 528 3.99 -13.97 41.22
N LYS A 529 5.10 -14.56 40.80
CA LYS A 529 6.04 -15.20 41.71
C LYS A 529 7.40 -15.12 41.06
N SER A 530 8.41 -15.63 41.74
CA SER A 530 9.73 -15.67 41.15
C SER A 530 10.23 -17.10 41.03
N THR A 531 11.28 -17.26 40.24
CA THR A 531 11.88 -18.55 40.02
C THR A 531 13.39 -18.41 40.10
N ASN A 532 14.04 -19.49 40.51
CA ASN A 532 15.48 -19.51 40.61
C ASN A 532 16.12 -19.10 39.28
N LEU A 533 17.22 -18.39 39.38
CA LEU A 533 17.87 -17.84 38.20
C LEU A 533 18.64 -18.93 37.49
N VAL A 534 18.65 -18.87 36.17
CA VAL A 534 19.35 -19.83 35.32
C VAL A 534 20.38 -19.10 34.48
N LYS A 535 21.58 -19.66 34.37
CA LYS A 535 22.64 -19.04 33.60
C LYS A 535 23.17 -19.98 32.53
N ASN A 536 23.73 -19.38 31.49
CA ASN A 536 24.42 -20.05 30.39
C ASN A 536 23.50 -20.88 29.50
N LYS A 537 22.20 -20.62 29.48
CA LYS A 537 21.29 -21.36 28.63
C LYS A 537 20.32 -20.39 27.96
N CYS A 538 19.96 -20.68 26.71
CA CYS A 538 18.94 -19.89 26.04
C CYS A 538 17.65 -20.08 26.83
N VAL A 539 17.18 -19.01 27.48
CA VAL A 539 16.07 -19.08 28.42
C VAL A 539 15.16 -17.87 28.19
N ASN A 540 13.86 -18.09 28.34
CA ASN A 540 12.92 -16.97 28.33
C ASN A 540 12.86 -16.33 29.71
N PHE A 541 13.11 -15.03 29.74
CA PHE A 541 13.18 -14.26 30.97
C PHE A 541 12.11 -13.18 31.01
N ASN A 542 11.69 -12.83 32.23
CA ASN A 542 10.74 -11.75 32.43
C ASN A 542 11.24 -10.90 33.61
N PHE A 543 12.05 -9.91 33.31
CA PHE A 543 12.63 -9.05 34.33
C PHE A 543 11.75 -7.81 34.44
N ASN A 544 10.88 -7.80 35.45
CA ASN A 544 10.05 -6.63 35.73
C ASN A 544 9.26 -6.17 34.50
N GLY A 545 8.88 -7.10 33.62
CA GLY A 545 8.13 -6.77 32.42
C GLY A 545 8.87 -7.00 31.12
N LEU A 546 10.19 -6.96 31.12
CA LEU A 546 10.93 -7.19 29.89
C LEU A 546 10.96 -8.67 29.55
N THR A 547 10.34 -9.04 28.45
CA THR A 547 10.29 -10.42 28.04
C THR A 547 11.23 -10.60 26.86
N GLY A 548 12.00 -11.67 26.89
CA GLY A 548 12.92 -11.92 25.80
C GLY A 548 13.52 -13.30 25.91
N THR A 549 14.46 -13.56 25.03
CA THR A 549 15.13 -14.84 24.98
C THR A 549 16.63 -14.60 24.85
N GLY A 550 17.42 -15.51 25.39
CA GLY A 550 18.86 -15.37 25.30
C GLY A 550 19.57 -16.11 26.41
N VAL A 551 20.89 -16.05 26.34
CA VAL A 551 21.76 -16.66 27.34
C VAL A 551 22.16 -15.59 28.34
N LEU A 552 22.05 -15.92 29.62
CA LEU A 552 22.36 -15.00 30.70
C LEU A 552 23.74 -15.32 31.25
N THR A 553 24.57 -14.29 31.44
CA THR A 553 25.92 -14.49 31.92
C THR A 553 26.23 -13.47 32.99
N GLU A 554 27.11 -13.85 33.92
CA GLU A 554 27.57 -12.92 34.95
C GLU A 554 28.26 -11.73 34.32
N SER A 555 27.87 -10.53 34.74
CA SER A 555 28.38 -9.31 34.15
C SER A 555 29.78 -8.99 34.65
N ASN A 556 30.52 -8.23 33.85
CA ASN A 556 31.85 -7.79 34.23
C ASN A 556 32.00 -6.28 34.11
N LYS A 557 30.91 -5.56 33.87
CA LYS A 557 30.92 -4.12 33.72
C LYS A 557 30.38 -3.47 34.99
N LYS A 558 30.96 -2.33 35.35
CA LYS A 558 30.65 -1.66 36.62
C LYS A 558 29.44 -0.75 36.45
N PHE A 559 28.25 -1.28 36.76
CA PHE A 559 27.07 -0.43 36.82
C PHE A 559 27.10 0.46 38.05
N LEU A 560 26.81 1.74 37.84
CA LEU A 560 26.70 2.66 38.95
C LEU A 560 25.39 2.43 39.71
N PRO A 561 25.38 2.71 41.01
CA PRO A 561 24.24 2.32 41.86
C PRO A 561 22.90 2.87 41.44
N PHE A 562 22.85 3.91 40.62
CA PHE A 562 21.58 4.49 40.22
C PHE A 562 21.07 3.96 38.89
N GLN A 563 21.79 3.07 38.23
CA GLN A 563 21.36 2.57 36.95
C GLN A 563 20.65 1.23 37.09
N GLN A 564 19.67 1.02 36.23
CA GLN A 564 18.85 -0.18 36.24
C GLN A 564 18.87 -0.96 34.94
N PHE A 565 19.34 -0.37 33.85
CA PHE A 565 19.32 -1.02 32.55
C PHE A 565 20.64 -0.81 31.87
N GLY A 566 20.94 -1.66 30.91
CA GLY A 566 22.13 -1.49 30.10
C GLY A 566 21.81 -1.67 28.64
N ARG A 567 22.48 -0.89 27.80
CA ARG A 567 22.19 -0.90 26.38
C ARG A 567 23.47 -0.86 25.59
N ASP A 568 23.49 -1.61 24.50
CA ASP A 568 24.52 -1.49 23.50
C ASP A 568 23.98 -0.51 22.44
N ILE A 569 24.64 -0.44 21.30
CA ILE A 569 24.15 0.44 20.24
C ILE A 569 22.76 -0.01 19.82
N ALA A 570 21.93 0.96 19.45
CA ALA A 570 20.59 0.69 18.92
C ALA A 570 19.66 0.11 19.98
N ASP A 571 19.77 0.60 21.20
CA ASP A 571 18.86 0.28 22.30
C ASP A 571 18.73 -1.21 22.56
N THR A 572 19.72 -2.01 22.19
CA THR A 572 19.66 -3.44 22.43
C THR A 572 19.95 -3.68 23.90
N THR A 573 18.97 -4.23 24.63
CA THR A 573 19.18 -4.43 26.06
C THR A 573 20.31 -5.41 26.29
N ASP A 574 21.46 -4.90 26.73
CA ASP A 574 22.64 -5.72 26.92
C ASP A 574 22.80 -6.24 28.34
N ALA A 575 22.25 -5.58 29.34
CA ALA A 575 22.47 -6.03 30.70
C ALA A 575 21.27 -5.62 31.54
N VAL A 576 21.17 -6.23 32.72
CA VAL A 576 20.08 -5.97 33.65
C VAL A 576 20.52 -6.29 35.06
N ARG A 577 19.97 -5.55 36.01
CA ARG A 577 20.22 -5.80 37.42
C ARG A 577 19.05 -6.57 38.00
N ASP A 578 19.36 -7.54 38.84
CA ASP A 578 18.34 -8.42 39.36
C ASP A 578 17.39 -7.68 40.30
N PRO A 579 16.07 -7.83 40.12
CA PRO A 579 15.15 -7.24 41.09
C PRO A 579 15.12 -7.96 42.42
N GLN A 580 15.87 -9.06 42.50
CA GLN A 580 15.95 -9.84 43.77
C GLN A 580 17.40 -9.85 44.25
N THR A 581 18.31 -10.37 43.42
CA THR A 581 19.74 -10.45 43.81
C THR A 581 20.43 -9.11 43.55
N LEU A 582 19.72 -8.15 42.95
CA LEU A 582 20.32 -6.84 42.62
C LEU A 582 21.71 -7.09 41.99
N GLU A 583 21.82 -8.11 41.16
CA GLU A 583 23.12 -8.46 40.52
C GLU A 583 23.04 -8.15 39.02
N ILE A 584 24.15 -7.72 38.43
CA ILE A 584 24.13 -7.38 37.01
C ILE A 584 24.28 -8.65 36.19
N LEU A 585 23.50 -8.76 35.13
CA LEU A 585 23.47 -9.93 34.27
C LEU A 585 23.67 -9.51 32.82
N ASP A 586 24.43 -10.31 32.08
CA ASP A 586 24.62 -10.07 30.66
C ASP A 586 23.61 -10.86 29.85
N ILE A 587 23.07 -10.24 28.81
CA ILE A 587 22.12 -10.90 27.92
C ILE A 587 22.71 -11.01 26.53
N THR A 588 22.75 -12.22 26.01
CA THR A 588 23.18 -12.47 24.64
C THR A 588 22.17 -13.38 23.96
N PRO A 589 21.74 -13.05 22.74
CA PRO A 589 20.78 -13.91 22.04
C PRO A 589 21.44 -15.23 21.70
N CYS A 590 20.76 -16.34 22.01
CA CYS A 590 21.34 -17.64 21.73
C CYS A 590 21.53 -17.84 20.23
N SER A 591 22.45 -18.76 19.91
CA SER A 591 22.95 -18.97 18.56
C SER A 591 21.84 -19.20 17.54
N PHE A 592 22.02 -18.60 16.37
CA PHE A 592 21.10 -18.75 15.26
C PHE A 592 21.87 -18.51 13.98
N GLY A 593 21.27 -18.90 12.86
CA GLY A 593 21.93 -18.70 11.59
C GLY A 593 21.17 -19.36 10.46
N GLY A 594 21.69 -19.14 9.26
CA GLY A 594 21.12 -19.70 8.05
C GLY A 594 21.71 -21.07 7.74
N VAL A 595 20.93 -21.88 7.03
CA VAL A 595 21.34 -23.24 6.68
C VAL A 595 21.27 -23.41 5.18
N SER A 596 22.29 -24.06 4.63
CA SER A 596 22.39 -24.33 3.20
C SER A 596 22.58 -25.82 2.96
N VAL A 597 22.12 -26.28 1.79
CA VAL A 597 22.18 -27.69 1.41
C VAL A 597 23.15 -27.87 0.25
N ILE A 598 24.06 -28.82 0.39
CA ILE A 598 24.98 -29.20 -0.68
C ILE A 598 24.48 -30.48 -1.32
N THR A 599 24.23 -30.45 -2.63
CA THR A 599 23.72 -31.64 -3.33
C THR A 599 24.45 -31.79 -4.66
N PRO A 600 24.89 -33.00 -5.00
CA PRO A 600 25.53 -33.22 -6.30
C PRO A 600 24.57 -33.46 -7.44
N GLY A 601 23.28 -33.28 -7.23
CA GLY A 601 22.34 -33.48 -8.32
C GLY A 601 21.50 -34.73 -8.07
N THR A 602 20.20 -34.61 -8.32
CA THR A 602 19.31 -35.76 -8.17
C THR A 602 19.76 -36.87 -9.10
N ASN A 603 20.32 -36.51 -10.25
CA ASN A 603 20.64 -37.47 -11.27
C ASN A 603 21.92 -38.22 -10.97
N THR A 604 22.76 -37.73 -10.06
CA THR A 604 23.84 -38.59 -9.64
C THR A 604 23.47 -39.47 -8.45
N SER A 605 22.93 -38.88 -7.40
CA SER A 605 22.57 -39.62 -6.20
C SER A 605 21.79 -38.71 -5.29
N ASN A 606 21.06 -39.32 -4.36
CA ASN A 606 20.24 -38.58 -3.42
C ASN A 606 21.01 -38.12 -2.19
N GLN A 607 22.28 -38.49 -2.04
CA GLN A 607 23.06 -38.06 -0.89
C GLN A 607 23.13 -36.54 -0.81
N VAL A 608 23.31 -36.03 0.40
CA VAL A 608 23.27 -34.58 0.65
C VAL A 608 24.17 -34.22 1.82
N ALA A 609 24.83 -33.08 1.73
CA ALA A 609 25.61 -32.53 2.84
C ALA A 609 25.07 -31.16 3.23
N VAL A 610 25.12 -30.83 4.51
CA VAL A 610 24.48 -29.64 5.06
C VAL A 610 25.53 -28.70 5.62
N LEU A 611 25.39 -27.41 5.31
CA LEU A 611 26.31 -26.38 5.79
C LEU A 611 25.58 -25.37 6.67
N TYR A 612 25.89 -25.38 7.97
CA TYR A 612 25.39 -24.37 8.89
C TYR A 612 26.35 -23.20 8.87
N GLN A 613 25.90 -22.04 8.41
CA GLN A 613 26.84 -20.98 8.07
C GLN A 613 27.46 -20.28 9.26
N GLY A 614 26.69 -19.51 10.01
CA GLY A 614 27.28 -18.73 11.07
C GLY A 614 27.28 -19.36 12.45
N VAL A 615 27.87 -20.54 12.60
CA VAL A 615 27.83 -21.22 13.89
C VAL A 615 29.00 -22.19 13.97
N ASN A 616 29.37 -22.56 15.19
CA ASN A 616 30.28 -23.66 15.43
C ASN A 616 29.48 -24.83 15.99
N CYS A 617 29.81 -26.03 15.52
CA CYS A 617 29.13 -27.26 15.86
C CYS A 617 29.08 -27.55 17.35
N THR A 618 29.84 -26.83 18.16
CA THR A 618 29.74 -27.10 19.58
C THR A 618 28.37 -26.76 20.12
N GLU A 619 27.56 -26.04 19.34
CA GLU A 619 26.22 -25.64 19.69
C GLU A 619 25.27 -25.90 18.53
N VAL A 620 25.50 -26.98 17.80
CA VAL A 620 24.66 -27.33 16.65
C VAL A 620 23.22 -27.63 17.04
N ASN A 641 29.22 -37.46 9.39
CA ASN A 641 30.49 -37.00 9.92
C ASN A 641 30.47 -35.48 10.06
N VAL A 642 31.41 -34.92 10.82
CA VAL A 642 31.45 -33.49 11.08
C VAL A 642 32.80 -32.91 10.73
N PHE A 643 32.80 -31.71 10.16
CA PHE A 643 34.02 -30.99 9.77
C PHE A 643 33.81 -29.50 10.01
N GLN A 644 34.88 -28.83 10.42
CA GLN A 644 34.88 -27.40 10.72
C GLN A 644 35.60 -26.61 9.64
N THR A 645 35.02 -25.47 9.26
CA THR A 645 35.65 -24.58 8.29
C THR A 645 35.51 -23.14 8.75
N ARG A 646 36.28 -22.26 8.12
CA ARG A 646 36.19 -20.84 8.44
C ARG A 646 34.83 -20.26 8.07
N ALA A 647 34.08 -20.93 7.19
CA ALA A 647 32.75 -20.49 6.83
C ALA A 647 31.68 -21.06 7.73
N GLY A 648 32.03 -22.07 8.53
CA GLY A 648 31.16 -22.71 9.50
C GLY A 648 31.45 -24.19 9.46
N CYS A 649 30.72 -25.01 10.21
CA CYS A 649 30.94 -26.46 10.15
C CYS A 649 29.95 -27.15 9.25
N LEU A 650 30.50 -28.01 8.41
CA LEU A 650 29.84 -28.77 7.37
C LEU A 650 29.62 -30.20 7.84
N ILE A 651 28.40 -30.70 7.70
CA ILE A 651 28.05 -32.03 8.16
C ILE A 651 27.66 -32.89 6.99
N GLY A 652 28.14 -34.13 6.98
CA GLY A 652 27.85 -35.03 5.90
C GLY A 652 28.95 -35.18 4.87
N ALA A 653 30.09 -34.55 5.06
CA ALA A 653 31.19 -34.64 4.11
C ALA A 653 32.50 -34.81 4.84
N GLU A 654 33.38 -35.62 4.28
CA GLU A 654 34.66 -35.92 4.89
C GLU A 654 35.75 -35.07 4.26
N TYR A 655 36.64 -34.56 5.09
CA TYR A 655 37.72 -33.71 4.62
C TYR A 655 38.87 -34.54 4.06
N VAL A 656 39.26 -34.25 2.83
CA VAL A 656 40.37 -34.95 2.21
C VAL A 656 41.52 -33.98 1.95
N ASN A 657 42.74 -34.50 2.05
CA ASN A 657 43.93 -33.68 1.89
C ASN A 657 44.25 -33.37 0.43
N SER A 658 43.67 -34.08 -0.52
CA SER A 658 43.99 -33.81 -1.91
C SER A 658 43.32 -32.53 -2.37
N SER A 659 44.01 -31.79 -3.22
CA SER A 659 43.48 -30.55 -3.76
C SER A 659 43.14 -30.76 -5.24
N TYR A 660 41.96 -30.28 -5.65
CA TYR A 660 41.50 -30.44 -7.02
C TYR A 660 40.91 -29.12 -7.50
N GLU A 661 40.70 -29.03 -8.81
CA GLU A 661 39.95 -27.89 -9.34
C GLU A 661 38.50 -28.05 -8.92
N CYS A 662 38.02 -27.13 -8.10
CA CYS A 662 36.74 -27.33 -7.43
C CYS A 662 35.58 -26.79 -8.28
N ASP A 663 34.43 -27.43 -8.13
CA ASP A 663 33.25 -27.09 -8.91
C ASP A 663 32.08 -26.62 -8.07
N ILE A 664 31.97 -27.04 -6.83
CA ILE A 664 30.92 -26.52 -5.96
C ILE A 664 31.56 -25.62 -4.90
N PRO A 665 31.41 -24.30 -5.04
CA PRO A 665 32.08 -23.37 -4.13
C PRO A 665 31.36 -23.35 -2.80
N ILE A 666 32.10 -23.63 -1.73
CA ILE A 666 31.58 -23.58 -0.38
C ILE A 666 31.90 -22.25 0.28
N GLY A 667 33.15 -21.84 0.23
CA GLY A 667 33.60 -20.58 0.80
C GLY A 667 34.93 -20.79 1.51
N ALA A 668 35.68 -19.70 1.62
CA ALA A 668 36.96 -19.71 2.30
C ALA A 668 37.90 -20.75 1.67
N GLY A 669 37.87 -20.84 0.35
CA GLY A 669 38.78 -21.73 -0.34
C GLY A 669 38.40 -23.20 -0.31
N ILE A 670 37.27 -23.56 0.27
CA ILE A 670 36.88 -24.96 0.32
C ILE A 670 35.78 -25.19 -0.71
N CYS A 671 35.79 -26.36 -1.32
CA CYS A 671 34.79 -26.75 -2.28
C CYS A 671 34.34 -28.18 -2.00
N ALA A 672 33.45 -28.71 -2.84
CA ALA A 672 33.01 -30.08 -2.64
C ALA A 672 32.71 -30.71 -3.98
N SER A 673 32.79 -32.05 -4.00
CA SER A 673 32.56 -32.82 -5.22
C SER A 673 32.27 -34.26 -4.85
N TYR A 674 31.78 -35.02 -5.83
CA TYR A 674 31.45 -36.42 -5.62
C TYR A 674 32.73 -37.24 -5.67
N GLN A 675 33.02 -37.97 -4.59
CA GLN A 675 34.27 -38.71 -4.49
C GLN A 675 34.41 -39.78 -5.57
N THR A 676 33.53 -40.78 -5.54
CA THR A 676 33.56 -41.89 -6.47
C THR A 676 34.87 -42.68 -6.36
N GLN A 690 30.98 -42.03 -4.75
CA GLN A 690 30.18 -42.72 -3.75
C GLN A 690 30.18 -41.94 -2.44
N SER A 691 30.79 -40.76 -2.44
CA SER A 691 30.86 -39.96 -1.24
C SER A 691 31.04 -38.50 -1.62
N ILE A 692 30.71 -37.62 -0.67
CA ILE A 692 30.91 -36.18 -0.84
C ILE A 692 32.15 -35.76 -0.08
N ILE A 693 33.13 -35.22 -0.79
CA ILE A 693 34.39 -34.82 -0.20
C ILE A 693 34.56 -33.32 -0.28
N ALA A 694 35.02 -32.71 0.82
CA ALA A 694 35.40 -31.32 0.83
C ALA A 694 36.91 -31.22 0.80
N TYR A 695 37.45 -30.25 0.07
CA TYR A 695 38.89 -30.21 -0.10
C TYR A 695 39.29 -28.78 -0.38
N THR A 696 40.58 -28.51 -0.26
CA THR A 696 41.11 -27.19 -0.58
C THR A 696 41.34 -27.06 -2.08
N MET A 697 41.06 -25.86 -2.59
CA MET A 697 41.14 -25.60 -4.02
C MET A 697 42.56 -25.73 -4.53
N SER A 698 42.68 -26.10 -5.80
CA SER A 698 43.96 -26.10 -6.50
C SER A 698 43.93 -24.99 -7.53
N LEU A 699 44.93 -24.12 -7.49
CA LEU A 699 44.99 -23.01 -8.43
C LEU A 699 45.68 -23.40 -9.72
N GLY A 700 45.74 -24.68 -10.04
CA GLY A 700 46.40 -25.12 -11.25
C GLY A 700 47.77 -25.73 -10.97
N ALA A 701 48.35 -26.27 -12.03
CA ALA A 701 49.67 -26.90 -11.89
C ALA A 701 50.75 -25.84 -11.82
N GLU A 702 51.86 -26.21 -11.19
CA GLU A 702 53.00 -25.32 -11.03
C GLU A 702 53.98 -25.53 -12.17
N ASN A 703 54.31 -24.47 -12.87
CA ASN A 703 55.22 -24.53 -14.01
C ASN A 703 56.38 -23.60 -13.71
N SER A 704 57.52 -24.18 -13.35
CA SER A 704 58.72 -23.41 -13.03
C SER A 704 59.54 -23.22 -14.30
N VAL A 705 59.20 -22.19 -15.07
CA VAL A 705 59.93 -21.93 -16.31
C VAL A 705 61.39 -21.71 -16.00
N ALA A 706 62.25 -22.37 -16.77
CA ALA A 706 63.70 -22.32 -16.54
C ALA A 706 64.25 -21.00 -17.06
N TYR A 707 64.38 -20.03 -16.17
CA TYR A 707 64.96 -18.75 -16.54
C TYR A 707 66.48 -18.82 -16.56
N SER A 708 67.08 -18.01 -17.43
CA SER A 708 68.52 -17.91 -17.50
C SER A 708 68.85 -16.66 -18.30
N ASN A 709 69.99 -16.08 -17.98
CA ASN A 709 70.35 -14.83 -18.64
C ASN A 709 70.82 -15.03 -20.07
N ASN A 710 70.91 -16.26 -20.57
CA ASN A 710 71.36 -16.42 -21.94
C ASN A 710 70.58 -17.46 -22.73
N SER A 711 69.41 -17.88 -22.27
CA SER A 711 68.63 -18.90 -22.95
C SER A 711 67.39 -18.29 -23.58
N ILE A 712 67.01 -18.80 -24.75
CA ILE A 712 65.82 -18.35 -25.45
C ILE A 712 65.04 -19.54 -25.98
N ALA A 713 63.72 -19.47 -25.84
CA ALA A 713 62.81 -20.45 -26.42
C ALA A 713 61.99 -19.82 -27.55
N ILE A 714 62.08 -20.39 -28.75
CA ILE A 714 61.36 -19.88 -29.91
C ILE A 714 60.46 -20.97 -30.48
N PRO A 715 59.23 -20.66 -30.88
CA PRO A 715 58.35 -21.70 -31.41
C PRO A 715 58.71 -22.03 -32.84
N THR A 716 58.63 -23.31 -33.17
CA THR A 716 58.85 -23.76 -34.54
C THR A 716 57.57 -24.12 -35.28
N ASN A 717 56.42 -24.13 -34.62
CA ASN A 717 55.18 -24.45 -35.30
C ASN A 717 54.07 -23.65 -34.63
N PHE A 718 52.88 -23.72 -35.20
CA PHE A 718 51.79 -22.92 -34.71
C PHE A 718 50.51 -23.71 -34.81
N THR A 719 49.44 -23.11 -34.30
CA THR A 719 48.11 -23.69 -34.42
C THR A 719 47.11 -22.56 -34.29
N ILE A 720 46.20 -22.48 -35.25
CA ILE A 720 45.19 -21.44 -35.28
C ILE A 720 43.88 -22.03 -34.81
N SER A 721 43.25 -21.38 -33.84
CA SER A 721 42.05 -21.90 -33.22
C SER A 721 40.89 -20.93 -33.41
N VAL A 722 39.71 -21.41 -33.06
CA VAL A 722 38.48 -20.64 -33.14
C VAL A 722 37.81 -20.66 -31.78
N THR A 723 37.51 -19.48 -31.25
CA THR A 723 36.88 -19.34 -29.97
C THR A 723 35.55 -18.62 -30.11
N THR A 724 34.54 -19.09 -29.42
CA THR A 724 33.20 -18.55 -29.50
C THR A 724 32.93 -17.62 -28.32
N GLU A 725 32.50 -16.41 -28.61
CA GLU A 725 32.15 -15.42 -27.60
C GLU A 725 30.70 -14.99 -27.76
N ILE A 726 29.94 -15.02 -26.66
CA ILE A 726 28.50 -14.73 -26.67
C ILE A 726 28.24 -13.42 -25.95
N LEU A 727 27.30 -12.62 -26.47
CA LEU A 727 26.97 -11.33 -25.88
C LEU A 727 25.49 -11.00 -26.02
N PRO A 728 24.79 -10.66 -24.94
CA PRO A 728 23.39 -10.26 -25.07
C PRO A 728 23.31 -8.83 -25.58
N VAL A 729 22.29 -8.54 -26.40
CA VAL A 729 22.19 -7.22 -27.01
C VAL A 729 20.93 -6.45 -26.62
N SER A 730 19.83 -7.15 -26.35
CA SER A 730 18.60 -6.42 -26.07
C SER A 730 17.65 -7.31 -25.29
N MET A 731 16.55 -6.72 -24.85
CA MET A 731 15.56 -7.45 -24.09
C MET A 731 14.18 -7.16 -24.63
N THR A 732 13.20 -7.88 -24.10
CA THR A 732 11.82 -7.75 -24.58
C THR A 732 11.25 -6.39 -24.20
N LYS A 733 10.64 -5.71 -25.16
CA LYS A 733 10.01 -4.43 -24.90
C LYS A 733 8.64 -4.65 -24.28
N THR A 734 8.38 -3.98 -23.16
CA THR A 734 7.14 -4.16 -22.42
C THR A 734 6.42 -2.83 -22.25
N SER A 735 5.09 -2.86 -22.35
CA SER A 735 4.25 -1.71 -22.06
C SER A 735 3.16 -2.10 -21.09
N VAL A 736 2.77 -1.17 -20.22
CA VAL A 736 1.82 -1.42 -19.16
C VAL A 736 0.71 -0.39 -19.18
N ASP A 737 -0.51 -0.84 -18.94
CA ASP A 737 -1.69 0.00 -18.79
C ASP A 737 -1.99 0.22 -17.32
N CYS A 738 -1.92 1.48 -16.87
CA CYS A 738 -2.00 1.77 -15.44
C CYS A 738 -3.28 1.22 -14.83
N THR A 739 -4.41 1.77 -15.27
CA THR A 739 -5.70 1.49 -14.64
C THR A 739 -6.05 0.01 -14.68
N MET A 740 -5.80 -0.66 -15.80
CA MET A 740 -6.13 -2.08 -15.88
C MET A 740 -5.36 -2.88 -14.85
N TYR A 741 -4.04 -2.75 -14.85
CA TYR A 741 -3.28 -3.52 -13.87
C TYR A 741 -3.68 -3.17 -12.46
N ILE A 742 -4.00 -1.91 -12.21
CA ILE A 742 -4.30 -1.53 -10.83
C ILE A 742 -5.61 -2.14 -10.38
N CYS A 743 -6.70 -1.80 -11.07
CA CYS A 743 -8.00 -2.29 -10.65
C CYS A 743 -8.90 -2.61 -11.83
N GLY A 744 -8.35 -3.29 -12.83
CA GLY A 744 -9.12 -4.01 -13.84
C GLY A 744 -10.44 -3.40 -14.25
N ASP A 745 -10.44 -2.15 -14.67
CA ASP A 745 -11.62 -1.49 -15.22
C ASP A 745 -12.79 -1.51 -14.23
N SER A 746 -12.57 -0.84 -13.10
CA SER A 746 -13.60 -0.60 -12.09
C SER A 746 -13.74 0.90 -11.94
N THR A 747 -14.95 1.41 -12.08
CA THR A 747 -15.15 2.85 -12.04
C THR A 747 -14.81 3.44 -10.67
N GLU A 748 -15.26 2.80 -9.59
CA GLU A 748 -15.00 3.35 -8.27
C GLU A 748 -13.50 3.42 -7.99
N CYS A 749 -12.75 2.46 -8.51
CA CYS A 749 -11.31 2.51 -8.25
C CYS A 749 -10.61 3.55 -9.08
N SER A 750 -11.04 3.79 -10.31
CA SER A 750 -10.40 4.85 -11.08
C SER A 750 -10.75 6.20 -10.46
N ASN A 751 -12.00 6.35 -10.04
CA ASN A 751 -12.43 7.56 -9.36
C ASN A 751 -11.63 7.79 -8.09
N LEU A 752 -11.19 6.72 -7.43
CA LEU A 752 -10.41 6.92 -6.21
C LEU A 752 -8.93 7.10 -6.51
N LEU A 753 -8.45 6.50 -7.59
CA LEU A 753 -7.06 6.63 -7.96
C LEU A 753 -6.77 8.00 -8.53
N LEU A 754 -7.77 8.65 -9.11
CA LEU A 754 -7.53 9.99 -9.62
C LEU A 754 -7.00 10.92 -8.53
N GLN A 755 -7.11 10.53 -7.27
CA GLN A 755 -6.62 11.38 -6.21
C GLN A 755 -5.14 11.16 -5.93
N TYR A 756 -4.50 10.18 -6.54
CA TYR A 756 -3.13 9.89 -6.13
C TYR A 756 -2.09 10.66 -6.91
N GLY A 757 -2.44 11.15 -8.11
CA GLY A 757 -1.55 11.98 -8.87
C GLY A 757 -1.16 11.34 -10.19
N SER A 758 0.07 11.59 -10.60
CA SER A 758 0.59 11.18 -11.90
C SER A 758 1.68 10.12 -11.82
N PHE A 759 1.63 9.25 -10.81
CA PHE A 759 2.63 8.19 -10.75
C PHE A 759 2.62 7.28 -11.97
N CYS A 760 1.43 6.85 -12.40
CA CYS A 760 1.39 5.92 -13.53
C CYS A 760 1.90 6.57 -14.80
N THR A 761 1.59 7.84 -15.02
CA THR A 761 2.11 8.53 -16.19
C THR A 761 3.63 8.44 -16.20
N GLN A 762 4.24 8.68 -15.05
CA GLN A 762 5.68 8.60 -14.97
C GLN A 762 6.17 7.21 -15.35
N LEU A 763 5.48 6.18 -14.85
CA LEU A 763 5.91 4.82 -15.18
C LEU A 763 5.80 4.57 -16.67
N LYS A 764 4.71 5.01 -17.28
CA LYS A 764 4.51 4.79 -18.70
C LYS A 764 5.62 5.46 -19.50
N ARG A 765 5.98 6.67 -19.11
CA ARG A 765 7.06 7.36 -19.81
C ARG A 765 8.36 6.60 -19.68
N ALA A 766 8.66 6.10 -18.48
CA ALA A 766 9.91 5.39 -18.29
C ALA A 766 9.97 4.13 -19.16
N LEU A 767 8.86 3.39 -19.23
CA LEU A 767 8.89 2.16 -20.01
C LEU A 767 8.99 2.44 -21.50
N THR A 768 8.32 3.47 -22.00
CA THR A 768 8.47 3.80 -23.40
C THR A 768 9.92 4.18 -23.71
N GLY A 769 10.56 4.89 -22.77
CA GLY A 769 11.96 5.20 -22.97
C GLY A 769 12.80 3.95 -23.08
N ILE A 770 12.52 2.96 -22.23
CA ILE A 770 13.26 1.70 -22.30
C ILE A 770 13.06 1.03 -23.64
N ALA A 771 11.84 1.01 -24.15
CA ALA A 771 11.58 0.34 -25.42
C ALA A 771 12.36 0.98 -26.56
N VAL A 772 12.26 2.30 -26.67
CA VAL A 772 12.97 2.98 -27.75
C VAL A 772 14.46 2.78 -27.60
N GLU A 773 14.93 2.69 -26.37
CA GLU A 773 16.35 2.46 -26.17
C GLU A 773 16.76 1.08 -26.67
N GLN A 774 15.93 0.07 -26.43
CA GLN A 774 16.23 -1.26 -26.92
C GLN A 774 16.39 -1.27 -28.44
N ASP A 775 15.46 -0.60 -29.11
CA ASP A 775 15.56 -0.52 -30.56
C ASP A 775 16.84 0.17 -30.99
N LYS A 776 17.19 1.24 -30.30
CA LYS A 776 18.42 1.94 -30.65
C LYS A 776 19.64 1.07 -30.42
N ASN A 777 19.59 0.20 -29.41
CA ASN A 777 20.71 -0.71 -29.17
C ASN A 777 20.91 -1.62 -30.37
N THR A 778 19.83 -2.24 -30.82
CA THR A 778 19.96 -3.09 -31.99
C THR A 778 20.51 -2.32 -33.17
N GLN A 779 20.02 -1.09 -33.37
CA GLN A 779 20.50 -0.27 -34.48
C GLN A 779 22.00 -0.03 -34.39
N GLU A 780 22.46 0.45 -33.23
CA GLU A 780 23.88 0.76 -33.05
C GLU A 780 24.75 -0.46 -33.28
N VAL A 781 24.28 -1.63 -32.88
CA VAL A 781 25.14 -2.80 -33.03
C VAL A 781 25.20 -3.23 -34.48
N PHE A 782 24.04 -3.43 -35.10
CA PHE A 782 24.07 -4.11 -36.38
C PHE A 782 24.16 -3.18 -37.58
N ALA A 783 23.47 -2.04 -37.55
CA ALA A 783 23.40 -1.17 -38.73
C ALA A 783 24.65 -0.31 -38.88
N GLN A 784 25.80 -0.98 -38.92
CA GLN A 784 27.04 -0.25 -39.12
C GLN A 784 27.41 -0.09 -40.59
N VAL A 785 27.17 -1.10 -41.40
CA VAL A 785 27.47 -1.03 -42.82
C VAL A 785 26.34 -0.29 -43.54
N LYS A 786 26.69 0.48 -44.56
CA LYS A 786 25.68 1.28 -45.24
C LYS A 786 25.05 0.55 -46.41
N GLN A 787 25.81 -0.23 -47.17
CA GLN A 787 25.31 -0.93 -48.34
C GLN A 787 25.33 -2.43 -48.13
N ILE A 788 24.28 -3.11 -48.57
CA ILE A 788 24.15 -4.55 -48.40
C ILE A 788 25.00 -5.23 -49.47
N TYR A 789 26.18 -5.69 -49.09
CA TYR A 789 27.08 -6.38 -50.02
C TYR A 789 26.63 -7.82 -50.25
N LYS A 790 26.57 -8.22 -51.50
CA LYS A 790 26.15 -9.58 -51.82
C LYS A 790 27.38 -10.48 -51.98
N THR A 791 27.21 -11.74 -51.63
CA THR A 791 28.25 -12.74 -51.76
C THR A 791 28.38 -13.21 -53.21
N PRO A 792 29.59 -13.37 -53.73
CA PRO A 792 29.75 -13.84 -55.12
C PRO A 792 29.23 -15.26 -55.26
N PRO A 793 28.88 -15.68 -56.48
CA PRO A 793 28.33 -17.04 -56.65
C PRO A 793 29.35 -18.15 -56.55
N ILE A 794 30.52 -18.02 -57.18
CA ILE A 794 31.54 -19.05 -57.11
C ILE A 794 32.19 -18.94 -55.73
N LYS A 795 31.80 -19.82 -54.82
CA LYS A 795 32.25 -19.77 -53.43
C LYS A 795 33.56 -20.55 -53.23
N TYR A 796 34.58 -20.17 -53.99
CA TYR A 796 35.91 -20.73 -53.81
C TYR A 796 36.87 -19.65 -53.34
N PHE A 797 37.43 -19.84 -52.15
CA PHE A 797 38.30 -18.85 -51.53
C PHE A 797 39.66 -19.41 -51.20
N GLY A 798 40.23 -20.23 -52.07
CA GLY A 798 41.55 -20.73 -51.79
C GLY A 798 41.59 -21.76 -50.69
N GLY A 799 40.69 -22.74 -50.74
CA GLY A 799 40.66 -23.80 -49.76
C GLY A 799 39.85 -23.54 -48.52
N PHE A 800 39.61 -22.28 -48.17
CA PHE A 800 38.82 -22.02 -46.98
C PHE A 800 37.37 -22.39 -47.24
N ASN A 801 36.72 -22.97 -46.24
CA ASN A 801 35.35 -23.47 -46.35
C ASN A 801 34.43 -22.69 -45.43
N PHE A 802 33.79 -21.66 -45.96
CA PHE A 802 32.87 -20.86 -45.19
C PHE A 802 31.45 -21.39 -45.22
N SER A 803 31.27 -22.64 -45.63
CA SER A 803 29.92 -23.16 -45.76
C SER A 803 29.17 -23.12 -44.44
N GLN A 804 29.88 -23.26 -43.33
CA GLN A 804 29.21 -23.29 -42.04
C GLN A 804 28.71 -21.93 -41.62
N ILE A 805 29.20 -20.85 -42.21
CA ILE A 805 28.80 -19.51 -41.79
C ILE A 805 28.04 -18.73 -42.84
N LEU A 806 28.18 -19.05 -44.12
CA LEU A 806 27.45 -18.30 -45.13
C LEU A 806 25.97 -18.70 -45.10
N PRO A 807 25.08 -17.83 -45.53
CA PRO A 807 23.66 -18.15 -45.49
C PRO A 807 23.36 -19.31 -46.42
N ASP A 808 22.42 -20.16 -45.99
CA ASP A 808 22.02 -21.32 -46.78
C ASP A 808 20.83 -20.98 -47.65
N PRO A 809 20.96 -20.92 -48.97
CA PRO A 809 19.80 -20.61 -49.81
C PRO A 809 18.76 -21.69 -49.79
N SER A 810 19.12 -22.90 -49.37
CA SER A 810 18.18 -24.01 -49.36
C SER A 810 17.05 -23.74 -48.37
N LYS A 811 17.41 -23.53 -47.12
CA LYS A 811 16.41 -23.30 -46.09
C LYS A 811 15.70 -21.98 -46.35
N PRO A 812 14.42 -21.88 -46.00
CA PRO A 812 13.70 -20.64 -46.28
C PRO A 812 14.15 -19.48 -45.42
N SER A 813 14.60 -19.73 -44.19
CA SER A 813 15.03 -18.64 -43.34
C SER A 813 16.33 -17.99 -43.82
N LYS A 814 17.06 -18.66 -44.70
CA LYS A 814 18.31 -18.12 -45.25
C LYS A 814 19.32 -17.85 -44.16
N ARG A 815 19.33 -18.67 -43.14
CA ARG A 815 20.29 -18.61 -42.05
C ARG A 815 21.35 -19.67 -42.25
N SER A 816 22.57 -19.36 -41.82
CA SER A 816 23.62 -20.35 -41.86
C SER A 816 23.25 -21.52 -40.96
N PRO A 817 23.93 -22.66 -41.11
CA PRO A 817 23.63 -23.77 -40.21
C PRO A 817 23.90 -23.46 -38.76
N ILE A 818 24.97 -22.74 -38.47
CA ILE A 818 25.24 -22.37 -37.08
C ILE A 818 24.14 -21.47 -36.55
N GLU A 819 23.64 -20.58 -37.40
CA GLU A 819 22.56 -19.70 -36.99
C GLU A 819 21.30 -20.51 -36.66
N ASP A 820 21.04 -21.55 -37.45
CA ASP A 820 19.91 -22.43 -37.18
C ASP A 820 20.10 -23.16 -35.88
N LEU A 821 21.31 -23.66 -35.65
CA LEU A 821 21.61 -24.34 -34.40
C LEU A 821 21.36 -23.41 -33.22
N LEU A 822 21.73 -22.15 -33.37
CA LEU A 822 21.48 -21.18 -32.32
C LEU A 822 19.99 -21.00 -32.10
N PHE A 823 19.21 -20.91 -33.17
CA PHE A 823 17.78 -20.72 -32.97
C PHE A 823 17.14 -21.92 -32.31
N ASN A 824 17.67 -23.11 -32.55
CA ASN A 824 17.07 -24.28 -31.96
C ASN A 824 17.56 -24.56 -30.53
N LYS A 825 18.78 -24.13 -30.22
CA LYS A 825 19.32 -24.44 -28.89
C LYS A 825 18.65 -23.65 -27.79
N VAL A 826 18.16 -22.46 -28.09
CA VAL A 826 17.55 -21.59 -27.09
C VAL A 826 16.09 -21.40 -27.47
N THR A 827 15.21 -21.55 -26.48
CA THR A 827 13.78 -21.40 -26.68
C THR A 827 13.20 -20.65 -25.48
N LEU A 828 11.93 -20.28 -25.61
CA LEU A 828 11.25 -19.57 -24.55
C LEU A 828 11.02 -20.46 -23.34
N PHE A 855 -4.10 -11.35 -20.84
CA PHE A 855 -3.22 -10.69 -19.88
C PHE A 855 -4.02 -9.70 -19.09
N ASN A 856 -3.34 -8.90 -18.27
CA ASN A 856 -4.05 -7.82 -17.52
C ASN A 856 -3.27 -6.52 -17.70
N GLY A 857 -3.59 -5.75 -18.74
CA GLY A 857 -2.95 -4.45 -18.94
C GLY A 857 -1.47 -4.57 -19.26
N LEU A 858 -1.09 -5.68 -19.90
CA LEU A 858 0.34 -5.91 -20.23
C LEU A 858 0.48 -6.07 -21.73
N THR A 859 1.72 -6.14 -22.22
CA THR A 859 1.96 -6.31 -23.67
C THR A 859 3.45 -6.51 -23.93
N VAL A 860 3.81 -6.99 -25.11
CA VAL A 860 5.24 -7.16 -25.47
C VAL A 860 5.45 -6.54 -26.85
N LEU A 861 5.08 -5.28 -27.00
CA LEU A 861 5.26 -4.57 -28.29
C LEU A 861 6.37 -5.25 -29.10
N PRO A 862 6.09 -5.69 -30.34
CA PRO A 862 7.06 -6.44 -31.12
C PRO A 862 8.38 -5.72 -31.38
N PRO A 863 9.43 -6.42 -31.85
CA PRO A 863 10.69 -5.78 -32.18
C PRO A 863 10.50 -4.86 -33.39
N LEU A 864 11.53 -4.12 -33.77
CA LEU A 864 11.42 -3.27 -34.98
C LEU A 864 12.14 -3.99 -36.10
N LEU A 865 13.44 -4.21 -35.95
CA LEU A 865 14.18 -4.98 -36.98
C LEU A 865 13.84 -6.46 -36.82
N THR A 866 13.15 -7.07 -37.78
CA THR A 866 12.79 -8.47 -37.69
C THR A 866 14.04 -9.33 -37.82
N ASP A 867 13.87 -10.61 -37.51
CA ASP A 867 14.98 -11.56 -37.59
C ASP A 867 15.55 -11.65 -38.99
N GLU A 868 14.69 -11.57 -40.00
CA GLU A 868 15.16 -11.66 -41.37
C GLU A 868 16.12 -10.53 -41.70
N MET A 869 15.79 -9.33 -41.28
CA MET A 869 16.64 -8.20 -41.61
C MET A 869 17.96 -8.27 -40.85
N ILE A 870 17.94 -8.79 -39.63
CA ILE A 870 19.19 -8.96 -38.89
C ILE A 870 20.08 -9.98 -39.58
N ALA A 871 19.49 -11.08 -40.04
CA ALA A 871 20.29 -12.06 -40.78
C ALA A 871 20.84 -11.48 -42.06
N GLN A 872 20.07 -10.60 -42.70
CA GLN A 872 20.57 -9.95 -43.89
C GLN A 872 21.77 -9.07 -43.57
N TYR A 873 21.70 -8.31 -42.47
CA TYR A 873 22.83 -7.48 -42.09
C TYR A 873 24.06 -8.32 -41.81
N THR A 874 23.89 -9.42 -41.10
CA THR A 874 25.02 -10.27 -40.80
C THR A 874 25.64 -10.83 -42.07
N SER A 875 24.81 -11.25 -43.02
CA SER A 875 25.37 -11.74 -44.27
C SER A 875 26.12 -10.65 -45.01
N ALA A 876 25.63 -9.42 -44.92
CA ALA A 876 26.34 -8.31 -45.55
C ALA A 876 27.71 -8.11 -44.93
N LEU A 877 27.78 -8.13 -43.60
CA LEU A 877 29.06 -7.97 -42.95
C LEU A 877 30.00 -9.09 -43.34
N LEU A 878 29.48 -10.31 -43.42
CA LEU A 878 30.33 -11.42 -43.84
C LEU A 878 30.88 -11.22 -45.24
N ALA A 879 30.02 -10.83 -46.18
CA ALA A 879 30.53 -10.63 -47.54
C ALA A 879 31.58 -9.54 -47.59
N GLY A 880 31.36 -8.45 -46.85
CA GLY A 880 32.33 -7.38 -46.83
C GLY A 880 33.66 -7.84 -46.29
N THR A 881 33.65 -8.50 -45.12
CA THR A 881 34.90 -8.93 -44.50
C THR A 881 35.56 -10.05 -45.29
N ILE A 882 34.80 -10.81 -46.07
CA ILE A 882 35.41 -11.91 -46.82
C ILE A 882 36.10 -11.40 -48.06
N THR A 883 35.57 -10.35 -48.68
CA THR A 883 36.12 -9.91 -49.95
C THR A 883 36.98 -8.66 -49.86
N SER A 884 36.89 -7.88 -48.79
CA SER A 884 37.56 -6.59 -48.76
C SER A 884 38.38 -6.27 -47.52
N GLY A 885 38.44 -7.14 -46.53
CA GLY A 885 39.24 -6.85 -45.35
C GLY A 885 38.76 -5.63 -44.59
N TRP A 886 39.68 -4.76 -44.20
CA TRP A 886 39.29 -3.57 -43.45
C TRP A 886 38.62 -2.53 -44.34
N THR A 887 38.90 -2.57 -45.63
CA THR A 887 38.62 -1.42 -46.47
C THR A 887 37.15 -1.11 -46.52
N PHE A 888 36.30 -2.12 -46.49
CA PHE A 888 34.89 -1.80 -46.61
C PHE A 888 34.38 -1.06 -45.39
N GLY A 889 35.18 -0.97 -44.33
CA GLY A 889 34.76 -0.24 -43.16
C GLY A 889 35.23 1.19 -43.12
N ALA A 890 36.19 1.54 -43.97
CA ALA A 890 36.74 2.88 -44.03
C ALA A 890 36.25 3.68 -45.24
N GLY A 891 35.53 3.04 -46.14
CA GLY A 891 35.03 3.70 -47.33
C GLY A 891 34.65 2.71 -48.40
N PRO A 892 35.07 2.97 -49.63
CA PRO A 892 34.72 2.06 -50.73
C PRO A 892 35.39 0.71 -50.59
N ALA A 893 34.61 -0.35 -50.73
CA ALA A 893 35.09 -1.72 -50.62
C ALA A 893 35.96 -2.07 -51.82
N LEU A 894 37.22 -2.41 -51.58
CA LEU A 894 38.16 -2.81 -52.62
C LEU A 894 38.39 -4.31 -52.55
N GLN A 895 38.08 -5.02 -53.64
CA GLN A 895 38.22 -6.46 -53.65
C GLN A 895 39.68 -6.87 -53.64
N ILE A 896 39.97 -7.95 -52.92
CA ILE A 896 41.32 -8.49 -52.78
C ILE A 896 41.27 -10.00 -52.59
N PRO A 897 42.14 -10.76 -53.26
CA PRO A 897 42.16 -12.21 -53.07
C PRO A 897 42.30 -12.54 -51.61
N PHE A 898 41.56 -13.55 -51.14
CA PHE A 898 41.57 -13.87 -49.73
C PHE A 898 42.91 -14.33 -49.18
N PRO A 899 43.72 -15.12 -49.88
CA PRO A 899 45.04 -15.42 -49.33
C PRO A 899 45.88 -14.17 -49.12
N MET A 900 45.81 -13.20 -50.02
CA MET A 900 46.56 -11.97 -49.76
C MET A 900 46.03 -11.23 -48.56
N GLN A 901 44.74 -11.30 -48.30
CA GLN A 901 44.24 -10.64 -47.11
C GLN A 901 44.80 -11.31 -45.87
N MET A 902 44.82 -12.63 -45.85
CA MET A 902 45.42 -13.28 -44.69
C MET A 902 46.92 -13.02 -44.61
N ALA A 903 47.59 -12.81 -45.73
CA ALA A 903 49.00 -12.46 -45.65
C ALA A 903 49.18 -11.11 -44.97
N TYR A 904 48.35 -10.13 -45.35
CA TYR A 904 48.32 -8.88 -44.62
C TYR A 904 48.17 -9.11 -43.13
N ARG A 905 47.21 -9.92 -42.73
CA ARG A 905 47.00 -10.09 -41.28
C ARG A 905 48.19 -10.77 -40.61
N PHE A 906 48.83 -11.71 -41.30
CA PHE A 906 50.06 -12.30 -40.77
C PHE A 906 51.10 -11.22 -40.52
N ASN A 907 51.33 -10.35 -41.49
CA ASN A 907 52.19 -9.20 -41.21
C ASN A 907 51.69 -8.45 -40.00
N GLY A 908 50.38 -8.36 -39.84
CA GLY A 908 49.83 -7.66 -38.69
C GLY A 908 50.26 -8.22 -37.35
N ILE A 909 50.46 -9.54 -37.25
CA ILE A 909 50.92 -10.09 -35.97
C ILE A 909 52.43 -10.32 -35.97
N GLY A 910 53.17 -9.65 -36.84
CA GLY A 910 54.61 -9.76 -36.75
C GLY A 910 55.22 -10.99 -37.37
N VAL A 911 54.50 -11.70 -38.23
CA VAL A 911 55.04 -12.85 -38.96
C VAL A 911 55.06 -12.52 -40.44
N THR A 912 56.20 -12.72 -41.09
CA THR A 912 56.32 -12.39 -42.50
C THR A 912 55.42 -13.27 -43.35
N GLN A 913 54.89 -12.67 -44.42
CA GLN A 913 53.90 -13.35 -45.25
C GLN A 913 54.41 -14.59 -45.96
N ASN A 914 55.72 -14.71 -46.16
CA ASN A 914 56.22 -15.93 -46.76
C ASN A 914 55.88 -17.13 -45.91
N VAL A 915 55.72 -16.93 -44.61
CA VAL A 915 55.27 -18.03 -43.77
C VAL A 915 53.88 -18.49 -44.17
N LEU A 916 53.02 -17.57 -44.64
CA LEU A 916 51.69 -18.00 -45.03
C LEU A 916 51.69 -18.63 -46.41
N TYR A 917 52.43 -18.07 -47.36
CA TYR A 917 52.37 -18.64 -48.69
C TYR A 917 53.00 -20.02 -48.77
N GLU A 918 53.83 -20.38 -47.82
CA GLU A 918 54.43 -21.70 -47.86
C GLU A 918 53.65 -22.75 -47.09
N ASN A 919 52.59 -22.35 -46.39
CA ASN A 919 51.80 -23.29 -45.61
C ASN A 919 50.31 -23.06 -45.83
N GLN A 920 49.95 -22.56 -47.01
CA GLN A 920 48.55 -22.32 -47.31
C GLN A 920 47.70 -23.58 -47.15
N LYS A 921 48.16 -24.72 -47.64
CA LYS A 921 47.36 -25.94 -47.56
C LYS A 921 47.10 -26.32 -46.12
N LEU A 922 48.15 -26.39 -45.32
CA LEU A 922 48.01 -26.79 -43.93
C LEU A 922 47.12 -25.83 -43.16
N ILE A 923 47.29 -24.54 -43.41
CA ILE A 923 46.50 -23.55 -42.70
C ILE A 923 45.04 -23.69 -43.07
N ALA A 924 44.75 -23.91 -44.35
CA ALA A 924 43.36 -24.06 -44.76
C ALA A 924 42.75 -25.28 -44.10
N ASN A 925 43.50 -26.37 -44.03
CA ASN A 925 42.97 -27.57 -43.38
C ASN A 925 42.69 -27.30 -41.90
N GLN A 926 43.60 -26.60 -41.23
CA GLN A 926 43.39 -26.34 -39.81
C GLN A 926 42.18 -25.46 -39.58
N PHE A 927 42.02 -24.44 -40.42
CA PHE A 927 40.87 -23.56 -40.28
C PHE A 927 39.56 -24.30 -40.53
N ASN A 928 39.54 -25.14 -41.56
CA ASN A 928 38.33 -25.91 -41.83
C ASN A 928 37.98 -26.85 -40.68
N SER A 929 38.99 -27.55 -40.15
CA SER A 929 38.74 -28.47 -39.05
C SER A 929 38.22 -27.74 -37.82
N ALA A 930 38.79 -26.57 -37.51
CA ALA A 930 38.32 -25.85 -36.34
C ALA A 930 36.89 -25.39 -36.52
N ILE A 931 36.57 -24.86 -37.71
CA ILE A 931 35.20 -24.41 -37.92
C ILE A 931 34.25 -25.57 -37.83
N GLY A 932 34.69 -26.76 -38.27
CA GLY A 932 33.82 -27.91 -38.18
C GLY A 932 33.57 -28.35 -36.76
N LYS A 933 34.61 -28.27 -35.91
CA LYS A 933 34.43 -28.69 -34.53
C LYS A 933 33.65 -27.67 -33.71
N ILE A 934 33.56 -26.42 -34.20
CA ILE A 934 32.81 -25.40 -33.46
C ILE A 934 31.36 -25.83 -33.29
N GLN A 935 30.73 -26.30 -34.36
CA GLN A 935 29.32 -26.63 -34.27
C GLN A 935 29.09 -27.80 -33.32
N ASP A 936 29.94 -28.82 -33.40
CA ASP A 936 29.82 -29.94 -32.48
C ASP A 936 29.98 -29.50 -31.04
N SER A 937 30.92 -28.59 -30.79
CA SER A 937 31.10 -28.11 -29.42
C SER A 937 29.87 -27.36 -28.94
N LEU A 938 29.32 -26.49 -29.79
CA LEU A 938 28.13 -25.74 -29.41
C LEU A 938 26.96 -26.67 -29.15
N SER A 939 26.86 -27.75 -29.91
CA SER A 939 25.71 -28.64 -29.75
C SER A 939 25.87 -29.52 -28.52
N SER A 940 27.11 -29.92 -28.23
CA SER A 940 27.35 -30.82 -27.11
C SER A 940 27.35 -30.11 -25.76
N THR A 941 27.70 -28.84 -25.73
CA THR A 941 27.73 -28.13 -24.46
C THR A 941 26.32 -28.03 -23.91
N PRO A 942 26.11 -28.36 -22.64
CA PRO A 942 24.76 -28.34 -22.09
C PRO A 942 24.27 -26.94 -21.75
N SER A 943 25.19 -26.05 -21.39
CA SER A 943 24.85 -24.70 -20.93
C SER A 943 25.73 -23.67 -21.63
N ALA A 944 25.84 -23.81 -22.95
CA ALA A 944 26.63 -22.84 -23.71
C ALA A 944 25.93 -21.51 -23.86
N LEU A 945 24.60 -21.50 -23.95
CA LEU A 945 23.83 -20.28 -24.14
C LEU A 945 23.26 -19.75 -22.83
N GLY A 946 24.02 -19.87 -21.75
CA GLY A 946 23.49 -19.48 -20.46
C GLY A 946 23.03 -18.03 -20.38
N LYS A 947 23.75 -17.11 -21.03
CA LYS A 947 23.44 -15.70 -20.88
C LYS A 947 22.10 -15.31 -21.51
N LEU A 948 21.89 -15.68 -22.77
CA LEU A 948 20.65 -15.32 -23.43
C LEU A 948 19.45 -15.97 -22.74
N GLN A 949 19.61 -17.24 -22.38
CA GLN A 949 18.56 -17.93 -21.66
C GLN A 949 18.28 -17.23 -20.35
N ASP A 950 19.31 -16.72 -19.70
CA ASP A 950 19.11 -16.06 -18.43
C ASP A 950 18.36 -14.75 -18.61
N VAL A 951 18.63 -14.03 -19.69
CA VAL A 951 17.86 -12.80 -19.96
C VAL A 951 16.39 -13.12 -20.11
N VAL A 952 16.10 -14.13 -20.92
CA VAL A 952 14.70 -14.51 -21.16
C VAL A 952 14.04 -14.92 -19.85
N ASN A 953 14.73 -15.75 -19.08
CA ASN A 953 14.15 -16.27 -17.84
C ASN A 953 13.93 -15.16 -16.84
N HIS A 954 14.85 -14.20 -16.77
CA HIS A 954 14.68 -13.10 -15.84
C HIS A 954 13.44 -12.31 -16.19
N ASN A 955 13.28 -11.98 -17.47
CA ASN A 955 12.10 -11.22 -17.85
C ASN A 955 10.81 -12.00 -17.58
N ALA A 956 10.80 -13.28 -17.94
CA ALA A 956 9.60 -14.08 -17.72
C ALA A 956 9.25 -14.15 -16.25
N GLN A 957 10.25 -14.36 -15.40
CA GLN A 957 9.97 -14.45 -13.97
C GLN A 957 9.47 -13.13 -13.42
N ALA A 958 10.02 -12.02 -13.92
CA ALA A 958 9.53 -10.72 -13.47
C ALA A 958 8.05 -10.56 -13.81
N LEU A 959 7.68 -10.87 -15.04
CA LEU A 959 6.27 -10.77 -15.39
C LEU A 959 5.41 -11.72 -14.57
N ASN A 960 5.91 -12.93 -14.32
CA ASN A 960 5.15 -13.90 -13.56
C ASN A 960 4.87 -13.42 -12.16
N THR A 961 5.89 -12.93 -11.47
CA THR A 961 5.64 -12.46 -10.11
C THR A 961 4.78 -11.23 -10.12
N LEU A 962 4.92 -10.36 -11.11
CA LEU A 962 4.07 -9.18 -11.15
C LEU A 962 2.61 -9.54 -11.31
N VAL A 963 2.30 -10.51 -12.16
CA VAL A 963 0.91 -10.89 -12.31
C VAL A 963 0.42 -11.66 -11.10
N LYS A 964 1.28 -12.48 -10.51
CA LYS A 964 0.84 -13.28 -9.38
C LYS A 964 0.54 -12.41 -8.18
N GLN A 965 1.26 -11.32 -8.03
CA GLN A 965 1.04 -10.46 -6.88
C GLN A 965 -0.31 -9.78 -6.89
N LEU A 966 -1.12 -9.96 -7.93
CA LEU A 966 -2.46 -9.39 -7.87
C LEU A 966 -3.36 -10.13 -6.91
N SER A 967 -3.07 -11.39 -6.63
CA SER A 967 -3.90 -12.19 -5.75
C SER A 967 -3.70 -11.84 -4.27
N SER A 968 -2.56 -11.28 -3.91
CA SER A 968 -2.31 -10.95 -2.51
C SER A 968 -3.28 -9.89 -2.01
N LYS A 969 -3.63 -10.00 -0.73
CA LYS A 969 -4.57 -9.08 -0.11
C LYS A 969 -3.93 -7.82 0.44
N PHE A 970 -2.64 -7.86 0.77
CA PHE A 970 -1.94 -6.68 1.28
C PHE A 970 -2.56 -6.14 2.56
N GLY A 971 -3.26 -6.99 3.29
CA GLY A 971 -3.89 -6.57 4.51
C GLY A 971 -5.37 -6.30 4.39
N ALA A 972 -5.88 -6.18 3.18
CA ALA A 972 -7.31 -5.98 3.04
C ALA A 972 -8.05 -7.27 3.34
N ILE A 973 -9.33 -7.14 3.65
CA ILE A 973 -10.14 -8.30 4.01
C ILE A 973 -10.34 -9.25 2.84
N SER A 974 -10.08 -8.82 1.60
CA SER A 974 -10.21 -9.71 0.46
C SER A 974 -9.47 -9.13 -0.72
N SER A 975 -9.15 -10.00 -1.67
CA SER A 975 -8.31 -9.62 -2.80
C SER A 975 -9.13 -9.13 -3.99
N VAL A 976 -10.34 -9.63 -4.17
CA VAL A 976 -11.17 -9.26 -5.30
C VAL A 976 -11.95 -7.99 -4.99
N LEU A 977 -12.01 -7.08 -5.97
CA LEU A 977 -12.66 -5.79 -5.76
C LEU A 977 -14.16 -5.93 -5.56
N ASN A 978 -14.75 -6.91 -6.25
CA ASN A 978 -16.20 -7.05 -6.25
C ASN A 978 -16.72 -7.38 -4.86
N ASP A 979 -16.06 -8.30 -4.16
CA ASP A 979 -16.51 -8.65 -2.82
C ASP A 979 -16.44 -7.44 -1.90
N ILE A 980 -15.33 -6.70 -1.95
CA ILE A 980 -15.21 -5.52 -1.11
C ILE A 980 -16.34 -4.54 -1.40
N LEU A 981 -16.65 -4.33 -2.67
CA LEU A 981 -17.69 -3.38 -3.00
C LEU A 981 -19.10 -3.92 -2.81
N SER A 982 -19.26 -5.23 -2.59
CA SER A 982 -20.59 -5.80 -2.40
C SER A 982 -20.99 -5.80 -0.94
N ARG A 983 -20.20 -6.44 -0.08
CA ARG A 983 -20.56 -6.67 1.31
C ARG A 983 -20.00 -5.60 2.25
N LEU A 984 -19.91 -4.36 1.78
CA LEU A 984 -19.45 -3.34 2.71
C LEU A 984 -19.92 -1.97 2.25
N ASP A 985 -20.13 -1.10 3.23
CA ASP A 985 -20.58 0.24 2.95
C ASP A 985 -19.44 1.05 2.34
N PRO A 986 -19.77 2.12 1.61
CA PRO A 986 -18.73 2.89 0.93
C PRO A 986 -17.72 3.48 1.88
N PRO A 987 -18.12 4.01 3.05
CA PRO A 987 -17.09 4.58 3.95
C PRO A 987 -16.01 3.60 4.35
N GLU A 988 -16.36 2.36 4.64
CA GLU A 988 -15.35 1.38 4.98
C GLU A 988 -14.69 0.80 3.72
N ALA A 989 -15.45 0.75 2.62
CA ALA A 989 -14.86 0.31 1.37
C ALA A 989 -13.74 1.22 0.95
N GLU A 990 -13.78 2.49 1.34
CA GLU A 990 -12.69 3.39 1.01
C GLU A 990 -11.38 2.90 1.60
N VAL A 991 -11.36 2.64 2.90
CA VAL A 991 -10.14 2.20 3.54
C VAL A 991 -9.80 0.77 3.17
N GLN A 992 -10.78 -0.02 2.75
CA GLN A 992 -10.43 -1.34 2.27
C GLN A 992 -9.90 -1.33 0.85
N ILE A 993 -10.16 -0.27 0.09
CA ILE A 993 -9.64 -0.20 -1.26
C ILE A 993 -8.31 0.52 -1.30
N ASP A 994 -8.09 1.41 -0.33
CA ASP A 994 -6.79 2.05 -0.20
C ASP A 994 -5.66 1.04 -0.11
N ARG A 995 -5.84 -0.03 0.66
CA ARG A 995 -4.77 -1.00 0.81
C ARG A 995 -4.42 -1.65 -0.51
N LEU A 996 -5.42 -2.10 -1.25
CA LEU A 996 -5.16 -2.74 -2.53
C LEU A 996 -4.49 -1.77 -3.48
N ILE A 997 -5.00 -0.55 -3.56
CA ILE A 997 -4.42 0.42 -4.47
C ILE A 997 -2.95 0.64 -4.14
N THR A 998 -2.66 0.96 -2.89
CA THR A 998 -1.27 1.28 -2.53
C THR A 998 -0.36 0.08 -2.73
N GLY A 999 -0.84 -1.12 -2.40
CA GLY A 999 0.01 -2.29 -2.56
C GLY A 999 0.32 -2.59 -4.00
N ARG A 1000 -0.70 -2.54 -4.86
CA ARG A 1000 -0.46 -2.85 -6.25
C ARG A 1000 0.39 -1.77 -6.92
N LEU A 1001 0.20 -0.52 -6.51
CA LEU A 1001 1.02 0.53 -7.08
C LEU A 1001 2.47 0.38 -6.67
N GLN A 1002 2.72 0.04 -5.41
CA GLN A 1002 4.10 -0.16 -4.98
C GLN A 1002 4.72 -1.35 -5.71
N SER A 1003 3.96 -2.41 -5.92
CA SER A 1003 4.49 -3.57 -6.64
C SER A 1003 4.88 -3.18 -8.07
N LEU A 1004 4.01 -2.43 -8.73
CA LEU A 1004 4.30 -2.00 -10.08
C LEU A 1004 5.54 -1.13 -10.11
N GLN A 1005 5.71 -0.31 -9.08
CA GLN A 1005 6.86 0.55 -8.99
C GLN A 1005 8.14 -0.27 -8.86
N THR A 1006 8.10 -1.31 -8.03
CA THR A 1006 9.25 -2.17 -7.91
C THR A 1006 9.60 -2.83 -9.23
N TYR A 1007 8.57 -3.31 -9.95
CA TYR A 1007 8.84 -3.93 -11.24
C TYR A 1007 9.53 -2.95 -12.19
N VAL A 1008 9.03 -1.73 -12.26
CA VAL A 1008 9.60 -0.79 -13.22
C VAL A 1008 11.02 -0.43 -12.83
N THR A 1009 11.31 -0.34 -11.53
CA THR A 1009 12.68 -0.04 -11.14
C THR A 1009 13.62 -1.17 -11.52
N GLN A 1010 13.19 -2.40 -11.28
CA GLN A 1010 14.01 -3.54 -11.69
C GLN A 1010 14.27 -3.51 -13.18
N GLN A 1011 13.25 -3.15 -13.96
CA GLN A 1011 13.44 -3.12 -15.40
C GLN A 1011 14.41 -2.04 -15.81
N LEU A 1012 14.41 -0.91 -15.11
CA LEU A 1012 15.37 0.13 -15.43
C LEU A 1012 16.79 -0.32 -15.17
N ILE A 1013 17.02 -0.97 -14.03
CA ILE A 1013 18.37 -1.44 -13.73
C ILE A 1013 18.83 -2.45 -14.76
N ARG A 1014 17.98 -3.43 -15.07
CA ARG A 1014 18.41 -4.42 -16.05
C ARG A 1014 18.63 -3.78 -17.41
N ALA A 1015 17.86 -2.76 -17.76
CA ALA A 1015 18.05 -2.13 -19.06
C ALA A 1015 19.37 -1.39 -19.12
N ALA A 1016 19.77 -0.76 -18.01
CA ALA A 1016 21.09 -0.15 -18.00
C ALA A 1016 22.17 -1.22 -18.17
N GLU A 1017 22.01 -2.34 -17.50
CA GLU A 1017 22.97 -3.43 -17.63
C GLU A 1017 23.09 -3.87 -19.07
N ILE A 1018 21.95 -4.08 -19.74
CA ILE A 1018 21.98 -4.55 -21.10
C ILE A 1018 22.55 -3.49 -22.03
N ARG A 1019 22.31 -2.21 -21.74
CA ARG A 1019 22.91 -1.18 -22.59
C ARG A 1019 24.41 -1.20 -22.49
N ALA A 1020 24.94 -1.39 -21.29
CA ALA A 1020 26.39 -1.51 -21.16
C ALA A 1020 26.91 -2.66 -22.00
N SER A 1021 26.23 -3.81 -21.92
CA SER A 1021 26.66 -4.95 -22.71
C SER A 1021 26.57 -4.67 -24.19
N ALA A 1022 25.55 -3.93 -24.62
CA ALA A 1022 25.38 -3.65 -26.04
C ALA A 1022 26.46 -2.71 -26.55
N ASN A 1023 26.83 -1.73 -25.74
CA ASN A 1023 27.95 -0.87 -26.13
C ASN A 1023 29.22 -1.67 -26.28
N LEU A 1024 29.46 -2.60 -25.34
CA LEU A 1024 30.63 -3.45 -25.47
C LEU A 1024 30.56 -4.26 -26.75
N ALA A 1025 29.38 -4.77 -27.08
CA ALA A 1025 29.24 -5.56 -28.30
C ALA A 1025 29.51 -4.72 -29.52
N ALA A 1026 29.05 -3.49 -29.53
CA ALA A 1026 29.27 -2.64 -30.69
C ALA A 1026 30.75 -2.35 -30.87
N THR A 1027 31.44 -2.06 -29.77
CA THR A 1027 32.88 -1.85 -29.87
C THR A 1027 33.57 -3.09 -30.41
N LYS A 1028 33.17 -4.28 -29.94
CA LYS A 1028 33.82 -5.48 -30.44
C LYS A 1028 33.56 -5.66 -31.92
N MET A 1029 32.32 -5.44 -32.35
CA MET A 1029 32.01 -5.48 -33.77
C MET A 1029 32.96 -4.60 -34.55
N SER A 1030 32.95 -3.30 -34.25
CA SER A 1030 33.75 -2.37 -35.02
C SER A 1030 35.22 -2.77 -35.03
N GLU A 1031 35.78 -3.11 -33.88
CA GLU A 1031 37.23 -3.27 -33.81
C GLU A 1031 37.69 -4.64 -34.28
N CYS A 1032 36.96 -5.71 -33.98
CA CYS A 1032 37.43 -7.03 -34.36
C CYS A 1032 36.91 -7.43 -35.73
N VAL A 1033 35.66 -7.10 -36.07
CA VAL A 1033 35.13 -7.57 -37.34
C VAL A 1033 35.63 -6.71 -38.47
N LEU A 1034 35.45 -5.40 -38.38
CA LEU A 1034 35.84 -4.49 -39.42
C LEU A 1034 37.32 -4.20 -39.45
N GLY A 1035 38.11 -4.93 -38.67
CA GLY A 1035 39.53 -4.68 -38.66
C GLY A 1035 40.27 -5.73 -37.86
N GLN A 1036 41.47 -5.36 -37.44
CA GLN A 1036 42.33 -6.21 -36.64
C GLN A 1036 42.82 -5.42 -35.45
N SER A 1037 42.71 -5.99 -34.27
CA SER A 1037 43.07 -5.28 -33.05
C SER A 1037 44.37 -5.80 -32.50
N LYS A 1038 45.22 -4.89 -32.08
CA LYS A 1038 46.45 -5.25 -31.39
C LYS A 1038 46.26 -5.33 -29.90
N ARG A 1039 45.06 -5.05 -29.39
CA ARG A 1039 44.84 -5.15 -27.97
C ARG A 1039 44.94 -6.61 -27.55
N VAL A 1040 45.73 -6.89 -26.53
CA VAL A 1040 45.99 -8.27 -26.16
C VAL A 1040 44.77 -8.84 -25.45
N ASP A 1041 44.30 -9.98 -25.94
CA ASP A 1041 43.24 -10.73 -25.28
C ASP A 1041 41.97 -9.89 -25.23
N PHE A 1042 41.72 -9.16 -26.31
CA PHE A 1042 40.46 -8.47 -26.50
C PHE A 1042 39.55 -9.22 -27.45
N CYS A 1043 40.02 -9.49 -28.66
CA CYS A 1043 39.28 -10.29 -29.63
C CYS A 1043 39.75 -11.74 -29.57
N GLY A 1044 39.52 -12.36 -28.41
CA GLY A 1044 39.88 -13.75 -28.20
C GLY A 1044 41.27 -13.91 -27.60
N LYS A 1045 41.51 -15.10 -27.03
CA LYS A 1045 42.78 -15.36 -26.38
C LYS A 1045 43.81 -15.77 -27.43
N GLY A 1046 44.88 -15.01 -27.52
CA GLY A 1046 45.92 -15.23 -28.50
C GLY A 1046 46.05 -14.06 -29.45
N TYR A 1047 47.01 -14.17 -30.35
CA TYR A 1047 47.20 -13.14 -31.36
C TYR A 1047 46.02 -13.14 -32.30
N HIS A 1048 45.26 -12.04 -32.32
CA HIS A 1048 44.01 -11.98 -33.07
C HIS A 1048 44.22 -11.85 -34.57
N LEU A 1049 43.52 -12.67 -35.35
CA LEU A 1049 43.51 -12.53 -36.80
C LEU A 1049 42.27 -11.85 -37.34
N MET A 1050 41.09 -12.39 -37.08
CA MET A 1050 39.85 -11.79 -37.54
C MET A 1050 38.69 -12.39 -36.75
N SER A 1051 37.49 -11.89 -37.02
CA SER A 1051 36.33 -12.41 -36.31
C SER A 1051 35.10 -12.33 -37.20
N PHE A 1052 34.21 -13.30 -37.05
CA PHE A 1052 33.00 -13.37 -37.83
C PHE A 1052 31.79 -13.35 -36.91
N PRO A 1053 30.81 -12.51 -37.17
CA PRO A 1053 29.60 -12.46 -36.34
C PRO A 1053 28.52 -13.41 -36.81
N GLN A 1054 27.74 -13.88 -35.85
CA GLN A 1054 26.59 -14.71 -36.15
C GLN A 1054 25.42 -14.27 -35.30
N SER A 1055 24.25 -14.14 -35.91
CA SER A 1055 23.09 -13.65 -35.18
C SER A 1055 22.59 -14.68 -34.18
N ALA A 1056 21.96 -14.19 -33.13
CA ALA A 1056 21.35 -14.98 -32.09
C ALA A 1056 20.03 -14.32 -31.72
N PRO A 1057 19.13 -15.04 -31.03
CA PRO A 1057 17.83 -14.44 -30.70
C PRO A 1057 17.91 -13.10 -30.01
N HIS A 1058 18.89 -12.92 -29.13
CA HIS A 1058 18.97 -11.64 -28.44
C HIS A 1058 20.41 -11.17 -28.31
N GLY A 1059 21.29 -11.61 -29.20
CA GLY A 1059 22.66 -11.20 -29.07
C GLY A 1059 23.47 -11.61 -30.27
N VAL A 1060 24.77 -11.56 -30.11
CA VAL A 1060 25.72 -11.91 -31.15
C VAL A 1060 26.64 -13.00 -30.65
N VAL A 1061 27.18 -13.77 -31.58
CA VAL A 1061 28.14 -14.81 -31.30
C VAL A 1061 29.34 -14.58 -32.19
N PHE A 1062 30.45 -14.15 -31.61
CA PHE A 1062 31.64 -13.86 -32.36
C PHE A 1062 32.52 -15.09 -32.45
N LEU A 1063 32.95 -15.42 -33.67
CA LEU A 1063 33.87 -16.52 -33.92
C LEU A 1063 35.29 -16.00 -34.11
N HIS A 1064 35.95 -15.69 -33.00
CA HIS A 1064 37.29 -15.14 -33.06
C HIS A 1064 38.29 -16.16 -33.59
N VAL A 1065 39.06 -15.77 -34.59
CA VAL A 1065 40.14 -16.59 -35.12
C VAL A 1065 41.47 -16.07 -34.58
N THR A 1066 42.14 -16.89 -33.79
CA THR A 1066 43.38 -16.51 -33.12
C THR A 1066 44.52 -17.42 -33.53
N TYR A 1067 45.73 -16.87 -33.53
CA TYR A 1067 46.95 -17.60 -33.87
C TYR A 1067 47.73 -17.92 -32.61
N VAL A 1068 48.04 -19.20 -32.39
CA VAL A 1068 48.71 -19.65 -31.18
C VAL A 1068 49.97 -20.45 -31.51
N PRO A 1069 51.14 -20.06 -31.03
CA PRO A 1069 52.36 -20.85 -31.25
C PRO A 1069 52.41 -22.15 -30.48
N ALA A 1070 53.32 -23.03 -30.89
CA ALA A 1070 53.52 -24.31 -30.24
C ALA A 1070 54.82 -24.93 -30.72
N GLN A 1071 55.23 -26.02 -30.06
CA GLN A 1071 56.46 -26.74 -30.38
C GLN A 1071 57.71 -25.87 -30.25
N GLU A 1072 57.91 -25.33 -29.06
CA GLU A 1072 59.05 -24.45 -28.83
C GLU A 1072 60.36 -25.23 -28.72
N LYS A 1073 61.47 -24.49 -28.77
CA LYS A 1073 62.79 -25.09 -28.71
C LYS A 1073 63.74 -24.12 -28.01
N ASN A 1074 64.71 -24.68 -27.29
CA ASN A 1074 65.68 -23.88 -26.54
C ASN A 1074 66.81 -23.37 -27.43
N PHE A 1075 67.33 -22.19 -27.09
CA PHE A 1075 68.44 -21.64 -27.85
C PHE A 1075 69.27 -20.72 -26.96
N THR A 1076 70.52 -20.55 -27.36
CA THR A 1076 71.45 -19.62 -26.73
C THR A 1076 71.60 -18.36 -27.56
N THR A 1077 71.60 -17.21 -26.90
CA THR A 1077 71.59 -15.92 -27.57
C THR A 1077 72.54 -14.96 -26.91
N ALA A 1078 72.80 -13.87 -27.61
CA ALA A 1078 73.62 -12.78 -27.10
C ALA A 1078 72.97 -11.48 -27.58
N PRO A 1079 73.10 -10.40 -26.82
CA PRO A 1079 72.41 -9.17 -27.20
C PRO A 1079 73.02 -8.46 -28.38
N ALA A 1080 74.28 -8.74 -28.71
CA ALA A 1080 74.89 -8.00 -29.80
C ALA A 1080 76.08 -8.79 -30.31
N ILE A 1081 76.49 -8.48 -31.53
CA ILE A 1081 77.65 -9.11 -32.14
C ILE A 1081 78.76 -8.09 -32.29
N CYS A 1082 79.98 -8.50 -32.01
CA CYS A 1082 81.14 -7.64 -32.14
C CYS A 1082 81.96 -8.07 -33.34
N HIS A 1083 82.09 -7.17 -34.30
CA HIS A 1083 82.90 -7.43 -35.48
C HIS A 1083 83.67 -6.17 -35.77
N ASP A 1084 84.98 -6.33 -36.02
CA ASP A 1084 85.87 -5.20 -36.28
C ASP A 1084 85.84 -4.20 -35.15
N GLY A 1085 85.51 -4.64 -33.94
CA GLY A 1085 85.50 -3.74 -32.81
C GLY A 1085 84.24 -2.93 -32.65
N LYS A 1086 83.28 -3.06 -33.56
CA LYS A 1086 82.03 -2.34 -33.46
C LYS A 1086 80.89 -3.33 -33.27
N ALA A 1087 79.86 -2.88 -32.55
CA ALA A 1087 78.75 -3.75 -32.19
C ALA A 1087 77.68 -3.72 -33.26
N HIS A 1088 77.13 -4.90 -33.54
CA HIS A 1088 76.06 -5.06 -34.51
C HIS A 1088 74.80 -5.53 -33.81
N PHE A 1089 73.67 -4.98 -34.20
CA PHE A 1089 72.38 -5.35 -33.68
C PHE A 1089 71.47 -5.78 -34.82
N PRO A 1090 70.48 -6.63 -34.57
CA PRO A 1090 69.64 -7.12 -35.65
C PRO A 1090 68.57 -6.09 -35.96
N ARG A 1091 68.30 -5.89 -37.24
CA ARG A 1091 67.23 -4.96 -37.58
C ARG A 1091 65.89 -5.46 -37.07
N GLU A 1092 65.58 -6.73 -37.31
CA GLU A 1092 64.39 -7.37 -36.77
C GLU A 1092 64.73 -8.81 -36.44
N GLY A 1093 64.37 -9.24 -35.25
CA GLY A 1093 64.63 -10.58 -34.81
C GLY A 1093 65.64 -10.61 -33.68
N VAL A 1094 66.22 -11.78 -33.48
CA VAL A 1094 67.14 -11.99 -32.37
C VAL A 1094 68.32 -12.78 -32.89
N PHE A 1095 69.49 -12.51 -32.33
CA PHE A 1095 70.66 -13.32 -32.64
C PHE A 1095 70.55 -14.63 -31.88
N VAL A 1096 70.36 -15.72 -32.61
CA VAL A 1096 70.17 -17.03 -32.01
C VAL A 1096 71.30 -17.92 -32.46
N SER A 1097 71.92 -18.60 -31.52
CA SER A 1097 73.00 -19.52 -31.78
C SER A 1097 72.54 -20.95 -31.51
N ASN A 1098 72.91 -21.85 -32.39
CA ASN A 1098 72.51 -23.25 -32.28
C ASN A 1098 73.62 -24.13 -31.74
N GLY A 1099 74.53 -23.55 -30.96
CA GLY A 1099 75.57 -24.34 -30.35
C GLY A 1099 76.93 -23.99 -30.93
N THR A 1100 76.97 -23.83 -32.24
CA THR A 1100 78.21 -23.53 -32.95
C THR A 1100 78.09 -22.42 -33.97
N HIS A 1101 76.91 -22.10 -34.46
CA HIS A 1101 76.77 -21.08 -35.47
C HIS A 1101 75.71 -20.08 -35.06
N TRP A 1102 75.87 -18.85 -35.51
CA TRP A 1102 74.94 -17.78 -35.16
C TRP A 1102 74.06 -17.43 -36.35
N PHE A 1103 72.80 -17.14 -36.06
CA PHE A 1103 71.83 -16.80 -37.08
C PHE A 1103 70.91 -15.71 -36.54
N VAL A 1104 70.17 -15.10 -37.45
CA VAL A 1104 69.12 -14.14 -37.10
C VAL A 1104 67.78 -14.76 -37.45
N THR A 1105 66.79 -14.57 -36.58
CA THR A 1105 65.48 -15.15 -36.82
C THR A 1105 64.40 -14.25 -36.25
N GLN A 1106 63.29 -14.16 -36.97
CA GLN A 1106 62.16 -13.39 -36.48
C GLN A 1106 61.68 -13.98 -35.17
N ARG A 1107 61.04 -13.15 -34.36
CA ARG A 1107 60.79 -13.54 -32.98
C ARG A 1107 59.78 -14.66 -32.84
N ASN A 1108 58.69 -14.63 -33.60
CA ASN A 1108 57.60 -15.56 -33.36
C ASN A 1108 57.62 -16.83 -34.20
N PHE A 1109 58.68 -17.09 -34.96
CA PHE A 1109 58.71 -18.33 -35.72
C PHE A 1109 60.14 -18.57 -36.16
N TYR A 1110 60.64 -19.76 -35.91
CA TYR A 1110 62.03 -20.07 -36.16
C TYR A 1110 62.29 -20.11 -37.66
N GLU A 1111 63.11 -19.18 -38.15
CA GLU A 1111 63.50 -19.17 -39.57
C GLU A 1111 64.89 -18.57 -39.68
N PRO A 1112 65.92 -19.35 -39.39
CA PRO A 1112 67.27 -18.80 -39.30
C PRO A 1112 67.80 -18.33 -40.64
N GLN A 1113 68.53 -17.23 -40.61
CA GLN A 1113 69.19 -16.70 -41.81
C GLN A 1113 70.62 -16.33 -41.46
N ILE A 1114 71.46 -16.28 -42.49
CA ILE A 1114 72.85 -15.89 -42.30
C ILE A 1114 72.93 -14.42 -41.91
N ILE A 1115 73.81 -14.12 -40.95
CA ILE A 1115 74.01 -12.76 -40.49
C ILE A 1115 74.76 -11.97 -41.55
N THR A 1116 74.12 -10.93 -42.07
CA THR A 1116 74.73 -10.10 -43.10
C THR A 1116 74.52 -8.64 -42.74
N THR A 1117 75.19 -7.78 -43.49
CA THR A 1117 75.04 -6.34 -43.32
C THR A 1117 73.66 -5.84 -43.69
N ASP A 1118 72.84 -6.68 -44.31
CA ASP A 1118 71.52 -6.22 -44.74
C ASP A 1118 70.53 -6.19 -43.59
N ASN A 1119 70.61 -7.15 -42.67
CA ASN A 1119 69.67 -7.24 -41.57
C ASN A 1119 70.27 -6.79 -40.24
N THR A 1120 71.35 -6.02 -40.28
CA THR A 1120 71.96 -5.53 -39.05
C THR A 1120 72.46 -4.12 -39.24
N PHE A 1121 72.53 -3.39 -38.13
CA PHE A 1121 73.03 -2.03 -38.12
C PHE A 1121 74.03 -1.87 -36.99
N VAL A 1122 74.93 -0.93 -37.15
CA VAL A 1122 76.08 -0.75 -36.28
C VAL A 1122 75.83 0.44 -35.37
N SER A 1123 76.41 0.39 -34.17
CA SER A 1123 76.34 1.52 -33.26
C SER A 1123 77.54 1.46 -32.31
N GLY A 1124 78.53 2.29 -32.57
CA GLY A 1124 79.66 2.44 -31.67
C GLY A 1124 80.55 1.22 -31.55
N ASN A 1125 81.65 1.37 -30.82
CA ASN A 1125 82.57 0.27 -30.62
C ASN A 1125 81.95 -0.79 -29.70
N CYS A 1126 82.57 -1.96 -29.69
CA CYS A 1126 81.97 -3.14 -29.09
C CYS A 1126 82.52 -3.45 -27.71
N ASP A 1127 82.86 -2.42 -26.93
CA ASP A 1127 83.29 -2.67 -25.56
C ASP A 1127 82.32 -2.17 -24.50
N VAL A 1128 81.28 -1.43 -24.87
CA VAL A 1128 80.36 -0.95 -23.85
C VAL A 1128 79.20 -1.91 -23.59
N VAL A 1129 78.76 -2.66 -24.59
CA VAL A 1129 77.62 -3.56 -24.42
C VAL A 1129 78.06 -4.79 -23.63
N ILE A 1130 77.19 -5.26 -22.77
CA ILE A 1130 77.46 -6.40 -21.92
C ILE A 1130 76.93 -7.67 -22.58
N GLY A 1131 77.72 -8.74 -22.50
CA GLY A 1131 77.36 -10.00 -23.10
C GLY A 1131 77.59 -10.14 -24.58
N ILE A 1132 78.41 -9.27 -25.17
CA ILE A 1132 78.64 -9.34 -26.60
C ILE A 1132 79.51 -10.56 -26.92
N VAL A 1133 79.32 -11.11 -28.12
CA VAL A 1133 80.05 -12.28 -28.58
C VAL A 1133 80.69 -11.91 -29.91
N ASN A 1134 81.50 -12.83 -30.44
CA ASN A 1134 82.27 -12.57 -31.65
C ASN A 1134 81.81 -13.46 -32.78
N ASN A 1135 81.75 -12.91 -33.98
CA ASN A 1135 81.47 -13.70 -35.17
C ASN A 1135 81.64 -12.84 -36.42
N THR A 1136 81.80 -13.53 -37.54
CA THR A 1136 82.00 -12.86 -38.82
C THR A 1136 80.66 -12.38 -39.36
N VAL A 1137 80.60 -11.13 -39.78
CA VAL A 1137 79.40 -10.57 -40.39
C VAL A 1137 79.67 -10.34 -41.87
N TYR A 1138 79.27 -11.28 -42.73
CA TYR A 1138 79.60 -11.16 -44.15
C TYR A 1138 78.89 -9.98 -44.80
N ASP A 1139 79.60 -9.36 -45.74
CA ASP A 1139 79.13 -8.26 -46.57
C ASP A 1139 78.96 -8.70 -48.02
N PRO A 1140 77.77 -8.61 -48.59
CA PRO A 1140 77.56 -9.16 -49.94
C PRO A 1140 78.38 -8.53 -51.04
N LEU A 1141 78.98 -7.35 -50.81
CA LEU A 1141 79.77 -6.71 -51.85
C LEU A 1141 81.12 -7.36 -52.05
N GLN A 1142 81.67 -8.00 -51.02
CA GLN A 1142 82.98 -8.62 -51.15
C GLN A 1142 82.96 -9.81 -52.10
N PRO A 1143 82.07 -10.80 -51.93
CA PRO A 1143 82.11 -11.97 -52.84
C PRO A 1143 82.01 -11.62 -54.32
N GLU A 1144 81.33 -10.53 -54.70
CA GLU A 1144 81.26 -10.22 -56.12
C GLU A 1144 82.62 -9.78 -56.64
N LEU A 1145 83.33 -8.94 -55.88
CA LEU A 1145 84.67 -8.51 -56.22
C LEU A 1145 84.72 -7.91 -57.62
N ASP A 1146 83.85 -6.94 -57.86
CA ASP A 1146 83.77 -6.29 -59.15
C ASP A 1146 84.92 -5.34 -59.41
N ALA B 27 26.79 41.03 40.34
CA ALA B 27 27.98 40.87 39.51
C ALA B 27 27.73 39.91 38.36
N TYR B 28 28.79 39.49 37.67
CA TYR B 28 28.65 38.56 36.57
C TYR B 28 29.91 37.74 36.40
N THR B 29 29.76 36.54 35.86
CA THR B 29 30.88 35.67 35.53
C THR B 29 30.41 34.60 34.58
N ASN B 30 31.16 34.38 33.50
CA ASN B 30 30.75 33.38 32.52
C ASN B 30 30.87 31.98 33.10
N SER B 31 29.86 31.16 32.87
CA SER B 31 29.90 29.77 33.29
C SER B 31 30.51 28.92 32.20
N PHE B 32 31.57 28.19 32.53
CA PHE B 32 32.24 27.35 31.56
C PHE B 32 31.49 26.05 31.34
N THR B 33 32.20 25.03 30.88
CA THR B 33 31.59 23.74 30.55
C THR B 33 31.26 22.96 31.81
N ARG B 34 30.13 23.32 32.41
CA ARG B 34 29.68 22.72 33.66
C ARG B 34 28.20 22.46 33.51
N GLY B 35 27.62 21.78 34.51
CA GLY B 35 26.19 21.56 34.50
C GLY B 35 25.67 20.31 33.81
N VAL B 36 26.54 19.53 33.15
CA VAL B 36 26.07 18.31 32.50
C VAL B 36 25.75 17.27 33.55
N TYR B 37 24.70 16.48 33.31
CA TYR B 37 24.28 15.49 34.27
C TYR B 37 23.76 14.25 33.55
N TYR B 38 23.76 13.14 34.25
CA TYR B 38 23.23 11.91 33.67
C TYR B 38 21.72 12.03 33.54
N PRO B 39 21.17 12.06 32.34
CA PRO B 39 19.74 12.38 32.21
C PRO B 39 18.80 11.19 32.31
N ASP B 40 19.25 9.96 32.03
CA ASP B 40 18.31 8.86 31.89
C ASP B 40 18.65 7.62 32.69
N LYS B 41 19.69 7.66 33.52
CA LYS B 41 20.09 6.55 34.39
C LYS B 41 20.13 5.20 33.67
N VAL B 42 20.49 5.17 32.39
CA VAL B 42 20.68 3.93 31.67
C VAL B 42 22.14 3.88 31.23
N PHE B 43 22.79 2.76 31.47
CA PHE B 43 24.21 2.65 31.21
C PHE B 43 24.51 2.50 29.73
N ARG B 44 25.55 3.19 29.30
CA ARG B 44 26.06 3.08 27.94
C ARG B 44 27.56 3.20 28.01
N SER B 45 28.27 2.44 27.18
CA SER B 45 29.72 2.36 27.26
C SER B 45 30.33 2.67 25.92
N SER B 46 31.32 3.56 25.91
CA SER B 46 32.11 3.89 24.73
C SER B 46 31.21 4.15 23.52
N VAL B 47 30.32 5.13 23.68
CA VAL B 47 29.37 5.50 22.64
C VAL B 47 29.03 6.96 22.81
N LEU B 48 28.60 7.59 21.71
CA LEU B 48 28.19 8.98 21.73
C LEU B 48 26.68 9.06 21.64
N HIS B 49 26.07 9.96 22.39
CA HIS B 49 24.63 10.06 22.43
C HIS B 49 24.21 11.52 22.42
N SER B 50 23.20 11.85 21.63
CA SER B 50 22.66 13.20 21.53
C SER B 50 21.29 13.25 22.19
N THR B 51 21.10 14.22 23.09
CA THR B 51 19.86 14.33 23.85
C THR B 51 19.37 15.77 23.87
N GLN B 52 18.06 15.95 23.72
CA GLN B 52 17.43 17.27 23.81
C GLN B 52 16.73 17.39 25.17
N ASP B 53 17.29 18.23 26.05
CA ASP B 53 16.75 18.39 27.40
C ASP B 53 17.18 19.77 27.91
N LEU B 54 16.77 20.08 29.14
CA LEU B 54 17.08 21.36 29.76
C LEU B 54 18.49 21.31 30.33
N PHE B 55 19.42 21.96 29.66
CA PHE B 55 20.80 22.02 30.08
C PHE B 55 21.23 23.45 30.35
N LEU B 56 22.43 23.61 30.89
CA LEU B 56 23.01 24.92 31.11
C LEU B 56 23.85 25.31 29.93
N PRO B 57 23.45 26.29 29.12
CA PRO B 57 24.23 26.65 27.94
C PRO B 57 25.65 27.03 28.32
N PHE B 58 26.61 26.56 27.53
CA PHE B 58 28.01 26.85 27.82
C PHE B 58 28.35 28.32 27.65
N PHE B 59 29.36 28.74 28.41
CA PHE B 59 29.89 30.10 28.32
C PHE B 59 28.86 31.16 28.62
N SER B 60 27.85 30.85 29.42
CA SER B 60 26.90 31.88 29.78
C SER B 60 27.30 32.52 31.09
N ASN B 61 27.02 33.81 31.22
CA ASN B 61 27.40 34.51 32.43
C ASN B 61 26.39 34.21 33.53
N VAL B 62 26.88 34.14 34.77
CA VAL B 62 26.05 33.79 35.91
C VAL B 62 26.26 34.79 37.03
N THR B 63 25.17 35.10 37.73
CA THR B 63 25.21 36.03 38.85
C THR B 63 26.02 35.45 40.00
N TRP B 64 26.74 36.31 40.68
CA TRP B 64 27.64 35.95 41.77
C TRP B 64 27.22 36.75 42.99
N PHE B 65 27.07 36.08 44.13
CA PHE B 65 26.66 36.77 45.33
C PHE B 65 27.53 36.37 46.50
N HIS B 66 27.56 37.23 47.51
CA HIS B 66 28.36 37.02 48.71
C HIS B 66 27.45 36.87 49.92
N ALA B 67 27.96 36.13 50.92
CA ALA B 67 27.20 35.79 52.10
C ALA B 67 27.62 36.60 53.31
N ILE B 68 27.43 37.92 53.25
CA ILE B 68 27.70 38.75 54.41
C ILE B 68 26.36 39.19 54.99
N HIS B 69 25.63 40.02 54.25
CA HIS B 69 24.28 40.41 54.61
C HIS B 69 23.60 40.93 53.37
N VAL B 70 22.27 40.75 53.33
CA VAL B 70 21.38 41.25 52.29
C VAL B 70 22.04 41.67 50.98
N ASP B 80 16.37 38.40 54.40
CA ASP B 80 17.80 38.66 54.29
C ASP B 80 18.28 38.57 52.85
N ASN B 81 17.80 37.59 52.11
CA ASN B 81 18.29 37.43 50.74
C ASN B 81 17.12 37.57 49.78
N PRO B 82 17.28 38.29 48.68
CA PRO B 82 16.15 38.53 47.78
C PRO B 82 15.75 37.29 47.01
N VAL B 83 14.48 37.30 46.59
CA VAL B 83 13.91 36.17 45.88
C VAL B 83 14.32 36.25 44.41
N LEU B 84 14.60 35.10 43.83
CA LEU B 84 14.98 34.96 42.44
C LEU B 84 14.01 34.03 41.75
N PRO B 85 13.57 34.36 40.53
CA PRO B 85 12.55 33.52 39.90
C PRO B 85 13.12 32.19 39.51
N PHE B 86 12.24 31.19 39.44
CA PHE B 86 12.61 29.84 39.02
C PHE B 86 12.10 29.65 37.60
N ASN B 87 12.84 30.17 36.63
CA ASN B 87 12.35 30.16 35.26
C ASN B 87 12.11 28.74 34.80
N ASP B 88 13.17 27.94 34.72
CA ASP B 88 13.05 26.57 34.27
C ASP B 88 13.92 25.60 35.04
N GLY B 89 14.84 26.06 35.87
CA GLY B 89 15.80 25.20 36.53
C GLY B 89 17.03 25.99 36.90
N VAL B 90 17.62 25.70 38.04
CA VAL B 90 18.69 26.51 38.60
C VAL B 90 19.92 25.64 38.79
N TYR B 91 21.08 26.20 38.45
CA TYR B 91 22.34 25.51 38.69
C TYR B 91 23.04 26.23 39.83
N PHE B 92 23.07 25.61 41.00
CA PHE B 92 23.56 26.23 42.23
C PHE B 92 24.90 25.65 42.64
N ALA B 93 25.95 26.45 42.54
CA ALA B 93 27.27 26.05 43.01
C ALA B 93 27.65 26.88 44.22
N SER B 94 28.35 26.26 45.17
CA SER B 94 28.73 26.98 46.38
C SER B 94 30.08 26.47 46.88
N THR B 95 30.99 27.40 47.15
CA THR B 95 32.29 27.10 47.74
C THR B 95 32.31 27.68 49.15
N GLU B 96 32.20 26.81 50.15
CA GLU B 96 32.14 27.24 51.54
C GLU B 96 32.71 26.13 52.38
N LYS B 97 33.08 26.46 53.62
CA LYS B 97 33.64 25.45 54.51
C LYS B 97 33.10 25.53 55.93
N SER B 98 31.93 26.12 56.15
CA SER B 98 31.40 26.20 57.51
C SER B 98 29.91 25.92 57.57
N ASN B 99 29.30 25.43 56.50
CA ASN B 99 27.87 25.15 56.45
C ASN B 99 27.03 26.38 56.76
N ILE B 100 27.36 27.50 56.12
CA ILE B 100 26.62 28.72 56.38
C ILE B 100 25.29 28.69 55.63
N ILE B 101 25.27 28.03 54.48
CA ILE B 101 24.06 27.82 53.69
C ILE B 101 23.55 26.41 53.97
N ARG B 102 22.30 26.31 54.40
CA ARG B 102 21.80 25.06 54.94
C ARG B 102 20.49 24.61 54.35
N GLY B 103 19.90 25.37 53.44
CA GLY B 103 18.64 24.94 52.87
C GLY B 103 18.13 25.94 51.86
N TRP B 104 16.93 25.66 51.37
CA TRP B 104 16.26 26.46 50.37
C TRP B 104 14.78 26.47 50.69
N ILE B 105 14.05 27.36 50.03
CA ILE B 105 12.60 27.41 50.15
C ILE B 105 12.04 27.73 48.79
N PHE B 106 11.06 26.94 48.35
CA PHE B 106 10.47 27.08 47.03
C PHE B 106 8.96 27.17 47.15
N GLY B 107 8.34 27.52 46.05
CA GLY B 107 6.89 27.62 45.98
C GLY B 107 6.50 28.73 45.02
N THR B 108 5.20 28.86 44.82
CA THR B 108 4.71 29.96 44.00
C THR B 108 4.50 31.24 44.80
N THR B 109 4.53 31.17 46.12
CA THR B 109 4.35 32.35 46.96
C THR B 109 4.79 32.00 48.38
N LEU B 110 5.20 33.03 49.12
CA LEU B 110 5.65 32.86 50.49
C LEU B 110 4.52 32.79 51.50
N ASP B 111 3.29 33.15 51.13
CA ASP B 111 2.21 33.11 52.09
C ASP B 111 1.68 31.68 52.20
N SER B 112 0.84 31.45 53.21
CA SER B 112 0.27 30.13 53.37
C SER B 112 -0.89 29.89 52.43
N LYS B 113 -1.14 30.83 51.52
CA LYS B 113 -2.24 30.69 50.57
C LYS B 113 -1.97 29.57 49.57
N THR B 114 -0.76 29.00 49.55
CA THR B 114 -0.44 27.95 48.61
C THR B 114 0.53 26.96 49.25
N GLN B 115 0.51 25.73 48.74
CA GLN B 115 1.29 24.64 49.32
C GLN B 115 2.75 24.82 48.94
N SER B 116 3.41 25.75 49.63
CA SER B 116 4.83 25.97 49.40
C SER B 116 5.65 24.77 49.86
N LEU B 117 6.95 24.82 49.60
CA LEU B 117 7.84 23.70 49.85
C LEU B 117 8.94 24.13 50.80
N LEU B 118 9.48 23.18 51.54
CA LEU B 118 10.59 23.43 52.45
C LEU B 118 11.62 22.32 52.27
N ILE B 119 12.88 22.70 52.10
CA ILE B 119 13.99 21.76 52.04
C ILE B 119 15.14 22.28 52.88
N VAL B 120 15.51 21.55 53.92
CA VAL B 120 16.54 21.99 54.85
C VAL B 120 17.51 20.85 55.15
N ASN B 121 18.78 21.07 54.88
CA ASN B 121 19.79 20.08 55.21
C ASN B 121 20.23 20.30 56.65
N ASN B 122 21.03 19.38 57.17
CA ASN B 122 21.51 19.48 58.53
C ASN B 122 22.69 18.54 58.73
N ALA B 123 23.33 18.67 59.89
CA ALA B 123 24.49 17.83 60.19
C ALA B 123 24.11 16.38 60.39
N THR B 124 22.84 16.09 60.67
CA THR B 124 22.38 14.74 60.96
C THR B 124 21.68 14.09 59.78
N ASN B 125 20.89 14.85 59.04
CA ASN B 125 20.07 14.33 57.96
C ASN B 125 19.53 15.50 57.17
N VAL B 126 18.96 15.21 56.00
CA VAL B 126 18.25 16.22 55.23
C VAL B 126 16.77 16.10 55.53
N VAL B 127 16.09 17.24 55.62
CA VAL B 127 14.65 17.30 55.87
C VAL B 127 13.97 18.07 54.75
N ILE B 128 13.12 17.38 54.00
CA ILE B 128 12.35 17.99 52.92
C ILE B 128 10.88 17.97 53.30
N LYS B 129 10.20 19.11 53.15
CA LYS B 129 8.84 19.22 53.63
C LYS B 129 8.01 20.05 52.66
N VAL B 130 6.73 19.74 52.55
CA VAL B 130 5.77 20.53 51.78
C VAL B 130 4.51 20.76 52.62
N CYS B 131 4.43 21.92 53.28
CA CYS B 131 3.33 22.10 54.23
C CYS B 131 2.63 23.45 54.15
N GLU B 132 2.89 24.25 53.13
CA GLU B 132 2.21 25.53 52.93
C GLU B 132 2.40 26.43 54.14
N PHE B 133 3.58 26.36 54.73
CA PHE B 133 3.86 27.16 55.92
C PHE B 133 4.00 28.61 55.53
N GLN B 134 3.22 29.48 56.15
CA GLN B 134 3.33 30.89 55.84
C GLN B 134 4.64 31.39 56.41
N PHE B 135 5.34 32.20 55.62
CA PHE B 135 6.66 32.67 56.05
C PHE B 135 6.53 34.06 56.63
N CYS B 136 7.61 34.47 57.29
CA CYS B 136 7.67 35.78 57.89
C CYS B 136 8.01 36.81 56.82
N ASN B 137 8.14 38.07 57.22
CA ASN B 137 8.50 39.11 56.26
C ASN B 137 9.86 38.80 55.63
N ASP B 138 10.72 38.10 56.33
CA ASP B 138 12.01 37.67 55.82
C ASP B 138 12.23 36.21 56.20
N PRO B 139 12.97 35.46 55.39
CA PRO B 139 13.27 34.08 55.75
C PRO B 139 14.07 34.07 57.04
N PHE B 140 13.67 33.21 57.97
CA PHE B 140 14.35 33.19 59.25
C PHE B 140 15.81 32.76 59.10
N LEU B 141 16.65 33.40 59.89
CA LEU B 141 18.09 33.13 59.92
C LEU B 141 18.38 32.33 61.18
N ASP B 142 18.74 31.06 61.00
CA ASP B 142 19.02 30.19 62.12
C ASP B 142 20.18 30.68 62.99
N PHE B 157 15.81 29.28 67.65
CA PHE B 157 15.83 30.06 66.42
C PHE B 157 16.02 29.16 65.21
N ARG B 158 15.33 28.02 65.19
CA ARG B 158 15.45 27.08 64.10
C ARG B 158 14.36 27.20 63.05
N VAL B 159 13.20 27.77 63.39
CA VAL B 159 12.11 27.88 62.43
C VAL B 159 11.30 29.13 62.74
N TYR B 160 10.68 29.68 61.69
CA TYR B 160 9.79 30.83 61.82
C TYR B 160 8.83 30.73 60.64
N SER B 161 7.63 30.27 60.92
CA SER B 161 6.59 30.06 59.92
C SER B 161 5.29 29.80 60.64
N SER B 162 4.19 29.90 59.90
CA SER B 162 2.88 29.69 60.47
C SER B 162 2.56 28.20 60.49
N ALA B 163 1.30 27.88 60.79
CA ALA B 163 0.82 26.50 60.85
C ALA B 163 1.02 25.80 59.51
N ASN B 164 0.88 24.48 59.54
CA ASN B 164 1.18 23.67 58.38
C ASN B 164 0.05 22.68 58.13
N ASN B 165 -0.06 22.27 56.87
CA ASN B 165 -1.02 21.27 56.39
C ASN B 165 -0.32 20.29 55.46
N CYS B 166 0.82 19.77 55.90
CA CYS B 166 1.70 18.97 55.05
C CYS B 166 0.94 17.90 54.27
N THR B 167 1.38 17.72 53.03
CA THR B 167 0.95 16.65 52.16
C THR B 167 2.04 15.65 51.79
N PHE B 168 3.32 15.99 51.95
CA PHE B 168 4.39 15.06 51.70
C PHE B 168 5.53 15.41 52.63
N GLU B 169 6.21 14.40 53.13
CA GLU B 169 7.33 14.61 54.04
C GLU B 169 8.33 13.50 53.80
N TYR B 170 9.61 13.82 53.99
CA TYR B 170 10.66 12.88 53.64
C TYR B 170 11.91 13.25 54.42
N VAL B 171 12.76 12.24 54.67
CA VAL B 171 13.99 12.45 55.42
C VAL B 171 15.02 11.46 54.90
N SER B 172 16.29 11.87 54.95
CA SER B 172 17.38 11.00 54.51
C SER B 172 18.70 11.59 55.00
N GLN B 173 19.79 10.89 54.65
CA GLN B 173 21.13 11.24 55.09
C GLN B 173 21.52 12.66 54.65
N PRO B 174 22.48 13.26 55.34
CA PRO B 174 22.87 14.64 55.02
C PRO B 174 23.71 14.72 53.75
N PHE B 175 23.70 15.92 53.16
CA PHE B 175 24.52 16.21 51.97
C PHE B 175 25.96 16.63 52.26
N LEU B 176 26.70 15.84 53.03
CA LEU B 176 28.06 16.25 53.38
C LEU B 176 29.02 15.07 53.22
N LYS B 187 37.32 25.03 50.08
CA LYS B 187 38.03 24.51 48.91
C LYS B 187 37.20 23.46 48.19
N ASN B 188 36.19 22.93 48.87
CA ASN B 188 35.33 21.92 48.29
C ASN B 188 34.20 22.61 47.53
N LEU B 189 34.12 22.36 46.23
CA LEU B 189 33.13 22.98 45.36
C LEU B 189 31.92 22.05 45.23
N ARG B 190 30.82 22.41 45.88
CA ARG B 190 29.58 21.67 45.80
C ARG B 190 28.72 22.23 44.67
N GLU B 191 28.20 21.34 43.82
CA GLU B 191 27.36 21.73 42.69
C GLU B 191 26.00 21.05 42.80
N PHE B 192 24.95 21.76 42.39
CA PHE B 192 23.60 21.22 42.45
C PHE B 192 22.83 21.68 41.23
N VAL B 193 21.95 20.83 40.72
CA VAL B 193 21.05 21.20 39.64
C VAL B 193 19.63 20.83 40.05
N PHE B 194 18.73 21.81 40.06
CA PHE B 194 17.36 21.58 40.48
C PHE B 194 16.45 21.70 39.29
N LYS B 195 15.64 20.69 39.06
CA LYS B 195 14.76 20.63 37.91
C LYS B 195 13.42 20.09 38.37
N ASN B 196 12.34 20.69 37.86
CA ASN B 196 11.00 20.24 38.20
C ASN B 196 10.08 20.53 37.03
N ILE B 197 9.84 19.51 36.20
CA ILE B 197 9.08 19.66 34.96
C ILE B 197 7.90 18.70 34.90
N ASP B 198 8.15 17.41 35.10
CA ASP B 198 7.18 16.34 34.85
C ASP B 198 6.45 15.89 36.10
N GLY B 199 6.13 16.81 37.00
CA GLY B 199 5.47 16.42 38.22
C GLY B 199 6.41 15.95 39.27
N TYR B 200 7.71 15.90 38.97
CA TYR B 200 8.73 15.49 39.91
C TYR B 200 9.74 16.61 40.06
N PHE B 201 10.34 16.68 41.23
CA PHE B 201 11.40 17.64 41.49
C PHE B 201 12.67 16.83 41.66
N LYS B 202 13.67 17.10 40.84
CA LYS B 202 14.85 16.24 40.78
C LYS B 202 16.10 17.01 41.14
N ILE B 203 17.02 16.32 41.80
CA ILE B 203 18.27 16.89 42.27
C ILE B 203 19.44 16.08 41.75
N TYR B 204 20.46 16.76 41.26
CA TYR B 204 21.73 16.16 40.90
C TYR B 204 22.81 16.86 41.69
N SER B 205 23.92 16.17 41.93
CA SER B 205 24.90 16.78 42.81
C SER B 205 26.28 16.19 42.57
N LYS B 206 27.28 16.90 43.08
CA LYS B 206 28.67 16.48 42.99
C LYS B 206 29.48 17.33 43.97
N HIS B 207 30.45 16.71 44.63
CA HIS B 207 31.28 17.41 45.61
C HIS B 207 32.73 17.31 45.18
N THR B 208 33.36 18.45 44.89
CA THR B 208 34.70 18.29 44.36
C THR B 208 35.71 19.20 45.05
N PRO B 209 36.94 18.70 45.23
CA PRO B 209 38.04 19.54 45.69
C PRO B 209 38.42 20.63 44.70
N ILE B 210 39.25 21.56 45.16
CA ILE B 210 39.78 22.63 44.31
C ILE B 210 41.21 22.92 44.73
N ASP B 215 37.32 30.49 42.13
CA ASP B 215 36.67 30.63 40.84
C ASP B 215 36.21 29.28 40.32
N LEU B 216 35.32 29.27 39.34
CA LEU B 216 34.85 28.01 38.80
C LEU B 216 35.94 27.38 37.94
N PRO B 217 36.25 26.11 38.14
CA PRO B 217 37.31 25.49 37.34
C PRO B 217 36.81 25.17 35.95
N GLN B 218 37.76 25.05 35.03
CA GLN B 218 37.45 24.69 33.66
C GLN B 218 37.26 23.18 33.47
N GLY B 219 37.48 22.39 34.51
CA GLY B 219 37.39 20.96 34.35
C GLY B 219 35.95 20.50 34.16
N PHE B 220 35.79 19.50 33.31
CA PHE B 220 34.50 18.93 32.99
C PHE B 220 34.16 17.82 33.99
N SER B 221 32.91 17.80 34.46
CA SER B 221 32.47 16.77 35.38
C SER B 221 30.94 16.74 35.49
N ALA B 222 30.34 15.57 35.36
CA ALA B 222 28.89 15.51 35.36
C ALA B 222 28.31 15.21 36.73
N LEU B 223 27.13 15.75 36.98
CA LEU B 223 26.37 15.52 38.21
C LEU B 223 25.51 14.27 38.09
N GLU B 224 25.37 13.56 39.20
CA GLU B 224 24.63 12.31 39.26
C GLU B 224 23.27 12.52 39.92
N PRO B 225 22.23 11.83 39.45
CA PRO B 225 20.90 11.99 40.05
C PRO B 225 20.88 11.55 41.50
N LEU B 226 20.58 12.49 42.38
CA LEU B 226 20.59 12.20 43.81
C LEU B 226 19.22 11.80 44.35
N VAL B 227 18.19 12.59 44.10
CA VAL B 227 16.85 12.34 44.62
C VAL B 227 15.82 12.66 43.55
N ASP B 228 14.74 11.89 43.53
CA ASP B 228 13.64 12.09 42.60
C ASP B 228 12.35 12.29 43.40
N LEU B 229 11.99 13.49 43.61
CA LEU B 229 10.84 13.56 44.47
C LEU B 229 9.55 13.61 43.65
N PRO B 230 8.48 13.01 44.15
CA PRO B 230 7.21 12.96 43.41
C PRO B 230 6.29 14.17 43.56
N ILE B 231 6.62 15.15 44.40
CA ILE B 231 5.72 16.27 44.64
C ILE B 231 5.44 17.02 43.34
N GLY B 232 4.17 17.32 43.10
CA GLY B 232 3.79 18.06 41.90
C GLY B 232 3.39 19.51 42.06
N ILE B 233 3.89 20.20 43.09
CA ILE B 233 3.54 21.61 43.30
C ILE B 233 4.08 22.49 42.18
N ASN B 234 3.31 23.51 41.80
CA ASN B 234 3.70 24.49 40.80
C ASN B 234 4.67 25.49 41.42
N ILE B 235 5.96 25.28 41.20
CA ILE B 235 7.03 26.14 41.70
C ILE B 235 7.26 27.29 40.74
N THR B 236 7.21 28.52 41.26
CA THR B 236 7.47 29.69 40.40
C THR B 236 8.53 30.64 40.94
N ARG B 237 8.75 30.67 42.25
CA ARG B 237 9.79 31.51 42.82
C ARG B 237 10.59 30.67 43.79
N PHE B 238 11.81 31.11 44.08
CA PHE B 238 12.65 30.29 44.93
C PHE B 238 13.57 31.22 45.70
N GLN B 239 14.03 30.76 46.84
CA GLN B 239 14.94 31.52 47.69
C GLN B 239 15.93 30.57 48.32
N THR B 240 16.92 31.14 48.99
CA THR B 240 17.94 30.33 49.62
C THR B 240 17.85 30.52 51.12
N LEU B 241 18.44 29.59 51.87
CA LEU B 241 18.43 29.65 53.33
C LEU B 241 19.83 29.59 53.90
N LEU B 242 20.11 30.52 54.81
CA LEU B 242 21.39 30.70 55.48
C LEU B 242 21.25 30.37 56.95
N ALA B 243 22.37 30.33 57.66
CA ALA B 243 22.38 30.02 59.08
C ALA B 243 23.52 30.80 59.72
N LEU B 244 23.53 30.83 61.05
CA LEU B 244 24.58 31.56 61.74
C LEU B 244 24.59 31.22 63.22
N HIS B 245 25.77 31.30 63.80
CA HIS B 245 26.01 30.99 65.20
C HIS B 245 25.59 32.13 66.12
N ARG B 246 24.79 31.83 67.14
CA ARG B 246 24.38 32.80 68.15
C ARG B 246 23.79 34.04 67.50
N SER B 247 22.86 33.81 66.59
CA SER B 247 22.21 34.89 65.85
C SER B 247 20.79 35.07 66.37
N TYR B 248 20.36 36.33 66.46
CA TYR B 248 18.99 36.58 66.87
C TYR B 248 18.04 36.25 65.72
N LEU B 249 16.79 36.00 66.08
CA LEU B 249 15.79 35.63 65.08
C LEU B 249 14.49 36.37 65.38
N THR B 250 13.94 37.00 64.36
CA THR B 250 12.70 37.74 64.50
C THR B 250 11.85 37.55 63.25
N PRO B 251 10.52 37.63 63.38
CA PRO B 251 9.65 37.53 62.19
C PRO B 251 9.94 38.61 61.15
N GLY B 252 10.32 39.81 61.57
CA GLY B 252 10.63 40.83 60.61
C GLY B 252 11.88 41.60 60.96
N ASP B 253 12.76 41.82 59.98
CA ASP B 253 14.00 42.53 60.24
C ASP B 253 14.37 43.34 59.00
N SER B 254 15.21 44.34 59.24
CA SER B 254 15.70 45.23 58.18
C SER B 254 16.88 44.56 57.48
N SER B 255 17.60 45.34 56.68
CA SER B 255 18.74 44.82 55.94
C SER B 255 19.99 44.78 56.79
N SER B 256 19.85 45.02 58.10
CA SER B 256 20.99 44.98 59.01
C SER B 256 21.52 43.56 59.16
N GLY B 257 20.62 42.59 59.35
CA GLY B 257 21.06 41.22 59.48
C GLY B 257 21.90 40.96 60.73
N TRP B 258 22.64 39.86 60.68
CA TRP B 258 23.51 39.40 61.76
C TRP B 258 24.83 38.97 61.14
N THR B 259 25.88 39.00 61.96
CA THR B 259 27.19 38.66 61.42
C THR B 259 27.21 37.21 60.95
N ALA B 260 28.03 36.94 59.94
CA ALA B 260 28.19 35.58 59.42
C ALA B 260 29.49 35.50 58.66
N GLY B 261 29.91 34.27 58.39
CA GLY B 261 31.14 34.05 57.67
C GLY B 261 31.07 34.44 56.20
N ALA B 262 32.25 34.71 55.65
CA ALA B 262 32.42 35.02 54.23
C ALA B 262 32.13 33.79 53.38
N ALA B 263 31.20 33.92 52.43
CA ALA B 263 30.82 32.79 51.59
C ALA B 263 30.16 33.32 50.33
N ALA B 264 29.99 32.42 49.35
CA ALA B 264 29.42 32.85 48.08
C ALA B 264 28.75 31.67 47.38
N TYR B 265 27.80 32.01 46.52
CA TYR B 265 27.04 31.05 45.75
C TYR B 265 26.70 31.65 44.39
N TYR B 266 26.80 30.84 43.35
CA TYR B 266 26.52 31.25 41.98
C TYR B 266 25.17 30.69 41.54
N VAL B 267 24.50 31.39 40.63
CA VAL B 267 23.20 30.94 40.14
C VAL B 267 23.14 31.05 38.62
N GLY B 268 22.64 29.99 37.98
CA GLY B 268 22.47 29.98 36.54
C GLY B 268 21.12 29.42 36.15
N TYR B 269 20.64 29.81 34.97
CA TYR B 269 19.33 29.40 34.47
C TYR B 269 19.46 28.43 33.32
N LEU B 270 18.73 27.32 33.39
CA LEU B 270 18.71 26.27 32.39
C LEU B 270 17.85 26.65 31.18
N GLN B 271 18.17 26.05 30.04
CA GLN B 271 17.47 26.26 28.79
C GLN B 271 17.35 24.97 28.02
N PRO B 272 16.32 24.83 27.18
CA PRO B 272 16.19 23.64 26.34
C PRO B 272 17.26 23.65 25.26
N ARG B 273 18.16 22.68 25.29
CA ARG B 273 19.25 22.62 24.33
C ARG B 273 19.45 21.18 23.89
N THR B 274 20.18 21.00 22.79
CA THR B 274 20.56 19.70 22.29
C THR B 274 22.04 19.46 22.55
N PHE B 275 22.35 18.44 23.32
CA PHE B 275 23.72 18.14 23.74
C PHE B 275 24.21 16.83 23.17
N LEU B 276 25.46 16.81 22.74
CA LEU B 276 26.13 15.59 22.30
C LEU B 276 27.03 15.11 23.42
N LEU B 277 26.64 14.03 24.08
CA LEU B 277 27.36 13.53 25.24
C LEU B 277 28.27 12.38 24.85
N LYS B 278 29.46 12.36 25.42
CA LYS B 278 30.45 11.32 25.16
C LYS B 278 30.60 10.44 26.39
N TYR B 279 30.30 9.16 26.23
CA TYR B 279 30.48 8.19 27.30
C TYR B 279 31.79 7.48 27.09
N ASN B 280 32.50 7.24 28.19
CA ASN B 280 33.76 6.51 28.09
C ASN B 280 33.50 5.02 28.24
N GLU B 281 34.56 4.24 28.25
CA GLU B 281 34.40 2.79 28.31
C GLU B 281 33.78 2.34 29.62
N ASN B 282 33.78 3.18 30.65
CA ASN B 282 33.22 2.82 31.95
C ASN B 282 31.87 3.44 32.20
N GLY B 283 31.27 4.08 31.21
CA GLY B 283 29.94 4.58 31.43
C GLY B 283 29.88 5.94 32.07
N THR B 284 30.96 6.71 32.02
CA THR B 284 30.99 8.03 32.62
C THR B 284 31.11 9.08 31.52
N ILE B 285 30.42 10.19 31.72
CA ILE B 285 30.42 11.29 30.75
C ILE B 285 31.75 12.03 30.85
N THR B 286 32.43 12.17 29.72
CA THR B 286 33.69 12.88 29.74
C THR B 286 33.68 14.20 28.99
N ASP B 287 32.86 14.37 27.95
CA ASP B 287 32.80 15.62 27.22
C ASP B 287 31.40 15.83 26.68
N ALA B 288 31.12 17.07 26.30
CA ALA B 288 29.83 17.40 25.74
C ALA B 288 29.99 18.59 24.82
N VAL B 289 29.12 18.67 23.82
CA VAL B 289 29.15 19.74 22.83
C VAL B 289 27.75 20.32 22.73
N ASP B 290 27.63 21.63 22.88
CA ASP B 290 26.34 22.28 22.72
C ASP B 290 26.04 22.42 21.23
N CYS B 291 25.01 21.70 20.78
CA CYS B 291 24.72 21.62 19.36
C CYS B 291 24.32 22.96 18.77
N ALA B 292 23.94 23.94 19.58
CA ALA B 292 23.45 25.21 19.05
C ALA B 292 24.23 26.39 19.59
N LEU B 293 25.50 26.19 19.93
CA LEU B 293 26.30 27.29 20.45
C LEU B 293 26.87 28.13 19.33
N ASP B 294 27.70 27.53 18.50
CA ASP B 294 28.37 28.21 17.39
C ASP B 294 28.49 27.26 16.20
N PRO B 295 28.87 27.75 15.02
CA PRO B 295 28.90 26.85 13.85
C PRO B 295 29.81 25.65 13.99
N LEU B 296 30.97 25.79 14.63
CA LEU B 296 31.84 24.63 14.77
C LEU B 296 31.20 23.55 15.61
N SER B 297 30.54 23.94 16.70
CA SER B 297 29.86 22.97 17.53
C SER B 297 28.74 22.32 16.75
N GLU B 298 28.04 23.10 15.92
CA GLU B 298 26.96 22.52 15.14
C GLU B 298 27.48 21.53 14.12
N THR B 299 28.64 21.78 13.54
CA THR B 299 29.21 20.81 12.61
C THR B 299 29.60 19.52 13.32
N LYS B 300 30.25 19.64 14.49
CA LYS B 300 30.55 18.43 15.24
C LYS B 300 29.28 17.68 15.58
N CYS B 301 28.25 18.39 16.02
CA CYS B 301 27.01 17.75 16.41
C CYS B 301 26.32 17.10 15.22
N THR B 302 26.51 17.64 14.03
CA THR B 302 25.88 17.03 12.86
C THR B 302 26.63 15.77 12.43
N LEU B 303 27.93 15.90 12.16
CA LEU B 303 28.71 14.69 11.87
C LEU B 303 28.74 13.68 13.01
N LYS B 304 28.24 14.04 14.20
CA LYS B 304 28.28 13.14 15.35
C LYS B 304 29.70 12.64 15.61
N SER B 305 30.64 13.57 15.64
CA SER B 305 32.04 13.23 15.84
C SER B 305 32.75 14.45 16.39
N PHE B 306 33.55 14.25 17.43
CA PHE B 306 34.26 15.37 18.03
C PHE B 306 35.38 15.92 17.16
N THR B 307 35.91 15.14 16.23
CA THR B 307 36.97 15.61 15.33
C THR B 307 36.46 15.66 13.89
N VAL B 308 36.41 16.86 13.32
CA VAL B 308 36.00 17.06 11.93
C VAL B 308 37.21 17.35 11.07
N GLU B 309 37.29 16.69 9.92
CA GLU B 309 38.41 16.88 9.01
C GLU B 309 38.18 18.09 8.14
N LYS B 310 39.24 18.48 7.42
CA LYS B 310 39.17 19.62 6.53
C LYS B 310 38.13 19.38 5.44
N GLY B 311 37.26 20.37 5.22
CA GLY B 311 36.27 20.25 4.19
C GLY B 311 35.14 21.25 4.40
N ILE B 312 34.10 21.08 3.58
CA ILE B 312 32.91 21.92 3.61
C ILE B 312 31.74 21.04 3.99
N TYR B 313 30.92 21.50 4.93
CA TYR B 313 29.82 20.70 5.42
C TYR B 313 28.54 21.51 5.40
N GLN B 314 27.47 20.90 4.93
CA GLN B 314 26.15 21.52 4.93
C GLN B 314 25.44 21.21 6.23
N THR B 315 25.47 22.17 7.17
CA THR B 315 24.97 21.86 8.50
C THR B 315 23.46 22.00 8.61
N SER B 316 22.88 23.10 8.17
CA SER B 316 21.45 23.32 8.43
C SER B 316 20.88 24.31 7.43
N ASN B 317 19.66 24.77 7.69
CA ASN B 317 19.02 25.78 6.88
C ASN B 317 18.47 26.90 7.74
N PHE B 318 18.38 28.09 7.17
CA PHE B 318 17.85 29.27 7.84
C PHE B 318 16.72 29.87 7.03
N ARG B 319 15.82 30.57 7.71
CA ARG B 319 14.68 31.19 7.04
C ARG B 319 14.18 32.33 7.90
N VAL B 320 14.20 33.55 7.35
CA VAL B 320 13.76 34.71 8.11
C VAL B 320 12.30 34.56 8.49
N GLN B 321 12.01 34.83 9.75
CA GLN B 321 10.66 34.63 10.26
C GLN B 321 9.75 35.80 9.95
N PRO B 322 8.44 35.55 9.87
CA PRO B 322 7.50 36.65 9.63
C PRO B 322 7.43 37.58 10.82
N THR B 323 7.41 38.88 10.54
CA THR B 323 7.39 39.90 11.58
C THR B 323 5.99 40.38 11.94
N GLU B 324 4.95 40.05 11.18
CA GLU B 324 3.63 40.59 11.48
C GLU B 324 2.55 39.69 10.91
N SER B 325 1.33 39.88 11.42
CA SER B 325 0.13 39.18 11.00
C SER B 325 -0.97 40.18 10.70
N ILE B 326 -1.69 39.98 9.58
CA ILE B 326 -2.73 40.89 9.13
C ILE B 326 -3.99 40.09 8.82
N VAL B 327 -5.13 40.71 9.08
CA VAL B 327 -6.45 40.15 8.84
C VAL B 327 -7.26 41.08 7.96
N ARG B 328 -7.99 40.53 6.99
CA ARG B 328 -8.71 41.34 6.01
C ARG B 328 -10.11 40.75 5.80
N PHE B 329 -11.15 41.45 6.25
CA PHE B 329 -12.54 41.03 6.09
C PHE B 329 -13.44 42.11 5.54
N PRO B 330 -14.55 41.72 4.90
CA PRO B 330 -15.48 42.69 4.31
C PRO B 330 -16.19 43.50 5.38
N ASN B 331 -16.95 44.51 4.94
CA ASN B 331 -17.66 45.39 5.87
C ASN B 331 -19.09 44.95 6.19
N ILE B 332 -19.67 44.00 5.46
CA ILE B 332 -21.05 43.58 5.68
C ILE B 332 -21.20 42.96 7.06
N THR B 333 -21.52 43.77 8.06
CA THR B 333 -22.23 43.28 9.23
C THR B 333 -23.76 43.30 9.05
N ASN B 334 -24.40 42.45 9.86
CA ASN B 334 -25.83 42.22 10.04
C ASN B 334 -25.96 40.85 10.69
N LEU B 335 -26.75 40.72 11.76
CA LEU B 335 -26.79 39.42 12.41
C LEU B 335 -27.62 38.44 11.59
N CYS B 336 -27.52 37.16 11.96
CA CYS B 336 -28.27 36.19 11.18
C CYS B 336 -29.42 35.62 12.00
N PRO B 337 -30.53 35.18 11.37
CA PRO B 337 -31.64 34.59 12.15
C PRO B 337 -31.42 33.13 12.52
N PHE B 338 -30.67 32.90 13.59
CA PHE B 338 -30.47 31.55 14.08
C PHE B 338 -31.46 31.14 15.17
N ASP B 339 -31.65 31.96 16.19
CA ASP B 339 -32.58 31.56 17.25
C ASP B 339 -34.03 31.67 16.85
N GLU B 340 -34.30 31.90 15.57
CA GLU B 340 -35.66 31.93 15.06
C GLU B 340 -36.03 30.65 14.31
N VAL B 341 -35.05 29.84 13.93
CA VAL B 341 -35.30 28.54 13.32
C VAL B 341 -35.17 27.40 14.31
N PHE B 342 -34.23 27.50 15.26
CA PHE B 342 -34.11 26.48 16.29
C PHE B 342 -35.24 26.55 17.30
N ASN B 343 -35.76 27.74 17.56
CA ASN B 343 -36.85 27.94 18.50
C ASN B 343 -38.23 27.71 17.89
N ALA B 344 -38.30 27.07 16.73
CA ALA B 344 -39.59 26.84 16.06
C ALA B 344 -40.54 26.08 16.98
N THR B 345 -41.82 26.44 16.90
CA THR B 345 -42.81 25.77 17.74
C THR B 345 -43.25 24.44 17.17
N ARG B 346 -43.31 24.33 15.84
CA ARG B 346 -43.76 23.10 15.19
C ARG B 346 -42.85 22.81 13.99
N PHE B 347 -42.24 21.63 13.99
CA PHE B 347 -41.34 21.22 12.92
C PHE B 347 -42.11 20.42 11.87
N ALA B 348 -41.45 20.16 10.76
CA ALA B 348 -42.01 19.35 9.70
C ALA B 348 -41.64 17.89 9.89
N SER B 349 -42.33 17.02 9.18
CA SER B 349 -42.02 15.61 9.25
C SER B 349 -40.83 15.27 8.35
N VAL B 350 -40.23 14.12 8.63
CA VAL B 350 -39.00 13.73 7.94
C VAL B 350 -39.22 13.68 6.43
N TYR B 351 -40.31 13.07 6.00
CA TYR B 351 -40.59 12.89 4.58
C TYR B 351 -40.97 14.20 3.89
N ALA B 352 -41.08 15.30 4.62
CA ALA B 352 -41.33 16.62 4.04
C ALA B 352 -40.48 17.66 4.75
N TRP B 353 -39.21 17.33 4.96
CA TRP B 353 -38.30 18.21 5.69
C TRP B 353 -38.30 19.61 5.10
N ASN B 354 -38.00 20.60 5.94
CA ASN B 354 -38.05 21.99 5.53
C ASN B 354 -36.63 22.53 5.43
N ARG B 355 -36.36 23.25 4.36
CA ARG B 355 -35.05 23.85 4.10
C ARG B 355 -35.13 25.37 4.07
N LYS B 356 -34.12 26.00 4.66
CA LYS B 356 -34.00 27.45 4.71
C LYS B 356 -32.53 27.77 4.46
N ARG B 357 -32.28 28.65 3.50
CA ARG B 357 -30.92 29.05 3.19
C ARG B 357 -30.56 30.20 4.11
N ILE B 358 -29.37 30.12 4.71
CA ILE B 358 -28.90 31.13 5.64
C ILE B 358 -27.59 31.66 5.11
N SER B 359 -27.54 32.97 4.86
CA SER B 359 -26.38 33.61 4.24
C SER B 359 -26.44 35.09 4.55
N ASN B 360 -25.37 35.79 4.17
CA ASN B 360 -25.29 37.25 4.31
C ASN B 360 -25.50 37.72 5.74
N CYS B 361 -24.60 37.31 6.63
CA CYS B 361 -24.72 37.71 8.03
C CYS B 361 -23.42 37.39 8.74
N VAL B 362 -23.27 37.98 9.92
CA VAL B 362 -22.13 37.80 10.80
C VAL B 362 -22.56 36.75 11.83
N ALA B 363 -21.92 35.59 11.82
CA ALA B 363 -22.35 34.52 12.70
C ALA B 363 -21.51 34.43 13.96
N ASP B 364 -22.21 34.27 15.09
CA ASP B 364 -21.61 34.06 16.40
C ASP B 364 -22.27 32.81 16.96
N TYR B 365 -21.46 31.81 17.30
CA TYR B 365 -21.97 30.55 17.79
C TYR B 365 -21.89 30.38 19.30
N SER B 366 -22.03 31.46 20.07
CA SER B 366 -22.13 31.29 21.51
C SER B 366 -23.55 31.43 22.06
N VAL B 367 -24.48 32.03 21.32
CA VAL B 367 -25.84 32.17 21.84
C VAL B 367 -26.77 31.00 21.54
N LEU B 368 -26.41 30.11 20.62
CA LEU B 368 -27.32 29.02 20.27
C LEU B 368 -27.42 27.97 21.35
N TYR B 369 -26.41 27.82 22.18
CA TYR B 369 -26.44 26.79 23.22
C TYR B 369 -27.62 26.99 24.16
N ASN B 370 -28.11 28.23 24.27
CA ASN B 370 -29.25 28.55 25.12
C ASN B 370 -30.45 27.74 24.65
N PHE B 371 -30.96 28.10 23.48
CA PHE B 371 -32.13 27.45 22.90
C PHE B 371 -31.81 25.98 22.61
N ALA B 372 -32.80 25.11 22.84
CA ALA B 372 -32.67 23.69 22.51
C ALA B 372 -31.54 23.00 23.27
N PRO B 373 -31.88 22.22 24.32
CA PRO B 373 -30.86 21.49 25.11
C PRO B 373 -29.72 20.86 24.31
N PHE B 374 -29.89 20.73 22.99
CA PHE B 374 -28.86 20.27 22.07
C PHE B 374 -28.32 18.90 22.48
N PHE B 375 -29.21 17.91 22.44
CA PHE B 375 -28.83 16.53 22.75
C PHE B 375 -27.60 16.07 21.99
N ALA B 376 -27.40 16.57 20.77
CA ALA B 376 -26.26 16.19 19.95
C ALA B 376 -25.87 17.37 19.09
N PHE B 377 -24.59 17.75 19.16
CA PHE B 377 -24.06 18.82 18.31
C PHE B 377 -22.62 18.50 17.93
N LYS B 378 -22.42 18.01 16.72
CA LYS B 378 -21.12 17.53 16.27
C LYS B 378 -20.97 17.93 14.82
N CYS B 379 -19.73 18.11 14.37
CA CYS B 379 -19.45 18.59 13.03
C CYS B 379 -18.47 17.65 12.36
N TYR B 380 -18.60 17.51 11.05
CA TYR B 380 -17.69 16.72 10.24
C TYR B 380 -16.98 17.63 9.24
N GLY B 381 -15.65 17.64 9.28
CA GLY B 381 -14.87 18.48 8.41
C GLY B 381 -14.47 19.81 9.02
N VAL B 382 -15.15 20.22 10.08
CA VAL B 382 -14.81 21.41 10.84
C VAL B 382 -14.95 21.05 12.31
N SER B 383 -14.40 21.90 13.18
CA SER B 383 -14.63 21.65 14.58
C SER B 383 -15.43 22.79 15.19
N PRO B 384 -16.45 22.48 16.00
CA PRO B 384 -17.39 23.52 16.43
C PRO B 384 -16.73 24.62 17.26
N THR B 385 -15.74 24.26 18.06
CA THR B 385 -15.09 25.26 18.90
C THR B 385 -14.33 26.27 18.05
N LYS B 386 -13.92 25.85 16.85
CA LYS B 386 -13.21 26.68 15.89
C LYS B 386 -14.14 27.34 14.88
N LEU B 387 -15.46 27.20 15.04
CA LEU B 387 -16.39 27.57 13.98
C LEU B 387 -16.65 29.07 13.91
N ASN B 388 -16.36 29.83 14.96
CA ASN B 388 -16.65 31.26 14.96
C ASN B 388 -15.72 32.09 14.08
N ASP B 389 -14.74 31.52 13.40
CA ASP B 389 -13.71 32.32 12.74
C ASP B 389 -13.75 32.25 11.23
N LEU B 390 -14.02 31.09 10.65
CA LEU B 390 -13.84 30.90 9.21
C LEU B 390 -14.97 31.55 8.42
N CYS B 391 -14.73 31.73 7.13
CA CYS B 391 -15.75 32.18 6.21
C CYS B 391 -16.14 31.05 5.26
N PHE B 392 -17.43 30.99 4.95
CA PHE B 392 -17.99 29.87 4.22
C PHE B 392 -18.59 30.36 2.92
N THR B 393 -18.91 29.40 2.05
CA THR B 393 -19.49 29.74 0.77
C THR B 393 -20.98 29.97 0.92
N ASN B 394 -21.71 28.93 1.31
CA ASN B 394 -23.16 28.99 1.46
C ASN B 394 -23.60 27.90 2.42
N VAL B 395 -24.16 28.29 3.57
CA VAL B 395 -24.52 27.35 4.61
C VAL B 395 -26.03 27.13 4.53
N TYR B 396 -26.45 25.88 4.59
CA TYR B 396 -27.86 25.54 4.46
C TYR B 396 -28.38 25.01 5.77
N ALA B 397 -29.70 25.10 5.94
CA ALA B 397 -30.33 24.62 7.17
C ALA B 397 -31.62 23.87 6.86
N ASP B 398 -31.68 22.61 7.25
CA ASP B 398 -32.86 21.77 7.07
C ASP B 398 -33.38 21.38 8.43
N SER B 399 -34.69 21.45 8.64
CA SER B 399 -35.28 21.17 9.94
C SER B 399 -36.49 20.25 9.82
N PHE B 400 -36.61 19.33 10.77
CA PHE B 400 -37.72 18.38 10.84
C PHE B 400 -37.62 17.66 12.18
N VAL B 401 -38.54 16.73 12.41
CA VAL B 401 -38.61 15.97 13.65
C VAL B 401 -38.61 14.49 13.29
N ILE B 402 -37.77 13.71 13.98
CA ILE B 402 -37.60 12.30 13.67
C ILE B 402 -37.60 11.49 14.96
N ARG B 403 -37.67 10.17 14.81
CA ARG B 403 -37.68 9.22 15.91
C ARG B 403 -36.33 9.17 16.63
N GLY B 404 -36.31 8.41 17.72
CA GLY B 404 -35.16 8.31 18.60
C GLY B 404 -34.27 7.13 18.30
N ASN B 405 -34.52 6.40 17.22
CA ASN B 405 -33.66 5.32 16.78
C ASN B 405 -33.05 5.63 15.43
N GLU B 406 -33.33 6.81 14.89
CA GLU B 406 -32.88 7.19 13.56
C GLU B 406 -31.90 8.34 13.56
N VAL B 407 -31.64 8.96 14.72
CA VAL B 407 -30.67 10.04 14.79
C VAL B 407 -29.37 9.66 14.11
N SER B 408 -28.97 8.38 14.24
CA SER B 408 -27.71 7.93 13.65
C SER B 408 -27.75 8.03 12.14
N GLN B 409 -28.94 7.88 11.55
CA GLN B 409 -29.08 7.93 10.10
C GLN B 409 -28.58 9.25 9.51
N ILE B 410 -28.51 10.31 10.30
CA ILE B 410 -28.04 11.59 9.78
C ILE B 410 -26.52 11.56 9.95
N ALA B 411 -25.86 10.95 8.97
CA ALA B 411 -24.43 10.74 8.96
C ALA B 411 -24.02 10.38 7.54
N PRO B 412 -22.74 10.49 7.22
CA PRO B 412 -22.31 10.11 5.86
C PRO B 412 -22.51 8.64 5.52
N GLY B 413 -23.43 8.34 4.60
CA GLY B 413 -23.58 7.00 4.06
C GLY B 413 -24.04 5.87 4.96
N GLN B 414 -24.99 6.13 5.85
CA GLN B 414 -25.60 5.09 6.68
C GLN B 414 -26.99 4.71 6.19
N THR B 415 -27.25 3.41 6.18
CA THR B 415 -28.49 2.83 5.67
C THR B 415 -29.49 2.64 6.80
N GLY B 416 -30.77 2.68 6.45
CA GLY B 416 -31.83 2.62 7.45
C GLY B 416 -33.22 2.81 6.88
N ASN B 417 -34.03 3.64 7.51
CA ASN B 417 -35.38 3.91 7.05
C ASN B 417 -35.65 5.41 6.94
N ILE B 418 -34.67 6.25 7.23
CA ILE B 418 -34.79 7.69 7.08
C ILE B 418 -34.08 8.17 5.85
N ALA B 419 -33.32 7.29 5.19
CA ALA B 419 -32.54 7.65 4.01
C ALA B 419 -32.79 6.71 2.85
N ASP B 420 -33.95 6.07 2.82
CA ASP B 420 -34.34 5.25 1.69
C ASP B 420 -35.41 5.99 0.90
N TYR B 421 -36.43 6.48 1.61
CA TYR B 421 -37.49 7.25 1.00
C TYR B 421 -37.74 8.57 1.72
N ASN B 422 -37.33 8.71 2.97
CA ASN B 422 -37.49 9.95 3.73
C ASN B 422 -36.54 11.09 3.39
N TYR B 423 -35.25 10.93 3.71
CA TYR B 423 -34.27 11.99 3.48
C TYR B 423 -32.85 11.46 3.47
N LYS B 424 -32.06 11.88 2.48
CA LYS B 424 -30.69 11.40 2.39
C LYS B 424 -29.75 12.55 2.10
N LEU B 425 -28.63 12.56 2.79
CA LEU B 425 -27.50 13.47 2.69
C LEU B 425 -26.36 12.80 1.93
N PRO B 426 -25.43 13.56 1.35
CA PRO B 426 -24.40 12.94 0.52
C PRO B 426 -23.39 12.18 1.36
N ASP B 427 -22.55 11.40 0.67
CA ASP B 427 -21.49 10.66 1.34
C ASP B 427 -20.25 11.50 1.64
N ASP B 428 -20.04 12.61 0.93
CA ASP B 428 -18.93 13.51 1.22
C ASP B 428 -19.38 14.74 1.99
N PHE B 429 -20.38 14.60 2.86
CA PHE B 429 -20.93 15.76 3.53
C PHE B 429 -19.89 16.41 4.44
N THR B 430 -19.99 17.71 4.59
CA THR B 430 -19.18 18.43 5.57
C THR B 430 -20.03 19.50 6.22
N GLY B 431 -19.95 19.57 7.54
CA GLY B 431 -20.73 20.53 8.31
C GLY B 431 -21.18 19.86 9.58
N CYS B 432 -22.34 20.27 10.09
CA CYS B 432 -22.87 19.70 11.32
C CYS B 432 -24.39 19.63 11.30
N VAL B 433 -24.89 18.76 12.16
CA VAL B 433 -26.31 18.50 12.39
C VAL B 433 -26.57 18.60 13.88
N ILE B 434 -27.77 19.04 14.24
CA ILE B 434 -28.09 19.29 15.64
C ILE B 434 -29.48 18.74 15.89
N ALA B 435 -29.62 18.04 17.01
CA ALA B 435 -30.85 17.42 17.44
C ALA B 435 -30.97 17.49 18.95
N TRP B 436 -32.21 17.58 19.42
CA TRP B 436 -32.46 17.64 20.85
C TRP B 436 -33.80 16.96 21.05
N ASN B 437 -33.83 15.97 21.94
CA ASN B 437 -35.04 15.20 22.12
C ASN B 437 -36.13 16.11 22.65
N SER B 438 -37.21 16.21 21.88
CA SER B 438 -38.36 17.00 22.26
C SER B 438 -39.55 16.06 22.26
N ASN B 439 -39.90 15.58 23.45
CA ASN B 439 -41.02 14.68 23.61
C ASN B 439 -42.04 15.38 24.50
N LYS B 440 -41.74 16.62 24.86
CA LYS B 440 -42.54 17.46 25.75
C LYS B 440 -43.34 18.53 25.02
N LEU B 441 -43.19 18.67 23.71
CA LEU B 441 -43.92 19.68 22.98
C LEU B 441 -44.55 19.18 21.69
N ASP B 442 -44.23 17.96 21.27
CA ASP B 442 -44.74 17.42 20.02
C ASP B 442 -45.39 16.06 20.24
N SER B 443 -45.42 15.57 21.47
CA SER B 443 -45.96 14.27 21.82
C SER B 443 -47.09 14.45 22.82
N LYS B 444 -48.29 14.05 22.42
CA LYS B 444 -49.46 14.08 23.30
C LYS B 444 -49.73 12.68 23.82
N VAL B 445 -50.70 12.59 24.72
CA VAL B 445 -51.07 11.30 25.30
C VAL B 445 -52.08 10.62 24.38
N GLY B 446 -51.69 9.47 23.85
CA GLY B 446 -52.50 8.70 22.94
C GLY B 446 -51.91 8.58 21.54
N GLY B 447 -50.80 9.26 21.25
CA GLY B 447 -50.18 9.23 19.95
C GLY B 447 -50.41 10.50 19.15
N ASN B 448 -49.34 11.19 18.80
CA ASN B 448 -49.44 12.41 18.01
C ASN B 448 -49.42 12.04 16.54
N TYR B 449 -50.61 11.98 15.93
CA TYR B 449 -50.73 11.58 14.53
C TYR B 449 -50.67 12.82 13.63
N ASN B 450 -49.47 13.37 13.55
CA ASN B 450 -49.20 14.55 12.75
C ASN B 450 -47.94 14.44 11.91
N TYR B 451 -47.11 13.43 12.17
CA TYR B 451 -45.84 13.20 11.48
C TYR B 451 -45.82 11.77 10.98
N ARG B 452 -45.57 11.61 9.68
CA ARG B 452 -45.58 10.32 9.02
C ARG B 452 -44.29 10.15 8.26
N TYR B 453 -44.08 8.95 7.73
CA TYR B 453 -42.85 8.65 7.02
C TYR B 453 -43.13 7.60 5.96
N ARG B 454 -42.42 7.74 4.84
CA ARG B 454 -42.57 6.87 3.69
C ARG B 454 -42.01 5.48 3.92
N LEU B 455 -42.88 4.47 3.89
CA LEU B 455 -42.43 3.09 4.04
C LEU B 455 -42.09 2.44 2.71
N PHE B 456 -42.84 2.75 1.66
CA PHE B 456 -42.63 2.16 0.34
C PHE B 456 -42.11 3.17 -0.67
N ARG B 457 -40.97 2.85 -1.26
CA ARG B 457 -40.41 3.60 -2.37
C ARG B 457 -39.87 2.61 -3.39
N LYS B 458 -40.00 2.96 -4.66
CA LYS B 458 -39.51 2.08 -5.72
C LYS B 458 -38.00 1.98 -5.66
N SER B 459 -37.33 3.13 -5.68
CA SER B 459 -35.89 3.24 -5.68
C SER B 459 -35.52 4.36 -4.72
N ASN B 460 -34.36 4.23 -4.07
CA ASN B 460 -33.95 5.24 -3.12
C ASN B 460 -33.71 6.57 -3.84
N LEU B 461 -33.42 7.59 -3.05
CA LEU B 461 -33.44 8.97 -3.54
C LEU B 461 -32.06 9.60 -3.41
N LYS B 462 -31.75 10.49 -4.34
CA LYS B 462 -30.49 11.20 -4.30
C LYS B 462 -30.44 12.14 -3.10
N PRO B 463 -29.24 12.57 -2.71
CA PRO B 463 -29.12 13.43 -1.53
C PRO B 463 -29.89 14.73 -1.63
N PHE B 464 -30.51 15.11 -0.51
CA PHE B 464 -31.09 16.44 -0.33
C PHE B 464 -32.26 16.71 -1.27
N GLU B 465 -33.10 15.70 -1.50
CA GLU B 465 -34.36 15.87 -2.18
C GLU B 465 -35.48 15.33 -1.30
N ARG B 466 -36.63 15.98 -1.35
CA ARG B 466 -37.80 15.54 -0.59
C ARG B 466 -38.97 15.26 -1.52
N ASP B 467 -39.70 14.19 -1.22
CA ASP B 467 -40.82 13.72 -2.01
C ASP B 467 -42.08 13.80 -1.16
N ILE B 468 -43.13 14.42 -1.71
CA ILE B 468 -44.40 14.60 -1.02
C ILE B 468 -45.55 13.95 -1.78
N SER B 469 -45.25 13.22 -2.85
CA SER B 469 -46.30 12.56 -3.62
C SER B 469 -46.91 11.36 -2.89
N THR B 470 -48.23 11.35 -2.75
CA THR B 470 -48.97 10.25 -2.14
C THR B 470 -49.40 9.26 -3.22
N GLU B 471 -48.98 8.00 -3.12
CA GLU B 471 -49.34 7.01 -4.12
C GLU B 471 -49.43 5.63 -3.50
N ILE B 472 -50.37 4.82 -3.97
CA ILE B 472 -50.63 3.49 -3.43
C ILE B 472 -49.73 2.46 -4.10
N TYR B 473 -49.01 1.70 -3.26
CA TYR B 473 -48.12 0.63 -3.72
C TYR B 473 -48.84 -0.37 -4.64
N GLN B 474 -48.04 -0.98 -5.52
CA GLN B 474 -48.48 -1.98 -6.48
C GLN B 474 -48.43 -3.37 -5.84
N ALA B 475 -48.97 -4.37 -6.55
CA ALA B 475 -48.97 -5.74 -6.03
C ALA B 475 -48.76 -6.77 -7.14
N GLY B 476 -47.65 -6.64 -7.88
CA GLY B 476 -47.36 -7.59 -8.94
C GLY B 476 -48.39 -7.62 -10.03
N ASN B 477 -49.19 -6.56 -10.13
CA ASN B 477 -50.29 -6.35 -11.07
C ASN B 477 -50.60 -4.87 -11.03
N LYS B 478 -51.33 -4.40 -12.04
CA LYS B 478 -51.77 -3.00 -12.11
C LYS B 478 -52.14 -2.55 -10.69
N PRO B 479 -51.40 -1.58 -10.15
CA PRO B 479 -51.56 -1.22 -8.74
C PRO B 479 -53.01 -0.94 -8.33
N CYS B 480 -53.37 -1.51 -7.18
CA CYS B 480 -54.69 -1.31 -6.58
C CYS B 480 -55.07 0.16 -6.58
N ASN B 481 -56.25 0.47 -7.12
CA ASN B 481 -56.68 1.85 -7.28
C ASN B 481 -57.58 2.27 -6.10
N GLY B 482 -56.93 2.41 -4.95
CA GLY B 482 -57.63 2.86 -3.75
C GLY B 482 -57.70 1.85 -2.62
N VAL B 483 -57.22 0.62 -2.77
CA VAL B 483 -57.42 -0.38 -1.72
C VAL B 483 -56.09 -0.96 -1.29
N ALA B 484 -56.14 -2.00 -0.44
CA ALA B 484 -54.93 -2.62 0.09
C ALA B 484 -55.19 -4.11 0.28
N GLY B 485 -54.40 -4.94 -0.40
CA GLY B 485 -54.48 -6.38 -0.27
C GLY B 485 -53.27 -6.87 0.47
N VAL B 486 -52.81 -8.10 0.14
CA VAL B 486 -51.56 -8.60 0.69
C VAL B 486 -50.48 -7.52 0.62
N ASN B 487 -50.34 -6.91 -0.56
CA ASN B 487 -49.45 -5.78 -0.77
C ASN B 487 -50.30 -4.52 -0.88
N CYS B 488 -49.95 -3.62 -1.81
CA CYS B 488 -50.67 -2.37 -2.04
C CYS B 488 -50.95 -1.61 -0.75
N TYR B 489 -49.90 -1.34 0.03
CA TYR B 489 -50.09 -0.64 1.28
C TYR B 489 -50.01 0.87 1.05
N PHE B 490 -50.47 1.63 2.06
CA PHE B 490 -50.40 3.08 1.95
C PHE B 490 -48.97 3.54 2.18
N PRO B 491 -48.48 4.51 1.40
CA PRO B 491 -47.06 4.89 1.51
C PRO B 491 -46.69 5.47 2.86
N LEU B 492 -47.60 6.25 3.44
CA LEU B 492 -47.32 6.99 4.66
C LEU B 492 -47.96 6.31 5.86
N GLN B 493 -47.18 6.21 6.94
CA GLN B 493 -47.63 5.64 8.19
C GLN B 493 -47.38 6.67 9.28
N SER B 494 -48.39 6.89 10.12
CA SER B 494 -48.26 7.92 11.14
C SER B 494 -47.25 7.50 12.19
N TYR B 495 -46.61 8.49 12.80
CA TYR B 495 -45.64 8.19 13.85
C TYR B 495 -46.34 7.87 15.16
N GLY B 496 -47.32 8.67 15.55
CA GLY B 496 -48.01 8.43 16.80
C GLY B 496 -47.09 8.57 18.00
N PHE B 497 -46.61 9.78 18.26
CA PHE B 497 -45.69 9.98 19.38
C PHE B 497 -46.46 9.92 20.69
N ARG B 498 -45.93 9.17 21.65
CA ARG B 498 -46.51 9.04 22.98
C ARG B 498 -45.47 9.30 24.04
N PRO B 499 -45.89 9.80 25.22
CA PRO B 499 -44.93 10.19 26.26
C PRO B 499 -44.41 9.03 27.09
N THR B 500 -44.63 7.78 26.65
CA THR B 500 -44.20 6.60 27.39
C THR B 500 -43.25 5.70 26.62
N TYR B 501 -42.87 6.05 25.39
CA TYR B 501 -42.07 5.14 24.58
C TYR B 501 -40.68 4.96 25.19
N GLY B 502 -39.98 3.94 24.68
CA GLY B 502 -38.57 3.84 24.95
C GLY B 502 -37.81 4.96 24.26
N VAL B 503 -36.69 5.37 24.88
CA VAL B 503 -35.96 6.54 24.40
C VAL B 503 -35.72 6.43 22.90
N GLY B 504 -35.46 5.22 22.41
CA GLY B 504 -35.21 5.00 21.00
C GLY B 504 -36.44 5.17 20.13
N HIS B 505 -37.61 5.39 20.74
CA HIS B 505 -38.83 5.62 19.99
C HIS B 505 -39.45 6.99 20.22
N GLN B 506 -38.96 7.78 21.18
CA GLN B 506 -39.41 9.16 21.35
C GLN B 506 -38.91 10.06 20.22
N PRO B 507 -39.64 11.12 19.91
CA PRO B 507 -39.24 12.00 18.80
C PRO B 507 -37.99 12.82 19.10
N TYR B 508 -37.43 13.35 18.02
CA TYR B 508 -36.22 14.18 18.05
C TYR B 508 -36.32 15.29 17.01
N ARG B 509 -36.37 16.53 17.48
CA ARG B 509 -36.26 17.67 16.58
C ARG B 509 -34.83 17.71 16.04
N VAL B 510 -34.66 18.03 14.75
CA VAL B 510 -33.34 17.99 14.15
C VAL B 510 -33.13 19.14 13.15
N VAL B 511 -31.89 19.60 13.07
CA VAL B 511 -31.49 20.66 12.15
C VAL B 511 -30.06 20.38 11.69
N VAL B 512 -29.82 20.56 10.39
CA VAL B 512 -28.53 20.21 9.79
C VAL B 512 -27.96 21.43 9.08
N LEU B 513 -26.68 21.68 9.29
CA LEU B 513 -25.96 22.76 8.64
C LEU B 513 -25.00 22.17 7.62
N SER B 514 -24.97 22.74 6.41
CA SER B 514 -24.12 22.23 5.34
C SER B 514 -23.55 23.37 4.52
N PHE B 515 -22.23 23.37 4.32
CA PHE B 515 -21.54 24.46 3.65
C PHE B 515 -20.27 23.96 2.99
N GLU B 516 -19.92 24.59 1.87
CA GLU B 516 -18.71 24.31 1.11
C GLU B 516 -17.54 25.11 1.65
N LEU B 517 -16.32 24.60 1.41
CA LEU B 517 -15.12 25.29 1.88
C LEU B 517 -14.09 25.53 0.78
N LEU B 518 -14.49 25.56 -0.48
CA LEU B 518 -13.55 25.88 -1.57
C LEU B 518 -13.03 27.34 -1.53
N HIS B 519 -13.25 28.11 -0.46
CA HIS B 519 -12.83 29.51 -0.37
C HIS B 519 -13.52 30.38 -1.41
N ALA B 520 -14.73 30.01 -1.80
CA ALA B 520 -15.51 30.85 -2.70
C ALA B 520 -15.78 32.20 -2.03
N PRO B 521 -16.14 33.24 -2.82
CA PRO B 521 -16.50 34.54 -2.24
C PRO B 521 -17.25 34.45 -0.91
N ALA B 522 -16.58 34.89 0.16
CA ALA B 522 -17.14 34.77 1.50
C ALA B 522 -18.51 35.45 1.60
N THR B 523 -19.50 34.69 2.06
CA THR B 523 -20.84 35.20 2.26
C THR B 523 -21.23 35.29 3.72
N VAL B 524 -20.51 34.60 4.61
CA VAL B 524 -20.82 34.54 6.03
C VAL B 524 -19.50 34.31 6.76
N CYS B 525 -19.13 35.25 7.63
CA CYS B 525 -17.88 35.16 8.36
C CYS B 525 -18.13 35.35 9.84
N GLY B 526 -17.08 35.11 10.61
CA GLY B 526 -17.12 35.36 12.03
C GLY B 526 -16.84 36.82 12.32
N PRO B 527 -16.83 37.15 13.60
CA PRO B 527 -16.94 38.55 14.00
C PRO B 527 -15.70 39.32 13.55
N LYS B 528 -14.54 38.74 13.82
CA LYS B 528 -13.20 39.28 13.60
C LYS B 528 -13.09 40.42 12.59
N LYS B 529 -12.46 41.50 13.01
CA LYS B 529 -12.33 42.73 12.25
C LYS B 529 -11.10 42.72 11.35
N SER B 530 -11.09 43.66 10.40
CA SER B 530 -10.03 43.79 9.43
C SER B 530 -8.85 44.55 10.04
N THR B 531 -7.71 44.51 9.36
CA THR B 531 -6.51 45.18 9.84
C THR B 531 -5.82 45.92 8.71
N ASN B 532 -5.18 47.03 9.08
CA ASN B 532 -4.43 47.86 8.15
C ASN B 532 -3.37 47.08 7.41
N LEU B 533 -3.17 47.44 6.15
CA LEU B 533 -2.25 46.73 5.28
C LEU B 533 -0.81 47.15 5.53
N VAL B 534 0.09 46.16 5.45
CA VAL B 534 1.53 46.36 5.58
C VAL B 534 2.21 45.86 4.30
N LYS B 535 3.18 46.62 3.82
CA LYS B 535 3.86 46.25 2.58
C LYS B 535 5.36 46.14 2.82
N ASN B 536 5.98 45.34 1.95
CA ASN B 536 7.42 45.11 1.90
C ASN B 536 8.01 44.35 3.08
N LYS B 537 7.20 43.61 3.82
CA LYS B 537 7.74 42.81 4.91
C LYS B 537 7.11 41.43 4.84
N CYS B 538 7.91 40.38 5.01
CA CYS B 538 7.31 39.05 5.04
C CYS B 538 6.44 38.90 6.26
N VAL B 539 5.14 38.78 6.05
CA VAL B 539 4.14 38.85 7.11
C VAL B 539 3.14 37.74 6.87
N ASN B 540 2.57 37.23 7.95
CA ASN B 540 1.49 36.27 7.81
C ASN B 540 0.20 37.00 7.50
N PHE B 541 -0.43 36.62 6.40
CA PHE B 541 -1.61 37.30 5.89
C PHE B 541 -2.79 36.34 5.87
N ASN B 542 -3.98 36.92 5.97
CA ASN B 542 -5.23 36.16 5.85
C ASN B 542 -6.17 37.00 4.99
N PHE B 543 -6.11 36.79 3.69
CA PHE B 543 -6.91 37.57 2.76
C PHE B 543 -8.19 36.81 2.51
N ASN B 544 -9.27 37.24 3.17
CA ASN B 544 -10.60 36.72 2.95
C ASN B 544 -10.64 35.20 3.12
N GLY B 545 -9.78 34.67 3.99
CA GLY B 545 -9.71 33.27 4.29
C GLY B 545 -8.44 32.58 3.81
N LEU B 546 -7.81 33.09 2.76
CA LEU B 546 -6.57 32.49 2.28
C LEU B 546 -5.44 32.96 3.18
N THR B 547 -4.84 32.04 3.92
CA THR B 547 -3.79 32.39 4.86
C THR B 547 -2.43 31.95 4.35
N GLY B 548 -1.44 32.81 4.52
CA GLY B 548 -0.10 32.49 4.09
C GLY B 548 0.88 33.52 4.60
N THR B 549 2.12 33.37 4.16
CA THR B 549 3.21 34.25 4.56
C THR B 549 4.01 34.66 3.33
N GLY B 550 4.57 35.86 3.38
CA GLY B 550 5.38 36.35 2.30
C GLY B 550 5.44 37.86 2.33
N VAL B 551 6.19 38.41 1.38
CA VAL B 551 6.33 39.85 1.25
C VAL B 551 5.34 40.34 0.22
N LEU B 552 4.66 41.43 0.55
CA LEU B 552 3.65 41.99 -0.32
C LEU B 552 4.26 43.15 -1.09
N THR B 553 4.01 43.17 -2.40
CA THR B 553 4.59 44.16 -3.29
C THR B 553 3.50 44.70 -4.21
N GLU B 554 3.65 45.96 -4.62
CA GLU B 554 2.71 46.53 -5.58
C GLU B 554 2.75 45.74 -6.88
N SER B 555 1.57 45.33 -7.34
CA SER B 555 1.46 44.48 -8.50
C SER B 555 1.62 45.28 -9.79
N ASN B 556 1.97 44.57 -10.86
CA ASN B 556 2.07 45.17 -12.18
C ASN B 556 1.23 44.40 -13.20
N LYS B 557 0.39 43.48 -12.76
CA LYS B 557 -0.45 42.68 -13.63
C LYS B 557 -1.89 43.16 -13.65
N LYS B 558 -2.52 43.09 -14.82
CA LYS B 558 -3.85 43.62 -15.06
C LYS B 558 -4.88 42.54 -14.71
N PHE B 559 -5.44 42.63 -13.51
CA PHE B 559 -6.54 41.76 -13.13
C PHE B 559 -7.82 42.13 -13.87
N LEU B 560 -8.49 41.12 -14.38
CA LEU B 560 -9.78 41.34 -14.99
C LEU B 560 -10.81 41.55 -13.87
N PRO B 561 -11.85 42.33 -14.12
CA PRO B 561 -12.75 42.72 -13.02
C PRO B 561 -13.43 41.58 -12.30
N PHE B 562 -13.50 40.38 -12.89
CA PHE B 562 -14.16 39.27 -12.23
C PHE B 562 -13.20 38.34 -11.52
N GLN B 563 -11.90 38.64 -11.54
CA GLN B 563 -10.92 37.76 -10.97
C GLN B 563 -10.55 38.16 -9.55
N GLN B 564 -10.24 37.15 -8.74
CA GLN B 564 -9.88 37.33 -7.35
C GLN B 564 -8.52 36.76 -6.99
N PHE B 565 -7.96 35.88 -7.81
CA PHE B 565 -6.70 35.25 -7.47
C PHE B 565 -5.81 35.21 -8.70
N GLY B 566 -4.52 35.05 -8.45
CA GLY B 566 -3.57 34.88 -9.53
C GLY B 566 -2.64 33.73 -9.22
N ARG B 567 -2.25 32.99 -10.25
CA ARG B 567 -1.46 31.79 -10.06
C ARG B 567 -0.34 31.71 -11.07
N ASP B 568 0.79 31.25 -10.60
CA ASP B 568 1.90 30.87 -11.46
C ASP B 568 1.74 29.37 -11.72
N ILE B 569 2.77 28.76 -12.31
CA ILE B 569 2.72 27.32 -12.53
C ILE B 569 2.65 26.62 -11.18
N ALA B 570 1.96 25.48 -11.15
CA ALA B 570 1.87 24.62 -9.97
C ALA B 570 1.06 25.26 -8.84
N ASP B 571 -0.01 25.95 -9.20
CA ASP B 571 -0.98 26.49 -8.24
C ASP B 571 -0.36 27.39 -7.19
N THR B 572 0.81 27.96 -7.44
CA THR B 572 1.39 28.90 -6.48
C THR B 572 0.72 30.25 -6.61
N THR B 573 0.05 30.70 -5.56
CA THR B 573 -0.65 31.97 -5.58
C THR B 573 0.33 33.12 -5.74
N ASP B 574 0.32 33.74 -6.91
CA ASP B 574 1.27 34.80 -7.21
C ASP B 574 0.76 36.20 -6.91
N ALA B 575 -0.55 36.43 -6.90
CA ALA B 575 -1.06 37.77 -6.64
C ALA B 575 -2.44 37.67 -6.03
N VAL B 576 -2.88 38.78 -5.42
CA VAL B 576 -4.18 38.83 -4.76
C VAL B 576 -4.65 40.27 -4.74
N ARG B 577 -5.96 40.46 -4.83
CA ARG B 577 -6.62 41.75 -4.75
C ARG B 577 -7.25 41.91 -3.38
N ASP B 578 -7.14 43.10 -2.82
CA ASP B 578 -7.64 43.30 -1.46
C ASP B 578 -9.15 43.15 -1.40
N PRO B 579 -9.69 42.38 -0.47
CA PRO B 579 -11.14 42.26 -0.35
C PRO B 579 -11.79 43.49 0.24
N GLN B 580 -10.99 44.46 0.68
CA GLN B 580 -11.47 45.71 1.26
C GLN B 580 -11.27 46.90 0.33
N THR B 581 -10.06 47.13 -0.15
CA THR B 581 -9.76 48.27 -1.00
C THR B 581 -9.59 47.90 -2.47
N LEU B 582 -9.66 46.61 -2.80
CA LEU B 582 -9.65 46.14 -4.18
C LEU B 582 -8.34 46.43 -4.91
N GLU B 583 -7.28 46.76 -4.19
CA GLU B 583 -5.97 46.90 -4.81
C GLU B 583 -5.30 45.54 -5.03
N ILE B 584 -4.62 45.41 -6.16
CA ILE B 584 -3.92 44.17 -6.52
C ILE B 584 -2.57 44.14 -5.82
N LEU B 585 -2.20 42.98 -5.27
CA LEU B 585 -0.95 42.82 -4.54
C LEU B 585 -0.16 41.63 -5.06
N ASP B 586 1.16 41.79 -5.15
CA ASP B 586 2.04 40.68 -5.52
C ASP B 586 2.59 40.03 -4.25
N ILE B 587 2.68 38.70 -4.25
CA ILE B 587 3.18 37.92 -3.12
C ILE B 587 4.47 37.19 -3.47
N THR B 588 5.50 37.40 -2.65
CA THR B 588 6.76 36.67 -2.75
C THR B 588 7.17 36.14 -1.39
N PRO B 589 7.51 34.85 -1.27
CA PRO B 589 7.95 34.30 0.02
C PRO B 589 9.28 34.89 0.43
N CYS B 590 9.41 35.29 1.70
CA CYS B 590 10.66 35.89 2.12
C CYS B 590 11.84 34.93 1.99
N SER B 591 13.01 35.54 1.86
CA SER B 591 14.26 34.87 1.54
C SER B 591 14.60 33.74 2.50
N PHE B 592 15.14 32.66 1.94
CA PHE B 592 15.56 31.50 2.71
C PHE B 592 16.65 30.81 1.92
N GLY B 593 17.35 29.91 2.57
CA GLY B 593 18.41 29.20 1.88
C GLY B 593 19.19 28.31 2.82
N GLY B 594 20.09 27.54 2.23
CA GLY B 594 20.92 26.62 2.98
C GLY B 594 22.19 27.27 3.46
N VAL B 595 22.75 26.73 4.54
CA VAL B 595 23.95 27.26 5.15
C VAL B 595 24.99 26.17 5.26
N SER B 596 26.23 26.50 4.90
CA SER B 596 27.34 25.57 4.96
C SER B 596 28.48 26.15 5.77
N VAL B 597 29.27 25.28 6.39
CA VAL B 597 30.37 25.67 7.25
C VAL B 597 31.68 25.28 6.59
N ILE B 598 32.62 26.22 6.52
CA ILE B 598 33.95 25.96 6.00
C ILE B 598 34.91 25.78 7.16
N THR B 599 35.62 24.65 7.20
CA THR B 599 36.55 24.43 8.30
C THR B 599 37.85 23.88 7.75
N PRO B 600 39.00 24.39 8.18
CA PRO B 600 40.28 23.83 7.76
C PRO B 600 40.73 22.62 8.56
N GLY B 601 39.87 22.06 9.38
CA GLY B 601 40.19 20.89 10.18
C GLY B 601 40.28 21.23 11.65
N THR B 602 39.67 20.42 12.50
CA THR B 602 39.72 20.67 13.93
C THR B 602 41.15 20.61 14.44
N ASN B 603 41.96 19.74 13.86
CA ASN B 603 43.30 19.53 14.37
C ASN B 603 44.26 20.60 13.88
N THR B 604 43.87 21.37 12.87
CA THR B 604 44.68 22.52 12.51
C THR B 604 44.31 23.76 13.31
N SER B 605 43.02 24.10 13.39
CA SER B 605 42.58 25.28 14.12
C SER B 605 41.06 25.26 14.20
N ASN B 606 40.54 26.02 15.15
CA ASN B 606 39.10 26.11 15.34
C ASN B 606 38.41 27.16 14.50
N GLN B 607 39.13 28.01 13.78
CA GLN B 607 38.45 29.02 12.97
C GLN B 607 37.55 28.38 11.91
N VAL B 608 36.50 29.11 11.54
CA VAL B 608 35.50 28.62 10.59
C VAL B 608 34.88 29.81 9.86
N ALA B 609 34.52 29.60 8.60
CA ALA B 609 33.81 30.60 7.82
C ALA B 609 32.48 30.01 7.36
N VAL B 610 31.48 30.87 7.24
CA VAL B 610 30.10 30.46 7.00
C VAL B 610 29.65 30.96 5.63
N LEU B 611 29.01 30.08 4.87
CA LEU B 611 28.49 30.40 3.55
C LEU B 611 26.97 30.25 3.51
N TYR B 612 26.26 31.37 3.39
CA TYR B 612 24.82 31.36 3.17
C TYR B 612 24.59 31.28 1.67
N GLN B 613 24.02 30.18 1.21
CA GLN B 613 24.07 29.92 -0.22
C GLN B 613 23.16 30.79 -1.09
N GLY B 614 21.85 30.65 -0.96
CA GLY B 614 21.01 31.41 -1.88
C GLY B 614 20.52 32.73 -1.36
N VAL B 615 21.41 33.63 -0.95
CA VAL B 615 20.99 34.92 -0.39
C VAL B 615 22.17 35.87 -0.56
N ASN B 616 21.88 37.16 -0.56
CA ASN B 616 22.93 38.16 -0.41
C ASN B 616 22.76 38.77 0.97
N CYS B 617 23.89 39.00 1.65
CA CYS B 617 23.90 39.45 3.04
C CYS B 617 23.11 40.73 3.27
N THR B 618 22.73 41.44 2.22
CA THR B 618 21.95 42.65 2.46
C THR B 618 20.62 42.32 3.09
N GLU B 619 20.23 41.06 3.08
CA GLU B 619 18.98 40.57 3.64
C GLU B 619 19.26 39.34 4.48
N VAL B 620 20.42 39.35 5.13
CA VAL B 620 20.86 38.26 6.00
C VAL B 620 19.90 38.18 7.20
N ASN B 641 34.44 39.57 8.46
CA ASN B 641 34.42 40.22 7.17
C ASN B 641 33.32 39.66 6.30
N VAL B 642 32.96 40.38 5.24
CA VAL B 642 31.88 39.98 4.35
C VAL B 642 32.37 39.99 2.91
N PHE B 643 31.95 39.00 2.14
CA PHE B 643 32.32 38.91 0.74
C PHE B 643 31.16 38.31 -0.02
N GLN B 644 30.96 38.79 -1.24
CA GLN B 644 29.88 38.34 -2.10
C GLN B 644 30.43 37.46 -3.22
N THR B 645 29.72 36.37 -3.50
CA THR B 645 30.10 35.49 -4.60
C THR B 645 28.86 35.09 -5.37
N ARG B 646 29.10 34.57 -6.57
CA ARG B 646 27.99 34.09 -7.40
C ARG B 646 27.29 32.90 -6.77
N ALA B 647 27.95 32.21 -5.84
CA ALA B 647 27.32 31.08 -5.16
C ALA B 647 26.56 31.53 -3.92
N GLY B 648 26.75 32.76 -3.52
CA GLY B 648 26.10 33.37 -2.39
C GLY B 648 27.06 34.29 -1.70
N CYS B 649 26.64 34.79 -0.55
CA CYS B 649 27.45 35.72 0.22
C CYS B 649 28.23 34.96 1.29
N LEU B 650 29.53 35.19 1.33
CA LEU B 650 30.46 34.51 2.21
C LEU B 650 30.90 35.42 3.35
N ILE B 651 30.79 34.92 4.58
CA ILE B 651 31.12 35.66 5.79
C ILE B 651 32.21 34.93 6.55
N GLY B 652 33.19 35.69 7.03
CA GLY B 652 34.28 35.13 7.79
C GLY B 652 35.57 34.91 7.02
N ALA B 653 35.62 35.28 5.75
CA ALA B 653 36.82 35.09 4.94
C ALA B 653 37.10 36.32 4.10
N GLU B 654 38.38 36.66 3.97
CA GLU B 654 38.80 37.84 3.23
C GLU B 654 39.29 37.47 1.84
N TYR B 655 38.89 38.27 0.85
CA TYR B 655 39.22 38.01 -0.54
C TYR B 655 40.61 38.54 -0.89
N VAL B 656 41.45 37.68 -1.45
CA VAL B 656 42.79 38.06 -1.87
C VAL B 656 42.92 37.93 -3.38
N ASN B 657 43.75 38.81 -3.98
CA ASN B 657 43.91 38.83 -5.42
C ASN B 657 44.77 37.70 -5.96
N SER B 658 45.57 37.06 -5.13
CA SER B 658 46.43 36.00 -5.64
C SER B 658 45.61 34.75 -5.92
N SER B 659 46.01 34.02 -6.96
CA SER B 659 45.35 32.80 -7.37
C SER B 659 46.23 31.60 -7.03
N TYR B 660 45.62 30.55 -6.50
CA TYR B 660 46.35 29.36 -6.10
C TYR B 660 45.61 28.12 -6.59
N GLU B 661 46.29 26.99 -6.55
CA GLU B 661 45.61 25.72 -6.78
C GLU B 661 44.72 25.46 -5.58
N CYS B 662 43.41 25.45 -5.80
CA CYS B 662 42.50 25.48 -4.67
C CYS B 662 42.17 24.08 -4.20
N ASP B 663 41.91 23.97 -2.91
CA ASP B 663 41.66 22.69 -2.27
C ASP B 663 40.29 22.58 -1.63
N ILE B 664 39.69 23.67 -1.18
CA ILE B 664 38.34 23.60 -0.66
C ILE B 664 37.40 24.27 -1.65
N PRO B 665 36.63 23.50 -2.41
CA PRO B 665 35.79 24.08 -3.46
C PRO B 665 34.56 24.73 -2.86
N ILE B 666 34.38 26.02 -3.15
CA ILE B 666 33.20 26.76 -2.75
C ILE B 666 32.16 26.83 -3.86
N GLY B 667 32.57 27.20 -5.05
CA GLY B 667 31.68 27.27 -6.19
C GLY B 667 31.95 28.50 -7.02
N ALA B 668 31.59 28.41 -8.30
CA ALA B 668 31.75 29.51 -9.24
C ALA B 668 33.21 29.92 -9.33
N GLY B 669 34.10 28.95 -9.33
CA GLY B 669 35.52 29.22 -9.46
C GLY B 669 36.22 29.71 -8.22
N ILE B 670 35.53 29.83 -7.11
CA ILE B 670 36.15 30.33 -5.88
C ILE B 670 36.44 29.16 -4.96
N CYS B 671 37.54 29.25 -4.23
CA CYS B 671 37.92 28.25 -3.25
C CYS B 671 38.38 28.96 -1.99
N ALA B 672 38.79 28.20 -0.98
CA ALA B 672 39.27 28.80 0.25
C ALA B 672 40.30 27.90 0.90
N SER B 673 41.18 28.49 1.71
CA SER B 673 42.20 27.72 2.39
C SER B 673 42.76 28.54 3.54
N TYR B 674 43.50 27.86 4.41
CA TYR B 674 44.11 28.48 5.56
C TYR B 674 45.39 29.19 5.11
N GLN B 675 45.43 30.51 5.30
CA GLN B 675 46.55 31.31 4.80
C GLN B 675 47.86 30.94 5.47
N THR B 676 47.95 31.16 6.79
CA THR B 676 49.17 30.90 7.57
C THR B 676 50.34 31.72 7.04
N GLN B 690 46.87 31.50 9.51
CA GLN B 690 46.33 32.24 10.63
C GLN B 690 45.04 32.91 10.22
N SER B 691 44.59 32.64 9.00
CA SER B 691 43.35 33.24 8.51
C SER B 691 42.79 32.39 7.39
N ILE B 692 41.52 32.59 7.11
CA ILE B 692 40.86 31.92 5.99
C ILE B 692 40.74 32.88 4.82
N ILE B 693 41.33 32.52 3.69
CA ILE B 693 41.36 33.36 2.51
C ILE B 693 40.55 32.70 1.40
N ALA B 694 39.75 33.49 0.70
CA ALA B 694 39.04 33.05 -0.49
C ALA B 694 39.72 33.62 -1.72
N TYR B 695 39.82 32.83 -2.78
CA TYR B 695 40.56 33.26 -3.95
C TYR B 695 40.05 32.54 -5.17
N THR B 696 40.37 33.08 -6.33
CA THR B 696 39.99 32.45 -7.59
C THR B 696 40.98 31.36 -7.95
N MET B 697 40.48 30.28 -8.53
CA MET B 697 41.33 29.14 -8.85
C MET B 697 42.37 29.53 -9.89
N SER B 698 43.52 28.88 -9.83
CA SER B 698 44.53 29.02 -10.85
C SER B 698 44.62 27.73 -11.64
N LEU B 699 44.50 27.84 -12.96
CA LEU B 699 44.52 26.66 -13.81
C LEU B 699 45.94 26.27 -14.20
N GLY B 700 46.93 26.68 -13.43
CA GLY B 700 48.31 26.35 -13.72
C GLY B 700 49.07 27.51 -14.34
N ALA B 701 50.37 27.29 -14.50
CA ALA B 701 51.24 28.31 -15.07
C ALA B 701 51.05 28.37 -16.58
N GLU B 702 51.35 29.52 -17.16
CA GLU B 702 51.25 29.71 -18.59
C GLU B 702 52.59 29.45 -19.25
N ASN B 703 52.60 28.55 -20.22
CA ASN B 703 53.81 28.18 -20.94
C ASN B 703 53.54 28.45 -22.41
N SER B 704 54.12 29.53 -22.92
CA SER B 704 53.95 29.94 -24.31
C SER B 704 55.05 29.30 -25.15
N VAL B 705 54.81 28.08 -25.60
CA VAL B 705 55.79 27.37 -26.41
C VAL B 705 56.10 28.17 -27.65
N ALA B 706 57.39 28.31 -27.94
CA ALA B 706 57.89 29.11 -29.05
C ALA B 706 57.69 28.35 -30.35
N TYR B 707 56.59 28.63 -31.02
CA TYR B 707 56.34 28.03 -32.32
C TYR B 707 57.09 28.74 -33.43
N SER B 708 57.40 27.98 -34.46
CA SER B 708 58.05 28.50 -35.64
C SER B 708 57.91 27.48 -36.74
N ASN B 709 57.86 27.96 -37.98
CA ASN B 709 57.65 27.02 -39.06
C ASN B 709 58.87 26.17 -39.38
N ASN B 710 60.03 26.39 -38.74
CA ASN B 710 61.16 25.55 -39.09
C ASN B 710 62.00 25.11 -37.89
N SER B 711 61.49 25.22 -36.67
CA SER B 711 62.28 24.84 -35.50
C SER B 711 61.76 23.57 -34.86
N ILE B 712 62.67 22.77 -34.32
CA ILE B 712 62.33 21.51 -33.68
C ILE B 712 63.07 21.38 -32.35
N ALA B 713 62.37 20.89 -31.33
CA ALA B 713 62.97 20.59 -30.04
C ALA B 713 63.00 19.08 -29.81
N ILE B 714 64.19 18.53 -29.58
CA ILE B 714 64.35 17.09 -29.39
C ILE B 714 65.00 16.78 -28.03
N PRO B 715 64.53 15.77 -27.31
CA PRO B 715 65.11 15.46 -26.01
C PRO B 715 66.41 14.68 -26.15
N THR B 716 67.36 15.01 -25.28
CA THR B 716 68.63 14.29 -25.21
C THR B 716 68.74 13.35 -24.04
N ASN B 717 67.77 13.33 -23.12
CA ASN B 717 67.84 12.42 -21.99
C ASN B 717 66.42 11.99 -21.65
N PHE B 718 66.29 11.06 -20.71
CA PHE B 718 64.99 10.50 -20.38
C PHE B 718 64.91 10.24 -18.90
N THR B 719 63.72 9.82 -18.48
CA THR B 719 63.52 9.43 -17.10
C THR B 719 62.34 8.48 -17.05
N ILE B 720 62.53 7.33 -16.40
CA ILE B 720 61.49 6.32 -16.30
C ILE B 720 60.92 6.42 -14.89
N SER B 721 59.61 6.52 -14.81
CA SER B 721 58.94 6.73 -13.55
C SER B 721 57.98 5.60 -13.25
N VAL B 722 57.48 5.61 -12.02
CA VAL B 722 56.52 4.60 -11.57
C VAL B 722 55.31 5.32 -11.00
N THR B 723 54.14 4.97 -11.51
CA THR B 723 52.89 5.58 -11.09
C THR B 723 51.96 4.51 -10.53
N THR B 724 51.29 4.84 -9.43
CA THR B 724 50.40 3.91 -8.76
C THR B 724 48.96 4.23 -9.12
N GLU B 725 48.23 3.23 -9.59
CA GLU B 725 46.82 3.34 -9.92
C GLU B 725 46.02 2.37 -9.08
N ILE B 726 44.96 2.85 -8.45
CA ILE B 726 44.13 2.07 -7.54
C ILE B 726 42.76 1.83 -8.16
N LEU B 727 42.21 0.63 -7.97
CA LEU B 727 40.92 0.29 -8.52
C LEU B 727 40.17 -0.64 -7.58
N PRO B 728 38.94 -0.33 -7.20
CA PRO B 728 38.18 -1.25 -6.37
C PRO B 728 37.67 -2.40 -7.21
N VAL B 729 37.60 -3.59 -6.62
CA VAL B 729 37.20 -4.77 -7.37
C VAL B 729 35.92 -5.40 -6.85
N SER B 730 35.65 -5.31 -5.55
CA SER B 730 34.49 -6.01 -5.03
C SER B 730 34.08 -5.38 -3.71
N MET B 731 32.94 -5.83 -3.20
CA MET B 731 32.42 -5.34 -1.95
C MET B 731 32.05 -6.51 -1.07
N THR B 732 31.67 -6.21 0.16
CA THR B 732 31.35 -7.26 1.11
C THR B 732 30.08 -7.97 0.69
N LYS B 733 30.11 -9.30 0.67
CA LYS B 733 28.91 -10.04 0.35
C LYS B 733 28.02 -10.09 1.57
N THR B 734 26.75 -9.72 1.39
CA THR B 734 25.83 -9.64 2.50
C THR B 734 24.62 -10.53 2.29
N SER B 735 24.17 -11.16 3.36
CA SER B 735 22.93 -11.91 3.38
C SER B 735 22.07 -11.42 4.52
N VAL B 736 20.76 -11.44 4.32
CA VAL B 736 19.82 -10.89 5.29
C VAL B 736 18.78 -11.96 5.62
N ASP B 737 18.40 -12.02 6.89
CA ASP B 737 17.34 -12.91 7.34
C ASP B 737 16.05 -12.12 7.37
N CYS B 738 15.15 -12.48 6.46
CA CYS B 738 13.95 -11.71 6.22
C CYS B 738 13.06 -11.63 7.44
N THR B 739 12.50 -12.77 7.86
CA THR B 739 11.53 -12.78 8.93
C THR B 739 12.12 -12.24 10.22
N MET B 740 13.36 -12.63 10.51
CA MET B 740 13.99 -12.16 11.73
C MET B 740 14.13 -10.65 11.73
N TYR B 741 14.68 -10.08 10.67
CA TYR B 741 14.79 -8.63 10.63
C TYR B 741 13.44 -7.99 10.75
N ILE B 742 12.40 -8.58 10.17
CA ILE B 742 11.11 -7.92 10.21
C ILE B 742 10.56 -7.95 11.62
N CYS B 743 10.33 -9.14 12.16
CA CYS B 743 9.73 -9.26 13.47
C CYS B 743 10.31 -10.42 14.28
N GLY B 744 11.62 -10.55 14.27
CA GLY B 744 12.34 -11.33 15.27
C GLY B 744 11.67 -12.57 15.82
N ASP B 745 11.22 -13.46 14.94
CA ASP B 745 10.67 -14.75 15.34
C ASP B 745 9.48 -14.54 16.29
N SER B 746 8.43 -13.94 15.73
CA SER B 746 7.15 -13.78 16.40
C SER B 746 6.10 -14.46 15.52
N THR B 747 5.33 -15.36 16.11
CA THR B 747 4.39 -16.13 15.31
C THR B 747 3.30 -15.26 14.71
N GLU B 748 2.69 -14.37 15.49
CA GLU B 748 1.61 -13.56 14.93
C GLU B 748 2.11 -12.70 13.79
N CYS B 749 3.35 -12.24 13.88
CA CYS B 749 3.85 -11.42 12.78
C CYS B 749 4.19 -12.25 11.56
N SER B 750 4.68 -13.48 11.75
CA SER B 750 4.95 -14.28 10.57
C SER B 750 3.64 -14.64 9.87
N ASN B 751 2.63 -15.00 10.66
CA ASN B 751 1.31 -15.27 10.13
C ASN B 751 0.74 -14.06 9.41
N LEU B 752 1.10 -12.87 9.84
CA LEU B 752 0.58 -11.70 9.16
C LEU B 752 1.43 -11.29 7.96
N LEU B 753 2.72 -11.57 7.99
CA LEU B 753 3.58 -11.21 6.88
C LEU B 753 3.42 -12.16 5.71
N LEU B 754 3.07 -13.42 5.97
CA LEU B 754 2.84 -14.33 4.86
C LEU B 754 1.76 -13.81 3.94
N GLN B 755 0.96 -12.84 4.39
CA GLN B 755 -0.14 -12.28 3.62
C GLN B 755 0.28 -11.16 2.70
N TYR B 756 1.53 -10.74 2.74
CA TYR B 756 1.92 -9.58 1.98
C TYR B 756 2.38 -9.92 0.58
N GLY B 757 2.68 -11.20 0.32
CA GLY B 757 3.03 -11.64 -1.00
C GLY B 757 4.43 -12.22 -1.02
N SER B 758 5.12 -12.00 -2.14
CA SER B 758 6.40 -12.61 -2.42
C SER B 758 7.55 -11.62 -2.36
N PHE B 759 7.42 -10.60 -1.54
CA PHE B 759 8.50 -9.63 -1.39
C PHE B 759 9.78 -10.28 -0.87
N CYS B 760 9.63 -11.13 0.15
CA CYS B 760 10.79 -11.73 0.78
C CYS B 760 11.60 -12.65 -0.13
N THR B 761 10.94 -13.48 -0.92
CA THR B 761 11.69 -14.31 -1.85
C THR B 761 12.47 -13.45 -2.82
N GLN B 762 11.81 -12.43 -3.34
CA GLN B 762 12.44 -11.55 -4.32
C GLN B 762 13.68 -10.90 -3.74
N LEU B 763 13.58 -10.43 -2.49
CA LEU B 763 14.73 -9.78 -1.86
C LEU B 763 15.88 -10.75 -1.70
N LYS B 764 15.57 -11.96 -1.25
CA LYS B 764 16.61 -12.95 -1.06
C LYS B 764 17.29 -13.27 -2.39
N ARG B 765 16.51 -13.38 -3.45
CA ARG B 765 17.07 -13.66 -4.76
C ARG B 765 18.01 -12.55 -5.20
N ALA B 766 17.61 -11.30 -5.01
CA ALA B 766 18.46 -10.19 -5.45
C ALA B 766 19.78 -10.19 -4.71
N LEU B 767 19.74 -10.42 -3.40
CA LEU B 767 20.99 -10.38 -2.64
C LEU B 767 21.90 -11.53 -3.02
N THR B 768 21.34 -12.71 -3.24
CA THR B 768 22.16 -13.83 -3.69
C THR B 768 22.81 -13.55 -5.03
N GLY B 769 22.08 -12.88 -5.92
CA GLY B 769 22.67 -12.50 -7.19
C GLY B 769 23.85 -11.57 -7.01
N ILE B 770 23.73 -10.60 -6.10
CA ILE B 770 24.84 -9.71 -5.85
C ILE B 770 26.05 -10.47 -5.32
N ALA B 771 25.83 -11.40 -4.40
CA ALA B 771 26.97 -12.11 -3.83
C ALA B 771 27.71 -12.92 -4.89
N VAL B 772 26.97 -13.70 -5.67
CA VAL B 772 27.64 -14.50 -6.69
C VAL B 772 28.33 -13.60 -7.70
N GLU B 773 27.78 -12.42 -7.97
CA GLU B 773 28.44 -11.54 -8.90
C GLU B 773 29.76 -11.05 -8.36
N GLN B 774 29.82 -10.74 -7.07
CA GLN B 774 31.09 -10.32 -6.49
C GLN B 774 32.14 -11.40 -6.64
N ASP B 775 31.74 -12.64 -6.37
CA ASP B 775 32.71 -13.73 -6.53
C ASP B 775 33.18 -13.83 -7.98
N LYS B 776 32.26 -13.68 -8.92
CA LYS B 776 32.65 -13.75 -10.31
C LYS B 776 33.59 -12.62 -10.68
N ASN B 777 33.41 -11.45 -10.06
CA ASN B 777 34.29 -10.33 -10.34
C ASN B 777 35.72 -10.66 -9.94
N THR B 778 35.90 -11.16 -8.72
CA THR B 778 37.25 -11.53 -8.31
C THR B 778 37.85 -12.57 -9.24
N GLN B 779 37.05 -13.57 -9.61
CA GLN B 779 37.54 -14.60 -10.53
C GLN B 779 37.99 -14.00 -11.85
N GLU B 780 37.12 -13.20 -12.45
CA GLU B 780 37.38 -12.60 -13.75
C GLU B 780 38.62 -11.73 -13.72
N VAL B 781 38.86 -11.03 -12.62
CA VAL B 781 40.00 -10.13 -12.61
C VAL B 781 41.29 -10.92 -12.45
N PHE B 782 41.35 -11.78 -11.43
CA PHE B 782 42.65 -12.34 -11.07
C PHE B 782 42.95 -13.66 -11.77
N ALA B 783 41.97 -14.52 -11.96
CA ALA B 783 42.21 -15.85 -12.51
C ALA B 783 42.34 -15.84 -14.03
N GLN B 784 43.26 -15.03 -14.52
CA GLN B 784 43.51 -15.02 -15.95
C GLN B 784 44.57 -16.01 -16.37
N VAL B 785 45.58 -16.20 -15.56
CA VAL B 785 46.63 -17.15 -15.89
C VAL B 785 46.16 -18.56 -15.57
N LYS B 786 46.61 -19.52 -16.38
CA LYS B 786 46.15 -20.89 -16.20
C LYS B 786 47.06 -21.69 -15.28
N GLN B 787 48.36 -21.49 -15.36
CA GLN B 787 49.33 -22.23 -14.56
C GLN B 787 50.06 -21.31 -13.59
N ILE B 788 50.29 -21.81 -12.38
CA ILE B 788 50.96 -21.04 -11.34
C ILE B 788 52.46 -21.12 -11.61
N TYR B 789 53.02 -20.06 -12.17
CA TYR B 789 54.45 -20.02 -12.46
C TYR B 789 55.26 -19.74 -11.21
N LYS B 790 56.33 -20.51 -11.02
CA LYS B 790 57.18 -20.32 -9.85
C LYS B 790 58.35 -19.41 -10.22
N THR B 791 58.79 -18.66 -9.24
CA THR B 791 59.92 -17.76 -9.38
C THR B 791 61.24 -18.51 -9.31
N PRO B 792 62.19 -18.21 -10.19
CA PRO B 792 63.49 -18.89 -10.14
C PRO B 792 64.22 -18.57 -8.85
N PRO B 793 65.16 -19.43 -8.43
CA PRO B 793 65.83 -19.17 -7.16
C PRO B 793 66.87 -18.05 -7.19
N ILE B 794 67.70 -18.00 -8.22
CA ILE B 794 68.70 -16.94 -8.35
C ILE B 794 67.98 -15.70 -8.85
N LYS B 795 67.71 -14.76 -7.95
CA LYS B 795 66.92 -13.57 -8.27
C LYS B 795 67.82 -12.44 -8.79
N TYR B 796 68.55 -12.74 -9.85
CA TYR B 796 69.37 -11.76 -10.54
C TYR B 796 68.82 -11.50 -11.94
N PHE B 797 68.41 -10.27 -12.20
CA PHE B 797 67.81 -9.90 -13.47
C PHE B 797 68.56 -8.77 -14.14
N GLY B 798 69.88 -8.78 -14.09
CA GLY B 798 70.61 -7.73 -14.77
C GLY B 798 70.55 -6.40 -14.08
N GLY B 799 70.77 -6.38 -12.77
CA GLY B 799 70.77 -5.15 -12.01
C GLY B 799 69.44 -4.70 -11.47
N PHE B 800 68.33 -5.15 -12.06
CA PHE B 800 67.03 -4.73 -11.57
C PHE B 800 66.76 -5.38 -10.22
N ASN B 801 66.15 -4.63 -9.32
CA ASN B 801 65.90 -5.07 -7.94
C ASN B 801 64.40 -5.17 -7.66
N PHE B 802 63.85 -6.37 -7.84
CA PHE B 802 62.43 -6.61 -7.60
C PHE B 802 62.11 -7.02 -6.17
N SER B 803 63.03 -6.81 -5.23
CA SER B 803 62.77 -7.29 -3.87
C SER B 803 61.52 -6.68 -3.28
N GLN B 804 61.18 -5.46 -3.68
CA GLN B 804 60.02 -4.81 -3.09
C GLN B 804 58.70 -5.40 -3.56
N ILE B 805 58.66 -6.16 -4.64
CA ILE B 805 57.41 -6.70 -5.14
C ILE B 805 57.33 -8.22 -5.10
N LEU B 806 58.44 -8.95 -5.11
CA LEU B 806 58.33 -10.39 -5.05
C LEU B 806 57.94 -10.81 -3.65
N PRO B 807 57.31 -11.98 -3.49
CA PRO B 807 56.88 -12.39 -2.16
C PRO B 807 58.07 -12.63 -1.25
N ASP B 808 57.89 -12.28 0.03
CA ASP B 808 58.94 -12.42 1.03
C ASP B 808 58.81 -13.76 1.73
N PRO B 809 59.74 -14.69 1.56
CA PRO B 809 59.62 -16.00 2.23
C PRO B 809 59.75 -15.88 3.73
N SER B 810 60.29 -14.78 4.24
CA SER B 810 60.50 -14.66 5.68
C SER B 810 59.17 -14.64 6.41
N LYS B 811 58.32 -13.67 6.10
CA LYS B 811 57.05 -13.56 6.77
C LYS B 811 56.17 -14.75 6.41
N PRO B 812 55.31 -15.19 7.34
CA PRO B 812 54.49 -16.37 7.05
C PRO B 812 53.41 -16.15 6.01
N SER B 813 52.83 -14.94 5.94
CA SER B 813 51.78 -14.73 4.94
C SER B 813 52.33 -14.70 3.53
N LYS B 814 53.64 -14.54 3.36
CA LYS B 814 54.30 -14.60 2.06
C LYS B 814 53.81 -13.51 1.12
N ARG B 815 53.56 -12.33 1.66
CA ARG B 815 53.17 -11.18 0.88
C ARG B 815 54.39 -10.30 0.66
N SER B 816 54.44 -9.63 -0.47
CA SER B 816 55.51 -8.71 -0.72
C SER B 816 55.48 -7.59 0.31
N PRO B 817 56.58 -6.84 0.45
CA PRO B 817 56.55 -5.73 1.42
C PRO B 817 55.53 -4.67 1.10
N ILE B 818 55.37 -4.33 -0.18
CA ILE B 818 54.36 -3.34 -0.53
C ILE B 818 52.99 -3.85 -0.18
N GLU B 819 52.76 -5.14 -0.36
CA GLU B 819 51.48 -5.72 -0.02
C GLU B 819 51.20 -5.58 1.48
N ASP B 820 52.23 -5.79 2.30
CA ASP B 820 52.07 -5.62 3.73
C ASP B 820 51.76 -4.17 4.08
N LEU B 821 52.46 -3.24 3.45
CA LEU B 821 52.18 -1.84 3.67
C LEU B 821 50.74 -1.52 3.32
N LEU B 822 50.25 -2.10 2.23
CA LEU B 822 48.88 -1.89 1.82
C LEU B 822 47.92 -2.45 2.85
N PHE B 823 48.20 -3.63 3.37
CA PHE B 823 47.30 -4.22 4.34
C PHE B 823 47.28 -3.43 5.63
N ASN B 824 48.39 -2.79 5.98
CA ASN B 824 48.38 -2.05 7.22
C ASN B 824 47.79 -0.66 7.06
N LYS B 825 47.87 -0.08 5.86
CA LYS B 825 47.37 1.27 5.70
C LYS B 825 45.85 1.33 5.80
N VAL B 826 45.19 0.27 5.38
CA VAL B 826 43.73 0.21 5.37
C VAL B 826 43.26 -0.90 6.31
N THR B 827 42.23 -0.60 7.08
CA THR B 827 41.67 -1.56 8.01
C THR B 827 40.15 -1.50 7.92
N LEU B 828 39.50 -2.48 8.54
CA LEU B 828 38.05 -2.55 8.51
C LEU B 828 37.44 -1.42 9.33
N PHE B 855 23.30 -10.30 16.42
CA PHE B 855 22.67 -9.46 15.41
C PHE B 855 21.20 -9.76 15.20
N ASN B 856 20.63 -9.10 14.19
CA ASN B 856 19.22 -9.25 13.89
C ASN B 856 18.97 -9.79 12.50
N GLY B 857 19.71 -10.82 12.11
CA GLY B 857 19.50 -11.41 10.81
C GLY B 857 20.45 -10.96 9.73
N LEU B 858 21.49 -10.20 10.07
CA LEU B 858 22.45 -9.75 9.07
C LEU B 858 23.75 -10.52 9.25
N THR B 859 24.21 -11.12 8.17
CA THR B 859 25.41 -11.93 8.17
C THR B 859 26.27 -11.55 6.99
N VAL B 860 27.58 -11.61 7.18
CA VAL B 860 28.52 -11.32 6.12
C VAL B 860 29.11 -12.64 5.64
N LEU B 861 28.96 -12.89 4.48
CA LEU B 861 29.55 -14.15 4.07
C LEU B 861 31.00 -13.94 3.64
N PRO B 862 31.84 -14.95 3.77
CA PRO B 862 33.23 -14.77 3.40
C PRO B 862 33.40 -14.94 1.91
N PRO B 863 34.48 -14.43 1.34
CA PRO B 863 34.73 -14.62 -0.08
C PRO B 863 35.23 -16.02 -0.37
N LEU B 864 35.07 -16.42 -1.63
CA LEU B 864 35.52 -17.75 -2.00
C LEU B 864 37.04 -17.83 -2.07
N LEU B 865 37.67 -16.88 -2.75
CA LEU B 865 39.12 -16.87 -2.84
C LEU B 865 39.66 -16.11 -1.64
N THR B 866 40.40 -16.80 -0.79
CA THR B 866 40.93 -16.08 0.34
C THR B 866 42.09 -15.19 -0.10
N ASP B 867 42.50 -14.32 0.81
CA ASP B 867 43.59 -13.39 0.54
C ASP B 867 44.88 -14.12 0.20
N GLU B 868 45.15 -15.23 0.88
CA GLU B 868 46.37 -15.98 0.61
C GLU B 868 46.42 -16.45 -0.84
N MET B 869 45.31 -16.97 -1.34
CA MET B 869 45.29 -17.48 -2.71
C MET B 869 45.38 -16.34 -3.70
N ILE B 870 44.79 -15.20 -3.38
CA ILE B 870 44.89 -14.05 -4.25
C ILE B 870 46.34 -13.60 -4.35
N ALA B 871 47.04 -13.60 -3.23
CA ALA B 871 48.45 -13.24 -3.27
C ALA B 871 49.24 -14.24 -4.09
N GLN B 872 48.86 -15.51 -4.04
CA GLN B 872 49.55 -16.49 -4.86
C GLN B 872 49.32 -16.23 -6.35
N TYR B 873 48.09 -15.87 -6.72
CA TYR B 873 47.84 -15.53 -8.12
C TYR B 873 48.67 -14.34 -8.55
N THR B 874 48.75 -13.33 -7.70
CA THR B 874 49.55 -12.17 -8.05
C THR B 874 51.01 -12.53 -8.24
N SER B 875 51.53 -13.40 -7.37
CA SER B 875 52.92 -13.82 -7.54
C SER B 875 53.12 -14.58 -8.84
N ALA B 876 52.13 -15.37 -9.23
CA ALA B 876 52.21 -16.08 -10.51
C ALA B 876 52.29 -15.10 -11.67
N LEU B 877 51.42 -14.08 -11.64
CA LEU B 877 51.45 -13.09 -12.71
C LEU B 877 52.78 -12.39 -12.76
N LEU B 878 53.34 -12.07 -11.58
CA LEU B 878 54.64 -11.43 -11.54
C LEU B 878 55.72 -12.29 -12.16
N ALA B 879 55.78 -13.57 -11.78
CA ALA B 879 56.81 -14.42 -12.34
C ALA B 879 56.67 -14.54 -13.85
N GLY B 880 55.44 -14.69 -14.32
CA GLY B 880 55.22 -14.77 -15.75
C GLY B 880 55.70 -13.54 -16.49
N THR B 881 55.28 -12.36 -16.01
CA THR B 881 55.67 -11.13 -16.70
C THR B 881 57.15 -10.84 -16.56
N ILE B 882 57.78 -11.36 -15.52
CA ILE B 882 59.19 -11.08 -15.33
C ILE B 882 60.05 -11.96 -16.23
N THR B 883 59.61 -13.19 -16.49
CA THR B 883 60.46 -14.10 -17.24
C THR B 883 60.07 -14.28 -18.70
N SER B 884 58.84 -13.94 -19.10
CA SER B 884 58.41 -14.29 -20.44
C SER B 884 57.74 -13.18 -21.24
N GLY B 885 57.60 -11.98 -20.70
CA GLY B 885 57.00 -10.92 -21.50
C GLY B 885 55.56 -11.23 -21.86
N TRP B 886 55.20 -11.00 -23.13
CA TRP B 886 53.83 -11.25 -23.54
C TRP B 886 53.52 -12.72 -23.69
N THR B 887 54.54 -13.54 -23.93
CA THR B 887 54.27 -14.86 -24.45
C THR B 887 53.43 -15.68 -23.49
N PHE B 888 53.62 -15.50 -22.19
CA PHE B 888 52.84 -16.34 -21.29
C PHE B 888 51.36 -16.02 -21.39
N GLY B 889 50.99 -14.95 -22.06
CA GLY B 889 49.59 -14.60 -22.22
C GLY B 889 48.99 -15.08 -23.53
N ALA B 890 49.84 -15.46 -24.48
CA ALA B 890 49.41 -15.92 -25.80
C ALA B 890 49.51 -17.42 -25.99
N GLY B 891 50.14 -18.14 -25.06
CA GLY B 891 50.29 -19.57 -25.15
C GLY B 891 51.38 -20.04 -24.23
N PRO B 892 52.26 -20.91 -24.71
CA PRO B 892 53.33 -21.42 -23.84
C PRO B 892 54.34 -20.33 -23.52
N ALA B 893 54.65 -20.20 -22.23
CA ALA B 893 55.60 -19.19 -21.77
C ALA B 893 57.01 -19.54 -22.22
N LEU B 894 57.63 -18.66 -23.00
CA LEU B 894 58.99 -18.85 -23.49
C LEU B 894 59.93 -17.93 -22.73
N GLN B 895 60.93 -18.49 -22.06
CA GLN B 895 61.83 -17.67 -21.27
C GLN B 895 62.72 -16.82 -22.16
N ILE B 896 62.98 -15.60 -21.71
CA ILE B 896 63.81 -14.64 -22.41
C ILE B 896 64.54 -13.76 -21.41
N PRO B 897 65.83 -13.49 -21.62
CA PRO B 897 66.57 -12.62 -20.69
C PRO B 897 65.86 -11.28 -20.51
N PHE B 898 65.86 -10.79 -19.28
CA PHE B 898 65.13 -9.58 -18.98
C PHE B 898 65.62 -8.35 -19.74
N PRO B 899 66.92 -8.13 -19.93
CA PRO B 899 67.33 -6.99 -20.76
C PRO B 899 66.80 -7.09 -22.17
N MET B 900 66.79 -8.27 -22.76
CA MET B 900 66.24 -8.36 -24.11
C MET B 900 64.75 -8.07 -24.11
N GLN B 901 64.05 -8.41 -23.05
CA GLN B 901 62.64 -8.07 -23.02
C GLN B 901 62.45 -6.56 -22.98
N MET B 902 63.23 -5.88 -22.15
CA MET B 902 63.11 -4.43 -22.13
C MET B 902 63.56 -3.80 -23.44
N ALA B 903 64.50 -4.43 -24.15
CA ALA B 903 64.87 -3.88 -25.44
C ALA B 903 63.70 -3.98 -26.40
N TYR B 904 63.03 -5.11 -26.42
CA TYR B 904 61.77 -5.21 -27.15
C TYR B 904 60.81 -4.08 -26.79
N ARG B 905 60.60 -3.83 -25.51
CA ARG B 905 59.61 -2.80 -25.19
C ARG B 905 60.09 -1.42 -25.66
N PHE B 906 61.38 -1.15 -25.56
CA PHE B 906 61.88 0.11 -26.11
C PHE B 906 61.54 0.23 -27.58
N ASN B 907 61.83 -0.82 -28.35
CA ASN B 907 61.34 -0.81 -29.73
C ASN B 907 59.86 -0.52 -29.76
N GLY B 908 59.12 -1.04 -28.78
CA GLY B 908 57.70 -0.80 -28.73
C GLY B 908 57.33 0.67 -28.68
N ILE B 909 58.14 1.49 -28.03
CA ILE B 909 57.86 2.94 -28.01
C ILE B 909 58.71 3.68 -29.06
N GLY B 910 59.22 2.97 -30.06
CA GLY B 910 59.89 3.68 -31.12
C GLY B 910 61.31 4.10 -30.84
N VAL B 911 61.96 3.51 -29.84
CA VAL B 911 63.35 3.81 -29.53
C VAL B 911 64.19 2.56 -29.79
N THR B 912 65.25 2.71 -30.57
CA THR B 912 66.07 1.57 -30.95
C THR B 912 66.79 0.95 -29.75
N GLN B 913 66.95 -0.37 -29.79
CA GLN B 913 67.44 -1.12 -28.64
C GLN B 913 68.88 -0.76 -28.26
N ASN B 914 69.66 -0.22 -29.19
CA ASN B 914 71.00 0.18 -28.82
C ASN B 914 70.96 1.22 -27.72
N VAL B 915 69.91 2.03 -27.66
CA VAL B 915 69.77 2.97 -26.58
C VAL B 915 69.68 2.26 -25.24
N LEU B 916 69.09 1.07 -25.20
CA LEU B 916 69.03 0.38 -23.92
C LEU B 916 70.33 -0.32 -23.59
N TYR B 917 70.97 -0.95 -24.56
CA TYR B 917 72.18 -1.68 -24.21
C TYR B 917 73.32 -0.77 -23.79
N GLU B 918 73.26 0.51 -24.13
CA GLU B 918 74.31 1.43 -23.75
C GLU B 918 74.03 2.12 -22.42
N ASN B 919 72.86 1.93 -21.84
CA ASN B 919 72.54 2.60 -20.59
C ASN B 919 71.92 1.63 -19.59
N GLN B 920 72.28 0.36 -19.67
CA GLN B 920 71.74 -0.62 -18.75
C GLN B 920 71.96 -0.24 -17.30
N LYS B 921 73.18 0.19 -16.95
CA LYS B 921 73.46 0.53 -15.56
C LYS B 921 72.61 1.70 -15.09
N LEU B 922 72.61 2.78 -15.87
CA LEU B 922 71.85 3.96 -15.50
C LEU B 922 70.36 3.68 -15.42
N ILE B 923 69.84 2.92 -16.37
CA ILE B 923 68.42 2.63 -16.36
C ILE B 923 68.06 1.78 -15.16
N ALA B 924 68.91 0.81 -14.84
CA ALA B 924 68.63 -0.04 -13.70
C ALA B 924 68.63 0.77 -12.43
N ASN B 925 69.58 1.69 -12.30
CA ASN B 925 69.62 2.55 -11.11
C ASN B 925 68.37 3.40 -11.00
N GLN B 926 67.92 3.96 -12.13
CA GLN B 926 66.73 4.79 -12.09
C GLN B 926 65.51 3.97 -11.70
N PHE B 927 65.42 2.76 -12.24
CA PHE B 927 64.28 1.91 -11.93
C PHE B 927 64.28 1.52 -10.46
N ASN B 928 65.43 1.15 -9.92
CA ASN B 928 65.50 0.76 -8.52
C ASN B 928 65.15 1.92 -7.61
N SER B 929 65.67 3.11 -7.90
CA SER B 929 65.35 4.27 -7.07
C SER B 929 63.87 4.60 -7.12
N ALA B 930 63.25 4.50 -8.30
CA ALA B 930 61.83 4.80 -8.39
C ALA B 930 61.01 3.80 -7.59
N ILE B 931 61.35 2.52 -7.69
CA ILE B 931 60.60 1.53 -6.95
C ILE B 931 60.77 1.76 -5.46
N GLY B 932 61.96 2.20 -5.05
CA GLY B 932 62.17 2.47 -3.64
C GLY B 932 61.38 3.67 -3.14
N LYS B 933 61.27 4.70 -3.96
CA LYS B 933 60.53 5.86 -3.52
C LYS B 933 59.03 5.62 -3.52
N ILE B 934 58.56 4.63 -4.28
CA ILE B 934 57.12 4.34 -4.27
C ILE B 934 56.62 3.98 -2.88
N GLN B 935 57.35 3.12 -2.17
CA GLN B 935 56.88 2.69 -0.87
C GLN B 935 56.83 3.85 0.11
N ASP B 936 57.87 4.68 0.12
CA ASP B 936 57.86 5.85 1.00
C ASP B 936 56.71 6.77 0.67
N SER B 937 56.44 6.95 -0.63
CA SER B 937 55.32 7.80 -1.01
C SER B 937 54.01 7.24 -0.51
N LEU B 938 53.82 5.93 -0.66
CA LEU B 938 52.61 5.29 -0.17
C LEU B 938 52.46 5.43 1.33
N SER B 939 53.57 5.39 2.06
CA SER B 939 53.46 5.46 3.51
C SER B 939 53.20 6.88 3.97
N SER B 940 53.77 7.86 3.28
CA SER B 940 53.60 9.24 3.69
C SER B 940 52.27 9.82 3.23
N THR B 941 51.73 9.33 2.12
CA THR B 941 50.48 9.87 1.63
C THR B 941 49.36 9.55 2.61
N PRO B 942 48.57 10.53 3.03
CA PRO B 942 47.50 10.27 4.00
C PRO B 942 46.24 9.66 3.40
N SER B 943 45.93 9.98 2.15
CA SER B 943 44.68 9.57 1.54
C SER B 943 44.92 8.99 0.15
N ALA B 944 45.92 8.12 0.05
CA ALA B 944 46.17 7.44 -1.21
C ALA B 944 45.15 6.35 -1.47
N LEU B 945 44.66 5.72 -0.40
CA LEU B 945 43.70 4.61 -0.48
C LEU B 945 42.28 5.09 -0.29
N GLY B 946 41.95 6.28 -0.78
CA GLY B 946 40.63 6.82 -0.57
C GLY B 946 39.50 5.95 -1.09
N LYS B 947 39.70 5.33 -2.25
CA LYS B 947 38.60 4.59 -2.87
C LYS B 947 38.21 3.35 -2.08
N LEU B 948 39.17 2.52 -1.70
CA LEU B 948 38.84 1.31 -0.97
C LEU B 948 38.20 1.65 0.36
N GLN B 949 38.74 2.63 1.05
CA GLN B 949 38.18 3.06 2.31
C GLN B 949 36.75 3.56 2.11
N ASP B 950 36.50 4.23 0.98
CA ASP B 950 35.17 4.75 0.72
C ASP B 950 34.18 3.61 0.48
N VAL B 951 34.62 2.56 -0.23
CA VAL B 951 33.75 1.41 -0.42
C VAL B 951 33.36 0.80 0.90
N VAL B 952 34.36 0.60 1.77
CA VAL B 952 34.10 -0.01 3.07
C VAL B 952 33.16 0.87 3.87
N ASN B 953 33.40 2.17 3.87
CA ASN B 953 32.58 3.07 4.65
C ASN B 953 31.16 3.11 4.14
N HIS B 954 30.97 3.06 2.82
CA HIS B 954 29.62 3.05 2.30
C HIS B 954 28.86 1.83 2.76
N ASN B 955 29.50 0.67 2.67
CA ASN B 955 28.82 -0.54 3.12
C ASN B 955 28.51 -0.48 4.62
N ALA B 956 29.49 -0.06 5.42
CA ALA B 956 29.26 0.02 6.85
C ALA B 956 28.15 0.98 7.20
N GLN B 957 28.12 2.14 6.55
CA GLN B 957 27.09 3.12 6.85
C GLN B 957 25.72 2.61 6.44
N ALA B 958 25.62 1.91 5.31
CA ALA B 958 24.34 1.36 4.91
C ALA B 958 23.84 0.37 5.94
N LEU B 959 24.70 -0.55 6.37
CA LEU B 959 24.29 -1.51 7.37
C LEU B 959 23.92 -0.82 8.67
N ASN B 960 24.68 0.20 9.04
CA ASN B 960 24.42 0.90 10.29
C ASN B 960 23.05 1.56 10.27
N THR B 961 22.74 2.27 9.20
CA THR B 961 21.43 2.90 9.18
C THR B 961 20.32 1.86 9.09
N LEU B 962 20.57 0.75 8.42
CA LEU B 962 19.55 -0.29 8.34
C LEU B 962 19.24 -0.88 9.69
N VAL B 963 20.27 -1.11 10.51
CA VAL B 963 20.01 -1.64 11.83
C VAL B 963 19.42 -0.57 12.74
N LYS B 964 19.85 0.67 12.56
CA LYS B 964 19.38 1.74 13.41
C LYS B 964 17.90 2.02 13.20
N GLN B 965 17.42 1.85 11.97
CA GLN B 965 16.02 2.13 11.73
C GLN B 965 15.06 1.20 12.44
N LEU B 966 15.53 0.20 13.17
CA LEU B 966 14.61 -0.63 13.92
C LEU B 966 14.00 0.06 15.13
N SER B 967 14.68 1.07 15.67
CA SER B 967 14.16 1.71 16.87
C SER B 967 12.99 2.64 16.59
N SER B 968 12.85 3.15 15.37
CA SER B 968 11.75 4.07 15.09
C SER B 968 10.41 3.35 15.23
N LYS B 969 9.40 4.10 15.68
CA LYS B 969 8.07 3.53 15.89
C LYS B 969 7.16 3.57 14.67
N PHE B 970 7.37 4.47 13.72
CA PHE B 970 6.52 4.55 12.54
C PHE B 970 5.07 4.83 12.91
N GLY B 971 4.83 5.40 14.08
CA GLY B 971 3.48 5.67 14.51
C GLY B 971 2.91 4.67 15.49
N ALA B 972 3.53 3.51 15.63
CA ALA B 972 3.03 2.57 16.60
C ALA B 972 3.36 3.02 18.01
N ILE B 973 2.60 2.50 18.98
CA ILE B 973 2.80 2.86 20.37
C ILE B 973 4.12 2.36 20.93
N SER B 974 4.80 1.44 20.26
CA SER B 974 6.08 0.98 20.75
C SER B 974 6.84 0.31 19.62
N SER B 975 8.15 0.25 19.77
CA SER B 975 9.00 -0.23 18.70
C SER B 975 9.26 -1.73 18.81
N VAL B 976 9.28 -2.29 20.00
CA VAL B 976 9.58 -3.71 20.14
C VAL B 976 8.31 -4.53 19.94
N LEU B 977 8.43 -5.63 19.19
CA LEU B 977 7.25 -6.43 18.88
C LEU B 977 6.68 -7.08 20.11
N ASN B 978 7.55 -7.45 21.05
CA ASN B 978 7.12 -8.19 22.22
C ASN B 978 6.17 -7.37 23.07
N ASP B 979 6.52 -6.11 23.31
CA ASP B 979 5.65 -5.25 24.08
C ASP B 979 4.31 -5.08 23.39
N ILE B 980 4.34 -4.84 22.08
CA ILE B 980 3.10 -4.65 21.35
C ILE B 980 2.20 -5.86 21.50
N LEU B 981 2.77 -7.06 21.37
CA LEU B 981 1.98 -8.27 21.47
C LEU B 981 1.67 -8.66 22.90
N SER B 982 2.30 -8.03 23.87
CA SER B 982 2.05 -8.39 25.26
C SER B 982 0.90 -7.59 25.87
N ARG B 983 0.95 -6.28 25.82
CA ARG B 983 -0.03 -5.48 26.55
C ARG B 983 -1.23 -5.11 25.71
N LEU B 984 -1.63 -5.97 24.79
CA LEU B 984 -2.82 -5.69 24.00
C LEU B 984 -3.39 -6.98 23.46
N ASP B 985 -4.71 -6.98 23.29
CA ASP B 985 -5.41 -8.13 22.76
C ASP B 985 -5.12 -8.26 21.27
N PRO B 986 -5.31 -9.45 20.71
CA PRO B 986 -4.96 -9.67 19.30
C PRO B 986 -5.71 -8.75 18.35
N PRO B 987 -7.00 -8.45 18.58
CA PRO B 987 -7.68 -7.57 17.61
C PRO B 987 -7.03 -6.21 17.45
N GLU B 988 -6.59 -5.57 18.54
CA GLU B 988 -5.91 -4.30 18.39
C GLU B 988 -4.42 -4.46 18.10
N ALA B 989 -3.79 -5.51 18.62
CA ALA B 989 -2.39 -5.75 18.32
C ALA B 989 -2.19 -5.99 16.83
N GLU B 990 -3.20 -6.51 16.15
CA GLU B 990 -3.12 -6.69 14.71
C GLU B 990 -2.89 -5.36 14.00
N VAL B 991 -3.72 -4.36 14.28
CA VAL B 991 -3.57 -3.09 13.60
C VAL B 991 -2.37 -2.33 14.09
N GLN B 992 -1.89 -2.64 15.29
CA GLN B 992 -0.64 -2.03 15.71
C GLN B 992 0.58 -2.70 15.12
N ILE B 993 0.45 -3.94 14.65
CA ILE B 993 1.60 -4.61 14.05
C ILE B 993 1.69 -4.41 12.55
N ASP B 994 0.54 -4.20 11.91
CA ASP B 994 0.56 -3.85 10.49
C ASP B 994 1.45 -2.65 10.21
N ARG B 995 1.36 -1.63 11.05
CA ARG B 995 2.10 -0.39 10.83
C ARG B 995 3.60 -0.63 10.86
N LEU B 996 4.06 -1.35 11.87
CA LEU B 996 5.48 -1.66 11.98
C LEU B 996 5.94 -2.48 10.79
N ILE B 997 5.14 -3.47 10.41
CA ILE B 997 5.50 -4.32 9.30
C ILE B 997 5.72 -3.47 8.05
N THR B 998 4.74 -2.63 7.72
CA THR B 998 4.87 -1.87 6.48
C THR B 998 6.09 -0.95 6.51
N GLY B 999 6.36 -0.34 7.67
CA GLY B 999 7.49 0.58 7.73
C GLY B 999 8.81 -0.14 7.54
N ARG B 1000 8.98 -1.26 8.24
CA ARG B 1000 10.25 -1.96 8.11
C ARG B 1000 10.41 -2.57 6.74
N LEU B 1001 9.32 -2.99 6.13
CA LEU B 1001 9.43 -3.54 4.79
C LEU B 1001 9.88 -2.47 3.80
N GLN B 1002 9.36 -1.26 3.93
CA GLN B 1002 9.82 -0.21 3.04
C GLN B 1002 11.28 0.10 3.27
N SER B 1003 11.72 0.09 4.54
CA SER B 1003 13.13 0.36 4.82
C SER B 1003 14.03 -0.67 4.16
N LEU B 1004 13.66 -1.94 4.29
CA LEU B 1004 14.47 -2.99 3.69
C LEU B 1004 14.50 -2.85 2.18
N GLN B 1005 13.38 -2.42 1.60
CA GLN B 1005 13.35 -2.24 0.15
C GLN B 1005 14.32 -1.16 -0.28
N THR B 1006 14.36 -0.06 0.46
CA THR B 1006 15.32 0.97 0.13
C THR B 1006 16.75 0.48 0.22
N TYR B 1007 17.05 -0.28 1.28
CA TYR B 1007 18.41 -0.80 1.41
C TYR B 1007 18.80 -1.69 0.23
N VAL B 1008 17.91 -2.59 -0.17
CA VAL B 1008 18.29 -3.49 -1.25
C VAL B 1008 18.47 -2.75 -2.56
N THR B 1009 17.66 -1.71 -2.78
CA THR B 1009 17.85 -0.95 -4.02
C THR B 1009 19.21 -0.26 -4.02
N GLN B 1010 19.58 0.33 -2.89
CA GLN B 1010 20.89 0.97 -2.80
C GLN B 1010 21.99 -0.03 -3.08
N GLN B 1011 21.86 -1.24 -2.55
CA GLN B 1011 22.89 -2.24 -2.78
C GLN B 1011 22.97 -2.65 -4.23
N LEU B 1012 21.85 -2.71 -4.93
CA LEU B 1012 21.91 -3.07 -6.34
C LEU B 1012 22.65 -2.02 -7.14
N ILE B 1013 22.36 -0.76 -6.88
CA ILE B 1013 23.04 0.29 -7.64
C ILE B 1013 24.54 0.26 -7.37
N ARG B 1014 24.93 0.17 -6.10
CA ARG B 1014 26.36 0.14 -5.82
C ARG B 1014 27.03 -1.09 -6.41
N ALA B 1015 26.33 -2.21 -6.46
CA ALA B 1015 26.96 -3.39 -7.03
C ALA B 1015 27.16 -3.24 -8.52
N ALA B 1016 26.24 -2.58 -9.20
CA ALA B 1016 26.46 -2.29 -10.61
C ALA B 1016 27.69 -1.41 -10.78
N GLU B 1017 27.84 -0.42 -9.92
CA GLU B 1017 28.99 0.45 -9.98
C GLU B 1017 30.29 -0.34 -9.85
N ILE B 1018 30.33 -1.22 -8.85
CA ILE B 1018 31.55 -1.97 -8.63
C ILE B 1018 31.83 -2.93 -9.76
N ARG B 1019 30.79 -3.48 -10.39
CA ARG B 1019 31.04 -4.36 -11.51
C ARG B 1019 31.66 -3.60 -12.67
N ALA B 1020 31.18 -2.39 -12.93
CA ALA B 1020 31.79 -1.58 -13.97
C ALA B 1020 33.27 -1.37 -13.67
N SER B 1021 33.58 -1.02 -12.44
CA SER B 1021 34.97 -0.81 -12.07
C SER B 1021 35.79 -2.08 -12.25
N ALA B 1022 35.21 -3.22 -11.93
CA ALA B 1022 35.95 -4.47 -12.05
C ALA B 1022 36.21 -4.82 -13.51
N ASN B 1023 35.25 -4.55 -14.39
CA ASN B 1023 35.50 -4.75 -15.81
C ASN B 1023 36.64 -3.88 -16.28
N LEU B 1024 36.68 -2.63 -15.84
CA LEU B 1024 37.80 -1.78 -16.21
C LEU B 1024 39.11 -2.35 -15.69
N ALA B 1025 39.10 -2.87 -14.47
CA ALA B 1025 40.32 -3.43 -13.92
C ALA B 1025 40.77 -4.64 -14.72
N ALA B 1026 39.83 -5.47 -15.14
CA ALA B 1026 40.20 -6.64 -15.91
C ALA B 1026 40.82 -6.24 -17.24
N THR B 1027 40.23 -5.24 -17.89
CA THR B 1027 40.81 -4.74 -19.13
C THR B 1027 42.22 -4.22 -18.91
N LYS B 1028 42.43 -3.48 -17.83
CA LYS B 1028 43.78 -2.95 -17.60
C LYS B 1028 44.76 -4.07 -17.35
N MET B 1029 44.37 -5.06 -16.55
CA MET B 1029 45.22 -6.23 -16.37
C MET B 1029 45.61 -6.83 -17.71
N SER B 1030 44.62 -7.22 -18.50
CA SER B 1030 44.89 -7.88 -19.76
C SER B 1030 45.82 -7.06 -20.63
N GLU B 1031 45.53 -5.77 -20.80
CA GLU B 1031 46.27 -5.00 -21.79
C GLU B 1031 47.61 -4.49 -21.29
N CYS B 1032 47.71 -4.06 -20.03
CA CYS B 1032 48.95 -3.50 -19.54
C CYS B 1032 49.86 -4.55 -18.93
N VAL B 1033 49.32 -5.51 -18.18
CA VAL B 1033 50.19 -6.47 -17.53
C VAL B 1033 50.64 -7.54 -18.50
N LEU B 1034 49.69 -8.18 -19.16
CA LEU B 1034 50.00 -9.27 -20.09
C LEU B 1034 50.52 -8.79 -21.42
N GLY B 1035 50.82 -7.50 -21.54
CA GLY B 1035 51.31 -6.98 -22.79
C GLY B 1035 51.75 -5.55 -22.66
N GLN B 1036 51.79 -4.87 -23.78
CA GLN B 1036 52.18 -3.47 -23.87
C GLN B 1036 51.14 -2.73 -24.68
N SER B 1037 50.67 -1.60 -24.19
CA SER B 1037 49.59 -0.89 -24.84
C SER B 1037 50.12 0.34 -25.53
N LYS B 1038 49.67 0.56 -26.76
CA LYS B 1038 49.98 1.78 -27.47
C LYS B 1038 48.93 2.85 -27.24
N ARG B 1039 47.90 2.55 -26.46
CA ARG B 1039 46.89 3.54 -26.18
C ARG B 1039 47.52 4.64 -25.36
N VAL B 1040 47.32 5.89 -25.76
CA VAL B 1040 47.98 6.99 -25.09
C VAL B 1040 47.30 7.25 -23.76
N ASP B 1041 48.11 7.28 -22.70
CA ASP B 1041 47.63 7.67 -21.38
C ASP B 1041 46.54 6.72 -20.91
N PHE B 1042 46.72 5.43 -21.19
CA PHE B 1042 45.85 4.41 -20.61
C PHE B 1042 46.53 3.70 -19.45
N CYS B 1043 47.71 3.12 -19.69
CA CYS B 1043 48.47 2.46 -18.63
C CYS B 1043 49.50 3.43 -18.05
N GLY B 1044 49.02 4.52 -17.47
CA GLY B 1044 49.87 5.51 -16.86
C GLY B 1044 50.21 6.65 -17.81
N LYS B 1045 50.66 7.76 -17.22
CA LYS B 1045 50.97 8.95 -17.99
C LYS B 1045 52.38 8.83 -18.57
N GLY B 1046 52.48 8.89 -19.89
CA GLY B 1046 53.74 8.76 -20.59
C GLY B 1046 53.74 7.53 -21.47
N TYR B 1047 54.86 7.35 -22.18
CA TYR B 1047 54.99 6.18 -23.02
C TYR B 1047 55.08 4.94 -22.15
N HIS B 1048 54.12 4.05 -22.26
CA HIS B 1048 54.00 2.90 -21.37
C HIS B 1048 55.03 1.81 -21.67
N LEU B 1049 55.69 1.31 -20.63
CA LEU B 1049 56.56 0.15 -20.80
C LEU B 1049 55.93 -1.14 -20.30
N MET B 1050 55.54 -1.21 -19.04
CA MET B 1050 54.89 -2.41 -18.49
C MET B 1050 54.22 -2.04 -17.18
N SER B 1051 53.56 -3.01 -16.55
CA SER B 1051 52.91 -2.72 -15.29
C SER B 1051 52.89 -3.96 -14.42
N PHE B 1052 52.98 -3.76 -13.11
CA PHE B 1052 52.98 -4.84 -12.15
C PHE B 1052 51.81 -4.69 -11.20
N PRO B 1053 51.02 -5.73 -10.97
CA PRO B 1053 49.89 -5.65 -10.05
C PRO B 1053 50.27 -6.01 -8.64
N GLN B 1054 49.57 -5.41 -7.69
CA GLN B 1054 49.74 -5.75 -6.28
C GLN B 1054 48.37 -5.83 -5.64
N SER B 1055 48.14 -6.88 -4.86
CA SER B 1055 46.85 -7.08 -4.24
C SER B 1055 46.59 -6.08 -3.13
N ALA B 1056 45.32 -5.81 -2.90
CA ALA B 1056 44.83 -4.96 -1.83
C ALA B 1056 43.57 -5.61 -1.29
N PRO B 1057 43.14 -5.24 -0.08
CA PRO B 1057 41.98 -5.93 0.51
C PRO B 1057 40.77 -6.03 -0.39
N HIS B 1058 40.49 -5.02 -1.19
CA HIS B 1058 39.33 -5.10 -2.05
C HIS B 1058 39.60 -4.60 -3.45
N GLY B 1059 40.84 -4.62 -3.90
CA GLY B 1059 41.10 -4.10 -5.22
C GLY B 1059 42.52 -4.41 -5.65
N VAL B 1060 42.93 -3.72 -6.70
CA VAL B 1060 44.27 -3.89 -7.25
C VAL B 1060 44.99 -2.56 -7.29
N VAL B 1061 46.32 -2.64 -7.24
CA VAL B 1061 47.19 -1.49 -7.32
C VAL B 1061 48.23 -1.74 -8.40
N PHE B 1062 48.12 -1.03 -9.51
CA PHE B 1062 49.02 -1.20 -10.64
C PHE B 1062 50.23 -0.28 -10.52
N LEU B 1063 51.41 -0.86 -10.71
CA LEU B 1063 52.66 -0.11 -10.70
C LEU B 1063 53.09 0.13 -12.16
N HIS B 1064 52.47 1.12 -12.79
CA HIS B 1064 52.78 1.42 -14.18
C HIS B 1064 54.18 1.95 -14.32
N VAL B 1065 54.97 1.36 -15.22
CA VAL B 1065 56.29 1.84 -15.55
C VAL B 1065 56.23 2.62 -16.86
N THR B 1066 56.52 3.91 -16.79
CA THR B 1066 56.39 4.80 -17.94
C THR B 1066 57.72 5.44 -18.27
N TYR B 1067 57.92 5.73 -19.54
CA TYR B 1067 59.12 6.40 -20.05
C TYR B 1067 58.82 7.84 -20.39
N VAL B 1068 59.58 8.79 -19.82
CA VAL B 1068 59.33 10.20 -20.01
C VAL B 1068 60.59 10.90 -20.50
N PRO B 1069 60.54 11.59 -21.64
CA PRO B 1069 61.71 12.34 -22.13
C PRO B 1069 62.04 13.56 -21.28
N ALA B 1070 63.24 14.09 -21.50
CA ALA B 1070 63.69 15.28 -20.78
C ALA B 1070 64.93 15.86 -21.45
N GLN B 1071 65.30 17.07 -21.01
CA GLN B 1071 66.48 17.81 -21.51
C GLN B 1071 66.44 18.07 -23.01
N GLU B 1072 65.40 18.78 -23.45
CA GLU B 1072 65.23 19.06 -24.86
C GLU B 1072 66.24 20.10 -25.34
N LYS B 1073 66.36 20.22 -26.66
CA LYS B 1073 67.30 21.13 -27.26
C LYS B 1073 66.73 21.65 -28.57
N ASN B 1074 67.10 22.88 -28.92
CA ASN B 1074 66.62 23.51 -30.14
C ASN B 1074 67.38 23.03 -31.36
N PHE B 1075 66.68 23.01 -32.49
CA PHE B 1075 67.32 22.65 -33.74
C PHE B 1075 66.58 23.29 -34.90
N THR B 1076 67.28 23.45 -36.01
CA THR B 1076 66.68 23.92 -37.25
C THR B 1076 66.52 22.75 -38.21
N THR B 1077 65.37 22.68 -38.86
CA THR B 1077 65.03 21.53 -39.69
C THR B 1077 64.42 21.96 -41.01
N ALA B 1078 64.36 21.02 -41.94
CA ALA B 1078 63.75 21.22 -43.24
C ALA B 1078 63.02 19.94 -43.60
N PRO B 1079 61.93 20.03 -44.36
CA PRO B 1079 61.15 18.82 -44.64
C PRO B 1079 61.80 17.89 -45.62
N ALA B 1080 62.74 18.32 -46.42
CA ALA B 1080 63.32 17.44 -47.42
C ALA B 1080 64.66 17.98 -47.84
N ILE B 1081 65.48 17.12 -48.40
CA ILE B 1081 66.78 17.51 -48.91
C ILE B 1081 66.79 17.40 -50.42
N CYS B 1082 67.36 18.38 -51.09
CA CYS B 1082 67.44 18.37 -52.54
C CYS B 1082 68.87 18.11 -52.96
N HIS B 1083 69.09 17.02 -53.66
CA HIS B 1083 70.41 16.69 -54.16
C HIS B 1083 70.25 16.20 -55.58
N ASP B 1084 71.08 16.70 -56.48
CA ASP B 1084 71.00 16.34 -57.89
C ASP B 1084 69.63 16.61 -58.48
N GLY B 1085 68.88 17.56 -57.91
CA GLY B 1085 67.59 17.88 -58.46
C GLY B 1085 66.45 17.01 -58.01
N LYS B 1086 66.72 16.00 -57.19
CA LYS B 1086 65.69 15.12 -56.67
C LYS B 1086 65.59 15.27 -55.16
N ALA B 1087 64.38 15.10 -54.65
CA ALA B 1087 64.12 15.32 -53.24
C ALA B 1087 64.37 14.04 -52.47
N HIS B 1088 64.99 14.18 -51.31
CA HIS B 1088 65.23 13.06 -50.41
C HIS B 1088 64.44 13.25 -49.14
N PHE B 1089 63.87 12.17 -48.66
CA PHE B 1089 63.13 12.15 -47.42
C PHE B 1089 63.70 11.09 -46.50
N PRO B 1090 63.54 11.23 -45.19
CA PRO B 1090 64.14 10.27 -44.28
C PRO B 1090 63.28 9.04 -44.14
N ARG B 1091 63.92 7.87 -44.13
CA ARG B 1091 63.15 6.65 -43.91
C ARG B 1091 62.54 6.66 -42.54
N GLU B 1092 63.34 6.98 -41.52
CA GLU B 1092 62.81 7.15 -40.18
C GLU B 1092 63.61 8.25 -39.50
N GLY B 1093 62.92 9.20 -38.89
CA GLY B 1093 63.55 10.29 -38.22
C GLY B 1093 63.29 11.62 -38.91
N VAL B 1094 64.14 12.59 -38.59
CA VAL B 1094 63.94 13.96 -39.06
C VAL B 1094 65.28 14.50 -39.53
N PHE B 1095 65.23 15.34 -40.55
CA PHE B 1095 66.42 16.06 -40.97
C PHE B 1095 66.64 17.22 -40.01
N VAL B 1096 67.69 17.14 -39.22
CA VAL B 1096 68.00 18.14 -38.21
C VAL B 1096 69.34 18.74 -38.53
N SER B 1097 69.40 20.07 -38.51
CA SER B 1097 70.62 20.82 -38.75
C SER B 1097 71.07 21.46 -37.45
N ASN B 1098 72.37 21.38 -37.17
CA ASN B 1098 72.94 21.92 -35.95
C ASN B 1098 73.64 23.25 -36.17
N GLY B 1099 73.21 24.01 -37.15
CA GLY B 1099 73.78 25.31 -37.37
C GLY B 1099 74.57 25.37 -38.65
N THR B 1100 75.33 24.30 -38.90
CA THR B 1100 76.17 24.22 -40.08
C THR B 1100 76.08 22.89 -40.80
N HIS B 1101 75.65 21.83 -40.14
CA HIS B 1101 75.62 20.50 -40.74
C HIS B 1101 74.24 19.89 -40.57
N TRP B 1102 73.87 19.04 -41.51
CA TRP B 1102 72.58 18.39 -41.49
C TRP B 1102 72.74 16.93 -41.10
N PHE B 1103 71.78 16.43 -40.32
CA PHE B 1103 71.81 15.05 -39.87
C PHE B 1103 70.40 14.49 -39.84
N VAL B 1104 70.33 13.18 -39.70
CA VAL B 1104 69.08 12.46 -39.47
C VAL B 1104 69.10 11.93 -38.06
N THR B 1105 67.98 12.02 -37.37
CA THR B 1105 67.93 11.54 -36.01
C THR B 1105 66.54 11.03 -35.70
N GLN B 1106 66.48 9.94 -34.95
CA GLN B 1106 65.19 9.40 -34.55
C GLN B 1106 64.43 10.43 -33.75
N ARG B 1107 63.11 10.32 -33.77
CA ARG B 1107 62.27 11.39 -33.27
C ARG B 1107 62.35 11.56 -31.76
N ASN B 1108 62.35 10.47 -31.02
CA ASN B 1108 62.24 10.57 -29.57
C ASN B 1108 63.55 10.57 -28.80
N PHE B 1109 64.70 10.68 -29.47
CA PHE B 1109 65.95 10.73 -28.73
C PHE B 1109 67.03 11.23 -29.67
N TYR B 1110 67.77 12.22 -29.23
CA TYR B 1110 68.75 12.84 -30.09
C TYR B 1110 69.91 11.90 -30.37
N GLU B 1111 70.05 11.49 -31.62
CA GLU B 1111 71.18 10.65 -32.04
C GLU B 1111 71.53 10.95 -33.48
N PRO B 1112 72.26 12.03 -33.72
CA PRO B 1112 72.50 12.47 -35.09
C PRO B 1112 73.38 11.48 -35.85
N GLN B 1113 73.07 11.29 -37.13
CA GLN B 1113 73.85 10.43 -38.00
C GLN B 1113 74.10 11.13 -39.31
N ILE B 1114 75.15 10.70 -40.01
CA ILE B 1114 75.42 11.24 -41.33
C ILE B 1114 74.34 10.80 -42.31
N ILE B 1115 73.89 11.75 -43.13
CA ILE B 1115 72.87 11.50 -44.13
C ILE B 1115 73.45 10.70 -45.30
N THR B 1116 72.91 9.52 -45.53
CA THR B 1116 73.40 8.67 -46.61
C THR B 1116 72.21 8.14 -47.38
N THR B 1117 72.50 7.52 -48.53
CA THR B 1117 71.44 6.93 -49.33
C THR B 1117 70.76 5.74 -48.65
N ASP B 1118 71.32 5.22 -47.56
CA ASP B 1118 70.74 4.06 -46.92
C ASP B 1118 69.54 4.42 -46.06
N ASN B 1119 69.56 5.56 -45.40
CA ASN B 1119 68.48 5.94 -44.50
C ASN B 1119 67.58 7.01 -45.10
N THR B 1120 67.58 7.14 -46.42
CA THR B 1120 66.71 8.10 -47.09
C THR B 1120 66.20 7.51 -48.39
N PHE B 1121 65.06 7.99 -48.84
CA PHE B 1121 64.47 7.55 -50.10
C PHE B 1121 64.08 8.75 -50.94
N VAL B 1122 64.05 8.54 -52.24
CA VAL B 1122 63.91 9.62 -53.22
C VAL B 1122 62.48 9.61 -53.73
N SER B 1123 61.97 10.79 -54.11
CA SER B 1123 60.65 10.86 -54.71
C SER B 1123 60.55 12.12 -55.58
N GLY B 1124 60.66 11.94 -56.89
CA GLY B 1124 60.46 13.03 -57.82
C GLY B 1124 61.48 14.14 -57.75
N ASN B 1125 61.39 15.10 -58.67
CA ASN B 1125 62.32 16.21 -58.69
C ASN B 1125 62.04 17.16 -57.51
N CYS B 1126 63.00 18.03 -57.24
CA CYS B 1126 63.00 18.79 -56.00
C CYS B 1126 62.53 20.23 -56.15
N ASP B 1127 61.60 20.51 -57.06
CA ASP B 1127 61.06 21.85 -57.14
C ASP B 1127 59.61 21.99 -56.71
N VAL B 1128 58.91 20.89 -56.45
CA VAL B 1128 57.52 20.99 -56.02
C VAL B 1128 57.37 21.10 -54.51
N VAL B 1129 58.26 20.49 -53.75
CA VAL B 1129 58.16 20.49 -52.30
C VAL B 1129 58.57 21.85 -51.76
N ILE B 1130 57.88 22.30 -50.71
CA ILE B 1130 58.15 23.59 -50.10
C ILE B 1130 59.10 23.43 -48.91
N GLY B 1131 60.06 24.35 -48.81
CA GLY B 1131 61.06 24.32 -47.77
C GLY B 1131 62.22 23.38 -47.97
N ILE B 1132 62.46 22.90 -49.18
CA ILE B 1132 63.56 21.99 -49.39
C ILE B 1132 64.88 22.75 -49.34
N VAL B 1133 65.94 22.07 -48.91
CA VAL B 1133 67.25 22.67 -48.76
C VAL B 1133 68.25 21.84 -49.54
N ASN B 1134 69.50 22.29 -49.57
CA ASN B 1134 70.54 21.66 -50.38
C ASN B 1134 71.60 21.03 -49.49
N ASN B 1135 72.07 19.84 -49.86
CA ASN B 1135 73.18 19.20 -49.16
C ASN B 1135 73.59 17.93 -49.87
N THR B 1136 74.80 17.49 -49.57
CA THR B 1136 75.36 16.27 -50.13
C THR B 1136 74.82 15.06 -49.41
N VAL B 1137 74.32 14.07 -50.14
CA VAL B 1137 73.88 12.81 -49.57
C VAL B 1137 74.83 11.71 -50.04
N TYR B 1138 75.81 11.38 -49.21
CA TYR B 1138 76.84 10.43 -49.61
C TYR B 1138 76.27 9.03 -49.78
N ASP B 1139 76.81 8.32 -50.78
CA ASP B 1139 76.46 6.94 -51.08
C ASP B 1139 77.64 6.03 -50.78
N PRO B 1140 77.47 5.04 -49.90
CA PRO B 1140 78.62 4.23 -49.47
C PRO B 1140 79.28 3.44 -50.58
N LEU B 1141 78.65 3.32 -51.75
CA LEU B 1141 79.29 2.57 -52.83
C LEU B 1141 80.44 3.35 -53.46
N GLN B 1142 80.38 4.67 -53.41
CA GLN B 1142 81.44 5.49 -54.02
C GLN B 1142 82.77 5.36 -53.28
N PRO B 1143 82.83 5.54 -51.95
CA PRO B 1143 84.13 5.45 -51.27
C PRO B 1143 84.87 4.15 -51.51
N GLU B 1144 84.18 3.03 -51.74
CA GLU B 1144 84.93 1.81 -51.99
C GLU B 1144 85.64 1.88 -53.34
N LEU B 1145 84.96 2.39 -54.37
CA LEU B 1145 85.55 2.58 -55.70
C LEU B 1145 86.16 1.30 -56.25
N ASP B 1146 85.37 0.23 -56.27
CA ASP B 1146 85.88 -1.05 -56.75
C ASP B 1146 85.98 -1.07 -58.28
N ALA C 27 -34.04 23.06 -38.14
CA ALA C 27 -32.91 23.11 -39.06
C ALA C 27 -31.61 22.73 -38.37
N TYR C 28 -30.49 22.96 -39.04
CA TYR C 28 -29.20 22.65 -38.48
C TYR C 28 -28.11 23.55 -39.06
N THR C 29 -27.07 23.74 -38.26
CA THR C 29 -25.88 24.47 -38.65
C THR C 29 -24.79 24.12 -37.65
N ASN C 30 -23.60 23.77 -38.14
CA ASN C 30 -22.52 23.40 -37.25
C ASN C 30 -22.03 24.59 -36.44
N SER C 31 -21.81 24.37 -35.16
CA SER C 31 -21.27 25.40 -34.29
C SER C 31 -19.76 25.33 -34.32
N PHE C 32 -19.12 26.45 -34.67
CA PHE C 32 -17.68 26.50 -34.75
C PHE C 32 -17.07 26.62 -33.36
N THR C 33 -15.84 27.11 -33.29
CA THR C 33 -15.11 27.18 -32.02
C THR C 33 -15.69 28.32 -31.19
N ARG C 34 -16.80 28.02 -30.51
CA ARG C 34 -17.51 29.01 -29.72
C ARG C 34 -17.91 28.36 -28.40
N GLY C 35 -18.46 29.17 -27.50
CA GLY C 35 -18.95 28.64 -26.25
C GLY C 35 -17.94 28.58 -25.12
N VAL C 36 -16.69 28.92 -25.36
CA VAL C 36 -15.68 28.90 -24.31
C VAL C 36 -15.92 30.04 -23.33
N TYR C 37 -15.69 29.78 -22.05
CA TYR C 37 -15.90 30.78 -21.01
C TYR C 37 -14.84 30.58 -19.93
N TYR C 38 -14.60 31.63 -19.15
CA TYR C 38 -13.66 31.51 -18.05
C TYR C 38 -14.22 30.64 -16.95
N PRO C 39 -13.64 29.49 -16.69
CA PRO C 39 -14.27 28.52 -15.78
C PRO C 39 -13.97 28.70 -14.31
N ASP C 40 -12.86 29.34 -13.94
CA ASP C 40 -12.46 29.33 -12.54
C ASP C 40 -12.16 30.70 -11.96
N LYS C 41 -12.38 31.77 -12.72
CA LYS C 41 -12.15 33.15 -12.27
C LYS C 41 -10.82 33.32 -11.53
N VAL C 42 -9.80 32.58 -11.95
CA VAL C 42 -8.46 32.72 -11.39
C VAL C 42 -7.53 33.18 -12.50
N PHE C 43 -6.74 34.21 -12.21
CA PHE C 43 -5.91 34.82 -13.24
C PHE C 43 -4.72 33.94 -13.52
N ARG C 44 -4.40 33.77 -14.80
CA ARG C 44 -3.22 33.01 -15.20
C ARG C 44 -2.62 33.66 -16.43
N SER C 45 -1.30 33.66 -16.52
CA SER C 45 -0.64 34.38 -17.59
C SER C 45 0.30 33.45 -18.34
N SER C 46 0.19 33.45 -19.66
CA SER C 46 1.10 32.73 -20.55
C SER C 46 1.31 31.29 -20.07
N VAL C 47 0.20 30.55 -19.99
CA VAL C 47 0.23 29.17 -19.54
C VAL C 47 -0.94 28.42 -20.16
N LEU C 48 -0.79 27.10 -20.27
CA LEU C 48 -1.81 26.21 -20.78
C LEU C 48 -2.45 25.44 -19.63
N HIS C 49 -3.77 25.30 -19.68
CA HIS C 49 -4.50 24.64 -18.61
C HIS C 49 -5.57 23.72 -19.19
N SER C 50 -5.69 22.53 -18.62
CA SER C 50 -6.68 21.55 -19.03
C SER C 50 -7.76 21.43 -17.95
N THR C 51 -9.02 21.53 -18.36
CA THR C 51 -10.14 21.50 -17.43
C THR C 51 -11.24 20.59 -17.96
N GLN C 52 -11.86 19.81 -17.07
CA GLN C 52 -12.99 18.96 -17.43
C GLN C 52 -14.28 19.59 -16.95
N ASP C 53 -15.11 20.10 -17.88
CA ASP C 53 -16.35 20.77 -17.54
C ASP C 53 -17.31 20.70 -18.72
N LEU C 54 -18.51 21.25 -18.54
CA LEU C 54 -19.55 21.23 -19.56
C LEU C 54 -19.28 22.38 -20.53
N PHE C 55 -18.79 22.04 -21.70
CA PHE C 55 -18.49 22.97 -22.77
C PHE C 55 -19.36 22.62 -23.97
N LEU C 56 -19.30 23.47 -24.99
CA LEU C 56 -20.03 23.22 -26.22
C LEU C 56 -19.12 22.47 -27.19
N PRO C 57 -19.37 21.20 -27.49
CA PRO C 57 -18.48 20.47 -28.40
C PRO C 57 -18.37 21.18 -29.73
N PHE C 58 -17.16 21.25 -30.24
CA PHE C 58 -16.90 21.94 -31.49
C PHE C 58 -17.52 21.24 -32.68
N PHE C 59 -17.84 22.02 -33.70
CA PHE C 59 -18.36 21.51 -34.97
C PHE C 59 -19.65 20.72 -34.80
N SER C 60 -20.42 21.04 -33.77
CA SER C 60 -21.70 20.37 -33.62
C SER C 60 -22.79 21.21 -34.25
N ASN C 61 -23.79 20.54 -34.80
CA ASN C 61 -24.87 21.27 -35.43
C ASN C 61 -25.83 21.79 -34.38
N VAL C 62 -26.42 22.95 -34.66
CA VAL C 62 -27.33 23.60 -33.73
C VAL C 62 -28.58 24.02 -34.48
N THR C 63 -29.72 23.86 -33.82
CA THR C 63 -31.00 24.24 -34.40
C THR C 63 -31.05 25.75 -34.57
N TRP C 64 -31.69 26.18 -35.65
CA TRP C 64 -31.73 27.58 -36.02
C TRP C 64 -33.20 27.96 -36.12
N PHE C 65 -33.56 29.10 -35.53
CA PHE C 65 -34.93 29.56 -35.57
C PHE C 65 -35.02 31.03 -35.93
N HIS C 66 -36.20 31.40 -36.46
CA HIS C 66 -36.47 32.76 -36.88
C HIS C 66 -37.60 33.33 -36.03
N ALA C 67 -37.60 34.64 -35.87
CA ALA C 67 -38.54 35.30 -34.97
C ALA C 67 -39.67 36.04 -35.67
N ILE C 68 -40.51 35.36 -36.44
CA ILE C 68 -41.67 36.05 -37.01
C ILE C 68 -42.94 35.55 -36.31
N HIS C 69 -43.31 34.29 -36.55
CA HIS C 69 -44.40 33.65 -35.82
C HIS C 69 -44.28 32.15 -36.04
N VAL C 70 -44.68 31.39 -35.02
CA VAL C 70 -44.77 29.92 -35.02
C VAL C 70 -44.01 29.21 -36.14
N ASP C 80 -45.47 32.27 -31.20
CA ASP C 80 -44.48 32.66 -32.19
C ASP C 80 -43.27 31.74 -32.15
N ASN C 81 -42.85 31.35 -30.95
CA ASN C 81 -41.66 30.52 -30.87
C ASN C 81 -41.99 29.20 -30.18
N PRO C 82 -41.51 28.08 -30.73
CA PRO C 82 -41.79 26.78 -30.10
C PRO C 82 -40.97 26.55 -28.83
N VAL C 83 -41.46 25.61 -28.04
CA VAL C 83 -40.89 25.29 -26.74
C VAL C 83 -39.64 24.42 -26.92
N LEU C 84 -38.60 24.68 -26.14
CA LEU C 84 -37.36 23.93 -26.20
C LEU C 84 -36.98 23.33 -24.85
N PRO C 85 -36.59 22.06 -24.79
CA PRO C 85 -36.25 21.44 -23.50
C PRO C 85 -34.91 21.94 -22.98
N PHE C 86 -34.78 21.88 -21.66
CA PHE C 86 -33.53 22.22 -20.97
C PHE C 86 -32.79 20.96 -20.53
N ASN C 87 -32.09 20.32 -21.48
CA ASN C 87 -31.49 19.02 -21.18
C ASN C 87 -30.46 19.16 -20.07
N ASP C 88 -29.39 19.92 -20.32
CA ASP C 88 -28.34 20.10 -19.32
C ASP C 88 -27.74 21.49 -19.28
N GLY C 89 -28.07 22.38 -20.21
CA GLY C 89 -27.44 23.68 -20.32
C GLY C 89 -27.62 24.20 -21.73
N VAL C 90 -27.83 25.51 -21.87
CA VAL C 90 -28.19 26.09 -23.16
C VAL C 90 -27.17 27.14 -23.55
N TYR C 91 -26.79 27.13 -24.82
CA TYR C 91 -25.91 28.15 -25.39
C TYR C 91 -26.77 28.97 -26.34
N PHE C 92 -27.13 30.17 -25.91
CA PHE C 92 -28.09 31.02 -26.59
C PHE C 92 -27.38 32.20 -27.24
N ALA C 93 -27.32 32.21 -28.57
CA ALA C 93 -26.76 33.32 -29.32
C ALA C 93 -27.86 34.02 -30.11
N SER C 94 -27.75 35.35 -30.22
CA SER C 94 -28.75 36.11 -30.95
C SER C 94 -28.13 37.30 -31.66
N THR C 95 -28.44 37.45 -32.94
CA THR C 95 -28.04 38.60 -33.73
C THR C 95 -29.29 39.39 -34.08
N GLU C 96 -29.46 40.55 -33.43
CA GLU C 96 -30.64 41.38 -33.63
C GLU C 96 -30.25 42.80 -33.32
N LYS C 97 -31.06 43.76 -33.80
CA LYS C 97 -30.72 45.16 -33.54
C LYS C 97 -31.90 46.04 -33.15
N SER C 98 -33.00 45.48 -32.64
CA SER C 98 -34.12 46.32 -32.27
C SER C 98 -34.77 45.90 -30.95
N ASN C 99 -34.12 45.03 -30.17
CA ASN C 99 -34.65 44.53 -28.90
C ASN C 99 -35.99 43.83 -29.09
N ILE C 100 -36.07 42.97 -30.10
CA ILE C 100 -37.30 42.26 -30.35
C ILE C 100 -37.40 41.10 -29.36
N ILE C 101 -36.24 40.58 -28.98
CA ILE C 101 -36.13 39.50 -28.00
C ILE C 101 -35.77 40.16 -26.68
N ARG C 102 -36.60 39.93 -25.65
CA ARG C 102 -36.48 40.74 -24.45
C ARG C 102 -36.42 39.99 -23.14
N GLY C 103 -36.54 38.67 -23.13
CA GLY C 103 -36.49 37.94 -21.89
C GLY C 103 -36.69 36.46 -22.10
N TRP C 104 -36.75 35.74 -20.99
CA TRP C 104 -36.92 34.29 -21.04
C TRP C 104 -37.82 33.86 -19.89
N ILE C 105 -38.30 32.63 -19.97
CA ILE C 105 -39.06 31.97 -18.92
C ILE C 105 -38.69 30.49 -18.93
N PHE C 106 -38.39 29.94 -17.77
CA PHE C 106 -37.98 28.55 -17.69
C PHE C 106 -38.87 27.84 -16.68
N GLY C 107 -38.75 26.53 -16.65
CA GLY C 107 -39.48 25.73 -15.68
C GLY C 107 -39.83 24.37 -16.26
N THR C 108 -40.40 23.53 -15.41
CA THR C 108 -40.82 22.21 -15.85
C THR C 108 -42.22 22.19 -16.43
N THR C 109 -43.01 23.25 -16.21
CA THR C 109 -44.36 23.34 -16.74
C THR C 109 -44.86 24.78 -16.55
N LEU C 110 -45.80 25.17 -17.40
CA LEU C 110 -46.37 26.50 -17.34
C LEU C 110 -47.44 26.66 -16.26
N ASP C 111 -47.91 25.58 -15.67
CA ASP C 111 -48.93 25.63 -14.64
C ASP C 111 -48.31 25.99 -13.29
N SER C 112 -49.17 26.31 -12.32
CA SER C 112 -48.71 26.67 -10.99
C SER C 112 -48.39 25.46 -10.15
N LYS C 113 -48.47 24.26 -10.73
CA LYS C 113 -48.20 23.04 -10.00
C LYS C 113 -46.72 22.90 -9.64
N THR C 114 -45.86 23.77 -10.19
CA THR C 114 -44.44 23.72 -9.93
C THR C 114 -43.86 25.12 -9.96
N GLN C 115 -42.73 25.28 -9.25
CA GLN C 115 -42.09 26.58 -9.07
C GLN C 115 -41.38 26.93 -10.38
N SER C 116 -42.15 27.46 -11.33
CA SER C 116 -41.54 27.90 -12.57
C SER C 116 -40.59 29.07 -12.31
N LEU C 117 -39.87 29.46 -13.35
CA LEU C 117 -38.83 30.47 -13.21
C LEU C 117 -39.08 31.63 -14.17
N LEU C 118 -38.60 32.81 -13.78
CA LEU C 118 -38.72 33.99 -14.63
C LEU C 118 -37.40 34.75 -14.67
N ILE C 119 -36.98 35.14 -15.86
CA ILE C 119 -35.88 36.07 -16.06
C ILE C 119 -36.30 37.05 -17.14
N VAL C 120 -36.40 38.33 -16.80
CA VAL C 120 -36.90 39.31 -17.76
C VAL C 120 -35.98 40.52 -17.79
N ASN C 121 -35.43 40.80 -18.95
CA ASN C 121 -34.60 41.98 -19.11
C ASN C 121 -35.49 43.14 -19.53
N ASN C 122 -34.91 44.34 -19.53
CA ASN C 122 -35.64 45.55 -19.91
C ASN C 122 -34.62 46.65 -20.14
N ALA C 123 -35.12 47.78 -20.66
CA ALA C 123 -34.24 48.92 -20.87
C ALA C 123 -33.75 49.52 -19.57
N THR C 124 -34.45 49.27 -18.47
CA THR C 124 -34.11 49.85 -17.18
C THR C 124 -33.44 48.88 -16.21
N ASN C 125 -33.87 47.62 -16.16
CA ASN C 125 -33.29 46.69 -15.18
C ASN C 125 -33.75 45.28 -15.53
N VAL C 126 -33.11 44.30 -14.89
CA VAL C 126 -33.51 42.91 -14.99
C VAL C 126 -34.34 42.53 -13.76
N VAL C 127 -35.36 41.71 -13.96
CA VAL C 127 -36.21 41.17 -12.90
C VAL C 127 -36.15 39.66 -12.95
N ILE C 128 -35.63 39.03 -11.89
CA ILE C 128 -35.52 37.57 -11.82
C ILE C 128 -36.52 37.06 -10.79
N LYS C 129 -37.25 35.99 -11.14
CA LYS C 129 -38.30 35.49 -10.28
C LYS C 129 -38.38 33.97 -10.35
N VAL C 130 -38.75 33.38 -9.22
CA VAL C 130 -39.09 31.96 -9.10
C VAL C 130 -40.37 31.91 -8.29
N CYS C 131 -41.53 31.85 -8.96
CA CYS C 131 -42.77 32.08 -8.23
C CYS C 131 -43.90 31.10 -8.55
N GLU C 132 -43.66 30.04 -9.32
CA GLU C 132 -44.68 29.03 -9.58
C GLU C 132 -45.95 29.64 -10.15
N PHE C 133 -45.84 30.72 -10.91
CA PHE C 133 -47.03 31.34 -11.47
C PHE C 133 -47.56 30.50 -12.61
N GLN C 134 -48.84 30.14 -12.54
CA GLN C 134 -49.40 29.37 -13.65
C GLN C 134 -49.49 30.27 -14.85
N PHE C 135 -49.04 29.78 -15.99
CA PHE C 135 -49.02 30.57 -17.22
C PHE C 135 -50.15 30.18 -18.14
N CYS C 136 -50.34 31.03 -19.14
CA CYS C 136 -51.33 30.81 -20.18
C CYS C 136 -50.76 29.84 -21.21
N ASN C 137 -51.54 29.55 -22.26
CA ASN C 137 -51.06 28.66 -23.31
C ASN C 137 -49.78 29.19 -23.94
N ASP C 138 -49.59 30.50 -23.93
CA ASP C 138 -48.39 31.13 -24.45
C ASP C 138 -47.87 32.17 -23.47
N PRO C 139 -46.58 32.41 -23.45
CA PRO C 139 -46.05 33.48 -22.58
C PRO C 139 -46.64 34.79 -23.05
N PHE C 140 -47.12 35.59 -22.11
CA PHE C 140 -47.74 36.85 -22.48
C PHE C 140 -46.76 37.80 -23.16
N LEU C 141 -47.28 38.53 -24.14
CA LEU C 141 -46.54 39.53 -24.90
C LEU C 141 -46.95 40.91 -24.40
N ASP C 142 -46.03 41.59 -23.72
CA ASP C 142 -46.36 42.91 -23.20
C ASP C 142 -46.70 43.91 -24.31
N PHE C 157 -51.63 44.85 -20.12
CA PHE C 157 -51.13 43.68 -20.82
C PHE C 157 -49.64 43.47 -20.54
N ARG C 158 -49.26 43.64 -19.28
CA ARG C 158 -47.86 43.50 -18.87
C ARG C 158 -47.57 42.12 -18.31
N VAL C 159 -48.62 41.42 -17.87
CA VAL C 159 -48.50 40.09 -17.28
C VAL C 159 -49.78 39.36 -17.64
N TYR C 160 -49.67 38.04 -17.77
CA TYR C 160 -50.83 37.19 -18.04
C TYR C 160 -50.47 35.83 -17.47
N SER C 161 -51.01 35.53 -16.30
CA SER C 161 -50.73 34.31 -15.59
C SER C 161 -51.76 34.21 -14.47
N SER C 162 -51.85 33.02 -13.89
CA SER C 162 -52.82 32.76 -12.83
C SER C 162 -52.22 33.23 -11.50
N ALA C 163 -52.90 32.89 -10.41
CA ALA C 163 -52.44 33.30 -9.10
C ALA C 163 -51.04 32.75 -8.84
N ASN C 164 -50.40 33.28 -7.81
CA ASN C 164 -49.03 32.91 -7.54
C ASN C 164 -48.83 32.57 -6.08
N ASN C 165 -47.78 31.79 -5.85
CA ASN C 165 -47.29 31.35 -4.55
C ASN C 165 -45.79 31.61 -4.47
N CYS C 166 -45.42 32.84 -4.81
CA CYS C 166 -44.03 33.20 -5.11
C CYS C 166 -43.06 32.65 -4.08
N THR C 167 -41.92 32.16 -4.56
CA THR C 167 -40.84 31.77 -3.67
C THR C 167 -39.55 32.56 -3.84
N PHE C 168 -39.32 33.22 -4.98
CA PHE C 168 -38.08 33.96 -5.14
C PHE C 168 -38.26 35.14 -6.08
N GLU C 169 -37.55 36.24 -5.77
CA GLU C 169 -37.58 37.42 -6.61
C GLU C 169 -36.25 38.15 -6.51
N TYR C 170 -35.87 38.82 -7.60
CA TYR C 170 -34.56 39.43 -7.68
C TYR C 170 -34.62 40.54 -8.73
N VAL C 171 -33.77 41.55 -8.54
CA VAL C 171 -33.73 42.71 -9.43
C VAL C 171 -32.29 43.22 -9.48
N SER C 172 -31.90 43.74 -10.64
CA SER C 172 -30.57 44.31 -10.82
C SER C 172 -30.52 45.06 -12.15
N GLN C 173 -29.35 45.62 -12.45
CA GLN C 173 -29.14 46.43 -13.64
C GLN C 173 -29.45 45.64 -14.91
N PRO C 174 -29.76 46.32 -16.01
CA PRO C 174 -30.14 45.62 -17.24
C PRO C 174 -28.92 45.02 -17.94
N PHE C 175 -29.21 44.04 -18.79
CA PHE C 175 -28.16 43.42 -19.61
C PHE C 175 -27.86 44.19 -20.89
N LEU C 176 -27.63 45.49 -20.78
CA LEU C 176 -27.36 46.30 -21.97
C LEU C 176 -26.21 47.25 -21.70
N LYS C 187 -25.55 44.05 -36.28
CA LYS C 187 -24.11 43.86 -36.32
C LYS C 187 -23.57 43.43 -34.96
N ASN C 188 -24.37 43.61 -33.92
CA ASN C 188 -23.99 43.24 -32.56
C ASN C 188 -24.37 41.78 -32.33
N LEU C 189 -23.38 40.96 -32.07
CA LEU C 189 -23.57 39.54 -31.79
C LEU C 189 -23.61 39.32 -30.29
N ARG C 190 -24.80 39.10 -29.74
CA ARG C 190 -24.94 38.78 -28.34
C ARG C 190 -24.92 37.27 -28.22
N GLU C 191 -24.06 36.77 -27.34
CA GLU C 191 -23.95 35.35 -27.05
C GLU C 191 -24.15 35.09 -25.57
N PHE C 192 -24.81 33.99 -25.24
CA PHE C 192 -25.07 33.68 -23.84
C PHE C 192 -24.99 32.19 -23.61
N VAL C 193 -24.50 31.82 -22.43
CA VAL C 193 -24.46 30.43 -21.99
C VAL C 193 -25.06 30.40 -20.59
N PHE C 194 -26.10 29.60 -20.41
CA PHE C 194 -26.77 29.51 -19.12
C PHE C 194 -26.59 28.12 -18.54
N LYS C 195 -26.15 28.06 -17.28
CA LYS C 195 -25.91 26.80 -16.61
C LYS C 195 -26.47 26.87 -15.20
N ASN C 196 -27.03 25.76 -14.73
CA ASN C 196 -27.59 25.66 -13.38
C ASN C 196 -27.35 24.24 -12.90
N ILE C 197 -26.28 24.04 -12.13
CA ILE C 197 -25.87 22.70 -11.74
C ILE C 197 -25.72 22.51 -10.23
N ASP C 198 -24.93 23.37 -9.60
CA ASP C 198 -24.48 23.18 -8.21
C ASP C 198 -25.35 23.97 -7.25
N GLY C 199 -26.63 24.03 -7.52
CA GLY C 199 -27.52 24.82 -6.70
C GLY C 199 -27.48 26.27 -7.09
N TYR C 200 -26.62 26.62 -8.04
CA TYR C 200 -26.52 27.97 -8.57
C TYR C 200 -26.73 27.92 -10.08
N PHE C 201 -27.25 29.01 -10.59
CA PHE C 201 -27.45 29.24 -12.02
C PHE C 201 -26.50 30.34 -12.46
N LYS C 202 -25.68 30.05 -13.46
CA LYS C 202 -24.58 30.93 -13.82
C LYS C 202 -24.79 31.44 -15.24
N ILE C 203 -24.39 32.68 -15.48
CA ILE C 203 -24.56 33.35 -16.76
C ILE C 203 -23.21 33.82 -17.27
N TYR C 204 -22.95 33.54 -18.54
CA TYR C 204 -21.79 34.09 -19.24
C TYR C 204 -22.30 34.81 -20.46
N SER C 205 -21.55 35.81 -20.92
CA SER C 205 -22.04 36.60 -22.04
C SER C 205 -20.91 37.32 -22.74
N LYS C 206 -21.20 37.77 -23.95
CA LYS C 206 -20.29 38.56 -24.76
C LYS C 206 -21.07 39.21 -25.90
N HIS C 207 -20.76 40.47 -26.19
CA HIS C 207 -21.44 41.22 -27.24
C HIS C 207 -20.39 41.68 -28.22
N THR C 208 -20.47 41.21 -29.46
CA THR C 208 -19.38 41.57 -30.37
C THR C 208 -19.91 42.07 -31.70
N PRO C 209 -19.18 43.01 -32.31
CA PRO C 209 -19.48 43.43 -33.68
C PRO C 209 -19.28 42.28 -34.66
N ILE C 210 -19.77 42.49 -35.88
CA ILE C 210 -19.59 41.51 -36.95
C ILE C 210 -19.41 42.22 -38.27
N ASP C 215 -24.97 34.13 -40.05
CA ASP C 215 -24.38 32.84 -39.71
C ASP C 215 -23.42 32.99 -38.53
N LEU C 216 -23.07 31.88 -37.91
CA LEU C 216 -22.14 31.94 -36.78
C LEU C 216 -20.74 32.26 -37.26
N PRO C 217 -20.06 33.24 -36.67
CA PRO C 217 -18.73 33.61 -37.14
C PRO C 217 -17.68 32.60 -36.69
N GLN C 218 -16.58 32.57 -37.44
CA GLN C 218 -15.48 31.70 -37.09
C GLN C 218 -14.56 32.29 -36.03
N GLY C 219 -14.79 33.53 -35.61
CA GLY C 219 -13.91 34.16 -34.65
C GLY C 219 -14.03 33.55 -33.25
N PHE C 220 -12.89 33.47 -32.57
CA PHE C 220 -12.82 32.91 -31.23
C PHE C 220 -13.07 34.01 -30.20
N SER C 221 -13.84 33.69 -29.16
CA SER C 221 -14.12 34.68 -28.12
C SER C 221 -14.69 33.98 -26.89
N ALA C 222 -14.13 34.28 -25.73
CA ALA C 222 -14.55 33.63 -24.49
C ALA C 222 -15.59 34.45 -23.75
N LEU C 223 -16.48 33.75 -23.08
CA LEU C 223 -17.53 34.34 -22.26
C LEU C 223 -17.07 34.58 -20.83
N GLU C 224 -17.58 35.67 -20.22
CA GLU C 224 -17.27 36.08 -18.86
C GLU C 224 -18.43 35.78 -17.92
N PRO C 225 -18.16 35.32 -16.70
CA PRO C 225 -19.23 35.05 -15.72
C PRO C 225 -19.93 36.33 -15.31
N LEU C 226 -21.23 36.38 -15.59
CA LEU C 226 -22.01 37.57 -15.31
C LEU C 226 -22.74 37.53 -13.96
N VAL C 227 -23.52 36.49 -13.70
CA VAL C 227 -24.30 36.38 -12.47
C VAL C 227 -24.30 34.96 -11.97
N ASP C 228 -24.28 34.79 -10.65
CA ASP C 228 -24.33 33.48 -10.00
C ASP C 228 -25.51 33.47 -9.03
N LEU C 229 -26.60 32.96 -9.47
CA LEU C 229 -27.84 33.01 -8.69
C LEU C 229 -27.94 31.75 -7.83
N PRO C 230 -28.51 31.82 -6.63
CA PRO C 230 -28.59 30.65 -5.76
C PRO C 230 -29.76 29.70 -5.94
N ILE C 231 -30.72 29.99 -6.82
CA ILE C 231 -31.90 29.13 -6.94
C ILE C 231 -31.53 27.70 -7.31
N GLY C 232 -32.13 26.74 -6.61
CA GLY C 232 -31.92 25.32 -6.77
C GLY C 232 -33.09 24.69 -7.50
N ILE C 233 -33.73 25.47 -8.38
CA ILE C 233 -34.90 24.99 -9.11
C ILE C 233 -34.55 23.82 -10.00
N ASN C 234 -35.48 22.86 -10.07
CA ASN C 234 -35.36 21.70 -10.94
C ASN C 234 -35.74 22.16 -12.34
N ILE C 235 -34.74 22.52 -13.12
CA ILE C 235 -34.94 23.03 -14.47
C ILE C 235 -34.99 21.86 -15.45
N THR C 236 -36.06 21.79 -16.24
CA THR C 236 -36.13 20.75 -17.27
C THR C 236 -36.47 21.32 -18.65
N ARG C 237 -37.17 22.44 -18.68
CA ARG C 237 -37.51 23.11 -19.93
C ARG C 237 -37.21 24.60 -19.84
N PHE C 238 -37.06 25.22 -20.99
CA PHE C 238 -36.74 26.64 -21.05
C PHE C 238 -37.36 27.24 -22.29
N GLN C 239 -37.67 28.53 -22.22
CA GLN C 239 -38.29 29.20 -23.33
C GLN C 239 -37.73 30.61 -23.41
N THR C 240 -38.03 31.31 -24.50
CA THR C 240 -37.58 32.68 -24.62
C THR C 240 -38.78 33.61 -24.77
N LEU C 241 -38.54 34.91 -24.59
CA LEU C 241 -39.58 35.92 -24.72
C LEU C 241 -39.23 36.96 -25.77
N LEU C 242 -40.20 37.20 -26.65
CA LEU C 242 -40.17 38.11 -27.78
C LEU C 242 -41.12 39.25 -27.49
N ALA C 243 -41.15 40.24 -28.37
CA ALA C 243 -42.00 41.39 -28.18
C ALA C 243 -42.49 41.87 -29.53
N LEU C 244 -43.42 42.80 -29.51
CA LEU C 244 -43.99 43.31 -30.76
C LEU C 244 -44.75 44.60 -30.50
N HIS C 245 -44.75 45.46 -31.52
CA HIS C 245 -45.36 46.77 -31.43
C HIS C 245 -46.87 46.68 -31.61
N ARG C 246 -47.61 47.30 -30.68
CA ARG C 246 -49.07 47.39 -30.75
C ARG C 246 -49.71 46.02 -30.95
N SER C 247 -49.32 45.06 -30.14
CA SER C 247 -49.85 43.71 -30.24
C SER C 247 -50.79 43.43 -29.08
N TYR C 248 -51.87 42.73 -29.39
CA TYR C 248 -52.86 42.31 -28.41
C TYR C 248 -52.32 41.16 -27.57
N LEU C 249 -52.95 40.96 -26.42
CA LEU C 249 -52.51 39.90 -25.51
C LEU C 249 -53.73 39.15 -24.99
N THR C 250 -53.69 37.84 -25.15
CA THR C 250 -54.72 36.91 -24.73
C THR C 250 -54.03 35.62 -24.28
N PRO C 251 -54.66 34.85 -23.38
CA PRO C 251 -54.06 33.56 -22.99
C PRO C 251 -53.81 32.63 -24.16
N GLY C 252 -54.66 32.66 -25.20
CA GLY C 252 -54.46 31.82 -26.36
C GLY C 252 -54.63 32.52 -27.68
N ASP C 253 -53.73 32.26 -28.63
CA ASP C 253 -53.79 32.90 -29.94
C ASP C 253 -53.34 31.89 -30.98
N SER C 254 -53.69 32.15 -32.23
CA SER C 254 -53.31 31.27 -33.34
C SER C 254 -51.87 31.57 -33.74
N SER C 255 -51.45 31.01 -34.88
CA SER C 255 -50.10 31.18 -35.39
C SER C 255 -49.92 32.49 -36.14
N SER C 256 -50.90 33.39 -36.06
CA SER C 256 -50.79 34.67 -36.75
C SER C 256 -49.71 35.54 -36.13
N GLY C 257 -49.68 35.64 -34.81
CA GLY C 257 -48.61 36.47 -34.30
C GLY C 257 -48.78 37.92 -34.74
N TRP C 258 -47.68 38.65 -34.69
CA TRP C 258 -47.65 40.04 -35.10
C TRP C 258 -46.40 40.25 -35.94
N THR C 259 -46.44 41.24 -36.82
CA THR C 259 -45.30 41.48 -37.70
C THR C 259 -44.09 41.93 -36.90
N ALA C 260 -42.91 41.62 -37.42
CA ALA C 260 -41.67 42.02 -36.78
C ALA C 260 -40.54 42.01 -37.79
N GLY C 261 -39.42 42.63 -37.40
CA GLY C 261 -38.25 42.67 -38.25
C GLY C 261 -37.57 41.32 -38.42
N ALA C 262 -36.80 41.23 -39.51
CA ALA C 262 -36.05 40.01 -39.82
C ALA C 262 -34.95 39.80 -38.79
N ALA C 263 -34.97 38.64 -38.12
CA ALA C 263 -33.98 38.34 -37.10
C ALA C 263 -33.98 36.84 -36.85
N ALA C 264 -32.94 36.37 -36.17
CA ALA C 264 -32.82 34.94 -35.90
C ALA C 264 -31.91 34.72 -34.70
N TYR C 265 -32.07 33.54 -34.08
CA TYR C 265 -31.29 33.14 -32.92
C TYR C 265 -31.01 31.65 -32.98
N TYR C 266 -29.79 31.26 -32.60
CA TYR C 266 -29.38 29.86 -32.63
C TYR C 266 -29.34 29.32 -31.20
N VAL C 267 -29.49 28.00 -31.06
CA VAL C 267 -29.46 27.37 -29.74
C VAL C 267 -28.53 26.16 -29.80
N GLY C 268 -27.66 26.04 -28.81
CA GLY C 268 -26.77 24.89 -28.72
C GLY C 268 -26.65 24.34 -27.31
N TYR C 269 -26.34 23.05 -27.22
CA TYR C 269 -26.26 22.31 -25.97
C TYR C 269 -24.83 21.93 -25.63
N LEU C 270 -24.41 22.26 -24.42
CA LEU C 270 -23.10 21.93 -23.87
C LEU C 270 -23.08 20.50 -23.35
N GLN C 271 -21.87 19.94 -23.28
CA GLN C 271 -21.64 18.58 -22.84
C GLN C 271 -20.37 18.51 -21.99
N PRO C 272 -20.27 17.51 -21.11
CA PRO C 272 -19.04 17.36 -20.30
C PRO C 272 -17.87 16.96 -21.18
N ARG C 273 -16.88 17.86 -21.25
CA ARG C 273 -15.71 17.65 -22.07
C ARG C 273 -14.49 18.12 -21.30
N THR C 274 -13.33 17.68 -21.77
CA THR C 274 -12.04 18.12 -21.22
C THR C 274 -11.42 19.06 -22.24
N PHE C 275 -11.17 20.29 -21.82
CA PHE C 275 -10.67 21.32 -22.71
C PHE C 275 -9.27 21.76 -22.30
N LEU C 276 -8.41 21.97 -23.28
CA LEU C 276 -7.10 22.54 -23.06
C LEU C 276 -7.15 24.01 -23.46
N LEU C 277 -7.11 24.90 -22.48
CA LEU C 277 -7.27 26.32 -22.72
C LEU C 277 -5.91 26.98 -22.78
N LYS C 278 -5.76 27.92 -23.69
CA LYS C 278 -4.51 28.65 -23.85
C LYS C 278 -4.71 30.09 -23.38
N TYR C 279 -3.96 30.48 -22.37
CA TYR C 279 -4.00 31.83 -21.84
C TYR C 279 -2.86 32.64 -22.42
N ASN C 280 -3.15 33.87 -22.77
CA ASN C 280 -2.13 34.74 -23.31
C ASN C 280 -1.43 35.48 -22.17
N GLU C 281 -0.51 36.36 -22.54
CA GLU C 281 0.24 37.07 -21.51
C GLU C 281 -0.62 38.01 -20.69
N ASN C 282 -1.83 38.32 -21.16
CA ASN C 282 -2.72 39.22 -20.45
C ASN C 282 -3.83 38.51 -19.70
N GLY C 283 -3.81 37.19 -19.64
CA GLY C 283 -4.82 36.52 -18.85
C GLY C 283 -6.11 36.29 -19.59
N THR C 284 -6.10 36.36 -20.91
CA THR C 284 -7.30 36.16 -21.72
C THR C 284 -7.16 34.88 -22.52
N ILE C 285 -8.27 34.17 -22.69
CA ILE C 285 -8.27 32.93 -23.46
C ILE C 285 -8.19 33.25 -24.94
N THR C 286 -7.21 32.68 -25.62
CA THR C 286 -7.07 32.93 -27.04
C THR C 286 -7.33 31.73 -27.93
N ASP C 287 -7.06 30.51 -27.47
CA ASP C 287 -7.32 29.30 -28.24
C ASP C 287 -7.71 28.16 -27.32
N ALA C 288 -8.31 27.13 -27.91
CA ALA C 288 -8.69 25.95 -27.16
C ALA C 288 -8.76 24.77 -28.11
N VAL C 289 -8.50 23.59 -27.57
CA VAL C 289 -8.52 22.34 -28.33
C VAL C 289 -9.38 21.34 -27.59
N ASP C 290 -10.33 20.74 -28.30
CA ASP C 290 -11.20 19.74 -27.69
C ASP C 290 -10.43 18.44 -27.54
N CYS C 291 -10.18 18.04 -26.30
CA CYS C 291 -9.32 16.90 -26.04
C CYS C 291 -9.90 15.60 -26.56
N ALA C 292 -11.20 15.54 -26.82
CA ALA C 292 -11.83 14.28 -27.24
C ALA C 292 -12.56 14.40 -28.56
N LEU C 293 -12.13 15.31 -29.42
CA LEU C 293 -12.82 15.48 -30.69
C LEU C 293 -12.33 14.45 -31.70
N ASP C 294 -11.06 14.52 -32.04
CA ASP C 294 -10.49 13.63 -33.04
C ASP C 294 -9.08 13.27 -32.59
N PRO C 295 -8.41 12.33 -33.25
CA PRO C 295 -7.08 11.92 -32.75
C PRO C 295 -6.06 13.03 -32.70
N LEU C 296 -6.05 13.95 -33.66
CA LEU C 296 -5.05 15.01 -33.61
C LEU C 296 -5.26 15.92 -32.40
N SER C 297 -6.52 16.25 -32.12
CA SER C 297 -6.79 17.07 -30.94
C SER C 297 -6.42 16.32 -29.68
N GLU C 298 -6.66 15.01 -29.65
CA GLU C 298 -6.30 14.25 -28.47
C GLU C 298 -4.80 14.22 -28.28
N THR C 299 -4.04 14.15 -29.37
CA THR C 299 -2.58 14.21 -29.25
C THR C 299 -2.11 15.55 -28.75
N LYS C 300 -2.68 16.64 -29.27
CA LYS C 300 -2.33 17.95 -28.74
C LYS C 300 -2.63 18.02 -27.25
N CYS C 301 -3.79 17.53 -26.85
CA CYS C 301 -4.18 17.61 -25.45
C CYS C 301 -3.31 16.73 -24.56
N THR C 302 -2.81 15.61 -25.06
CA THR C 302 -1.97 14.81 -24.18
C THR C 302 -0.57 15.39 -24.05
N LEU C 303 0.03 15.82 -25.16
CA LEU C 303 1.32 16.50 -25.00
C LEU C 303 1.20 17.86 -24.36
N LYS C 304 -0.01 18.37 -24.13
CA LYS C 304 -0.21 19.69 -23.56
C LYS C 304 0.56 20.76 -24.32
N SER C 305 0.39 20.74 -25.64
CA SER C 305 1.08 21.69 -26.50
C SER C 305 0.30 21.84 -27.79
N PHE C 306 0.09 23.07 -28.21
CA PHE C 306 -0.70 23.31 -29.42
C PHE C 306 0.02 22.88 -30.68
N THR C 307 1.34 22.78 -30.66
CA THR C 307 2.11 22.37 -31.83
C THR C 307 2.77 21.03 -31.55
N VAL C 308 2.39 20.01 -32.31
CA VAL C 308 2.98 18.69 -32.20
C VAL C 308 3.91 18.47 -33.37
N GLU C 309 5.13 18.02 -33.07
CA GLU C 309 6.12 17.76 -34.10
C GLU C 309 5.92 16.36 -34.67
N LYS C 310 6.62 16.08 -35.77
CA LYS C 310 6.51 14.79 -36.42
C LYS C 310 6.92 13.65 -35.50
N GLY C 311 6.13 12.60 -35.45
CA GLY C 311 6.47 11.47 -34.64
C GLY C 311 5.27 10.58 -34.38
N ILE C 312 5.48 9.61 -33.49
CA ILE C 312 4.47 8.65 -33.08
C ILE C 312 4.19 8.82 -31.60
N TYR C 313 2.93 8.90 -31.24
CA TYR C 313 2.54 9.15 -29.86
C TYR C 313 1.50 8.13 -29.40
N GLN C 314 1.69 7.61 -28.20
CA GLN C 314 0.72 6.71 -27.58
C GLN C 314 -0.29 7.53 -26.81
N THR C 315 -1.45 7.76 -27.42
CA THR C 315 -2.38 8.70 -26.83
C THR C 315 -3.23 8.06 -25.73
N SER C 316 -3.84 6.91 -25.97
CA SER C 316 -4.77 6.35 -24.99
C SER C 316 -4.91 4.86 -25.20
N ASN C 317 -5.90 4.27 -24.53
CA ASN C 317 -6.21 2.85 -24.63
C ASN C 317 -7.68 2.66 -24.90
N PHE C 318 -8.00 1.53 -25.52
CA PHE C 318 -9.36 1.13 -25.83
C PHE C 318 -9.61 -0.24 -25.22
N ARG C 319 -10.87 -0.53 -24.94
CA ARG C 319 -11.22 -1.81 -24.34
C ARG C 319 -12.65 -2.12 -24.69
N VAL C 320 -12.87 -3.25 -25.35
CA VAL C 320 -14.20 -3.64 -25.78
C VAL C 320 -15.11 -3.80 -24.58
N GLN C 321 -16.27 -3.19 -24.65
CA GLN C 321 -17.17 -3.21 -23.51
C GLN C 321 -17.98 -4.50 -23.49
N PRO C 322 -18.45 -4.92 -22.31
CA PRO C 322 -19.29 -6.12 -22.24
C PRO C 322 -20.64 -5.85 -22.86
N THR C 323 -21.11 -6.80 -23.67
CA THR C 323 -22.38 -6.63 -24.34
C THR C 323 -23.55 -7.25 -23.60
N GLU C 324 -23.31 -8.11 -22.62
CA GLU C 324 -24.43 -8.76 -21.95
C GLU C 324 -23.99 -9.27 -20.58
N SER C 325 -24.99 -9.57 -19.74
CA SER C 325 -24.76 -10.14 -18.43
C SER C 325 -25.61 -11.39 -18.29
N ILE C 326 -24.99 -12.47 -17.82
CA ILE C 326 -25.66 -13.76 -17.68
C ILE C 326 -25.37 -14.35 -16.32
N VAL C 327 -26.36 -15.05 -15.77
CA VAL C 327 -26.18 -15.79 -14.53
C VAL C 327 -26.60 -17.23 -14.80
N ARG C 328 -25.82 -18.16 -14.25
CA ARG C 328 -26.03 -19.59 -14.45
C ARG C 328 -25.94 -20.29 -13.11
N PHE C 329 -27.03 -20.91 -12.69
CA PHE C 329 -27.06 -21.66 -11.44
C PHE C 329 -27.62 -23.05 -11.64
N PRO C 330 -27.55 -23.89 -10.62
CA PRO C 330 -28.07 -25.26 -10.74
C PRO C 330 -29.58 -25.23 -10.74
N ASN C 331 -30.18 -26.21 -11.42
CA ASN C 331 -31.63 -26.24 -11.56
C ASN C 331 -32.31 -26.54 -10.22
N ILE C 332 -32.84 -25.47 -9.61
CA ILE C 332 -33.55 -25.40 -8.34
C ILE C 332 -34.43 -26.62 -8.12
N THR C 333 -34.17 -27.38 -7.07
CA THR C 333 -34.58 -28.78 -7.04
C THR C 333 -35.39 -29.18 -5.79
N ASN C 334 -34.76 -29.25 -4.62
CA ASN C 334 -35.43 -29.74 -3.41
C ASN C 334 -36.32 -28.66 -2.81
N LEU C 335 -37.56 -28.59 -3.28
CA LEU C 335 -38.44 -27.52 -2.82
C LEU C 335 -38.84 -27.75 -1.37
N CYS C 336 -39.54 -26.73 -0.77
CA CYS C 336 -39.83 -26.98 0.63
C CYS C 336 -41.29 -27.37 0.84
N PRO C 337 -41.57 -28.16 1.88
CA PRO C 337 -42.96 -28.56 2.17
C PRO C 337 -43.68 -27.45 2.90
N PHE C 338 -44.13 -26.46 2.13
CA PHE C 338 -44.93 -25.38 2.68
C PHE C 338 -46.41 -25.68 2.52
N ASP C 339 -46.80 -26.12 1.34
CA ASP C 339 -48.19 -26.42 1.07
C ASP C 339 -48.63 -27.70 1.73
N GLU C 340 -47.81 -28.25 2.63
CA GLU C 340 -48.21 -29.41 3.41
C GLU C 340 -48.56 -29.02 4.83
N VAL C 341 -48.13 -27.84 5.27
CA VAL C 341 -48.49 -27.30 6.57
C VAL C 341 -49.59 -26.24 6.44
N PHE C 342 -49.52 -25.43 5.38
CA PHE C 342 -50.58 -24.46 5.14
C PHE C 342 -51.85 -25.14 4.65
N ASN C 343 -51.71 -26.23 3.88
CA ASN C 343 -52.86 -26.97 3.38
C ASN C 343 -53.35 -28.00 4.37
N ALA C 344 -52.92 -27.90 5.63
CA ALA C 344 -53.30 -28.86 6.64
C ALA C 344 -54.81 -28.92 6.78
N THR C 345 -55.32 -30.15 6.99
CA THR C 345 -56.76 -30.34 7.10
C THR C 345 -57.28 -30.03 8.49
N ARG C 346 -56.50 -30.29 9.53
CA ARG C 346 -56.95 -30.05 10.89
C ARG C 346 -55.85 -29.38 11.70
N PHE C 347 -56.18 -28.23 12.28
CA PHE C 347 -55.25 -27.44 13.05
C PHE C 347 -55.35 -27.80 14.53
N ALA C 348 -54.38 -27.32 15.30
CA ALA C 348 -54.38 -27.47 16.74
C ALA C 348 -55.01 -26.26 17.42
N SER C 349 -55.32 -26.42 18.69
CA SER C 349 -55.86 -25.30 19.44
C SER C 349 -54.71 -24.40 19.89
N VAL C 350 -55.05 -23.15 20.22
CA VAL C 350 -54.01 -22.17 20.57
C VAL C 350 -53.21 -22.65 21.78
N TYR C 351 -53.88 -23.13 22.83
CA TYR C 351 -53.14 -23.52 24.02
C TYR C 351 -52.36 -24.82 23.81
N ALA C 352 -52.51 -25.48 22.65
CA ALA C 352 -51.72 -26.67 22.32
C ALA C 352 -51.30 -26.61 20.86
N TRP C 353 -50.85 -25.44 20.42
CA TRP C 353 -50.41 -25.21 19.05
C TRP C 353 -49.35 -26.23 18.62
N ASN C 354 -49.26 -26.45 17.31
CA ASN C 354 -48.33 -27.41 16.73
C ASN C 354 -47.20 -26.63 16.07
N ARG C 355 -45.97 -27.09 16.29
CA ARG C 355 -44.78 -26.44 15.77
C ARG C 355 -44.07 -27.39 14.80
N LYS C 356 -43.56 -26.83 13.71
CA LYS C 356 -42.85 -27.62 12.72
C LYS C 356 -41.62 -26.88 12.23
N ARG C 357 -40.49 -27.56 12.29
CA ARG C 357 -39.21 -27.03 11.87
C ARG C 357 -38.99 -27.26 10.38
N ILE C 358 -38.61 -26.19 9.68
CA ILE C 358 -38.34 -26.27 8.24
C ILE C 358 -36.94 -25.70 7.97
N SER C 359 -36.08 -26.53 7.39
CA SER C 359 -34.68 -26.18 7.16
C SER C 359 -34.14 -27.09 6.07
N ASN C 360 -32.92 -26.81 5.63
CA ASN C 360 -32.23 -27.65 4.64
C ASN C 360 -33.06 -27.80 3.38
N CYS C 361 -33.36 -26.65 2.75
CA CYS C 361 -34.19 -26.64 1.56
C CYS C 361 -34.17 -25.27 0.92
N VAL C 362 -34.70 -25.21 -0.30
CA VAL C 362 -34.76 -23.97 -1.07
C VAL C 362 -36.16 -23.41 -0.86
N ALA C 363 -36.22 -22.28 -0.17
CA ALA C 363 -37.49 -21.63 0.18
C ALA C 363 -37.79 -20.44 -0.72
N ASP C 364 -39.03 -20.37 -1.19
CA ASP C 364 -39.51 -19.23 -1.97
C ASP C 364 -40.82 -18.78 -1.35
N TYR C 365 -40.91 -17.51 -0.97
CA TYR C 365 -42.09 -16.97 -0.34
C TYR C 365 -42.94 -16.16 -1.29
N SER C 366 -42.94 -16.54 -2.57
CA SER C 366 -43.82 -15.92 -3.56
C SER C 366 -45.02 -16.80 -3.87
N VAL C 367 -44.97 -18.08 -3.49
CA VAL C 367 -46.07 -19.00 -3.75
C VAL C 367 -47.13 -18.92 -2.67
N LEU C 368 -46.82 -18.27 -1.55
CA LEU C 368 -47.72 -18.26 -0.41
C LEU C 368 -48.94 -17.41 -0.70
N TYR C 369 -48.81 -16.43 -1.59
CA TYR C 369 -49.91 -15.53 -1.89
C TYR C 369 -51.10 -16.28 -2.48
N ASN C 370 -50.84 -17.41 -3.14
CA ASN C 370 -51.88 -18.24 -3.72
C ASN C 370 -52.84 -18.70 -2.63
N PHE C 371 -52.33 -19.60 -1.80
CA PHE C 371 -53.07 -20.22 -0.71
C PHE C 371 -53.53 -19.18 0.30
N ALA C 372 -54.73 -19.43 0.87
CA ALA C 372 -55.28 -18.60 1.94
C ALA C 372 -55.54 -17.14 1.55
N PRO C 373 -56.81 -16.80 1.29
CA PRO C 373 -57.22 -15.41 0.98
C PRO C 373 -56.50 -14.33 1.77
N PHE C 374 -55.77 -14.75 2.81
CA PHE C 374 -54.94 -13.90 3.65
C PHE C 374 -55.74 -12.79 4.33
N PHE C 375 -56.69 -13.20 5.18
CA PHE C 375 -57.45 -12.23 5.97
C PHE C 375 -56.53 -11.28 6.72
N ALA C 376 -55.36 -11.77 7.14
CA ALA C 376 -54.36 -10.99 7.86
C ALA C 376 -53.01 -11.52 7.45
N PHE C 377 -52.13 -10.66 6.95
CA PHE C 377 -50.78 -11.11 6.62
C PHE C 377 -49.79 -9.97 6.89
N LYS C 378 -49.08 -10.07 8.01
CA LYS C 378 -48.16 -9.04 8.45
C LYS C 378 -46.97 -9.70 9.10
N CYS C 379 -45.85 -9.00 9.10
CA CYS C 379 -44.58 -9.54 9.56
C CYS C 379 -43.99 -8.59 10.59
N TYR C 380 -43.24 -9.15 11.53
CA TYR C 380 -42.56 -8.33 12.52
C TYR C 380 -41.06 -8.53 12.32
N GLY C 381 -40.35 -7.44 12.04
CA GLY C 381 -38.92 -7.50 11.83
C GLY C 381 -38.49 -7.68 10.39
N VAL C 382 -39.39 -8.14 9.52
CA VAL C 382 -39.11 -8.31 8.10
C VAL C 382 -40.30 -7.82 7.28
N SER C 383 -40.06 -7.66 5.98
CA SER C 383 -41.10 -7.33 5.01
C SER C 383 -41.25 -8.47 4.01
N PRO C 384 -42.50 -8.84 3.69
CA PRO C 384 -42.71 -10.06 2.89
C PRO C 384 -42.07 -10.02 1.51
N THR C 385 -42.05 -8.86 0.86
CA THR C 385 -41.49 -8.77 -0.47
C THR C 385 -39.99 -9.04 -0.49
N LYS C 386 -39.32 -8.77 0.63
CA LYS C 386 -37.89 -9.02 0.73
C LYS C 386 -37.56 -10.38 1.32
N LEU C 387 -38.56 -11.21 1.61
CA LEU C 387 -38.28 -12.40 2.40
C LEU C 387 -37.65 -13.50 1.57
N ASN C 388 -37.82 -13.45 0.25
CA ASN C 388 -37.28 -14.47 -0.64
C ASN C 388 -35.77 -14.33 -0.81
N ASP C 389 -35.15 -13.37 -0.14
CA ASP C 389 -33.77 -12.98 -0.39
C ASP C 389 -32.84 -13.32 0.76
N LEU C 390 -33.28 -13.14 2.00
CA LEU C 390 -32.34 -13.24 3.10
C LEU C 390 -32.08 -14.72 3.34
N CYS C 391 -30.98 -15.02 4.02
CA CYS C 391 -30.71 -16.41 4.36
C CYS C 391 -30.85 -16.61 5.86
N PHE C 392 -31.42 -17.75 6.26
CA PHE C 392 -31.76 -17.97 7.65
C PHE C 392 -31.09 -19.23 8.18
N THR C 393 -31.14 -19.36 9.51
CA THR C 393 -30.57 -20.52 10.19
C THR C 393 -31.52 -21.70 10.17
N ASN C 394 -32.69 -21.55 10.79
CA ASN C 394 -33.68 -22.61 10.91
C ASN C 394 -35.04 -21.97 11.14
N VAL C 395 -35.98 -22.23 10.23
CA VAL C 395 -37.27 -21.55 10.23
C VAL C 395 -38.31 -22.44 10.88
N TYR C 396 -39.13 -21.85 11.75
CA TYR C 396 -40.15 -22.57 12.49
C TYR C 396 -41.53 -22.15 12.03
N ALA C 397 -42.50 -23.03 12.26
CA ALA C 397 -43.88 -22.78 11.87
C ALA C 397 -44.81 -23.28 12.97
N ASP C 398 -45.64 -22.38 13.51
CA ASP C 398 -46.62 -22.74 14.52
C ASP C 398 -48.02 -22.51 13.95
N SER C 399 -48.91 -23.47 14.18
CA SER C 399 -50.25 -23.42 13.64
C SER C 399 -51.28 -23.69 14.73
N PHE C 400 -52.40 -22.97 14.66
CA PHE C 400 -53.49 -23.14 15.62
C PHE C 400 -54.70 -22.35 15.12
N VAL C 401 -55.80 -22.44 15.88
CA VAL C 401 -57.06 -21.82 15.54
C VAL C 401 -57.56 -20.98 16.71
N ILE C 402 -58.00 -19.76 16.42
CA ILE C 402 -58.48 -18.82 17.42
C ILE C 402 -59.78 -18.19 16.93
N ARG C 403 -60.44 -17.47 17.82
CA ARG C 403 -61.68 -16.79 17.47
C ARG C 403 -61.35 -15.63 16.53
N GLY C 404 -62.39 -14.94 16.05
CA GLY C 404 -62.16 -13.88 15.10
C GLY C 404 -62.02 -12.51 15.68
N ASN C 405 -61.95 -12.40 16.99
CA ASN C 405 -61.68 -11.14 17.67
C ASN C 405 -60.38 -11.21 18.42
N GLU C 406 -59.67 -12.34 18.34
CA GLU C 406 -58.43 -12.56 19.06
C GLU C 406 -57.25 -12.70 18.12
N VAL C 407 -57.50 -12.72 16.81
CA VAL C 407 -56.44 -12.79 15.81
C VAL C 407 -55.34 -11.76 16.08
N SER C 408 -55.73 -10.59 16.56
CA SER C 408 -54.77 -9.51 16.82
C SER C 408 -53.78 -9.87 17.92
N GLN C 409 -54.19 -10.71 18.87
CA GLN C 409 -53.36 -11.06 20.02
C GLN C 409 -52.00 -11.65 19.68
N ILE C 410 -51.81 -12.20 18.49
CA ILE C 410 -50.52 -12.81 18.16
C ILE C 410 -49.64 -11.70 17.61
N ALA C 411 -48.92 -11.04 18.51
CA ALA C 411 -48.09 -9.90 18.20
C ALA C 411 -47.06 -9.75 19.31
N PRO C 412 -45.96 -9.05 19.06
CA PRO C 412 -44.95 -8.88 20.11
C PRO C 412 -45.49 -8.10 21.30
N GLY C 413 -45.62 -8.78 22.43
CA GLY C 413 -45.94 -8.10 23.68
C GLY C 413 -47.28 -7.42 23.70
N GLN C 414 -48.29 -8.02 23.08
CA GLN C 414 -49.65 -7.49 23.12
C GLN C 414 -50.52 -8.34 24.05
N THR C 415 -51.31 -7.66 24.88
CA THR C 415 -52.13 -8.30 25.91
C THR C 415 -53.55 -8.52 25.41
N GLY C 416 -54.19 -9.55 25.96
CA GLY C 416 -55.53 -9.95 25.57
C GLY C 416 -55.91 -11.23 26.27
N ASN C 417 -56.49 -12.17 25.52
CA ASN C 417 -56.83 -13.46 26.10
C ASN C 417 -56.33 -14.60 25.23
N ILE C 418 -55.68 -14.30 24.11
CA ILE C 418 -55.10 -15.33 23.25
C ILE C 418 -53.59 -15.37 23.38
N ALA C 419 -53.00 -14.37 24.05
CA ALA C 419 -51.56 -14.28 24.27
C ALA C 419 -51.28 -13.97 25.74
N ASP C 420 -52.21 -14.30 26.63
CA ASP C 420 -52.05 -14.10 28.06
C ASP C 420 -51.84 -15.41 28.80
N TYR C 421 -52.66 -16.41 28.51
CA TYR C 421 -52.57 -17.72 29.14
C TYR C 421 -52.46 -18.87 28.17
N ASN C 422 -52.87 -18.69 26.90
CA ASN C 422 -52.71 -19.75 25.92
C ASN C 422 -51.26 -19.82 25.46
N TYR C 423 -50.80 -18.80 24.75
CA TYR C 423 -49.44 -18.76 24.26
C TYR C 423 -49.10 -17.33 23.86
N LYS C 424 -47.92 -16.88 24.22
CA LYS C 424 -47.45 -15.53 23.94
C LYS C 424 -46.04 -15.57 23.40
N LEU C 425 -45.78 -14.74 22.42
CA LEU C 425 -44.50 -14.58 21.74
C LEU C 425 -43.77 -13.38 22.32
N PRO C 426 -42.46 -13.28 22.11
CA PRO C 426 -41.70 -12.19 22.74
C PRO C 426 -41.99 -10.85 22.09
N ASP C 427 -41.50 -9.81 22.75
CA ASP C 427 -41.62 -8.45 22.23
C ASP C 427 -40.55 -8.14 21.19
N ASP C 428 -39.44 -8.89 21.20
CA ASP C 428 -38.42 -8.75 20.16
C ASP C 428 -38.54 -9.85 19.12
N PHE C 429 -39.77 -10.28 18.86
CA PHE C 429 -40.02 -11.40 17.97
C PHE C 429 -39.59 -11.02 16.56
N THR C 430 -39.21 -12.01 15.76
CA THR C 430 -38.92 -11.74 14.37
C THR C 430 -39.49 -12.86 13.51
N GLY C 431 -40.11 -12.47 12.42
CA GLY C 431 -40.74 -13.38 11.50
C GLY C 431 -41.98 -12.75 10.91
N CYS C 432 -42.97 -13.60 10.62
CA CYS C 432 -44.21 -13.18 9.99
C CYS C 432 -45.36 -14.01 10.54
N VAL C 433 -46.56 -13.48 10.41
CA VAL C 433 -47.77 -14.17 10.84
C VAL C 433 -48.81 -14.13 9.73
N ILE C 434 -49.60 -15.19 9.64
CA ILE C 434 -50.59 -15.39 8.59
C ILE C 434 -51.85 -15.97 9.21
N ALA C 435 -53.00 -15.41 8.86
CA ALA C 435 -54.29 -15.89 9.36
C ALA C 435 -55.34 -15.72 8.27
N TRP C 436 -56.30 -16.63 8.27
CA TRP C 436 -57.38 -16.62 7.28
C TRP C 436 -58.63 -17.23 7.90
N ASN C 437 -59.73 -16.50 7.84
CA ASN C 437 -60.97 -16.97 8.44
C ASN C 437 -61.41 -18.21 7.68
N SER C 438 -61.56 -19.31 8.41
CA SER C 438 -61.99 -20.58 7.85
C SER C 438 -63.26 -21.00 8.58
N ASN C 439 -64.40 -20.76 7.96
CA ASN C 439 -65.71 -21.03 8.55
C ASN C 439 -66.46 -22.13 7.83
N LYS C 440 -65.86 -22.75 6.82
CA LYS C 440 -66.50 -23.80 6.04
C LYS C 440 -65.98 -25.19 6.42
N LEU C 441 -64.97 -25.26 7.29
CA LEU C 441 -64.41 -26.53 7.71
C LEU C 441 -64.17 -26.60 9.21
N ASP C 442 -64.34 -25.50 9.94
CA ASP C 442 -64.08 -25.47 11.37
C ASP C 442 -65.30 -24.99 12.13
N SER C 443 -66.36 -24.64 11.42
CA SER C 443 -67.59 -24.15 12.04
C SER C 443 -68.74 -25.05 11.59
N LYS C 444 -69.35 -25.74 12.55
CA LYS C 444 -70.51 -26.55 12.26
C LYS C 444 -71.76 -25.83 12.74
N VAL C 445 -72.92 -26.41 12.44
CA VAL C 445 -74.18 -25.82 12.89
C VAL C 445 -74.40 -26.30 14.30
N GLY C 446 -74.36 -25.37 15.25
CA GLY C 446 -74.55 -25.66 16.65
C GLY C 446 -73.31 -25.43 17.48
N GLY C 447 -72.18 -25.10 16.86
CA GLY C 447 -70.95 -24.89 17.57
C GLY C 447 -69.97 -26.05 17.42
N ASN C 448 -68.79 -25.79 16.87
CA ASN C 448 -67.79 -26.84 16.68
C ASN C 448 -66.97 -26.93 17.96
N TYR C 449 -67.33 -27.88 18.84
CA TYR C 449 -66.67 -28.02 20.13
C TYR C 449 -65.52 -29.03 20.04
N ASN C 450 -64.44 -28.59 19.39
CA ASN C 450 -63.27 -29.43 19.20
C ASN C 450 -61.97 -28.73 19.57
N TYR C 451 -61.99 -27.41 19.72
CA TYR C 451 -60.81 -26.60 20.05
C TYR C 451 -61.15 -25.71 21.23
N ARG C 452 -60.31 -25.76 22.26
CA ARG C 452 -60.53 -24.98 23.47
C ARG C 452 -59.27 -24.16 23.74
N TYR C 453 -59.37 -23.23 24.68
CA TYR C 453 -58.27 -22.32 24.93
C TYR C 453 -58.30 -21.93 26.40
N ARG C 454 -57.11 -21.73 26.96
CA ARG C 454 -57.01 -21.41 28.39
C ARG C 454 -57.51 -20.01 28.70
N LEU C 455 -58.62 -19.97 29.44
CA LEU C 455 -59.22 -18.75 29.95
C LEU C 455 -58.67 -18.49 31.35
N PHE C 456 -58.42 -19.57 32.08
CA PHE C 456 -57.94 -19.54 33.46
C PHE C 456 -56.51 -20.05 33.51
N ARG C 457 -55.62 -19.22 34.03
CA ARG C 457 -54.24 -19.60 34.29
C ARG C 457 -53.81 -19.05 35.64
N LYS C 458 -52.96 -19.81 36.33
CA LYS C 458 -52.47 -19.38 37.62
C LYS C 458 -51.58 -18.14 37.47
N SER C 459 -50.57 -18.24 36.60
CA SER C 459 -49.59 -17.18 36.41
C SER C 459 -49.40 -16.97 34.91
N ASN C 460 -49.05 -15.74 34.54
CA ASN C 460 -48.86 -15.43 33.13
C ASN C 460 -47.69 -16.25 32.57
N LEU C 461 -47.50 -16.16 31.25
CA LEU C 461 -46.63 -17.09 30.58
C LEU C 461 -45.46 -16.39 29.90
N LYS C 462 -44.31 -17.06 29.95
CA LYS C 462 -43.08 -16.59 29.32
C LYS C 462 -43.15 -16.69 27.80
N PRO C 463 -42.30 -15.94 27.09
CA PRO C 463 -42.32 -15.99 25.62
C PRO C 463 -42.03 -17.40 25.13
N PHE C 464 -42.77 -17.82 24.11
CA PHE C 464 -42.50 -19.07 23.40
C PHE C 464 -42.64 -20.29 24.31
N GLU C 465 -43.64 -20.26 25.19
CA GLU C 465 -44.01 -21.42 25.96
C GLU C 465 -45.48 -21.69 25.72
N ARG C 466 -45.85 -22.97 25.69
CA ARG C 466 -47.24 -23.39 25.54
C ARG C 466 -47.62 -24.22 26.75
N ASP C 467 -48.82 -24.01 27.26
CA ASP C 467 -49.25 -24.68 28.49
C ASP C 467 -50.42 -25.59 28.22
N ILE C 468 -50.25 -26.87 28.58
CA ILE C 468 -51.25 -27.91 28.44
C ILE C 468 -51.53 -28.58 29.79
N SER C 469 -50.99 -28.03 30.88
CA SER C 469 -51.18 -28.59 32.21
C SER C 469 -52.60 -28.41 32.70
N THR C 470 -53.23 -29.50 33.13
CA THR C 470 -54.59 -29.47 33.65
C THR C 470 -54.57 -29.21 35.15
N GLU C 471 -55.20 -28.11 35.56
CA GLU C 471 -55.27 -27.71 36.97
C GLU C 471 -56.53 -26.90 37.17
N ILE C 472 -57.18 -27.07 38.32
CA ILE C 472 -58.40 -26.34 38.62
C ILE C 472 -58.01 -25.02 39.29
N TYR C 473 -58.52 -23.92 38.76
CA TYR C 473 -58.25 -22.61 39.32
C TYR C 473 -58.61 -22.53 40.79
N GLN C 474 -57.90 -21.68 41.53
CA GLN C 474 -58.11 -21.48 42.95
C GLN C 474 -59.17 -20.40 43.20
N ALA C 475 -59.59 -20.27 44.45
CA ALA C 475 -60.58 -19.27 44.83
C ALA C 475 -60.27 -18.70 46.21
N GLY C 476 -59.06 -18.20 46.41
CA GLY C 476 -58.68 -17.65 47.70
C GLY C 476 -58.74 -18.66 48.82
N ASN C 477 -58.74 -19.94 48.47
CA ASN C 477 -58.82 -21.09 49.37
C ASN C 477 -58.41 -22.30 48.54
N LYS C 478 -58.03 -23.37 49.24
CA LYS C 478 -57.68 -24.64 48.58
C LYS C 478 -58.61 -24.93 47.41
N PRO C 479 -58.10 -24.95 46.19
CA PRO C 479 -58.95 -25.10 45.00
C PRO C 479 -59.88 -26.30 45.10
N CYS C 480 -61.14 -26.08 44.73
CA CYS C 480 -62.16 -27.12 44.69
C CYS C 480 -61.64 -28.40 44.03
N ASN C 481 -61.80 -29.53 44.71
CA ASN C 481 -61.24 -30.79 44.25
C ASN C 481 -62.26 -31.58 43.42
N GLY C 482 -62.53 -31.06 42.23
CA GLY C 482 -63.44 -31.72 41.30
C GLY C 482 -64.72 -30.98 40.99
N VAL C 483 -65.00 -29.86 41.62
CA VAL C 483 -66.29 -29.19 41.42
C VAL C 483 -66.02 -27.76 41.00
N ALA C 484 -67.07 -26.95 40.90
CA ALA C 484 -66.93 -25.55 40.48
C ALA C 484 -67.97 -24.72 41.21
N GLY C 485 -67.51 -23.74 41.97
CA GLY C 485 -68.38 -22.83 42.66
C GLY C 485 -68.33 -21.47 41.99
N VAL C 486 -68.46 -20.38 42.76
CA VAL C 486 -68.30 -19.05 42.20
C VAL C 486 -67.07 -19.00 41.30
N ASN C 487 -65.94 -19.48 41.81
CA ASN C 487 -64.69 -19.61 41.07
C ASN C 487 -64.46 -21.08 40.75
N CYS C 488 -63.21 -21.52 40.89
CA CYS C 488 -62.81 -22.91 40.61
C CYS C 488 -63.31 -23.39 39.26
N TYR C 489 -63.03 -22.63 38.22
CA TYR C 489 -63.46 -23.02 36.89
C TYR C 489 -62.39 -23.85 36.20
N PHE C 490 -62.80 -24.55 35.16
CA PHE C 490 -61.86 -25.36 34.40
C PHE C 490 -61.03 -24.46 33.50
N PRO C 491 -59.73 -24.74 33.35
CA PRO C 491 -58.88 -23.83 32.57
C PRO C 491 -59.29 -23.70 31.11
N LEU C 492 -59.81 -24.77 30.49
CA LEU C 492 -60.07 -24.79 29.07
C LEU C 492 -61.55 -24.55 28.79
N GLN C 493 -61.84 -23.69 27.82
CA GLN C 493 -63.20 -23.36 27.41
C GLN C 493 -63.36 -23.55 25.90
N SER C 494 -64.41 -24.25 25.50
CA SER C 494 -64.64 -24.54 24.10
C SER C 494 -65.06 -23.28 23.34
N TYR C 495 -64.72 -23.23 22.05
CA TYR C 495 -65.10 -22.11 21.21
C TYR C 495 -66.54 -22.22 20.72
N GLY C 496 -66.93 -23.39 20.22
CA GLY C 496 -68.27 -23.56 19.70
C GLY C 496 -68.49 -22.66 18.51
N PHE C 497 -67.77 -22.89 17.41
CA PHE C 497 -67.90 -22.05 16.24
C PHE C 497 -69.18 -22.37 15.48
N ARG C 498 -69.91 -21.33 15.08
CA ARG C 498 -71.16 -21.44 14.35
C ARG C 498 -71.12 -20.57 13.11
N PRO C 499 -71.88 -20.94 12.06
CA PRO C 499 -71.80 -20.21 10.79
C PRO C 499 -72.61 -18.93 10.76
N THR C 500 -73.08 -18.44 11.90
CA THR C 500 -73.88 -17.23 11.94
C THR C 500 -73.28 -16.15 12.82
N TYR C 501 -72.11 -16.40 13.41
CA TYR C 501 -71.56 -15.47 14.37
C TYR C 501 -71.16 -14.16 13.69
N GLY C 502 -70.93 -13.14 14.51
CA GLY C 502 -70.26 -11.96 14.02
C GLY C 502 -68.82 -12.28 13.67
N VAL C 503 -68.27 -11.55 12.69
CA VAL C 503 -66.96 -11.89 12.12
C VAL C 503 -65.94 -12.19 13.21
N GLY C 504 -66.04 -11.47 14.33
CA GLY C 504 -65.13 -11.68 15.42
C GLY C 504 -65.29 -12.99 16.17
N HIS C 505 -66.30 -13.80 15.84
CA HIS C 505 -66.46 -15.08 16.52
C HIS C 505 -66.30 -16.31 15.65
N GLN C 506 -66.23 -16.19 14.33
CA GLN C 506 -65.90 -17.34 13.50
C GLN C 506 -64.42 -17.69 13.64
N PRO C 507 -64.06 -18.95 13.44
CA PRO C 507 -62.68 -19.36 13.63
C PRO C 507 -61.77 -18.78 12.56
N TYR C 508 -60.48 -18.82 12.85
CA TYR C 508 -59.45 -18.33 11.94
C TYR C 508 -58.27 -19.28 12.05
N ARG C 509 -57.98 -20.01 10.98
CA ARG C 509 -56.73 -20.74 10.98
C ARG C 509 -55.61 -19.75 10.84
N VAL C 510 -54.53 -19.98 11.59
CA VAL C 510 -53.43 -19.04 11.65
C VAL C 510 -52.11 -19.80 11.70
N VAL C 511 -51.09 -19.18 11.12
CA VAL C 511 -49.75 -19.75 11.08
C VAL C 511 -48.78 -18.60 11.18
N VAL C 512 -47.73 -18.84 11.95
CA VAL C 512 -46.72 -17.83 12.28
C VAL C 512 -45.36 -18.38 11.87
N LEU C 513 -44.56 -17.55 11.23
CA LEU C 513 -43.22 -17.96 10.85
C LEU C 513 -42.24 -17.26 11.77
N SER C 514 -41.31 -18.04 12.29
CA SER C 514 -40.30 -17.59 13.23
C SER C 514 -39.03 -18.33 12.87
N PHE C 515 -37.93 -17.60 12.79
CA PHE C 515 -36.67 -18.19 12.35
C PHE C 515 -35.54 -17.43 12.99
N GLU C 516 -34.46 -18.15 13.27
CA GLU C 516 -33.32 -17.48 13.87
C GLU C 516 -32.45 -16.89 12.78
N LEU C 517 -31.70 -15.87 13.17
CA LEU C 517 -30.78 -15.16 12.27
C LEU C 517 -29.38 -15.09 12.88
N LEU C 518 -29.04 -16.02 13.78
CA LEU C 518 -27.71 -16.07 14.39
C LEU C 518 -26.61 -16.39 13.37
N HIS C 519 -27.01 -16.37 12.09
CA HIS C 519 -26.14 -16.62 10.95
C HIS C 519 -25.49 -18.00 11.00
N ALA C 520 -26.19 -18.96 11.61
CA ALA C 520 -25.73 -20.34 11.61
C ALA C 520 -25.64 -20.86 10.18
N PRO C 521 -24.89 -21.97 9.97
CA PRO C 521 -24.82 -22.60 8.65
C PRO C 521 -26.13 -22.53 7.88
N ALA C 522 -26.12 -21.79 6.77
CA ALA C 522 -27.34 -21.51 6.01
C ALA C 522 -28.05 -22.80 5.63
N THR C 523 -29.33 -22.86 6.00
CA THR C 523 -30.19 -24.00 5.71
C THR C 523 -31.30 -23.74 4.71
N VAL C 524 -31.61 -22.47 4.43
CA VAL C 524 -32.75 -22.15 3.57
C VAL C 524 -32.47 -20.85 2.84
N CYS C 525 -32.70 -20.87 1.52
CA CYS C 525 -32.71 -19.72 0.62
C CYS C 525 -33.10 -20.15 -0.79
N GLY C 526 -33.81 -19.30 -1.54
CA GLY C 526 -34.35 -19.75 -2.80
C GLY C 526 -34.55 -18.79 -3.97
N PRO C 527 -33.51 -18.04 -4.37
CA PRO C 527 -33.59 -17.39 -5.69
C PRO C 527 -33.26 -18.34 -6.82
N LYS C 528 -31.96 -18.44 -7.11
CA LYS C 528 -31.39 -19.29 -8.15
C LYS C 528 -31.91 -18.97 -9.56
N LYS C 529 -32.16 -17.70 -9.84
CA LYS C 529 -32.59 -17.34 -11.19
C LYS C 529 -31.47 -17.65 -12.18
N SER C 530 -31.77 -18.42 -13.23
CA SER C 530 -30.75 -18.81 -14.19
C SER C 530 -31.07 -18.24 -15.57
N THR C 531 -30.14 -17.48 -16.13
CA THR C 531 -30.28 -16.92 -17.47
C THR C 531 -29.67 -17.85 -18.53
N ASN C 532 -30.27 -17.83 -19.71
CA ASN C 532 -29.73 -18.57 -20.85
C ASN C 532 -28.30 -18.15 -21.16
N LEU C 533 -27.49 -19.10 -21.59
CA LEU C 533 -26.08 -18.87 -21.83
C LEU C 533 -25.85 -18.17 -23.16
N VAL C 534 -24.85 -17.30 -23.20
CA VAL C 534 -24.42 -16.59 -24.40
C VAL C 534 -22.98 -16.96 -24.69
N LYS C 535 -22.68 -17.23 -25.96
CA LYS C 535 -21.33 -17.62 -26.34
C LYS C 535 -20.77 -16.72 -27.43
N ASN C 536 -19.44 -16.68 -27.47
CA ASN C 536 -18.63 -15.99 -28.47
C ASN C 536 -18.72 -14.47 -28.41
N LYS C 537 -19.14 -13.90 -27.29
CA LYS C 537 -19.13 -12.46 -27.12
C LYS C 537 -18.61 -12.17 -25.73
N CYS C 538 -17.73 -11.18 -25.59
CA CYS C 538 -17.26 -10.87 -24.25
C CYS C 538 -18.43 -10.29 -23.46
N VAL C 539 -18.84 -11.02 -22.43
CA VAL C 539 -20.07 -10.75 -21.69
C VAL C 539 -19.74 -10.86 -20.21
N ASN C 540 -20.44 -10.09 -19.41
CA ASN C 540 -20.26 -10.19 -17.97
C ASN C 540 -21.03 -11.40 -17.46
N PHE C 541 -20.32 -12.31 -16.78
CA PHE C 541 -20.88 -13.57 -16.33
C PHE C 541 -20.81 -13.68 -14.81
N ASN C 542 -21.72 -14.48 -14.26
CA ASN C 542 -21.70 -14.80 -12.83
C ASN C 542 -22.01 -16.29 -12.67
N PHE C 543 -20.97 -17.13 -12.68
CA PHE C 543 -21.13 -18.57 -12.58
C PHE C 543 -20.97 -18.96 -11.11
N ASN C 544 -22.09 -19.16 -10.43
CA ASN C 544 -22.08 -19.65 -9.05
C ASN C 544 -21.22 -18.78 -8.15
N GLY C 545 -21.12 -17.50 -8.47
CA GLY C 545 -20.33 -16.55 -7.72
C GLY C 545 -19.15 -15.98 -8.46
N LEU C 546 -18.62 -16.66 -9.46
CA LEU C 546 -17.48 -16.10 -10.19
C LEU C 546 -17.96 -15.03 -11.16
N THR C 547 -17.54 -13.79 -10.91
CA THR C 547 -17.90 -12.68 -11.76
C THR C 547 -16.68 -12.29 -12.58
N GLY C 548 -16.89 -12.07 -13.87
CA GLY C 548 -15.78 -11.70 -14.72
C GLY C 548 -16.29 -11.31 -16.09
N THR C 549 -15.33 -11.07 -16.98
CA THR C 549 -15.64 -10.71 -18.35
C THR C 549 -14.75 -11.49 -19.29
N GLY C 550 -15.27 -11.79 -20.47
CA GLY C 550 -14.51 -12.51 -21.46
C GLY C 550 -15.43 -13.18 -22.45
N VAL C 551 -14.81 -13.80 -23.43
CA VAL C 551 -15.53 -14.54 -24.46
C VAL C 551 -15.56 -16.00 -24.07
N LEU C 552 -16.72 -16.62 -24.22
CA LEU C 552 -16.90 -18.02 -23.85
C LEU C 552 -16.80 -18.88 -25.11
N THR C 553 -16.02 -19.94 -25.01
CA THR C 553 -15.77 -20.81 -26.15
C THR C 553 -15.88 -22.26 -25.71
N GLU C 554 -16.28 -23.12 -26.65
CA GLU C 554 -16.36 -24.54 -26.37
C GLU C 554 -14.98 -25.10 -26.01
N SER C 555 -14.92 -25.78 -24.87
CA SER C 555 -13.70 -26.32 -24.30
C SER C 555 -13.32 -27.64 -24.98
N ASN C 556 -12.05 -27.99 -24.86
CA ASN C 556 -11.57 -29.28 -25.36
C ASN C 556 -10.82 -30.05 -24.28
N LYS C 557 -10.85 -29.61 -23.03
CA LYS C 557 -10.14 -30.26 -21.93
C LYS C 557 -11.10 -31.07 -21.05
N LYS C 558 -10.60 -32.20 -20.56
CA LYS C 558 -11.39 -33.17 -19.80
C LYS C 558 -11.36 -32.83 -18.31
N PHE C 559 -12.40 -32.14 -17.83
CA PHE C 559 -12.54 -31.93 -16.40
C PHE C 559 -12.91 -33.22 -15.68
N LEU C 560 -12.28 -33.45 -14.53
CA LEU C 560 -12.65 -34.58 -13.70
C LEU C 560 -13.99 -34.32 -13.03
N PRO C 561 -14.74 -35.37 -12.73
CA PRO C 561 -16.14 -35.19 -12.29
C PRO C 561 -16.33 -34.38 -11.02
N PHE C 562 -15.33 -34.25 -10.17
CA PHE C 562 -15.53 -33.47 -8.96
C PHE C 562 -14.98 -32.06 -9.06
N GLN C 563 -14.40 -31.67 -10.19
CA GLN C 563 -13.80 -30.35 -10.31
C GLN C 563 -14.78 -29.40 -10.97
N GLN C 564 -14.71 -28.14 -10.56
CA GLN C 564 -15.60 -27.12 -11.06
C GLN C 564 -14.89 -25.93 -11.69
N PHE C 565 -13.58 -25.80 -11.51
CA PHE C 565 -12.89 -24.61 -11.97
C PHE C 565 -11.64 -25.04 -12.70
N GLY C 566 -11.11 -24.16 -13.52
CA GLY C 566 -9.85 -24.39 -14.19
C GLY C 566 -8.96 -23.18 -14.08
N ARG C 567 -7.67 -23.42 -13.92
CA ARG C 567 -6.72 -22.35 -13.72
C ARG C 567 -5.47 -22.62 -14.54
N ASP C 568 -4.91 -21.59 -15.11
CA ASP C 568 -3.60 -21.67 -15.72
C ASP C 568 -2.57 -21.28 -14.67
N ILE C 569 -1.33 -21.06 -15.12
CA ILE C 569 -0.29 -20.61 -14.21
C ILE C 569 -0.69 -19.23 -13.68
N ALA C 570 -0.31 -18.95 -12.44
CA ALA C 570 -0.54 -17.66 -11.81
C ALA C 570 -2.03 -17.43 -11.52
N ASP C 571 -2.72 -18.50 -11.11
CA ASP C 571 -4.09 -18.43 -10.61
C ASP C 571 -5.07 -17.75 -11.57
N THR C 572 -4.78 -17.72 -12.86
CA THR C 572 -5.70 -17.12 -13.83
C THR C 572 -6.83 -18.10 -14.12
N THR C 573 -8.07 -17.68 -13.83
CA THR C 573 -9.22 -18.54 -14.06
C THR C 573 -9.38 -18.81 -15.55
N ASP C 574 -9.06 -20.02 -15.99
CA ASP C 574 -9.10 -20.37 -17.40
C ASP C 574 -10.36 -21.06 -17.88
N ALA C 575 -11.09 -21.78 -17.04
CA ALA C 575 -12.25 -22.51 -17.55
C ALA C 575 -13.27 -22.70 -16.45
N VAL C 576 -14.49 -23.06 -16.84
CA VAL C 576 -15.60 -23.27 -15.92
C VAL C 576 -16.56 -24.28 -16.52
N ARG C 577 -17.18 -25.06 -15.65
CA ARG C 577 -18.20 -26.03 -16.01
C ARG C 577 -19.58 -25.49 -15.70
N ASP C 578 -20.52 -25.75 -16.59
CA ASP C 578 -21.87 -25.23 -16.41
C ASP C 578 -22.55 -25.89 -15.21
N PRO C 579 -23.15 -25.12 -14.31
CA PRO C 579 -23.89 -25.73 -13.21
C PRO C 579 -25.21 -26.36 -13.61
N GLN C 580 -25.63 -26.21 -14.86
CA GLN C 580 -26.88 -26.79 -15.32
C GLN C 580 -26.67 -27.98 -16.23
N THR C 581 -25.87 -27.82 -17.29
CA THR C 581 -25.62 -28.87 -18.26
C THR C 581 -24.26 -29.52 -18.09
N LEU C 582 -23.45 -29.07 -17.14
CA LEU C 582 -22.16 -29.69 -16.83
C LEU C 582 -21.17 -29.61 -17.98
N GLU C 583 -21.42 -28.74 -18.94
CA GLU C 583 -20.48 -28.54 -20.04
C GLU C 583 -19.33 -27.64 -19.59
N ILE C 584 -18.13 -27.98 -20.06
CA ILE C 584 -16.91 -27.22 -19.78
C ILE C 584 -16.81 -26.06 -20.76
N LEU C 585 -16.47 -24.87 -20.24
CA LEU C 585 -16.36 -23.67 -21.06
C LEU C 585 -15.03 -22.97 -20.83
N ASP C 586 -14.44 -22.47 -21.91
CA ASP C 586 -13.20 -21.70 -21.86
C ASP C 586 -13.50 -20.19 -21.82
N ILE C 587 -12.70 -19.47 -21.03
CA ILE C 587 -12.84 -18.02 -20.88
C ILE C 587 -11.59 -17.32 -21.41
N THR C 588 -11.79 -16.36 -22.31
CA THR C 588 -10.71 -15.53 -22.82
C THR C 588 -11.12 -14.06 -22.69
N PRO C 589 -10.26 -13.19 -22.14
CA PRO C 589 -10.64 -11.78 -22.00
C PRO C 589 -10.79 -11.13 -23.36
N CYS C 590 -11.88 -10.38 -23.54
CA CYS C 590 -12.09 -9.74 -24.83
C CYS C 590 -10.98 -8.73 -25.14
N SER C 591 -10.81 -8.51 -26.44
CA SER C 591 -9.70 -7.73 -26.97
C SER C 591 -9.61 -6.34 -26.37
N PHE C 592 -8.37 -5.94 -26.11
CA PHE C 592 -8.04 -4.63 -25.59
C PHE C 592 -6.62 -4.33 -26.04
N GLY C 593 -6.24 -3.06 -25.95
CA GLY C 593 -4.90 -2.72 -26.37
C GLY C 593 -4.69 -1.21 -26.37
N GLY C 594 -3.45 -0.85 -26.65
CA GLY C 594 -3.06 0.54 -26.74
C GLY C 594 -3.24 1.08 -28.14
N VAL C 595 -3.43 2.39 -28.24
CA VAL C 595 -3.65 3.05 -29.51
C VAL C 595 -2.61 4.13 -29.67
N SER C 596 -2.04 4.21 -30.87
CA SER C 596 -1.01 5.19 -31.17
C SER C 596 -1.41 6.03 -32.37
N VAL C 597 -0.94 7.27 -32.40
CA VAL C 597 -1.25 8.22 -33.47
C VAL C 597 0.01 8.50 -34.25
N ILE C 598 -0.06 8.39 -35.56
CA ILE C 598 1.05 8.73 -36.45
C ILE C 598 0.76 10.09 -37.06
N THR C 599 1.67 11.05 -36.88
CA THR C 599 1.44 12.38 -37.43
C THR C 599 2.72 12.89 -38.09
N PRO C 600 2.63 13.46 -39.28
CA PRO C 600 3.81 13.99 -39.96
C PRO C 600 4.21 15.38 -39.52
N GLY C 601 3.63 15.90 -38.43
CA GLY C 601 3.97 17.22 -37.93
C GLY C 601 2.82 18.19 -38.08
N THR C 602 2.54 18.93 -37.00
CA THR C 602 1.47 19.91 -37.04
C THR C 602 1.72 20.96 -38.09
N ASN C 603 2.97 21.33 -38.28
CA ASN C 603 3.30 22.41 -39.18
C ASN C 603 3.35 21.94 -40.62
N THR C 604 3.41 20.62 -40.86
CA THR C 604 3.30 20.11 -42.21
C THR C 604 1.86 19.87 -42.66
N SER C 605 1.08 19.16 -41.86
CA SER C 605 -0.31 18.88 -42.25
C SER C 605 -1.07 18.24 -41.10
N ASN C 606 -2.39 18.34 -41.18
CA ASN C 606 -3.28 17.78 -40.19
C ASN C 606 -3.63 16.32 -40.41
N GLN C 607 -3.20 15.71 -41.51
CA GLN C 607 -3.51 14.31 -41.73
C GLN C 607 -2.94 13.44 -40.62
N VAL C 608 -3.58 12.31 -40.35
CA VAL C 608 -3.22 11.45 -39.23
C VAL C 608 -3.58 10.01 -39.57
N ALA C 609 -2.74 9.07 -39.11
CA ALA C 609 -3.03 7.65 -39.20
C ALA C 609 -2.98 7.05 -37.81
N VAL C 610 -3.83 6.05 -37.56
CA VAL C 610 -4.03 5.48 -36.24
C VAL C 610 -3.61 4.02 -36.23
N LEU C 611 -2.89 3.61 -35.19
CA LEU C 611 -2.43 2.23 -35.04
C LEU C 611 -3.02 1.58 -33.79
N TYR C 612 -3.90 0.61 -33.99
CA TYR C 612 -4.42 -0.23 -32.91
C TYR C 612 -3.49 -1.41 -32.74
N GLN C 613 -2.81 -1.49 -31.60
CA GLN C 613 -1.69 -2.40 -31.45
C GLN C 613 -2.05 -3.88 -31.32
N GLY C 614 -2.67 -4.29 -30.23
CA GLY C 614 -2.91 -5.70 -30.07
C GLY C 614 -4.27 -6.17 -30.50
N VAL C 615 -4.68 -5.87 -31.73
CA VAL C 615 -6.01 -6.24 -32.23
C VAL C 615 -5.97 -6.22 -33.74
N ASN C 616 -6.89 -6.95 -34.37
CA ASN C 616 -7.15 -6.76 -35.78
C ASN C 616 -8.51 -6.09 -35.90
N CYS C 617 -8.59 -5.05 -36.74
CA CYS C 617 -9.83 -4.30 -36.90
C CYS C 617 -10.99 -5.16 -37.38
N THR C 618 -10.73 -6.40 -37.80
CA THR C 618 -11.83 -7.25 -38.21
C THR C 618 -12.74 -7.51 -37.02
N GLU C 619 -12.25 -7.19 -35.84
CA GLU C 619 -12.93 -7.29 -34.57
C GLU C 619 -12.71 -6.03 -33.75
N VAL C 620 -12.62 -4.89 -34.41
CA VAL C 620 -12.40 -3.60 -33.75
C VAL C 620 -13.57 -3.25 -32.83
N ASN C 641 -8.65 3.79 -45.35
CA ASN C 641 -8.27 2.42 -45.68
C ASN C 641 -7.83 1.65 -44.47
N VAL C 642 -7.77 0.34 -44.60
CA VAL C 642 -7.41 -0.57 -43.52
C VAL C 642 -6.27 -1.45 -43.97
N PHE C 643 -5.34 -1.71 -43.06
CA PHE C 643 -4.19 -2.54 -43.37
C PHE C 643 -3.84 -3.36 -42.14
N GLN C 644 -3.39 -4.59 -42.36
CA GLN C 644 -3.02 -5.47 -41.28
C GLN C 644 -1.51 -5.65 -41.22
N THR C 645 -0.96 -5.64 -40.00
CA THR C 645 0.47 -5.86 -39.78
C THR C 645 0.65 -6.78 -38.60
N ARG C 646 1.86 -7.34 -38.48
CA ARG C 646 2.15 -8.18 -37.33
C ARG C 646 2.12 -7.41 -36.03
N ALA C 647 2.23 -6.09 -36.09
CA ALA C 647 2.18 -5.25 -34.90
C ALA C 647 0.76 -4.82 -34.54
N GLY C 648 -0.19 -5.03 -35.43
CA GLY C 648 -1.57 -4.70 -35.24
C GLY C 648 -2.14 -4.20 -36.54
N CYS C 649 -3.39 -3.73 -36.50
CA CYS C 649 -4.02 -3.24 -37.72
C CYS C 649 -3.93 -1.73 -37.76
N LEU C 650 -3.48 -1.21 -38.89
CA LEU C 650 -3.22 0.19 -39.12
C LEU C 650 -4.32 0.82 -39.96
N ILE C 651 -4.86 1.94 -39.49
CA ILE C 651 -5.96 2.60 -40.16
C ILE C 651 -5.54 4.00 -40.55
N GLY C 652 -5.90 4.40 -41.76
CA GLY C 652 -5.59 5.72 -42.25
C GLY C 652 -4.39 5.80 -43.18
N ALA C 653 -3.75 4.68 -43.49
CA ALA C 653 -2.60 4.71 -44.37
C ALA C 653 -2.66 3.54 -45.35
N GLU C 654 -2.25 3.79 -46.57
CA GLU C 654 -2.28 2.80 -47.64
C GLU C 654 -0.90 2.18 -47.83
N TYR C 655 -0.88 0.86 -48.01
CA TYR C 655 0.37 0.12 -48.16
C TYR C 655 0.91 0.21 -49.57
N VAL C 656 2.16 0.60 -49.70
CA VAL C 656 2.80 0.69 -51.00
C VAL C 656 3.94 -0.30 -51.10
N ASN C 657 4.15 -0.82 -52.30
CA ASN C 657 5.20 -1.81 -52.52
C ASN C 657 6.60 -1.23 -52.55
N SER C 658 6.73 0.08 -52.67
CA SER C 658 8.05 0.69 -52.75
C SER C 658 8.73 0.67 -51.39
N SER C 659 10.04 0.47 -51.39
CA SER C 659 10.84 0.46 -50.19
C SER C 659 11.70 1.71 -50.10
N TYR C 660 11.73 2.33 -48.94
CA TYR C 660 12.52 3.54 -48.72
C TYR C 660 13.22 3.43 -47.39
N GLU C 661 14.19 4.30 -47.15
CA GLU C 661 14.76 4.42 -45.83
C GLU C 661 13.72 5.05 -44.93
N CYS C 662 13.25 4.32 -43.94
CA CYS C 662 12.07 4.76 -43.22
C CYS C 662 12.43 5.66 -42.05
N ASP C 663 11.53 6.59 -41.75
CA ASP C 663 11.76 7.59 -40.73
C ASP C 663 10.79 7.54 -39.57
N ILE C 664 9.56 7.08 -39.76
CA ILE C 664 8.68 6.93 -38.61
C ILE C 664 8.50 5.45 -38.36
N PRO C 665 9.16 4.90 -37.35
CA PRO C 665 9.14 3.45 -37.10
C PRO C 665 7.82 3.03 -36.48
N ILE C 666 7.14 2.09 -37.12
CA ILE C 666 5.91 1.52 -36.61
C ILE C 666 6.17 0.22 -35.87
N GLY C 667 6.93 -0.68 -36.47
CA GLY C 667 7.29 -1.93 -35.85
C GLY C 667 7.23 -3.06 -36.85
N ALA C 668 8.00 -4.10 -36.57
CA ALA C 668 8.03 -5.29 -37.42
C ALA C 668 8.42 -4.94 -38.85
N GLY C 669 9.39 -4.03 -38.99
CA GLY C 669 9.88 -3.66 -40.30
C GLY C 669 9.03 -2.69 -41.10
N ILE C 670 7.92 -2.21 -40.56
CA ILE C 670 7.07 -1.29 -41.30
C ILE C 670 7.30 0.12 -40.80
N CYS C 671 7.26 1.09 -41.71
CA CYS C 671 7.39 2.49 -41.37
C CYS C 671 6.35 3.27 -42.13
N ALA C 672 6.37 4.59 -41.96
CA ALA C 672 5.42 5.44 -42.67
C ALA C 672 6.04 6.80 -42.94
N SER C 673 5.54 7.48 -43.97
CA SER C 673 6.05 8.79 -44.33
C SER C 673 5.04 9.50 -45.22
N TYR C 674 5.25 10.79 -45.39
CA TYR C 674 4.39 11.62 -46.23
C TYR C 674 4.74 11.43 -47.70
N GLN C 675 3.79 10.94 -48.49
CA GLN C 675 4.06 10.66 -49.90
C GLN C 675 4.41 11.92 -50.68
N THR C 676 3.48 12.86 -50.77
CA THR C 676 3.64 14.11 -51.52
C THR C 676 3.90 13.84 -53.00
N GLN C 690 0.94 14.34 -49.94
CA GLN C 690 -0.50 14.52 -49.85
C GLN C 690 -1.15 13.30 -49.23
N SER C 691 -0.35 12.35 -48.78
CA SER C 691 -0.89 11.14 -48.18
C SER C 691 0.15 10.50 -47.29
N ILE C 692 -0.33 9.62 -46.39
CA ILE C 692 0.52 8.84 -45.51
C ILE C 692 0.64 7.42 -46.05
N ILE C 693 1.86 6.99 -46.35
CA ILE C 693 2.10 5.69 -46.93
C ILE C 693 2.88 4.82 -45.95
N ALA C 694 2.48 3.57 -45.80
CA ALA C 694 3.24 2.58 -45.03
C ALA C 694 3.96 1.63 -45.98
N TYR C 695 5.16 1.23 -45.61
CA TYR C 695 5.96 0.42 -46.52
C TYR C 695 6.96 -0.38 -45.71
N THR C 696 7.53 -1.40 -46.34
CA THR C 696 8.54 -2.19 -45.66
C THR C 696 9.88 -1.49 -45.78
N MET C 697 10.69 -1.58 -44.72
CA MET C 697 11.97 -0.88 -44.69
C MET C 697 12.91 -1.42 -45.75
N SER C 698 13.77 -0.52 -46.24
CA SER C 698 14.86 -0.88 -47.13
C SER C 698 16.17 -0.73 -46.39
N LEU C 699 16.98 -1.78 -46.38
CA LEU C 699 18.24 -1.76 -45.68
C LEU C 699 19.37 -1.20 -46.53
N GLY C 700 19.07 -0.41 -47.54
CA GLY C 700 20.10 0.15 -48.39
C GLY C 700 20.21 -0.58 -49.72
N ALA C 701 21.04 -0.02 -50.59
CA ALA C 701 21.22 -0.60 -51.90
C ALA C 701 22.11 -1.83 -51.82
N GLU C 702 21.94 -2.71 -52.80
CA GLU C 702 22.73 -3.93 -52.89
C GLU C 702 23.95 -3.70 -53.76
N ASN C 703 25.12 -3.99 -53.21
CA ASN C 703 26.38 -3.78 -53.91
C ASN C 703 27.14 -5.10 -53.99
N SER C 704 27.14 -5.69 -55.17
CA SER C 704 27.83 -6.96 -55.41
C SER C 704 29.26 -6.69 -55.87
N VAL C 705 30.15 -6.52 -54.90
CA VAL C 705 31.56 -6.26 -55.22
C VAL C 705 32.10 -7.39 -56.07
N ALA C 706 32.78 -7.03 -57.15
CA ALA C 706 33.29 -8.00 -58.12
C ALA C 706 34.55 -8.66 -57.57
N TYR C 707 34.37 -9.81 -56.93
CA TYR C 707 35.49 -10.57 -56.43
C TYR C 707 36.14 -11.38 -57.53
N SER C 708 37.43 -11.63 -57.35
CA SER C 708 38.18 -12.46 -58.28
C SER C 708 39.46 -12.84 -57.56
N ASN C 709 39.99 -14.00 -57.89
CA ASN C 709 41.18 -14.42 -57.17
C ASN C 709 42.44 -13.69 -57.62
N ASN C 710 42.37 -12.82 -58.62
CA ASN C 710 43.59 -12.15 -59.04
C ASN C 710 43.40 -10.67 -59.33
N SER C 711 42.31 -10.06 -58.88
CA SER C 711 42.04 -8.65 -59.15
C SER C 711 42.19 -7.82 -57.88
N ILE C 712 42.70 -6.60 -58.03
CA ILE C 712 42.88 -5.68 -56.91
C ILE C 712 42.40 -4.29 -57.30
N ALA C 713 41.72 -3.62 -56.37
CA ALA C 713 41.31 -2.23 -56.53
C ALA C 713 42.11 -1.35 -55.57
N ILE C 714 42.79 -0.35 -56.11
CA ILE C 714 43.62 0.56 -55.32
C ILE C 714 43.16 2.00 -55.52
N PRO C 715 43.07 2.81 -54.47
CA PRO C 715 42.59 4.18 -54.64
C PRO C 715 43.67 5.06 -55.23
N THR C 716 43.26 5.97 -56.12
CA THR C 716 44.18 6.94 -56.67
C THR C 716 44.02 8.34 -56.10
N ASN C 717 43.01 8.58 -55.26
CA ASN C 717 42.84 9.91 -54.70
C ASN C 717 42.25 9.75 -53.32
N PHE C 718 42.11 10.86 -52.60
CA PHE C 718 41.61 10.82 -51.23
C PHE C 718 40.73 12.01 -50.96
N THR C 719 40.13 11.99 -49.77
CA THR C 719 39.33 13.11 -49.32
C THR C 719 39.26 13.06 -47.81
N ILE C 720 39.59 14.17 -47.16
CA ILE C 720 39.59 14.26 -45.71
C ILE C 720 38.35 15.02 -45.27
N SER C 721 37.60 14.44 -44.35
CA SER C 721 36.34 15.02 -43.91
C SER C 721 36.39 15.30 -42.42
N VAL C 722 35.38 16.02 -41.95
CA VAL C 722 35.27 16.40 -40.56
C VAL C 722 33.91 15.95 -40.03
N THR C 723 33.93 15.22 -38.92
CA THR C 723 32.72 14.69 -38.30
C THR C 723 32.59 15.23 -36.89
N THR C 724 31.38 15.63 -36.53
CA THR C 724 31.10 16.19 -35.22
C THR C 724 30.50 15.12 -34.33
N GLU C 725 31.10 14.89 -33.17
CA GLU C 725 30.60 13.94 -32.20
C GLU C 725 30.30 14.65 -30.90
N ILE C 726 29.10 14.43 -30.36
CA ILE C 726 28.62 15.10 -29.15
C ILE C 726 28.54 14.10 -28.02
N LEU C 727 28.87 14.55 -26.81
CA LEU C 727 28.82 13.69 -25.66
C LEU C 727 28.39 14.51 -24.46
N PRO C 728 27.37 14.11 -23.71
CA PRO C 728 27.02 14.84 -22.50
C PRO C 728 28.01 14.50 -21.41
N VAL C 729 28.32 15.48 -20.57
CA VAL C 729 29.33 15.27 -19.54
C VAL C 729 28.81 15.43 -18.13
N SER C 730 27.80 16.26 -17.92
CA SER C 730 27.35 16.46 -16.55
C SER C 730 25.93 16.96 -16.54
N MET C 731 25.35 17.03 -15.35
CA MET C 731 24.00 17.51 -15.17
C MET C 731 23.96 18.52 -14.05
N THR C 732 22.79 19.12 -13.88
CA THR C 732 22.63 20.17 -12.87
C THR C 732 22.74 19.57 -11.48
N LYS C 733 23.55 20.18 -10.62
CA LYS C 733 23.64 19.72 -9.25
C LYS C 733 22.44 20.25 -8.48
N THR C 734 21.75 19.37 -7.78
CA THR C 734 20.53 19.74 -7.08
C THR C 734 20.63 19.42 -5.60
N SER C 735 20.10 20.31 -4.77
CA SER C 735 19.96 20.05 -3.35
C SER C 735 18.52 20.29 -2.95
N VAL C 736 18.04 19.50 -1.99
CA VAL C 736 16.66 19.54 -1.57
C VAL C 736 16.57 19.72 -0.06
N ASP C 737 15.64 20.54 0.38
CA ASP C 737 15.36 20.73 1.80
C ASP C 737 14.19 19.84 2.19
N CYS C 738 14.47 18.85 3.01
CA CYS C 738 13.48 17.82 3.32
C CYS C 738 12.24 18.42 3.96
N THR C 739 12.41 19.01 5.15
CA THR C 739 11.26 19.48 5.91
C THR C 739 10.47 20.54 5.14
N MET C 740 11.15 21.46 4.47
CA MET C 740 10.42 22.47 3.72
C MET C 740 9.57 21.84 2.63
N TYR C 741 10.18 20.99 1.79
CA TYR C 741 9.38 20.36 0.75
C TYR C 741 8.24 19.54 1.34
N ILE C 742 8.47 18.92 2.49
CA ILE C 742 7.44 18.05 3.03
C ILE C 742 6.27 18.87 3.52
N CYS C 743 6.50 19.74 4.49
CA CYS C 743 5.37 20.47 5.06
C CYS C 743 5.70 21.92 5.42
N GLY C 744 6.38 22.61 4.51
CA GLY C 744 6.46 24.05 4.52
C GLY C 744 6.48 24.74 5.87
N ASP C 745 7.41 24.33 6.74
CA ASP C 745 7.65 24.98 8.02
C ASP C 745 6.38 25.02 8.88
N SER C 746 5.90 23.83 9.22
CA SER C 746 4.79 23.65 10.14
C SER C 746 5.30 22.83 11.32
N THR C 747 5.11 23.34 12.53
CA THR C 747 5.63 22.64 13.70
C THR C 747 4.97 21.30 13.92
N GLU C 748 3.64 21.23 13.81
CA GLU C 748 2.97 19.96 14.05
C GLU C 748 3.42 18.91 13.06
N CYS C 749 3.75 19.32 11.84
CA CYS C 749 4.20 18.32 10.89
C CYS C 749 5.61 17.86 11.17
N SER C 750 6.48 18.74 11.66
CA SER C 750 7.81 18.24 11.99
C SER C 750 7.73 17.30 13.17
N ASN C 751 6.90 17.64 14.15
CA ASN C 751 6.69 16.76 15.29
C ASN C 751 6.14 15.41 14.86
N LEU C 752 5.38 15.38 13.77
CA LEU C 752 4.85 14.10 13.30
C LEU C 752 5.81 13.37 12.39
N LEU C 753 6.68 14.10 11.69
CA LEU C 753 7.66 13.49 10.81
C LEU C 753 8.79 12.86 11.59
N LEU C 754 9.06 13.37 12.79
CA LEU C 754 10.11 12.80 13.62
C LEU C 754 9.95 11.31 13.88
N GLN C 755 8.79 10.72 13.62
CA GLN C 755 8.68 9.30 13.89
C GLN C 755 9.20 8.42 12.77
N TYR C 756 9.57 8.98 11.63
CA TYR C 756 9.88 8.09 10.52
C TYR C 756 11.33 7.67 10.43
N GLY C 757 12.27 8.38 11.06
CA GLY C 757 13.64 7.95 11.07
C GLY C 757 14.55 8.95 10.39
N SER C 758 15.55 8.43 9.68
CA SER C 758 16.61 9.22 9.07
C SER C 758 16.48 9.26 7.56
N PHE C 759 15.24 9.24 7.06
CA PHE C 759 15.03 9.32 5.61
C PHE C 759 15.64 10.59 5.04
N CYS C 760 15.43 11.72 5.70
CA CYS C 760 15.97 12.97 5.19
C CYS C 760 17.48 12.94 5.17
N THR C 761 18.10 12.37 6.20
CA THR C 761 19.55 12.26 6.21
C THR C 761 20.03 11.47 5.01
N GLN C 762 19.41 10.33 4.76
CA GLN C 762 19.82 9.48 3.65
C GLN C 762 19.68 10.20 2.32
N LEU C 763 18.56 10.89 2.13
CA LEU C 763 18.34 11.60 0.87
C LEU C 763 19.35 12.71 0.67
N LYS C 764 19.60 13.48 1.73
CA LYS C 764 20.54 14.58 1.63
C LYS C 764 21.92 14.05 1.28
N ARG C 765 22.31 12.95 1.90
CA ARG C 765 23.61 12.36 1.61
C ARG C 765 23.69 11.92 0.16
N ALA C 766 22.65 11.28 -0.34
CA ALA C 766 22.69 10.79 -1.72
C ALA C 766 22.84 11.93 -2.71
N LEU C 767 22.10 13.01 -2.49
CA LEU C 767 22.18 14.12 -3.44
C LEU C 767 23.52 14.83 -3.37
N THR C 768 24.08 14.99 -2.17
CA THR C 768 25.41 15.57 -2.09
C THR C 768 26.43 14.70 -2.82
N GLY C 769 26.28 13.38 -2.71
CA GLY C 769 27.18 12.51 -3.46
C GLY C 769 27.07 12.73 -4.95
N ILE C 770 25.85 12.89 -5.43
CA ILE C 770 25.67 13.15 -6.86
C ILE C 770 26.33 14.45 -7.28
N ALA C 771 26.16 15.49 -6.48
CA ALA C 771 26.75 16.78 -6.84
C ALA C 771 28.27 16.71 -6.92
N VAL C 772 28.90 16.16 -5.89
CA VAL C 772 30.35 16.09 -5.93
C VAL C 772 30.80 15.23 -7.09
N GLU C 773 30.03 14.21 -7.43
CA GLU C 773 30.41 13.37 -8.56
C GLU C 773 30.38 14.16 -9.86
N GLN C 774 29.36 15.01 -10.03
CA GLN C 774 29.30 15.81 -11.24
C GLN C 774 30.52 16.70 -11.38
N ASP C 775 30.92 17.34 -10.28
CA ASP C 775 32.11 18.17 -10.34
C ASP C 775 33.33 17.35 -10.70
N LYS C 776 33.45 16.16 -10.12
CA LYS C 776 34.58 15.31 -10.43
C LYS C 776 34.56 14.90 -11.89
N ASN C 777 33.38 14.72 -12.48
CA ASN C 777 33.30 14.36 -13.89
C ASN C 777 33.88 15.45 -14.76
N THR C 778 33.45 16.69 -14.53
CA THR C 778 34.02 17.78 -15.32
C THR C 778 35.53 17.84 -15.15
N GLN C 779 35.99 17.66 -13.92
CA GLN C 779 37.43 17.68 -13.68
C GLN C 779 38.14 16.61 -14.48
N GLU C 780 37.68 15.36 -14.37
CA GLU C 780 38.33 14.26 -15.06
C GLU C 780 38.34 14.43 -16.56
N VAL C 781 37.30 15.02 -17.13
CA VAL C 781 37.30 15.15 -18.58
C VAL C 781 38.22 16.25 -19.03
N PHE C 782 38.08 17.46 -18.47
CA PHE C 782 38.77 18.60 -19.05
C PHE C 782 40.15 18.86 -18.48
N ALA C 783 40.35 18.70 -17.18
CA ALA C 783 41.61 19.05 -16.54
C ALA C 783 42.67 17.97 -16.73
N GLN C 784 42.93 17.64 -17.99
CA GLN C 784 44.00 16.68 -18.24
C GLN C 784 45.35 17.34 -18.45
N VAL C 785 45.39 18.50 -19.08
CA VAL C 785 46.66 19.19 -19.31
C VAL C 785 47.07 19.92 -18.04
N LYS C 786 48.37 19.97 -17.80
CA LYS C 786 48.89 20.57 -16.56
C LYS C 786 49.21 22.05 -16.70
N GLN C 787 49.76 22.48 -17.84
CA GLN C 787 50.13 23.87 -18.05
C GLN C 787 49.30 24.51 -19.14
N ILE C 788 48.87 25.75 -18.92
CA ILE C 788 48.04 26.46 -19.88
C ILE C 788 48.93 27.00 -20.99
N TYR C 789 48.93 26.32 -22.12
CA TYR C 789 49.72 26.74 -23.27
C TYR C 789 49.03 27.87 -24.01
N LYS C 790 49.75 28.94 -24.30
CA LYS C 790 49.13 30.04 -25.01
C LYS C 790 49.41 29.89 -26.50
N THR C 791 48.48 30.34 -27.30
CA THR C 791 48.62 30.29 -28.74
C THR C 791 49.53 31.41 -29.25
N PRO C 792 50.41 31.12 -30.20
CA PRO C 792 51.30 32.15 -30.72
C PRO C 792 50.53 33.26 -31.42
N PRO C 793 51.10 34.45 -31.54
CA PRO C 793 50.34 35.55 -32.15
C PRO C 793 50.19 35.46 -33.65
N ILE C 794 51.26 35.11 -34.38
CA ILE C 794 51.17 34.98 -35.84
C ILE C 794 50.47 33.66 -36.11
N LYS C 795 49.19 33.73 -36.43
CA LYS C 795 48.36 32.54 -36.62
C LYS C 795 48.42 32.02 -38.05
N TYR C 796 49.64 31.78 -38.52
CA TYR C 796 49.87 31.18 -39.82
C TYR C 796 50.52 29.82 -39.65
N PHE C 797 49.85 28.78 -40.11
CA PHE C 797 50.30 27.40 -39.93
C PHE C 797 50.50 26.68 -41.24
N GLY C 798 51.06 27.35 -42.24
CA GLY C 798 51.31 26.67 -43.48
C GLY C 798 50.06 26.40 -44.30
N GLY C 799 49.22 27.41 -44.44
CA GLY C 799 48.00 27.33 -45.21
C GLY C 799 46.78 26.86 -44.46
N PHE C 800 46.92 26.14 -43.37
CA PHE C 800 45.75 25.69 -42.63
C PHE C 800 45.09 26.87 -41.93
N ASN C 801 43.76 26.87 -41.92
CA ASN C 801 42.97 27.98 -41.36
C ASN C 801 42.18 27.54 -40.15
N PHE C 802 42.75 27.73 -38.96
CA PHE C 802 42.10 27.40 -37.71
C PHE C 802 41.28 28.54 -37.15
N SER C 803 40.97 29.56 -37.94
CA SER C 803 40.24 30.70 -37.39
C SER C 803 38.89 30.29 -36.84
N GLN C 804 38.27 29.26 -37.40
CA GLN C 804 36.96 28.88 -36.93
C GLN C 804 36.98 28.18 -35.58
N ILE C 805 38.13 27.70 -35.12
CA ILE C 805 38.19 26.99 -33.86
C ILE C 805 39.00 27.71 -32.79
N LEU C 806 39.92 28.59 -33.13
CA LEU C 806 40.65 29.25 -32.07
C LEU C 806 39.78 30.30 -31.41
N PRO C 807 40.04 30.63 -30.14
CA PRO C 807 39.19 31.62 -29.46
C PRO C 807 39.36 32.99 -30.11
N ASP C 808 38.26 33.74 -30.17
CA ASP C 808 38.30 35.07 -30.74
C ASP C 808 38.53 36.09 -29.65
N PRO C 809 39.67 36.77 -29.61
CA PRO C 809 39.88 37.78 -28.56
C PRO C 809 38.95 38.95 -28.68
N SER C 810 38.33 39.13 -29.85
CA SER C 810 37.45 40.26 -30.06
C SER C 810 36.25 40.18 -29.14
N LYS C 811 35.50 39.09 -29.23
CA LYS C 811 34.31 38.95 -28.41
C LYS C 811 34.71 38.86 -26.95
N PRO C 812 33.87 39.38 -26.05
CA PRO C 812 34.25 39.36 -24.63
C PRO C 812 34.25 37.98 -24.02
N SER C 813 33.38 37.08 -24.49
CA SER C 813 33.36 35.73 -23.93
C SER C 813 34.58 34.93 -24.31
N LYS C 814 35.33 35.35 -25.33
CA LYS C 814 36.56 34.69 -25.74
C LYS C 814 36.29 33.25 -26.14
N ARG C 815 35.14 33.03 -26.76
CA ARG C 815 34.78 31.74 -27.31
C ARG C 815 34.96 31.76 -28.81
N SER C 816 35.36 30.62 -29.36
CA SER C 816 35.48 30.52 -30.80
C SER C 816 34.11 30.73 -31.44
N PRO C 817 34.05 31.01 -32.74
CA PRO C 817 32.74 31.17 -33.37
C PRO C 817 31.88 29.93 -33.30
N ILE C 818 32.47 28.75 -33.49
CA ILE C 818 31.69 27.53 -33.37
C ILE C 818 31.16 27.38 -31.96
N GLU C 819 31.97 27.77 -30.98
CA GLU C 819 31.52 27.70 -29.60
C GLU C 819 30.34 28.62 -29.38
N ASP C 820 30.37 29.80 -29.99
CA ASP C 820 29.24 30.72 -29.89
C ASP C 820 27.99 30.14 -30.52
N LEU C 821 28.15 29.55 -31.70
CA LEU C 821 27.01 28.92 -32.36
C LEU C 821 26.42 27.83 -31.48
N LEU C 822 27.29 27.05 -30.84
CA LEU C 822 26.82 26.01 -29.93
C LEU C 822 26.07 26.60 -28.74
N PHE C 823 26.59 27.68 -28.18
CA PHE C 823 25.91 28.26 -27.03
C PHE C 823 24.56 28.83 -27.41
N ASN C 824 24.42 29.30 -28.64
CA ASN C 824 23.16 29.88 -29.04
C ASN C 824 22.16 28.83 -29.51
N LYS C 825 22.64 27.71 -30.03
CA LYS C 825 21.73 26.71 -30.59
C LYS C 825 20.91 26.04 -29.51
N VAL C 826 21.45 25.94 -28.30
CA VAL C 826 20.79 25.27 -27.20
C VAL C 826 20.49 26.30 -26.12
N THR C 827 19.29 26.23 -25.57
CA THR C 827 18.85 27.14 -24.52
C THR C 827 18.14 26.33 -23.44
N LEU C 828 17.88 26.99 -22.32
CA LEU C 828 17.21 26.35 -21.21
C LEU C 828 15.76 26.04 -21.52
N PHE C 855 11.04 29.15 -4.64
CA PHE C 855 10.81 27.71 -4.59
C PHE C 855 10.29 27.19 -3.27
N ASN C 856 10.24 25.87 -3.22
CA ASN C 856 9.72 25.08 -2.11
C ASN C 856 10.80 24.16 -1.57
N GLY C 857 12.02 24.66 -1.41
CA GLY C 857 13.06 23.85 -0.86
C GLY C 857 13.94 23.20 -1.89
N LEU C 858 13.78 23.54 -3.16
CA LEU C 858 14.60 22.99 -4.23
C LEU C 858 15.54 24.08 -4.71
N THR C 859 16.83 23.78 -4.71
CA THR C 859 17.83 24.74 -5.08
C THR C 859 18.83 24.07 -6.01
N VAL C 860 19.35 24.87 -6.94
CA VAL C 860 20.34 24.39 -7.90
C VAL C 860 21.70 24.93 -7.51
N LEU C 861 22.57 24.10 -7.32
CA LEU C 861 23.85 24.67 -6.96
C LEU C 861 24.64 24.97 -8.23
N PRO C 862 25.54 25.94 -8.22
CA PRO C 862 26.30 26.25 -9.41
C PRO C 862 27.46 25.29 -9.57
N PRO C 863 28.02 25.17 -10.76
CA PRO C 863 29.19 24.31 -10.94
C PRO C 863 30.43 24.97 -10.39
N LEU C 864 31.43 24.15 -10.10
CA LEU C 864 32.68 24.70 -9.59
C LEU C 864 33.47 25.40 -10.68
N LEU C 865 33.65 24.75 -11.82
CA LEU C 865 34.36 25.36 -12.93
C LEU C 865 33.38 26.15 -13.78
N THR C 866 33.59 27.45 -13.87
CA THR C 866 32.68 28.22 -14.70
C THR C 866 32.97 27.95 -16.17
N ASP C 867 32.05 28.41 -17.00
CA ASP C 867 32.20 28.21 -18.44
C ASP C 867 33.46 28.87 -18.97
N GLU C 868 33.81 30.04 -18.43
CA GLU C 868 34.98 30.74 -18.92
C GLU C 868 36.24 29.89 -18.72
N MET C 869 36.37 29.27 -17.55
CA MET C 869 37.56 28.48 -17.32
C MET C 869 37.56 27.25 -18.20
N ILE C 870 36.39 26.71 -18.49
CA ILE C 870 36.30 25.57 -19.39
C ILE C 870 36.78 25.96 -20.78
N ALA C 871 36.38 27.14 -21.24
CA ALA C 871 36.84 27.60 -22.53
C ALA C 871 38.34 27.82 -22.52
N GLN C 872 38.88 28.26 -21.39
CA GLN C 872 40.31 28.44 -21.29
C GLN C 872 41.03 27.10 -21.40
N TYR C 873 40.49 26.07 -20.75
CA TYR C 873 41.09 24.75 -20.85
C TYR C 873 41.08 24.26 -22.28
N THR C 874 39.95 24.45 -22.96
CA THR C 874 39.86 24.00 -24.34
C THR C 874 40.87 24.71 -25.23
N SER C 875 41.03 26.02 -25.04
CA SER C 875 42.02 26.73 -25.83
C SER C 875 43.42 26.24 -25.54
N ALA C 876 43.69 25.88 -24.28
CA ALA C 876 45.00 25.33 -23.95
C ALA C 876 45.24 24.04 -24.71
N LEU C 877 44.25 23.15 -24.72
CA LEU C 877 44.41 21.90 -25.45
C LEU C 877 44.61 22.15 -26.92
N LEU C 878 43.89 23.11 -27.48
CA LEU C 878 44.05 23.42 -28.89
C LEU C 878 45.47 23.88 -29.19
N ALA C 879 45.99 24.81 -28.39
CA ALA C 879 47.35 25.28 -28.66
C ALA C 879 48.35 24.15 -28.54
N GLY C 880 48.18 23.30 -27.54
CA GLY C 880 49.10 22.19 -27.38
C GLY C 880 49.09 21.28 -28.59
N THR C 881 47.91 20.86 -29.02
CA THR C 881 47.83 19.94 -30.16
C THR C 881 48.22 20.60 -31.46
N ILE C 882 48.10 21.92 -31.57
CA ILE C 882 48.43 22.57 -32.83
C ILE C 882 49.93 22.74 -32.96
N THR C 883 50.63 22.96 -31.86
CA THR C 883 52.06 23.24 -31.98
C THR C 883 52.95 22.07 -31.61
N SER C 884 52.46 21.06 -30.93
CA SER C 884 53.34 20.03 -30.39
C SER C 884 52.93 18.59 -30.63
N GLY C 885 51.80 18.33 -31.29
CA GLY C 885 51.42 16.95 -31.56
C GLY C 885 51.17 16.13 -30.31
N TRP C 886 51.71 14.91 -30.28
CA TRP C 886 51.51 14.07 -29.11
C TRP C 886 52.34 14.49 -27.93
N THR C 887 53.46 15.15 -28.17
CA THR C 887 54.48 15.26 -27.14
C THR C 887 53.97 16.00 -25.91
N PHE C 888 53.12 17.00 -26.10
CA PHE C 888 52.69 17.72 -24.92
C PHE C 888 51.85 16.85 -24.00
N GLY C 889 51.45 15.68 -24.45
CA GLY C 889 50.68 14.79 -23.61
C GLY C 889 51.55 13.79 -22.90
N ALA C 890 52.79 13.63 -23.37
CA ALA C 890 53.72 12.68 -22.79
C ALA C 890 54.81 13.30 -21.94
N GLY C 891 54.91 14.63 -21.90
CA GLY C 891 55.93 15.28 -21.12
C GLY C 891 56.14 16.71 -21.58
N PRO C 892 57.39 17.11 -21.75
CA PRO C 892 57.66 18.49 -22.16
C PRO C 892 57.19 18.72 -23.59
N ALA C 893 56.45 19.81 -23.78
CA ALA C 893 55.93 20.14 -25.10
C ALA C 893 57.06 20.56 -26.02
N LEU C 894 57.24 19.84 -27.12
CA LEU C 894 58.26 20.14 -28.11
C LEU C 894 57.61 20.72 -29.35
N GLN C 895 57.98 21.95 -29.70
CA GLN C 895 57.37 22.59 -30.86
C GLN C 895 57.83 21.92 -32.14
N ILE C 896 56.90 21.81 -33.10
CA ILE C 896 57.16 21.20 -34.39
C ILE C 896 56.33 21.86 -35.47
N PRO C 897 56.89 22.15 -36.64
CA PRO C 897 56.10 22.77 -37.71
C PRO C 897 54.88 21.92 -38.00
N PHE C 898 53.75 22.59 -38.24
CA PHE C 898 52.51 21.85 -38.44
C PHE C 898 52.48 20.93 -39.65
N PRO C 899 53.03 21.30 -40.81
CA PRO C 899 53.08 20.32 -41.89
C PRO C 899 53.88 19.08 -41.54
N MET C 900 54.98 19.22 -40.83
CA MET C 900 55.69 18.01 -40.43
C MET C 900 54.87 17.18 -39.47
N GLN C 901 54.04 17.82 -38.64
CA GLN C 901 53.21 17.04 -37.75
C GLN C 901 52.21 16.22 -38.55
N MET C 902 51.60 16.84 -39.56
CA MET C 902 50.69 16.08 -40.37
C MET C 902 51.40 14.99 -41.16
N ALA C 903 52.67 15.20 -41.52
CA ALA C 903 53.40 14.13 -42.20
C ALA C 903 53.60 12.94 -41.28
N TYR C 904 53.98 13.20 -40.03
CA TYR C 904 53.98 12.12 -39.05
C TYR C 904 52.66 11.38 -39.00
N ARG C 905 51.54 12.10 -38.93
CA ARG C 905 50.28 11.37 -38.82
C ARG C 905 50.00 10.55 -40.08
N PHE C 906 50.32 11.10 -41.25
CA PHE C 906 50.18 10.32 -42.47
C PHE C 906 50.95 9.01 -42.38
N ASN C 907 52.22 9.09 -41.96
CA ASN C 907 52.93 7.85 -41.70
C ASN C 907 52.15 6.97 -40.74
N GLY C 908 51.48 7.60 -39.78
CA GLY C 908 50.69 6.83 -38.84
C GLY C 908 49.62 5.99 -39.49
N ILE C 909 49.04 6.45 -40.60
CA ILE C 909 48.02 5.64 -41.27
C ILE C 909 48.60 4.87 -42.45
N GLY C 910 49.91 4.66 -42.49
CA GLY C 910 50.47 3.81 -43.52
C GLY C 910 50.64 4.44 -44.88
N VAL C 911 50.61 5.76 -44.97
CA VAL C 911 50.86 6.48 -46.22
C VAL C 911 52.16 7.27 -46.06
N THR C 912 53.08 7.10 -47.01
CA THR C 912 54.35 7.77 -46.90
C THR C 912 54.20 9.29 -47.04
N GLN C 913 55.05 10.01 -46.30
CA GLN C 913 54.93 11.46 -46.17
C GLN C 913 55.13 12.22 -47.47
N ASN C 914 55.78 11.61 -48.46
CA ASN C 914 55.90 12.30 -49.72
C ASN C 914 54.54 12.61 -50.29
N VAL C 915 53.53 11.81 -49.94
CA VAL C 915 52.18 12.13 -50.33
C VAL C 915 51.72 13.45 -49.74
N LEU C 916 52.17 13.79 -48.53
CA LEU C 916 51.72 15.07 -48.00
C LEU C 916 52.52 16.22 -48.56
N TYR C 917 53.84 16.07 -48.67
CA TYR C 917 54.60 17.23 -49.12
C TYR C 917 54.32 17.58 -50.57
N GLU C 918 53.78 16.65 -51.34
CA GLU C 918 53.47 16.91 -52.72
C GLU C 918 52.06 17.42 -52.93
N ASN C 919 51.24 17.42 -51.89
CA ASN C 919 49.86 17.85 -52.05
C ASN C 919 49.44 18.80 -50.94
N GLN C 920 50.40 19.54 -50.39
CA GLN C 920 50.09 20.47 -49.31
C GLN C 920 48.97 21.43 -49.67
N LYS C 921 49.04 22.02 -50.87
CA LYS C 921 48.04 23.02 -51.24
C LYS C 921 46.64 22.41 -51.27
N LEU C 922 46.50 21.28 -51.96
CA LEU C 922 45.19 20.65 -52.08
C LEU C 922 44.65 20.24 -50.72
N ILE C 923 45.52 19.70 -49.87
CA ILE C 923 45.04 19.24 -48.58
C ILE C 923 44.58 20.41 -47.75
N ALA C 924 45.33 21.52 -47.80
CA ALA C 924 44.93 22.67 -47.02
C ALA C 924 43.59 23.20 -47.48
N ASN C 925 43.39 23.25 -48.80
CA ASN C 925 42.12 23.74 -49.31
C ASN C 925 40.97 22.83 -48.87
N GLN C 926 41.18 21.52 -48.95
CA GLN C 926 40.12 20.61 -48.57
C GLN C 926 39.78 20.75 -47.10
N PHE C 927 40.81 20.88 -46.26
CA PHE C 927 40.58 21.01 -44.84
C PHE C 927 39.81 22.29 -44.53
N ASN C 928 40.19 23.41 -45.15
CA ASN C 928 39.47 24.64 -44.88
C ASN C 928 38.01 24.54 -45.30
N SER C 929 37.77 23.99 -46.50
CA SER C 929 36.40 23.88 -46.95
C SER C 929 35.59 23.01 -46.02
N ALA C 930 36.19 21.92 -45.55
CA ALA C 930 35.46 21.03 -44.65
C ALA C 930 35.12 21.74 -43.37
N ILE C 931 36.07 22.50 -42.81
CA ILE C 931 35.78 23.18 -41.57
C ILE C 931 34.66 24.18 -41.77
N GLY C 932 34.61 24.82 -42.94
CA GLY C 932 33.55 25.78 -43.17
C GLY C 932 32.20 25.11 -43.27
N LYS C 933 32.17 23.95 -43.91
CA LYS C 933 30.88 23.31 -44.04
C LYS C 933 30.44 22.72 -42.71
N ILE C 934 31.37 22.47 -41.79
CA ILE C 934 30.95 21.98 -40.49
C ILE C 934 30.04 22.99 -39.83
N GLN C 935 30.46 24.25 -39.85
CA GLN C 935 29.68 25.29 -39.20
C GLN C 935 28.36 25.44 -39.92
N ASP C 936 28.40 25.43 -41.25
CA ASP C 936 27.14 25.55 -41.99
C ASP C 936 26.19 24.40 -41.63
N SER C 937 26.72 23.19 -41.50
CA SER C 937 25.89 22.04 -41.15
C SER C 937 25.28 22.21 -39.78
N LEU C 938 26.08 22.66 -38.82
CA LEU C 938 25.55 22.86 -37.48
C LEU C 938 24.44 23.89 -37.48
N SER C 939 24.55 24.89 -38.35
CA SER C 939 23.51 25.91 -38.37
C SER C 939 22.26 25.40 -39.05
N SER C 940 22.43 24.58 -40.09
CA SER C 940 21.30 24.06 -40.84
C SER C 940 20.64 22.85 -40.19
N THR C 941 21.38 22.06 -39.43
CA THR C 941 20.79 20.87 -38.84
C THR C 941 19.75 21.25 -37.79
N PRO C 942 18.55 20.69 -37.85
CA PRO C 942 17.51 21.05 -36.88
C PRO C 942 17.63 20.34 -35.54
N SER C 943 18.15 19.12 -35.54
CA SER C 943 18.20 18.32 -34.31
C SER C 943 19.58 17.70 -34.13
N ALA C 944 20.61 18.51 -34.30
CA ALA C 944 21.97 18.06 -34.09
C ALA C 944 22.33 17.94 -32.61
N LEU C 945 21.77 18.80 -31.77
CA LEU C 945 22.07 18.84 -30.34
C LEU C 945 21.05 18.10 -29.51
N GLY C 946 20.52 17.00 -30.04
CA GLY C 946 19.47 16.29 -29.32
C GLY C 946 19.86 15.82 -27.94
N LYS C 947 21.10 15.36 -27.78
CA LYS C 947 21.49 14.76 -26.50
C LYS C 947 21.52 15.76 -25.35
N LEU C 948 22.21 16.89 -25.56
CA LEU C 948 22.32 17.88 -24.50
C LEU C 948 20.94 18.43 -24.15
N GLN C 949 20.16 18.72 -25.18
CA GLN C 949 18.82 19.24 -24.95
C GLN C 949 17.99 18.22 -24.18
N ASP C 950 18.20 16.94 -24.45
CA ASP C 950 17.42 15.93 -23.74
C ASP C 950 17.83 15.85 -22.28
N VAL C 951 19.11 16.00 -21.99
CA VAL C 951 19.54 16.01 -20.59
C VAL C 951 18.87 17.16 -19.85
N VAL C 952 18.90 18.35 -20.46
CA VAL C 952 18.31 19.52 -19.83
C VAL C 952 16.82 19.31 -19.61
N ASN C 953 16.13 18.81 -20.64
CA ASN C 953 14.70 18.61 -20.53
C ASN C 953 14.35 17.56 -19.50
N HIS C 954 15.15 16.51 -19.38
CA HIS C 954 14.86 15.49 -18.39
C HIS C 954 14.92 16.09 -17.00
N ASN C 955 15.98 16.83 -16.71
CA ASN C 955 16.08 17.44 -15.38
C ASN C 955 14.94 18.42 -15.13
N ALA C 956 14.67 19.29 -16.10
CA ALA C 956 13.61 20.28 -15.91
C ALA C 956 12.27 19.60 -15.67
N GLN C 957 11.96 18.58 -16.44
CA GLN C 957 10.70 17.88 -16.28
C GLN C 957 10.61 17.17 -14.95
N ALA C 958 11.72 16.60 -14.48
CA ALA C 958 11.71 15.96 -13.18
C ALA C 958 11.40 16.96 -12.09
N LEU C 959 12.08 18.10 -12.09
CA LEU C 959 11.81 19.10 -11.08
C LEU C 959 10.37 19.60 -11.18
N ASN C 960 9.89 19.78 -12.41
CA ASN C 960 8.52 20.27 -12.59
C ASN C 960 7.51 19.30 -12.01
N THR C 961 7.65 18.03 -12.32
CA THR C 961 6.67 17.09 -11.77
C THR C 961 6.80 16.99 -10.26
N LEU C 962 8.01 17.09 -9.72
CA LEU C 962 8.17 17.04 -8.28
C LEU C 962 7.48 18.21 -7.60
N VAL C 963 7.59 19.41 -8.18
CA VAL C 963 6.91 20.54 -7.56
C VAL C 963 5.41 20.43 -7.76
N LYS C 964 4.98 19.93 -8.92
CA LYS C 964 3.56 19.86 -9.19
C LYS C 964 2.88 18.84 -8.29
N GLN C 965 3.57 17.79 -7.93
CA GLN C 965 2.94 16.78 -7.10
C GLN C 965 2.58 17.26 -5.71
N LEU C 966 2.90 18.50 -5.33
CA LEU C 966 2.45 18.93 -4.02
C LEU C 966 0.96 19.18 -3.98
N SER C 967 0.33 19.46 -5.12
CA SER C 967 -1.09 19.75 -5.12
C SER C 967 -1.95 18.52 -4.92
N SER C 968 -1.43 17.34 -5.22
CA SER C 968 -2.22 16.13 -5.09
C SER C 968 -2.60 15.92 -3.63
N LYS C 969 -3.79 15.36 -3.42
CA LYS C 969 -4.30 15.15 -2.07
C LYS C 969 -3.92 13.81 -1.45
N PHE C 970 -3.64 12.79 -2.24
CA PHE C 970 -3.31 11.47 -1.71
C PHE C 970 -4.42 10.90 -0.84
N GLY C 971 -5.64 11.36 -1.00
CA GLY C 971 -6.74 10.86 -0.21
C GLY C 971 -7.13 11.76 0.94
N ALA C 972 -6.30 12.72 1.31
CA ALA C 972 -6.70 13.60 2.38
C ALA C 972 -7.76 14.56 1.89
N ILE C 973 -8.50 15.14 2.83
CA ILE C 973 -9.60 16.01 2.45
C ILE C 973 -9.14 17.30 1.78
N SER C 974 -7.85 17.65 1.88
CA SER C 974 -7.37 18.86 1.24
C SER C 974 -5.86 18.83 1.15
N SER C 975 -5.33 19.63 0.22
CA SER C 975 -3.91 19.59 -0.08
C SER C 975 -3.10 20.61 0.72
N VAL C 976 -3.69 21.73 1.10
CA VAL C 976 -2.93 22.75 1.83
C VAL C 976 -2.92 22.44 3.33
N LEU C 977 -1.75 22.58 3.95
CA LEU C 977 -1.61 22.23 5.35
C LEU C 977 -2.41 23.16 6.24
N ASN C 978 -2.55 24.41 5.84
CA ASN C 978 -3.20 25.41 6.68
C ASN C 978 -4.66 25.07 6.91
N ASP C 979 -5.37 24.71 5.84
CA ASP C 979 -6.76 24.33 5.99
C ASP C 979 -6.90 23.12 6.90
N ILE C 980 -6.08 22.11 6.67
CA ILE C 980 -6.15 20.90 7.49
C ILE C 980 -5.98 21.26 8.96
N LEU C 981 -5.02 22.13 9.26
CA LEU C 981 -4.78 22.53 10.63
C LEU C 981 -5.78 23.55 11.14
N SER C 982 -6.59 24.13 10.25
CA SER C 982 -7.57 25.13 10.63
C SER C 982 -8.92 24.52 10.99
N ARG C 983 -9.49 23.73 10.07
CA ARG C 983 -10.84 23.22 10.24
C ARG C 983 -10.88 21.82 10.83
N LEU C 984 -9.93 21.48 11.71
CA LEU C 984 -10.01 20.16 12.32
C LEU C 984 -9.28 20.14 13.64
N ASP C 985 -9.78 19.30 14.55
CA ASP C 985 -9.13 19.11 15.83
C ASP C 985 -7.87 18.29 15.65
N PRO C 986 -6.94 18.36 16.59
CA PRO C 986 -5.67 17.65 16.44
C PRO C 986 -5.84 16.14 16.29
N PRO C 987 -6.75 15.50 17.05
CA PRO C 987 -6.86 14.03 16.89
C PRO C 987 -7.17 13.59 15.48
N GLU C 988 -8.06 14.28 14.77
CA GLU C 988 -8.34 13.91 13.39
C GLU C 988 -7.29 14.48 12.45
N ALA C 989 -6.72 15.64 12.79
CA ALA C 989 -5.67 16.21 11.95
C ALA C 989 -4.49 15.28 11.87
N GLU C 990 -4.26 14.45 12.89
CA GLU C 990 -3.16 13.50 12.82
C GLU C 990 -3.34 12.54 11.65
N VAL C 991 -4.51 11.91 11.55
CA VAL C 991 -4.70 10.95 10.48
C VAL C 991 -4.89 11.65 9.15
N GLN C 992 -5.29 12.91 9.16
CA GLN C 992 -5.35 13.63 7.90
C GLN C 992 -3.97 14.09 7.43
N ILE C 993 -3.01 14.19 8.34
CA ILE C 993 -1.66 14.61 7.94
C ILE C 993 -0.76 13.42 7.63
N ASP C 994 -1.03 12.27 8.23
CA ASP C 994 -0.27 11.07 7.89
C ASP C 994 -0.29 10.79 6.39
N ARG C 995 -1.45 10.93 5.76
CA ARG C 995 -1.56 10.61 4.34
C ARG C 995 -0.68 11.53 3.52
N LEU C 996 -0.76 12.83 3.79
CA LEU C 996 0.04 13.78 3.03
C LEU C 996 1.53 13.51 3.23
N ILE C 997 1.92 13.27 4.48
CA ILE C 997 3.32 13.00 4.76
C ILE C 997 3.80 11.79 3.97
N THR C 998 3.09 10.67 4.09
CA THR C 998 3.56 9.46 3.43
C THR C 998 3.60 9.63 1.93
N GLY C 999 2.63 10.33 1.36
CA GLY C 999 2.61 10.49 -0.08
C GLY C 999 3.77 11.35 -0.57
N ARG C 1000 4.01 12.46 0.12
CA ARG C 1000 5.09 13.32 -0.32
C ARG C 1000 6.43 12.65 -0.12
N LEU C 1001 6.56 11.84 0.92
CA LEU C 1001 7.79 11.10 1.13
C LEU C 1001 8.02 10.08 0.03
N GLN C 1002 6.95 9.40 -0.39
CA GLN C 1002 7.09 8.44 -1.46
C GLN C 1002 7.49 9.11 -2.77
N SER C 1003 6.91 10.27 -3.03
CA SER C 1003 7.25 10.99 -4.25
C SER C 1003 8.71 11.40 -4.25
N LEU C 1004 9.16 11.93 -3.12
CA LEU C 1004 10.54 12.37 -3.02
C LEU C 1004 11.50 11.20 -3.17
N GLN C 1005 11.11 10.05 -2.63
CA GLN C 1005 11.95 8.88 -2.75
C GLN C 1005 12.07 8.43 -4.21
N THR C 1006 10.96 8.46 -4.93
CA THR C 1006 11.03 8.13 -6.34
C THR C 1006 11.95 9.08 -7.08
N TYR C 1007 11.83 10.37 -6.79
CA TYR C 1007 12.69 11.35 -7.45
C TYR C 1007 14.16 11.07 -7.21
N VAL C 1008 14.53 10.77 -5.97
CA VAL C 1008 15.94 10.56 -5.70
C VAL C 1008 16.43 9.30 -6.40
N THR C 1009 15.59 8.28 -6.49
CA THR C 1009 16.04 7.09 -7.21
C THR C 1009 16.26 7.39 -8.68
N GLN C 1010 15.34 8.14 -9.29
CA GLN C 1010 15.52 8.51 -10.68
C GLN C 1010 16.81 9.28 -10.89
N GLN C 1011 17.12 10.17 -9.96
CA GLN C 1011 18.35 10.94 -10.13
C GLN C 1011 19.57 10.07 -9.98
N LEU C 1012 19.53 9.08 -9.11
CA LEU C 1012 20.69 8.21 -8.99
C LEU C 1012 20.93 7.43 -10.27
N ILE C 1013 19.86 6.89 -10.86
CA ILE C 1013 20.05 6.13 -12.11
C ILE C 1013 20.59 7.02 -13.21
N ARG C 1014 20.00 8.21 -13.37
CA ARG C 1014 20.50 9.08 -14.42
C ARG C 1014 21.94 9.50 -14.17
N ALA C 1015 22.32 9.68 -12.91
CA ALA C 1015 23.69 10.08 -12.63
C ALA C 1015 24.67 8.97 -12.98
N ALA C 1016 24.28 7.73 -12.73
CA ALA C 1016 25.14 6.63 -13.18
C ALA C 1016 25.29 6.65 -14.70
N GLU C 1017 24.18 6.88 -15.40
CA GLU C 1017 24.23 6.96 -16.85
C GLU C 1017 25.19 8.03 -17.32
N ILE C 1018 25.08 9.22 -16.74
CA ILE C 1018 25.92 10.32 -17.18
C ILE C 1018 27.36 10.07 -16.81
N ARG C 1019 27.62 9.40 -15.70
CA ARG C 1019 29.00 9.11 -15.36
C ARG C 1019 29.63 8.16 -16.37
N ALA C 1020 28.88 7.16 -16.81
CA ALA C 1020 29.38 6.29 -17.86
C ALA C 1020 29.73 7.09 -19.11
N SER C 1021 28.83 7.98 -19.50
CA SER C 1021 29.08 8.81 -20.67
C SER C 1021 30.32 9.67 -20.48
N ALA C 1022 30.52 10.18 -19.27
CA ALA C 1022 31.67 11.05 -19.04
C ALA C 1022 32.97 10.28 -19.07
N ASN C 1023 32.97 9.06 -18.57
CA ASN C 1023 34.16 8.22 -18.69
C ASN C 1023 34.49 7.98 -20.15
N LEU C 1024 33.47 7.70 -20.96
CA LEU C 1024 33.70 7.54 -22.38
C LEU C 1024 34.29 8.81 -22.98
N ALA C 1025 33.79 9.97 -22.58
CA ALA C 1025 34.30 11.21 -23.12
C ALA C 1025 35.75 11.42 -22.73
N ALA C 1026 36.11 11.08 -21.50
CA ALA C 1026 37.48 11.24 -21.08
C ALA C 1026 38.41 10.35 -21.88
N THR C 1027 37.99 9.10 -22.09
CA THR C 1027 38.81 8.22 -22.91
C THR C 1027 38.99 8.77 -24.31
N LYS C 1028 37.91 9.30 -24.90
CA LYS C 1028 38.03 9.84 -26.24
C LYS C 1028 38.96 11.02 -26.27
N MET C 1029 38.84 11.92 -25.30
CA MET C 1029 39.80 13.01 -25.18
C MET C 1029 41.22 12.48 -25.19
N SER C 1030 41.55 11.62 -24.23
CA SER C 1030 42.92 11.16 -24.11
C SER C 1030 43.42 10.54 -25.41
N GLU C 1031 42.65 9.64 -26.01
CA GLU C 1031 43.22 8.90 -27.13
C GLU C 1031 43.14 9.64 -28.45
N CYS C 1032 42.06 10.38 -28.70
CA CYS C 1032 41.94 11.02 -29.99
C CYS C 1032 42.58 12.39 -29.99
N VAL C 1033 42.44 13.15 -28.90
CA VAL C 1033 42.96 14.50 -28.92
C VAL C 1033 44.46 14.50 -28.65
N LEU C 1034 44.88 13.88 -27.57
CA LEU C 1034 46.27 13.86 -27.17
C LEU C 1034 47.11 12.86 -27.93
N GLY C 1035 46.58 12.27 -29.00
CA GLY C 1035 47.34 11.32 -29.75
C GLY C 1035 46.62 10.90 -31.01
N GLN C 1036 47.00 9.73 -31.51
CA GLN C 1036 46.41 9.14 -32.69
C GLN C 1036 46.08 7.69 -32.36
N SER C 1037 44.86 7.27 -32.64
CA SER C 1037 44.41 5.94 -32.27
C SER C 1037 44.33 5.06 -33.50
N LYS C 1038 44.80 3.83 -33.35
CA LYS C 1038 44.66 2.84 -34.40
C LYS C 1038 43.39 2.03 -34.26
N ARG C 1039 42.57 2.30 -33.24
CA ARG C 1039 41.33 1.57 -33.10
C ARG C 1039 40.41 1.94 -34.24
N VAL C 1040 39.86 0.94 -34.92
CA VAL C 1040 39.07 1.22 -36.10
C VAL C 1040 37.71 1.77 -35.71
N ASP C 1041 37.37 2.91 -36.29
CA ASP C 1041 36.05 3.49 -36.13
C ASP C 1041 35.79 3.80 -34.65
N PHE C 1042 36.82 4.32 -33.99
CA PHE C 1042 36.66 4.85 -32.65
C PHE C 1042 36.58 6.37 -32.65
N CYS C 1043 37.59 7.03 -33.20
CA CYS C 1043 37.57 8.49 -33.32
C CYS C 1043 37.06 8.89 -34.71
N GLY C 1044 35.82 8.54 -34.99
CA GLY C 1044 35.22 8.88 -36.26
C GLY C 1044 35.39 7.79 -37.30
N LYS C 1045 34.57 7.88 -38.35
CA LYS C 1045 34.58 6.87 -39.40
C LYS C 1045 35.70 7.16 -40.39
N GLY C 1046 36.60 6.21 -40.55
CA GLY C 1046 37.73 6.34 -41.44
C GLY C 1046 39.05 6.29 -40.70
N TYR C 1047 40.12 6.37 -41.47
CA TYR C 1047 41.47 6.38 -40.90
C TYR C 1047 41.66 7.68 -40.13
N HIS C 1048 41.85 7.58 -38.82
CA HIS C 1048 41.89 8.76 -37.95
C HIS C 1048 43.20 9.53 -38.06
N LEU C 1049 43.09 10.85 -38.21
CA LEU C 1049 44.25 11.72 -38.14
C LEU C 1049 44.38 12.46 -36.80
N MET C 1050 43.39 13.24 -36.42
CA MET C 1050 43.46 13.97 -35.15
C MET C 1050 42.05 14.44 -34.81
N SER C 1051 41.93 15.10 -33.66
CA SER C 1051 40.62 15.58 -33.23
C SER C 1051 40.78 16.85 -32.41
N PHE C 1052 39.82 17.76 -32.54
CA PHE C 1052 39.85 19.01 -31.82
C PHE C 1052 38.60 19.12 -30.95
N PRO C 1053 38.73 19.45 -29.68
CA PRO C 1053 37.57 19.59 -28.82
C PRO C 1053 37.00 20.99 -28.83
N GLN C 1054 35.70 21.07 -28.60
CA GLN C 1054 35.02 22.35 -28.47
C GLN C 1054 34.06 22.25 -27.30
N SER C 1055 34.06 23.24 -26.44
CA SER C 1055 33.19 23.18 -25.28
C SER C 1055 31.74 23.39 -25.67
N ALA C 1056 30.85 22.83 -24.88
CA ALA C 1056 29.41 22.95 -25.04
C ALA C 1056 28.83 23.10 -23.64
N PRO C 1057 27.59 23.59 -23.53
CA PRO C 1057 27.04 23.84 -22.18
C PRO C 1057 27.15 22.67 -21.23
N HIS C 1058 27.00 21.45 -21.70
CA HIS C 1058 27.11 20.32 -20.77
C HIS C 1058 27.92 19.18 -21.37
N GLY C 1059 28.78 19.45 -22.34
CA GLY C 1059 29.49 18.37 -22.94
C GLY C 1059 30.58 18.85 -23.86
N VAL C 1060 31.07 17.94 -24.67
CA VAL C 1060 32.13 18.22 -25.62
C VAL C 1060 31.66 17.90 -27.03
N VAL C 1061 32.28 18.56 -27.99
CA VAL C 1061 32.01 18.35 -29.40
C VAL C 1061 33.34 18.10 -30.08
N PHE C 1062 33.58 16.86 -30.48
CA PHE C 1062 34.84 16.49 -31.10
C PHE C 1062 34.74 16.65 -32.61
N LEU C 1063 35.71 17.33 -33.18
CA LEU C 1063 35.79 17.48 -34.62
C LEU C 1063 36.82 16.49 -35.17
N HIS C 1064 36.40 15.24 -35.32
CA HIS C 1064 37.32 14.23 -35.81
C HIS C 1064 37.72 14.47 -37.25
N VAL C 1065 39.01 14.49 -37.51
CA VAL C 1065 39.55 14.59 -38.85
C VAL C 1065 39.99 13.23 -39.33
N THR C 1066 39.34 12.73 -40.39
CA THR C 1066 39.54 11.39 -40.91
C THR C 1066 39.97 11.45 -42.36
N TYR C 1067 40.77 10.47 -42.76
CA TYR C 1067 41.24 10.32 -44.14
C TYR C 1067 40.49 9.21 -44.84
N VAL C 1068 39.85 9.50 -45.97
CA VAL C 1068 39.04 8.53 -46.68
C VAL C 1068 39.48 8.42 -48.13
N PRO C 1069 39.85 7.23 -48.62
CA PRO C 1069 40.23 7.08 -50.02
C PRO C 1069 39.06 7.21 -50.99
N ALA C 1070 39.40 7.38 -52.27
CA ALA C 1070 38.40 7.51 -53.32
C ALA C 1070 39.07 7.31 -54.69
N GLN C 1071 38.23 7.20 -55.72
CA GLN C 1071 38.66 7.01 -57.11
C GLN C 1071 39.52 5.77 -57.30
N GLU C 1072 38.96 4.61 -56.97
CA GLU C 1072 39.69 3.36 -57.06
C GLU C 1072 39.84 2.91 -58.52
N LYS C 1073 40.69 1.91 -58.72
CA LYS C 1073 40.96 1.42 -60.07
C LYS C 1073 41.27 -0.07 -59.99
N ASN C 1074 40.91 -0.79 -61.06
CA ASN C 1074 41.12 -2.23 -61.14
C ASN C 1074 42.56 -2.56 -61.50
N PHE C 1075 43.06 -3.68 -60.98
CA PHE C 1075 44.40 -4.11 -61.31
C PHE C 1075 44.51 -5.60 -61.18
N THR C 1076 45.49 -6.16 -61.88
CA THR C 1076 45.84 -7.56 -61.78
C THR C 1076 47.10 -7.73 -60.95
N THR C 1077 47.09 -8.72 -60.05
CA THR C 1077 48.18 -8.89 -59.09
C THR C 1077 48.57 -10.36 -58.96
N ALA C 1078 49.72 -10.57 -58.35
CA ALA C 1078 50.21 -11.91 -58.05
C ALA C 1078 50.88 -11.88 -56.69
N PRO C 1079 50.85 -13.00 -55.96
CA PRO C 1079 51.39 -13.00 -54.60
C PRO C 1079 52.89 -12.99 -54.53
N ALA C 1080 53.59 -13.37 -55.59
CA ALA C 1080 55.04 -13.43 -55.52
C ALA C 1080 55.59 -13.42 -56.94
N ILE C 1081 56.85 -13.05 -57.07
CA ILE C 1081 57.53 -13.04 -58.34
C ILE C 1081 58.62 -14.10 -58.34
N CYS C 1082 58.73 -14.83 -59.44
CA CYS C 1082 59.75 -15.85 -59.58
C CYS C 1082 60.79 -15.37 -60.56
N HIS C 1083 62.02 -15.23 -60.10
CA HIS C 1083 63.10 -14.80 -60.96
C HIS C 1083 64.30 -15.65 -60.57
N ASP C 1084 64.98 -16.20 -61.58
CA ASP C 1084 66.13 -17.08 -61.37
C ASP C 1084 65.78 -18.27 -60.47
N GLY C 1085 64.52 -18.67 -60.44
CA GLY C 1085 64.12 -19.82 -59.67
C GLY C 1085 63.84 -19.59 -58.20
N LYS C 1086 64.01 -18.37 -57.71
CA LYS C 1086 63.73 -18.05 -56.32
C LYS C 1086 62.57 -17.08 -56.25
N ALA C 1087 61.79 -17.18 -55.18
CA ALA C 1087 60.60 -16.37 -55.03
C ALA C 1087 60.92 -15.07 -54.33
N HIS C 1088 60.34 -13.99 -54.83
CA HIS C 1088 60.48 -12.66 -54.25
C HIS C 1088 59.15 -12.15 -53.72
N PHE C 1089 59.20 -11.52 -52.56
CA PHE C 1089 58.03 -10.93 -51.94
C PHE C 1089 58.27 -9.45 -51.67
N PRO C 1090 57.22 -8.65 -51.62
CA PRO C 1090 57.40 -7.22 -51.42
C PRO C 1090 57.57 -6.91 -49.95
N ARG C 1091 58.52 -6.03 -49.63
CA ARG C 1091 58.64 -5.61 -48.23
C ARG C 1091 57.40 -4.89 -47.77
N GLU C 1092 56.93 -3.94 -48.57
CA GLU C 1092 55.67 -3.27 -48.28
C GLU C 1092 54.97 -2.94 -49.57
N GLY C 1093 53.69 -3.29 -49.65
CA GLY C 1093 52.91 -3.05 -50.82
C GLY C 1093 52.51 -4.33 -51.51
N VAL C 1094 52.12 -4.20 -52.78
CA VAL C 1094 51.58 -5.32 -53.53
C VAL C 1094 52.20 -5.32 -54.91
N PHE C 1095 52.38 -6.51 -55.47
CA PHE C 1095 52.82 -6.60 -56.86
C PHE C 1095 51.63 -6.34 -57.75
N VAL C 1096 51.64 -5.21 -58.44
CA VAL C 1096 50.53 -4.79 -59.28
C VAL C 1096 51.03 -4.66 -60.72
N SER C 1097 50.29 -5.26 -61.64
CA SER C 1097 50.56 -5.17 -63.06
C SER C 1097 49.46 -4.38 -63.74
N ASN C 1098 49.85 -3.51 -64.66
CA ASN C 1098 48.90 -2.68 -65.38
C ASN C 1098 48.63 -3.21 -66.78
N GLY C 1099 48.77 -4.51 -66.97
CA GLY C 1099 48.48 -5.12 -68.24
C GLY C 1099 49.71 -5.68 -68.91
N THR C 1100 50.81 -4.93 -68.83
CA THR C 1100 52.05 -5.34 -69.47
C THR C 1100 53.27 -5.20 -68.59
N HIS C 1101 53.21 -4.40 -67.53
CA HIS C 1101 54.38 -4.20 -66.69
C HIS C 1101 53.98 -4.46 -65.25
N TRP C 1102 54.94 -4.94 -64.46
CA TRP C 1102 54.69 -5.22 -63.06
C TRP C 1102 55.37 -4.17 -62.20
N PHE C 1103 54.70 -3.79 -61.11
CA PHE C 1103 55.22 -2.77 -60.21
C PHE C 1103 54.88 -3.14 -58.77
N VAL C 1104 55.51 -2.43 -57.85
CA VAL C 1104 55.19 -2.48 -56.44
C VAL C 1104 54.57 -1.15 -56.06
N THR C 1105 53.55 -1.20 -55.22
CA THR C 1105 52.89 0.03 -54.84
C THR C 1105 52.37 -0.06 -53.42
N GLN C 1106 52.46 1.04 -52.68
CA GLN C 1106 51.95 1.07 -51.33
C GLN C 1106 50.45 0.79 -51.36
N ARG C 1107 49.94 0.26 -50.25
CA ARG C 1107 48.59 -0.29 -50.28
C ARG C 1107 47.51 0.76 -50.43
N ASN C 1108 47.62 1.88 -49.74
CA ASN C 1108 46.51 2.84 -49.69
C ASN C 1108 46.59 3.97 -50.71
N PHE C 1109 47.53 3.95 -51.66
CA PHE C 1109 47.57 5.03 -52.63
C PHE C 1109 48.43 4.59 -53.79
N TYR C 1110 47.93 4.74 -54.99
CA TYR C 1110 48.61 4.25 -56.17
C TYR C 1110 49.87 5.05 -56.44
N GLU C 1111 51.03 4.41 -56.32
CA GLU C 1111 52.31 5.04 -56.63
C GLU C 1111 53.28 3.99 -57.13
N PRO C 1112 53.17 3.63 -58.40
CA PRO C 1112 53.94 2.50 -58.92
C PRO C 1112 55.42 2.78 -58.92
N GLN C 1113 56.21 1.77 -58.62
CA GLN C 1113 57.66 1.86 -58.66
C GLN C 1113 58.21 0.67 -59.39
N ILE C 1114 59.40 0.83 -59.95
CA ILE C 1114 60.07 -0.27 -60.62
C ILE C 1114 60.50 -1.33 -59.61
N ILE C 1115 60.31 -2.59 -59.96
CA ILE C 1115 60.69 -3.71 -59.12
C ILE C 1115 62.20 -3.85 -59.11
N THR C 1116 62.81 -3.71 -57.94
CA THR C 1116 64.25 -3.82 -57.79
C THR C 1116 64.54 -4.70 -56.59
N THR C 1117 65.81 -5.06 -56.44
CA THR C 1117 66.23 -5.84 -55.29
C THR C 1117 66.11 -5.08 -53.97
N ASP C 1118 65.88 -3.77 -54.01
CA ASP C 1118 65.80 -3.01 -52.77
C ASP C 1118 64.45 -3.17 -52.08
N ASN C 1119 63.37 -3.27 -52.85
CA ASN C 1119 62.04 -3.35 -52.26
C ASN C 1119 61.47 -4.75 -52.26
N THR C 1120 62.31 -5.77 -52.37
CA THR C 1120 61.86 -7.15 -52.33
C THR C 1120 62.86 -8.00 -51.58
N PHE C 1121 62.38 -9.09 -51.00
CA PHE C 1121 63.23 -10.03 -50.29
C PHE C 1121 62.90 -11.44 -50.75
N VAL C 1122 63.88 -12.31 -50.62
CA VAL C 1122 63.85 -13.64 -51.20
C VAL C 1122 63.53 -14.66 -50.12
N SER C 1123 62.86 -15.75 -50.51
CA SER C 1123 62.60 -16.85 -49.60
C SER C 1123 62.38 -18.13 -50.41
N GLY C 1124 63.40 -18.98 -50.46
CA GLY C 1124 63.25 -20.30 -51.07
C GLY C 1124 62.98 -20.31 -52.56
N ASN C 1125 62.95 -21.50 -53.15
CA ASN C 1125 62.70 -21.62 -54.58
C ASN C 1125 61.23 -21.33 -54.88
N CYS C 1126 60.95 -21.10 -56.16
CA CYS C 1126 59.69 -20.52 -56.61
C CYS C 1126 58.70 -21.54 -57.14
N ASP C 1127 58.68 -22.75 -56.60
CA ASP C 1127 57.68 -23.73 -56.98
C ASP C 1127 56.65 -24.06 -55.91
N VAL C 1128 56.82 -23.60 -54.68
CA VAL C 1128 55.85 -23.91 -53.64
C VAL C 1128 54.70 -22.92 -53.57
N VAL C 1129 54.96 -21.65 -53.88
CA VAL C 1129 53.92 -20.64 -53.80
C VAL C 1129 52.96 -20.80 -54.96
N ILE C 1130 51.69 -20.56 -54.70
CA ILE C 1130 50.64 -20.68 -55.72
C ILE C 1130 50.38 -19.31 -56.33
N GLY C 1131 50.22 -19.29 -57.65
CA GLY C 1131 49.99 -18.05 -58.36
C GLY C 1131 51.21 -17.22 -58.65
N ILE C 1132 52.42 -17.80 -58.57
CA ILE C 1132 53.61 -17.02 -58.84
C ILE C 1132 53.71 -16.74 -60.34
N VAL C 1133 54.30 -15.59 -60.67
CA VAL C 1133 54.46 -15.17 -62.05
C VAL C 1133 55.93 -14.86 -62.27
N ASN C 1134 56.30 -14.57 -63.51
CA ASN C 1134 57.68 -14.35 -63.88
C ASN C 1134 57.91 -12.93 -64.35
N ASN C 1135 59.04 -12.35 -63.97
CA ASN C 1135 59.46 -11.05 -64.45
C ASN C 1135 60.88 -10.78 -63.99
N THR C 1136 61.51 -9.82 -64.65
CA THR C 1136 62.89 -9.46 -64.35
C THR C 1136 62.93 -8.58 -63.11
N VAL C 1137 63.82 -8.89 -62.18
CA VAL C 1137 64.01 -8.11 -60.96
C VAL C 1137 65.38 -7.44 -61.09
N TYR C 1138 65.37 -6.17 -61.50
CA TYR C 1138 66.60 -5.45 -61.80
C TYR C 1138 67.48 -5.31 -60.56
N ASP C 1139 68.79 -5.35 -60.78
CA ASP C 1139 69.74 -5.12 -59.72
C ASP C 1139 70.45 -3.81 -59.98
N PRO C 1140 70.35 -2.82 -59.11
CA PRO C 1140 70.93 -1.51 -59.41
C PRO C 1140 72.45 -1.52 -59.50
N LEU C 1141 73.12 -2.55 -59.00
CA LEU C 1141 74.58 -2.58 -59.04
C LEU C 1141 75.11 -2.87 -60.43
N GLN C 1142 74.35 -3.58 -61.26
CA GLN C 1142 74.85 -3.94 -62.58
C GLN C 1142 75.00 -2.71 -63.46
N PRO C 1143 73.99 -1.85 -63.64
CA PRO C 1143 74.18 -0.67 -64.51
C PRO C 1143 75.33 0.22 -64.09
N GLU C 1144 75.63 0.29 -62.79
CA GLU C 1144 76.76 1.10 -62.35
C GLU C 1144 78.08 0.47 -62.76
N LEU C 1145 78.20 -0.85 -62.60
CA LEU C 1145 79.40 -1.59 -62.99
C LEU C 1145 80.63 -1.00 -62.29
N ASP C 1146 80.55 -0.92 -60.97
CA ASP C 1146 81.64 -0.37 -60.17
C ASP C 1146 82.81 -1.34 -60.08
N GLU D 1 -25.84 4.33 70.62
CA GLU D 1 -25.23 4.74 69.36
C GLU D 1 -26.19 5.59 68.54
N VAL D 2 -26.56 5.11 67.36
CA VAL D 2 -27.46 5.85 66.49
C VAL D 2 -28.87 5.64 67.02
N ARG D 3 -29.56 6.73 67.33
CA ARG D 3 -30.86 6.67 67.98
C ARG D 3 -31.79 7.76 67.45
N LEU D 4 -33.07 7.42 67.40
CA LEU D 4 -34.14 8.38 67.23
C LEU D 4 -35.06 8.27 68.42
N LEU D 5 -35.51 9.41 68.92
CA LEU D 5 -36.37 9.46 70.09
C LEU D 5 -37.51 10.44 69.83
N GLU D 6 -38.73 9.92 69.84
CA GLU D 6 -39.91 10.76 69.66
C GLU D 6 -40.35 11.28 71.02
N SER D 7 -41.07 12.40 71.01
CA SER D 7 -41.56 12.96 72.25
C SER D 7 -42.68 13.96 71.97
N GLY D 8 -43.40 14.30 73.03
CA GLY D 8 -44.45 15.29 72.96
C GLY D 8 -45.85 14.76 72.85
N GLY D 9 -46.07 13.48 73.11
CA GLY D 9 -47.41 12.93 73.08
C GLY D 9 -48.13 13.12 74.41
N GLY D 10 -49.46 13.18 74.33
CA GLY D 10 -50.28 13.35 75.51
C GLY D 10 -51.74 13.41 75.12
N LEU D 11 -52.59 13.55 76.14
CA LEU D 11 -54.01 13.72 75.90
C LEU D 11 -54.26 15.14 75.44
N VAL D 12 -55.03 15.29 74.36
CA VAL D 12 -55.42 16.60 73.86
C VAL D 12 -56.86 16.54 73.35
N GLN D 13 -57.54 17.67 73.40
CA GLN D 13 -58.93 17.66 73.01
C GLN D 13 -59.07 17.84 71.49
N PRO D 14 -60.12 17.28 70.90
CA PRO D 14 -60.31 17.37 69.43
C PRO D 14 -60.29 18.80 68.89
N GLY D 15 -59.61 18.98 67.77
CA GLY D 15 -59.37 20.31 67.26
C GLY D 15 -58.21 21.06 67.90
N GLY D 16 -57.55 20.48 68.88
CA GLY D 16 -56.43 21.13 69.52
C GLY D 16 -55.15 21.03 68.70
N SER D 17 -54.05 21.37 69.36
CA SER D 17 -52.76 21.52 68.69
C SER D 17 -51.70 20.83 69.53
N LEU D 18 -50.74 20.20 68.86
CA LEU D 18 -49.65 19.50 69.52
C LEU D 18 -48.39 19.63 68.70
N ARG D 19 -47.25 19.65 69.39
CA ARG D 19 -45.94 19.62 68.74
C ARG D 19 -45.20 18.37 69.15
N LEU D 20 -44.88 17.53 68.16
CA LEU D 20 -44.03 16.37 68.36
C LEU D 20 -42.58 16.73 68.07
N SER D 21 -41.69 16.00 68.73
CA SER D 21 -40.26 16.16 68.54
C SER D 21 -39.62 14.80 68.35
N CYS D 22 -38.53 14.79 67.60
CA CYS D 22 -37.76 13.58 67.38
C CYS D 22 -36.31 13.98 67.61
N ALA D 23 -35.64 13.24 68.49
CA ALA D 23 -34.29 13.58 68.91
C ALA D 23 -33.29 12.62 68.28
N ALA D 24 -32.38 13.18 67.49
CA ALA D 24 -31.38 12.37 66.82
C ALA D 24 -30.09 12.34 67.63
N SER D 25 -29.39 11.21 67.55
CA SER D 25 -28.17 11.01 68.30
C SER D 25 -27.35 9.95 67.57
N GLY D 26 -26.05 10.19 67.45
CA GLY D 26 -25.14 9.20 66.92
C GLY D 26 -24.88 9.31 65.43
N PHE D 27 -25.44 10.31 64.76
CA PHE D 27 -25.25 10.47 63.33
C PHE D 27 -25.42 11.94 62.96
N THR D 28 -25.11 12.25 61.71
CA THR D 28 -25.22 13.60 61.18
C THR D 28 -26.66 13.85 60.78
N PHE D 29 -27.42 14.45 61.69
CA PHE D 29 -28.86 14.60 61.51
C PHE D 29 -29.17 15.31 60.19
N ASN D 30 -28.38 16.32 59.85
CA ASN D 30 -28.64 17.15 58.69
C ASN D 30 -28.22 16.51 57.38
N ASP D 31 -27.68 15.30 57.44
CA ASP D 31 -27.35 14.56 56.24
C ASP D 31 -28.49 13.67 55.77
N TYR D 32 -29.61 13.62 56.49
CA TYR D 32 -30.60 12.58 56.25
C TYR D 32 -31.98 13.17 56.23
N ALA D 33 -32.82 12.66 55.32
CA ALA D 33 -34.23 13.01 55.36
C ALA D 33 -34.87 12.45 56.63
N MET D 34 -35.90 13.14 57.12
CA MET D 34 -36.65 12.68 58.27
C MET D 34 -38.12 12.54 57.91
N SER D 35 -38.77 11.52 58.45
CA SER D 35 -40.19 11.32 58.22
C SER D 35 -40.91 11.01 59.51
N TRP D 36 -42.21 11.31 59.54
CA TRP D 36 -43.08 10.90 60.63
C TRP D 36 -44.04 9.84 60.11
N VAL D 37 -44.07 8.70 60.79
CA VAL D 37 -45.01 7.63 60.53
C VAL D 37 -45.74 7.34 61.82
N ARG D 38 -47.04 7.10 61.73
CA ARG D 38 -47.84 6.86 62.91
C ARG D 38 -48.53 5.50 62.79
N GLN D 39 -49.08 5.05 63.91
CA GLN D 39 -49.86 3.81 63.97
C GLN D 39 -51.00 4.05 64.96
N ALA D 40 -52.20 4.22 64.43
CA ALA D 40 -53.39 4.43 65.23
C ALA D 40 -53.86 3.11 65.82
N PRO D 41 -54.34 3.12 67.07
CA PRO D 41 -54.84 1.89 67.69
C PRO D 41 -55.79 1.11 66.80
N GLY D 42 -55.44 -0.16 66.57
CA GLY D 42 -56.19 -1.03 65.68
C GLY D 42 -55.90 -0.85 64.22
N GLU D 43 -55.12 0.16 63.84
CA GLU D 43 -54.82 0.45 62.45
C GLU D 43 -53.36 0.17 62.14
N GLY D 44 -53.08 0.04 60.84
CA GLY D 44 -51.73 -0.18 60.37
C GLY D 44 -50.90 1.09 60.38
N LEU D 45 -49.64 0.92 59.98
CA LEU D 45 -48.75 2.06 59.84
C LEU D 45 -49.25 3.01 58.75
N GLU D 46 -49.09 4.30 59.02
CA GLU D 46 -49.51 5.34 58.09
C GLU D 46 -48.40 6.37 58.01
N TRP D 47 -47.88 6.61 56.81
CA TRP D 47 -46.92 7.70 56.62
C TRP D 47 -47.63 9.03 56.79
N VAL D 48 -47.03 9.90 57.60
CA VAL D 48 -47.62 11.18 57.93
C VAL D 48 -46.96 12.32 57.19
N SER D 49 -45.63 12.33 57.19
CA SER D 49 -44.89 13.47 56.64
C SER D 49 -43.43 13.09 56.49
N THR D 50 -42.79 13.68 55.49
CA THR D 50 -41.36 13.53 55.28
C THR D 50 -40.72 14.88 55.04
N ILE D 51 -39.58 15.10 55.69
CA ILE D 51 -38.76 16.30 55.51
C ILE D 51 -37.41 15.85 54.96
N SER D 52 -36.89 16.60 54.00
CA SER D 52 -35.58 16.28 53.43
C SER D 52 -34.46 16.63 54.41
N TYR D 53 -33.26 16.15 54.07
CA TYR D 53 -32.09 16.31 54.94
C TYR D 53 -31.81 17.78 55.26
N SER D 54 -32.09 18.68 54.32
CA SER D 54 -31.81 20.09 54.57
C SER D 54 -32.85 20.67 55.51
N GLY D 55 -34.11 20.44 55.21
CA GLY D 55 -35.22 21.10 55.87
C GLY D 55 -36.05 21.96 54.94
N GLY D 56 -35.53 22.27 53.77
CA GLY D 56 -36.22 23.07 52.77
C GLY D 56 -37.25 22.34 51.97
N SER D 57 -37.48 21.06 52.27
CA SER D 57 -38.48 20.25 51.58
C SER D 57 -39.28 19.48 52.60
N THR D 58 -40.59 19.69 52.61
CA THR D 58 -41.52 18.99 53.49
C THR D 58 -42.62 18.30 52.69
N TYR D 59 -42.85 17.03 52.99
CA TYR D 59 -43.91 16.24 52.39
C TYR D 59 -44.84 15.78 53.49
N TYR D 60 -46.14 15.72 53.18
CA TYR D 60 -47.17 15.40 54.16
C TYR D 60 -48.15 14.44 53.53
N ALA D 61 -48.83 13.67 54.37
CA ALA D 61 -49.91 12.83 53.87
C ALA D 61 -51.21 13.62 53.77
N ASP D 62 -52.02 13.28 52.76
CA ASP D 62 -53.25 14.00 52.50
C ASP D 62 -54.18 13.94 53.71
N SER D 63 -54.19 12.80 54.40
CA SER D 63 -55.13 12.56 55.49
C SER D 63 -54.91 13.52 56.65
N VAL D 64 -53.76 14.18 56.69
CA VAL D 64 -53.39 15.07 57.78
C VAL D 64 -52.85 16.36 57.19
N LYS D 65 -53.07 16.56 55.89
CA LYS D 65 -52.53 17.73 55.23
C LYS D 65 -53.09 19.00 55.88
N GLY D 66 -52.36 20.10 55.72
CA GLY D 66 -52.84 21.36 56.27
C GLY D 66 -52.73 21.46 57.78
N ARG D 67 -53.24 20.44 58.47
CA ARG D 67 -53.29 20.43 59.93
C ARG D 67 -51.98 20.02 60.57
N PHE D 68 -51.10 19.33 59.84
CA PHE D 68 -49.86 18.81 60.41
C PHE D 68 -48.71 19.59 59.78
N THR D 69 -47.70 19.90 60.60
CA THR D 69 -46.54 20.65 60.12
C THR D 69 -45.27 19.99 60.62
N ILE D 70 -44.41 19.58 59.69
CA ILE D 70 -43.16 18.94 60.02
C ILE D 70 -42.02 19.95 59.94
N SER D 71 -41.05 19.78 60.83
CA SER D 71 -39.92 20.69 60.90
C SER D 71 -38.75 19.93 61.51
N ARG D 72 -37.55 20.48 61.32
CA ARG D 72 -36.35 19.85 61.86
C ARG D 72 -35.34 20.93 62.23
N ASP D 73 -34.54 20.63 63.25
CA ASP D 73 -33.48 21.53 63.71
C ASP D 73 -32.16 20.78 63.54
N ASN D 74 -31.52 21.01 62.40
CA ASN D 74 -30.30 20.31 62.09
C ASN D 74 -29.15 20.71 63.00
N SER D 75 -29.26 21.89 63.63
CA SER D 75 -28.25 22.29 64.61
C SER D 75 -28.36 21.48 65.89
N LYS D 76 -29.58 21.11 66.26
CA LYS D 76 -29.86 20.40 67.49
C LYS D 76 -30.15 18.93 67.28
N ASN D 77 -30.04 18.45 66.03
CA ASN D 77 -30.31 17.04 65.74
C ASN D 77 -31.72 16.68 66.16
N MET D 78 -32.67 17.55 65.85
CA MET D 78 -34.04 17.37 66.26
C MET D 78 -34.98 17.49 65.07
N LEU D 79 -35.98 16.61 65.04
CA LEU D 79 -37.07 16.68 64.10
C LEU D 79 -38.36 16.97 64.84
N TYR D 80 -39.26 17.70 64.20
CA TYR D 80 -40.46 18.17 64.86
C TYR D 80 -41.67 17.91 63.99
N LEU D 81 -42.81 17.70 64.65
CA LEU D 81 -44.10 17.65 63.98
C LEU D 81 -45.08 18.56 64.71
N GLN D 82 -45.60 19.55 64.01
CA GLN D 82 -46.64 20.43 64.54
C GLN D 82 -48.00 19.97 64.02
N MET D 83 -48.79 19.35 64.89
CA MET D 83 -50.13 18.90 64.55
C MET D 83 -51.12 19.88 65.16
N ASN D 84 -51.90 20.54 64.32
CA ASN D 84 -52.93 21.45 64.79
C ASN D 84 -54.27 20.94 64.32
N SER D 85 -55.34 21.50 64.90
CA SER D 85 -56.71 21.03 64.63
C SER D 85 -56.80 19.51 64.82
N LEU D 86 -56.16 19.02 65.89
CA LEU D 86 -56.06 17.60 66.14
C LEU D 86 -57.44 16.97 66.24
N ARG D 87 -57.70 16.00 65.37
CA ARG D 87 -58.95 15.27 65.36
C ARG D 87 -58.77 13.92 66.05
N ALA D 88 -59.88 13.21 66.21
CA ALA D 88 -59.86 11.93 66.92
C ALA D 88 -59.11 10.86 66.14
N GLU D 89 -59.16 10.92 64.81
CA GLU D 89 -58.43 9.96 63.99
C GLU D 89 -56.93 10.22 64.00
N ASP D 90 -56.48 11.27 64.68
CA ASP D 90 -55.06 11.51 64.89
C ASP D 90 -54.53 10.86 66.16
N THR D 91 -55.41 10.22 66.94
CA THR D 91 -54.95 9.40 68.05
C THR D 91 -54.14 8.24 67.49
N ALA D 92 -52.88 8.12 67.90
CA ALA D 92 -51.99 7.13 67.33
C ALA D 92 -50.69 7.10 68.11
N LEU D 93 -49.89 6.07 67.83
CA LEU D 93 -48.50 6.06 68.24
C LEU D 93 -47.68 6.63 67.10
N TYR D 94 -46.86 7.63 67.39
CA TYR D 94 -46.15 8.37 66.37
C TYR D 94 -44.66 8.05 66.38
N TYR D 95 -44.11 7.79 65.19
CA TYR D 95 -42.72 7.42 65.01
C TYR D 95 -42.05 8.39 64.06
N CYS D 96 -40.77 8.65 64.31
CA CYS D 96 -39.92 9.32 63.36
C CYS D 96 -38.97 8.30 62.76
N ALA D 97 -38.62 8.48 61.49
CA ALA D 97 -37.81 7.48 60.81
C ALA D 97 -37.00 8.14 59.70
N ASN D 98 -35.91 7.47 59.34
CA ASN D 98 -35.07 7.90 58.23
C ASN D 98 -34.44 6.68 57.60
N GLY D 99 -33.54 6.92 56.64
CA GLY D 99 -32.90 5.86 55.89
C GLY D 99 -31.39 5.85 56.03
N VAL D 100 -30.90 6.04 57.26
CA VAL D 100 -29.47 6.26 57.47
C VAL D 100 -28.65 5.10 56.97
N ALA D 101 -29.15 3.87 57.09
CA ALA D 101 -28.39 2.68 56.76
C ALA D 101 -28.76 2.09 55.41
N THR D 102 -29.76 2.63 54.72
CA THR D 102 -30.16 2.07 53.44
C THR D 102 -30.12 3.11 52.33
N ALA D 103 -31.21 3.85 52.17
CA ALA D 103 -31.27 4.96 51.24
C ALA D 103 -32.15 6.04 51.83
N ASP D 104 -32.09 7.24 51.23
CA ASP D 104 -32.78 8.37 51.82
C ASP D 104 -34.27 8.12 51.88
N TRP D 105 -34.79 7.29 50.99
CA TRP D 105 -36.22 7.06 50.82
C TRP D 105 -36.71 5.83 51.58
N TYR D 106 -35.86 5.21 52.39
CA TYR D 106 -36.25 4.02 53.14
C TYR D 106 -36.35 4.36 54.61
N PHE D 107 -36.96 3.45 55.37
CA PHE D 107 -37.06 3.59 56.82
C PHE D 107 -36.34 2.42 57.48
N ASP D 108 -35.04 2.59 57.68
CA ASP D 108 -34.24 1.61 58.42
C ASP D 108 -33.99 2.05 59.85
N LEU D 109 -33.88 3.35 60.10
CA LEU D 109 -33.73 3.90 61.43
C LEU D 109 -35.08 4.36 61.95
N TRP D 110 -35.41 3.93 63.16
CA TRP D 110 -36.66 4.29 63.79
C TRP D 110 -36.41 4.78 65.22
N GLY D 111 -37.37 5.55 65.71
CA GLY D 111 -37.42 5.92 67.11
C GLY D 111 -38.13 4.85 67.92
N ARG D 112 -38.42 5.21 69.17
CA ARG D 112 -39.16 4.29 70.02
C ARG D 112 -40.66 4.50 69.88
N GLY D 113 -41.07 5.70 69.57
CA GLY D 113 -42.44 6.06 69.30
C GLY D 113 -42.99 6.94 70.41
N THR D 114 -43.89 7.85 70.05
CA THR D 114 -44.59 8.66 71.02
C THR D 114 -46.09 8.46 70.86
N LEU D 115 -46.80 8.37 71.98
CA LEU D 115 -48.22 8.09 71.97
C LEU D 115 -48.97 9.41 71.96
N VAL D 116 -49.87 9.60 71.00
CA VAL D 116 -50.66 10.81 70.91
C VAL D 116 -52.12 10.42 71.04
N THR D 117 -52.80 10.97 72.03
CA THR D 117 -54.21 10.71 72.28
C THR D 117 -54.97 12.02 72.08
N VAL D 118 -55.95 12.01 71.17
CA VAL D 118 -56.84 13.14 70.98
C VAL D 118 -58.20 12.75 71.55
N SER D 119 -58.61 13.45 72.61
CA SER D 119 -59.83 13.13 73.34
C SER D 119 -61.05 13.09 72.44
N GLN E 1 -58.72 2.60 52.78
CA GLN E 1 -57.35 3.06 52.77
C GLN E 1 -56.85 3.27 51.36
N SER E 2 -55.57 3.66 51.23
CA SER E 2 -54.90 3.72 49.95
C SER E 2 -53.77 2.70 49.88
N ALA E 3 -53.70 1.81 50.87
CA ALA E 3 -52.62 0.86 50.92
C ALA E 3 -52.66 -0.11 49.75
N LEU E 4 -51.52 -0.76 49.52
CA LEU E 4 -51.45 -1.85 48.57
C LEU E 4 -52.30 -3.01 49.08
N THR E 5 -52.98 -3.70 48.17
CA THR E 5 -53.97 -4.69 48.55
C THR E 5 -53.27 -6.02 48.79
N GLN E 6 -53.33 -6.50 50.02
CA GLN E 6 -52.80 -7.78 50.45
C GLN E 6 -53.91 -8.69 50.97
N PRO E 7 -53.70 -10.00 50.97
CA PRO E 7 -54.59 -10.88 51.72
C PRO E 7 -54.55 -10.51 53.19
N ARG E 8 -55.70 -10.64 53.86
CA ARG E 8 -55.70 -10.31 55.27
C ARG E 8 -55.07 -11.39 56.14
N SER E 9 -55.09 -12.64 55.70
CA SER E 9 -54.60 -13.73 56.51
C SER E 9 -54.04 -14.83 55.63
N VAL E 10 -52.95 -15.44 56.08
CA VAL E 10 -52.42 -16.66 55.50
C VAL E 10 -51.92 -17.52 56.65
N SER E 11 -52.12 -18.83 56.53
CA SER E 11 -51.68 -19.74 57.57
C SER E 11 -50.79 -20.81 56.97
N GLY E 12 -49.83 -21.29 57.77
CA GLY E 12 -48.91 -22.30 57.31
C GLY E 12 -48.44 -23.16 58.45
N SER E 13 -48.04 -24.35 58.11
CA SER E 13 -47.51 -25.23 59.13
C SER E 13 -46.00 -25.15 59.15
N PRO E 14 -45.36 -25.34 60.31
CA PRO E 14 -43.91 -25.16 60.38
C PRO E 14 -43.15 -26.08 59.43
N GLY E 15 -42.17 -25.50 58.73
CA GLY E 15 -41.40 -26.16 57.70
C GLY E 15 -41.90 -26.03 56.29
N GLN E 16 -43.16 -25.63 56.08
CA GLN E 16 -43.68 -25.57 54.73
C GLN E 16 -43.41 -24.19 54.14
N SER E 17 -43.92 -23.95 52.93
CA SER E 17 -43.74 -22.68 52.25
C SER E 17 -45.08 -21.97 52.10
N VAL E 18 -45.02 -20.64 52.11
CA VAL E 18 -46.18 -19.79 51.85
C VAL E 18 -45.73 -18.61 51.02
N THR E 19 -46.52 -18.27 50.00
CA THR E 19 -46.29 -17.09 49.18
C THR E 19 -47.39 -16.08 49.46
N ILE E 20 -47.00 -14.82 49.64
CA ILE E 20 -47.93 -13.73 49.96
C ILE E 20 -47.85 -12.68 48.88
N SER E 21 -49.01 -12.22 48.41
CA SER E 21 -49.13 -11.35 47.26
C SER E 21 -49.47 -9.93 47.72
N CYS E 22 -49.10 -8.95 46.88
CA CYS E 22 -49.32 -7.54 47.18
C CYS E 22 -49.66 -6.83 45.89
N THR E 23 -50.92 -6.43 45.73
CA THR E 23 -51.40 -5.77 44.53
C THR E 23 -51.63 -4.30 44.82
N GLY E 24 -50.99 -3.44 44.02
CA GLY E 24 -51.18 -2.01 44.10
C GLY E 24 -51.65 -1.44 42.77
N THR E 25 -51.26 -0.20 42.47
CA THR E 25 -51.70 0.49 41.28
C THR E 25 -50.53 0.67 40.31
N SER E 26 -50.76 1.40 39.22
CA SER E 26 -49.71 1.70 38.27
C SER E 26 -48.80 2.84 38.71
N SER E 27 -49.10 3.50 39.82
CA SER E 27 -48.28 4.59 40.30
C SER E 27 -47.29 4.16 41.36
N ASP E 28 -47.49 2.98 41.93
CA ASP E 28 -46.62 2.46 42.98
C ASP E 28 -45.98 1.15 42.55
N VAL E 29 -46.71 0.04 42.72
CA VAL E 29 -46.15 -1.26 42.39
C VAL E 29 -45.81 -1.34 40.91
N GLY E 30 -46.69 -0.86 40.05
CA GLY E 30 -46.34 -0.91 38.64
C GLY E 30 -45.50 0.23 38.11
N GLY E 31 -45.13 1.21 38.93
CA GLY E 31 -44.28 2.29 38.47
C GLY E 31 -42.78 2.11 38.59
N TYR E 32 -42.29 2.03 39.81
CA TYR E 32 -40.88 1.83 40.14
C TYR E 32 -40.66 0.47 40.79
N ASN E 33 -39.39 0.14 40.99
CA ASN E 33 -39.00 -1.07 41.70
C ASN E 33 -38.70 -0.78 43.16
N TYR E 34 -39.37 0.22 43.71
CA TYR E 34 -39.12 0.65 45.08
C TYR E 34 -40.16 0.01 45.99
N VAL E 35 -40.27 -1.30 45.92
CA VAL E 35 -41.27 -2.04 46.67
C VAL E 35 -40.59 -2.67 47.87
N SER E 36 -41.24 -2.55 49.02
CA SER E 36 -40.71 -3.10 50.26
C SER E 36 -41.68 -4.12 50.83
N TRP E 37 -41.15 -5.01 51.66
CA TRP E 37 -41.95 -5.97 52.41
C TRP E 37 -41.53 -5.88 53.86
N PHE E 38 -42.49 -5.89 54.77
CA PHE E 38 -42.18 -5.70 56.18
C PHE E 38 -42.75 -6.82 57.02
N GLN E 39 -41.95 -7.27 57.98
CA GLN E 39 -42.40 -8.15 59.05
C GLN E 39 -42.67 -7.30 60.27
N HIS E 40 -43.79 -7.56 60.95
CA HIS E 40 -44.20 -6.66 62.02
C HIS E 40 -44.92 -7.44 63.09
N HIS E 41 -44.56 -7.15 64.34
CA HIS E 41 -45.31 -7.56 65.52
C HIS E 41 -45.80 -6.33 66.25
N PRO E 42 -47.11 -6.11 66.35
CA PRO E 42 -47.62 -4.94 67.07
C PRO E 42 -47.03 -4.81 68.47
N GLY E 43 -46.54 -3.63 68.80
CA GLY E 43 -45.84 -3.38 70.04
C GLY E 43 -44.35 -3.19 69.90
N LYS E 44 -43.78 -3.57 68.77
CA LYS E 44 -42.38 -3.36 68.47
C LYS E 44 -42.23 -2.79 67.08
N ALA E 45 -41.02 -2.32 66.79
CA ALA E 45 -40.77 -1.67 65.52
C ALA E 45 -40.80 -2.73 64.42
N PRO E 46 -41.30 -2.41 63.23
CA PRO E 46 -41.20 -3.37 62.12
C PRO E 46 -39.76 -3.68 61.80
N LYS E 47 -39.55 -4.84 61.19
CA LYS E 47 -38.24 -5.23 60.71
C LYS E 47 -38.32 -5.43 59.21
N LEU E 48 -37.44 -4.74 58.49
CA LEU E 48 -37.39 -4.86 57.05
C LEU E 48 -36.88 -6.23 56.63
N MET E 49 -37.67 -6.94 55.84
CA MET E 49 -37.27 -8.24 55.35
C MET E 49 -36.97 -8.17 53.87
N ILE E 50 -37.74 -7.36 53.15
CA ILE E 50 -37.58 -7.18 51.73
C ILE E 50 -37.81 -5.70 51.43
N TYR E 51 -36.90 -5.11 50.69
CA TYR E 51 -37.02 -3.79 50.12
C TYR E 51 -36.60 -4.02 48.69
N ASP E 52 -36.93 -3.12 47.76
CA ASP E 52 -36.53 -3.42 46.40
C ASP E 52 -37.10 -4.80 46.03
N VAL E 53 -38.29 -4.80 45.45
CA VAL E 53 -39.07 -5.99 45.07
C VAL E 53 -38.46 -7.35 45.43
N THR E 54 -37.18 -7.57 45.22
CA THR E 54 -36.63 -8.91 45.40
C THR E 54 -35.39 -8.94 46.28
N ASP E 55 -34.95 -7.79 46.81
CA ASP E 55 -33.71 -7.74 47.57
C ASP E 55 -33.97 -7.73 49.07
N ARG E 56 -33.10 -8.46 49.81
CA ARG E 56 -33.16 -8.61 51.26
C ARG E 56 -32.14 -7.68 51.91
N PRO E 57 -32.50 -6.92 52.92
CA PRO E 57 -31.49 -6.18 53.68
C PRO E 57 -30.61 -7.15 54.45
N SER E 58 -29.68 -6.61 55.23
CA SER E 58 -28.75 -7.46 55.97
C SER E 58 -29.50 -8.27 57.02
N GLY E 59 -29.14 -9.55 57.14
CA GLY E 59 -29.67 -10.39 58.17
C GLY E 59 -30.96 -11.11 57.85
N VAL E 60 -31.47 -11.02 56.64
CA VAL E 60 -32.73 -11.65 56.27
C VAL E 60 -32.42 -12.92 55.48
N PRO E 61 -32.91 -14.08 55.92
CA PRO E 61 -32.55 -15.33 55.24
C PRO E 61 -33.12 -15.40 53.84
N ASP E 62 -32.48 -16.23 53.01
CA ASP E 62 -33.00 -16.47 51.67
C ASP E 62 -34.31 -17.22 51.67
N ARG E 63 -34.83 -17.62 52.84
CA ARG E 63 -36.15 -18.24 52.88
C ARG E 63 -37.22 -17.22 52.51
N PHE E 64 -36.95 -15.95 52.76
CA PHE E 64 -37.82 -14.86 52.38
C PHE E 64 -37.39 -14.35 51.02
N SER E 65 -38.34 -14.31 50.08
CA SER E 65 -38.07 -13.80 48.76
C SER E 65 -39.27 -13.00 48.29
N GLY E 66 -39.01 -12.10 47.34
CA GLY E 66 -40.02 -11.18 46.87
C GLY E 66 -40.06 -11.17 45.36
N SER E 67 -41.21 -10.75 44.85
CA SER E 67 -41.42 -10.69 43.41
C SER E 67 -42.47 -9.63 43.12
N LYS E 68 -42.54 -9.24 41.85
CA LYS E 68 -43.51 -8.25 41.40
C LYS E 68 -43.92 -8.57 39.97
N SER E 69 -45.18 -8.30 39.66
CA SER E 69 -45.65 -8.40 38.28
C SER E 69 -46.72 -7.34 38.09
N GLY E 70 -46.42 -6.33 37.28
CA GLY E 70 -47.41 -5.30 37.05
C GLY E 70 -47.61 -4.52 38.32
N ASN E 71 -48.87 -4.37 38.70
CA ASN E 71 -49.26 -3.66 39.91
C ASN E 71 -49.29 -4.58 41.12
N THR E 72 -48.84 -5.82 40.96
CA THR E 72 -48.88 -6.82 42.01
C THR E 72 -47.47 -7.25 42.36
N ALA E 73 -47.14 -7.18 43.65
CA ALA E 73 -45.92 -7.72 44.19
C ALA E 73 -46.21 -9.00 44.99
N SER E 74 -45.19 -9.84 45.15
CA SER E 74 -45.36 -11.13 45.78
C SER E 74 -44.18 -11.42 46.68
N LEU E 75 -44.46 -11.80 47.93
CA LEU E 75 -43.48 -12.29 48.88
C LEU E 75 -43.72 -13.78 49.11
N THR E 76 -42.65 -14.57 49.10
CA THR E 76 -42.77 -15.98 49.38
C THR E 76 -41.82 -16.35 50.51
N ILE E 77 -42.36 -17.02 51.53
CA ILE E 77 -41.61 -17.46 52.69
C ILE E 77 -41.53 -18.98 52.65
N SER E 78 -40.33 -19.51 52.53
CA SER E 78 -40.13 -20.95 52.53
C SER E 78 -39.56 -21.38 53.88
N GLY E 79 -39.65 -22.69 54.15
CA GLY E 79 -39.16 -23.22 55.40
C GLY E 79 -39.79 -22.57 56.63
N LEU E 80 -41.11 -22.54 56.67
CA LEU E 80 -41.82 -21.79 57.71
C LEU E 80 -41.40 -22.23 59.10
N GLN E 81 -41.06 -21.25 59.93
CA GLN E 81 -40.76 -21.49 61.34
C GLN E 81 -41.77 -20.77 62.22
N ALA E 82 -41.90 -21.24 63.46
CA ALA E 82 -42.85 -20.67 64.40
C ALA E 82 -42.66 -19.17 64.56
N GLU E 83 -41.42 -18.69 64.52
CA GLU E 83 -41.15 -17.28 64.71
C GLU E 83 -41.47 -16.45 63.47
N ASP E 84 -41.76 -17.09 62.33
CA ASP E 84 -42.21 -16.33 61.18
C ASP E 84 -43.64 -15.83 61.36
N ALA E 85 -44.40 -16.39 62.29
CA ALA E 85 -45.77 -15.93 62.48
C ALA E 85 -45.74 -14.48 62.93
N ALA E 86 -46.35 -13.60 62.13
CA ALA E 86 -46.34 -12.16 62.39
C ALA E 86 -47.28 -11.51 61.39
N ASP E 87 -47.29 -10.18 61.38
CA ASP E 87 -47.98 -9.42 60.36
C ASP E 87 -46.97 -9.00 59.31
N TYR E 88 -47.34 -9.15 58.05
CA TYR E 88 -46.45 -8.81 56.96
C TYR E 88 -47.07 -7.72 56.11
N TYR E 89 -46.30 -6.67 55.82
CA TYR E 89 -46.79 -5.52 55.08
C TYR E 89 -45.89 -5.32 53.87
N CYS E 90 -46.47 -5.22 52.69
CA CYS E 90 -45.69 -4.69 51.61
C CYS E 90 -45.66 -3.17 51.67
N CYS E 91 -44.79 -2.57 50.86
CA CYS E 91 -44.59 -1.13 50.89
C CYS E 91 -44.05 -0.72 49.54
N SER E 92 -44.49 0.43 49.05
CA SER E 92 -44.05 0.95 47.76
C SER E 92 -43.70 2.42 47.91
N TYR E 93 -42.50 2.77 47.47
CA TYR E 93 -42.12 4.17 47.31
C TYR E 93 -42.44 4.59 45.89
N ALA E 94 -43.17 5.70 45.75
CA ALA E 94 -43.66 6.17 44.46
C ALA E 94 -43.14 7.55 44.10
N GLY E 95 -42.12 8.04 44.78
CA GLY E 95 -41.60 9.37 44.50
C GLY E 95 -42.17 10.46 45.38
N THR E 96 -43.43 10.82 45.16
CA THR E 96 -44.07 11.87 45.94
C THR E 96 -44.68 11.35 47.24
N TYR E 97 -44.72 10.03 47.44
CA TYR E 97 -45.28 9.46 48.65
C TYR E 97 -44.75 8.04 48.78
N THR E 98 -44.76 7.54 50.01
CA THR E 98 -44.60 6.13 50.29
C THR E 98 -45.94 5.56 50.70
N VAL E 99 -46.17 4.31 50.32
CA VAL E 99 -47.42 3.63 50.61
C VAL E 99 -47.11 2.20 51.04
N PHE E 100 -47.69 1.80 52.14
CA PHE E 100 -47.57 0.47 52.72
C PHE E 100 -48.74 -0.36 52.23
N GLY E 101 -48.54 -1.66 52.12
CA GLY E 101 -49.69 -2.52 51.89
C GLY E 101 -50.57 -2.66 53.12
N GLY E 102 -51.74 -3.26 52.90
CA GLY E 102 -52.68 -3.42 54.00
C GLY E 102 -52.30 -4.48 55.00
N GLY E 103 -51.32 -5.32 54.68
CA GLY E 103 -50.85 -6.32 55.62
C GLY E 103 -51.48 -7.69 55.46
N THR E 104 -50.68 -8.73 55.63
CA THR E 104 -51.14 -10.11 55.65
C THR E 104 -50.73 -10.73 56.98
N LYS E 105 -51.69 -11.25 57.73
CA LYS E 105 -51.36 -11.94 58.97
C LYS E 105 -50.95 -13.37 58.66
N LEU E 106 -49.71 -13.71 58.96
CA LEU E 106 -49.23 -15.07 58.81
C LEU E 106 -49.30 -15.76 60.16
N THR E 107 -50.04 -16.87 60.24
CA THR E 107 -50.12 -17.68 61.44
C THR E 107 -49.42 -19.00 61.17
N VAL E 108 -48.46 -19.36 62.01
CA VAL E 108 -47.77 -20.63 61.87
C VAL E 108 -48.37 -21.58 62.91
N LEU E 109 -49.27 -22.45 62.44
CA LEU E 109 -49.94 -23.41 63.32
C LEU E 109 -48.95 -24.53 63.61
N GLU F 1 -68.36 -26.57 0.53
CA GLU F 1 -67.60 -27.63 1.18
C GLU F 1 -68.56 -28.75 1.59
N VAL F 2 -68.68 -29.01 2.88
CA VAL F 2 -69.54 -30.09 3.37
C VAL F 2 -70.99 -29.66 3.33
N ARG F 3 -71.81 -30.44 2.62
CA ARG F 3 -73.21 -30.17 2.33
C ARG F 3 -73.96 -31.48 2.38
N LEU F 4 -75.22 -31.40 2.83
CA LEU F 4 -76.17 -32.48 2.69
C LEU F 4 -77.40 -32.00 1.92
N LEU F 5 -77.89 -32.88 1.04
CA LEU F 5 -79.02 -32.59 0.17
C LEU F 5 -80.02 -33.74 0.18
N GLU F 6 -81.22 -33.46 0.66
CA GLU F 6 -82.32 -34.41 0.67
C GLU F 6 -83.07 -34.33 -0.65
N SER F 7 -83.77 -35.41 -1.00
CA SER F 7 -84.53 -35.39 -2.23
C SER F 7 -85.55 -36.50 -2.26
N GLY F 8 -86.49 -36.37 -3.20
CA GLY F 8 -87.49 -37.38 -3.43
C GLY F 8 -88.84 -37.13 -2.82
N GLY F 9 -89.13 -35.91 -2.40
CA GLY F 9 -90.45 -35.62 -1.88
C GLY F 9 -91.42 -35.24 -2.99
N GLY F 10 -92.68 -35.54 -2.72
CA GLY F 10 -93.76 -35.24 -3.65
C GLY F 10 -95.06 -35.74 -3.05
N LEU F 11 -96.14 -35.51 -3.78
CA LEU F 11 -97.43 -36.03 -3.37
C LEU F 11 -97.50 -37.52 -3.70
N VAL F 12 -97.94 -38.32 -2.73
CA VAL F 12 -98.16 -39.75 -2.93
C VAL F 12 -99.40 -40.15 -2.15
N GLN F 13 -100.09 -41.19 -2.64
CA GLN F 13 -101.34 -41.61 -2.03
C GLN F 13 -101.09 -42.56 -0.85
N PRO F 14 -101.97 -42.56 0.15
CA PRO F 14 -101.78 -43.45 1.30
C PRO F 14 -101.64 -44.91 0.85
N GLY F 15 -100.71 -45.63 1.44
CA GLY F 15 -100.40 -46.95 0.94
C GLY F 15 -99.52 -46.97 -0.29
N GLY F 16 -99.14 -45.81 -0.81
CA GLY F 16 -98.29 -45.71 -1.96
C GLY F 16 -96.83 -45.93 -1.63
N SER F 17 -95.98 -45.59 -2.59
CA SER F 17 -94.55 -45.89 -2.51
C SER F 17 -93.77 -44.65 -2.92
N LEU F 18 -92.64 -44.44 -2.25
CA LEU F 18 -91.77 -43.31 -2.51
C LEU F 18 -90.32 -43.73 -2.30
N ARG F 19 -89.42 -43.11 -3.06
CA ARG F 19 -87.99 -43.27 -2.87
C ARG F 19 -87.40 -41.92 -2.53
N LEU F 20 -86.82 -41.82 -1.35
CA LEU F 20 -86.09 -40.63 -0.96
C LEU F 20 -84.61 -40.81 -1.33
N SER F 21 -83.94 -39.71 -1.60
CA SER F 21 -82.51 -39.74 -1.90
C SER F 21 -81.80 -38.62 -1.14
N CYS F 22 -80.53 -38.86 -0.81
CA CYS F 22 -79.71 -37.85 -0.14
C CYS F 22 -78.36 -37.77 -0.82
N ALA F 23 -77.98 -36.57 -1.25
CA ALA F 23 -76.77 -36.34 -2.03
C ALA F 23 -75.72 -35.68 -1.15
N ALA F 24 -74.59 -36.35 -0.97
CA ALA F 24 -73.50 -35.84 -0.15
C ALA F 24 -72.47 -35.10 -0.98
N SER F 25 -71.86 -34.10 -0.39
CA SER F 25 -70.88 -33.27 -1.08
C SER F 25 -69.96 -32.63 -0.06
N GLY F 26 -68.66 -32.64 -0.35
CA GLY F 26 -67.69 -31.94 0.45
C GLY F 26 -67.02 -32.77 1.51
N PHE F 27 -67.34 -34.06 1.59
CA PHE F 27 -66.76 -34.94 2.59
C PHE F 27 -66.78 -36.38 2.06
N THR F 28 -66.12 -37.26 2.80
CA THR F 28 -66.03 -38.67 2.43
C THR F 28 -67.30 -39.42 2.85
N PHE F 29 -68.24 -39.52 1.90
CA PHE F 29 -69.56 -40.07 2.20
C PHE F 29 -69.45 -41.48 2.78
N ASN F 30 -68.54 -42.29 2.23
CA ASN F 30 -68.45 -43.68 2.60
C ASN F 30 -67.71 -43.92 3.91
N ASP F 31 -67.20 -42.87 4.55
CA ASP F 31 -66.60 -43.01 5.86
C ASP F 31 -67.60 -42.80 7.00
N TYR F 32 -68.84 -42.45 6.70
CA TYR F 32 -69.76 -41.97 7.72
C TYR F 32 -71.12 -42.62 7.57
N ALA F 33 -71.73 -42.92 8.72
CA ALA F 33 -73.11 -43.35 8.74
C ALA F 33 -74.03 -42.24 8.26
N MET F 34 -75.16 -42.65 7.68
CA MET F 34 -76.20 -41.73 7.23
C MET F 34 -77.50 -42.09 7.92
N SER F 35 -78.27 -41.06 8.27
CA SER F 35 -79.57 -41.26 8.90
C SER F 35 -80.61 -40.37 8.23
N TRP F 36 -81.87 -40.80 8.35
CA TRP F 36 -82.99 -39.98 7.92
C TRP F 36 -83.79 -39.54 9.15
N VAL F 37 -84.00 -38.24 9.28
CA VAL F 37 -84.86 -37.68 10.31
C VAL F 37 -85.93 -36.82 9.64
N ARG F 38 -87.17 -36.92 10.13
CA ARG F 38 -88.32 -36.22 9.57
C ARG F 38 -89.00 -35.38 10.64
N GLN F 39 -89.89 -34.48 10.20
CA GLN F 39 -90.71 -33.68 11.10
C GLN F 39 -92.10 -33.53 10.48
N ALA F 40 -93.06 -34.28 11.01
CA ALA F 40 -94.45 -34.25 10.58
C ALA F 40 -95.15 -33.02 11.13
N PRO F 41 -96.06 -32.41 10.35
CA PRO F 41 -96.81 -31.24 10.83
C PRO F 41 -97.42 -31.39 12.22
N GLY F 42 -97.06 -30.44 13.08
CA GLY F 42 -97.47 -30.37 14.48
C GLY F 42 -96.68 -31.24 15.45
N GLU F 43 -95.80 -32.11 14.98
CA GLU F 43 -95.04 -32.99 15.85
C GLU F 43 -93.57 -32.59 15.83
N GLY F 44 -92.82 -33.06 16.83
CA GLY F 44 -91.40 -32.79 16.92
C GLY F 44 -90.57 -33.60 15.94
N LEU F 45 -89.26 -33.37 15.99
CA LEU F 45 -88.34 -34.15 15.17
C LEU F 45 -88.39 -35.62 15.57
N GLU F 46 -88.30 -36.49 14.57
CA GLU F 46 -88.35 -37.94 14.77
C GLU F 46 -87.26 -38.60 13.94
N TRP F 47 -86.39 -39.34 14.60
CA TRP F 47 -85.42 -40.15 13.88
C TRP F 47 -86.17 -41.26 13.18
N VAL F 48 -85.88 -41.42 11.88
CA VAL F 48 -86.60 -42.39 11.06
C VAL F 48 -85.78 -43.64 10.80
N SER F 49 -84.52 -43.47 10.43
CA SER F 49 -83.69 -44.59 10.02
C SER F 49 -82.24 -44.16 9.96
N THR F 50 -81.33 -45.11 10.24
CA THR F 50 -79.90 -44.89 10.13
C THR F 50 -79.23 -46.03 9.38
N ILE F 51 -78.32 -45.68 8.46
CA ILE F 51 -77.49 -46.63 7.74
C ILE F 51 -76.03 -46.33 8.07
N SER F 52 -75.25 -47.39 8.30
CA SER F 52 -73.84 -47.23 8.59
C SER F 52 -73.06 -46.84 7.33
N TYR F 53 -71.80 -46.43 7.53
CA TYR F 53 -70.95 -45.94 6.44
C TYR F 53 -70.80 -46.96 5.32
N SER F 54 -70.80 -48.25 5.64
CA SER F 54 -70.61 -49.27 4.61
C SER F 54 -71.87 -49.46 3.79
N GLY F 55 -73.01 -49.63 4.46
CA GLY F 55 -74.26 -50.05 3.84
C GLY F 55 -74.77 -51.37 4.35
N GLY F 56 -73.93 -52.15 5.03
CA GLY F 56 -74.26 -53.44 5.60
C GLY F 56 -75.01 -53.38 6.90
N SER F 57 -75.34 -52.17 7.37
CA SER F 57 -76.08 -51.99 8.60
C SER F 57 -77.17 -50.95 8.37
N THR F 58 -78.42 -51.35 8.59
CA THR F 58 -79.57 -50.47 8.45
C THR F 58 -80.36 -50.47 9.76
N TYR F 59 -80.67 -49.28 10.25
CA TYR F 59 -81.48 -49.09 11.45
C TYR F 59 -82.72 -48.28 11.09
N TYR F 60 -83.84 -48.60 11.74
CA TYR F 60 -85.12 -48.00 11.42
C TYR F 60 -85.86 -47.63 12.71
N ALA F 61 -86.76 -46.68 12.59
CA ALA F 61 -87.64 -46.33 13.70
C ALA F 61 -88.86 -47.25 13.73
N ASP F 62 -89.33 -47.53 14.95
CA ASP F 62 -90.43 -48.47 15.13
C ASP F 62 -91.67 -48.02 14.37
N SER F 63 -91.89 -46.70 14.30
CA SER F 63 -93.11 -46.15 13.72
C SER F 63 -93.21 -46.43 12.22
N VAL F 64 -92.11 -46.82 11.58
CA VAL F 64 -92.10 -47.02 10.13
C VAL F 64 -91.42 -48.32 9.69
N LYS F 65 -91.19 -49.25 10.62
CA LYS F 65 -90.49 -50.47 10.24
C LYS F 65 -91.25 -51.21 9.13
N GLY F 66 -90.52 -52.04 8.39
CA GLY F 66 -91.15 -52.81 7.34
C GLY F 66 -91.49 -51.97 6.13
N ARG F 67 -92.16 -50.84 6.36
CA ARG F 67 -92.61 -49.98 5.27
C ARG F 67 -91.50 -49.06 4.75
N PHE F 68 -90.46 -48.81 5.55
CA PHE F 68 -89.39 -47.90 5.18
C PHE F 68 -88.12 -48.71 4.96
N THR F 69 -87.35 -48.35 3.94
CA THR F 69 -86.11 -49.03 3.61
C THR F 69 -85.03 -48.00 3.35
N ILE F 70 -83.95 -48.05 4.12
CA ILE F 70 -82.85 -47.12 3.94
C ILE F 70 -81.77 -47.83 3.14
N SER F 71 -81.09 -47.06 2.30
CA SER F 71 -80.06 -47.63 1.44
C SER F 71 -79.09 -46.53 1.08
N ARG F 72 -77.90 -46.94 0.64
CA ARG F 72 -76.87 -45.99 0.23
C ARG F 72 -76.05 -46.62 -0.88
N ASP F 73 -75.56 -45.78 -1.77
CA ASP F 73 -74.70 -46.15 -2.89
C ASP F 73 -73.38 -45.43 -2.68
N ASN F 74 -72.42 -46.11 -2.04
CA ASN F 74 -71.15 -45.48 -1.71
C ASN F 74 -70.33 -45.13 -2.95
N SER F 75 -70.61 -45.75 -4.10
CA SER F 75 -69.90 -45.35 -5.30
C SER F 75 -70.35 -43.98 -5.79
N LYS F 76 -71.64 -43.64 -5.61
CA LYS F 76 -72.18 -42.40 -6.12
C LYS F 76 -72.40 -41.36 -5.03
N ASN F 77 -72.02 -41.65 -3.77
CA ASN F 77 -72.19 -40.72 -2.66
C ASN F 77 -73.64 -40.31 -2.46
N MET F 78 -74.56 -41.27 -2.53
CA MET F 78 -75.98 -41.02 -2.44
C MET F 78 -76.57 -41.93 -1.38
N LEU F 79 -77.50 -41.38 -0.60
CA LEU F 79 -78.30 -42.13 0.36
C LEU F 79 -79.77 -42.15 -0.03
N TYR F 80 -80.44 -43.25 0.31
CA TYR F 80 -81.82 -43.50 -0.11
C TYR F 80 -82.68 -43.95 1.07
N LEU F 81 -83.96 -43.59 0.97
CA LEU F 81 -84.99 -44.11 1.85
C LEU F 81 -86.13 -44.57 0.96
N GLN F 82 -86.46 -45.86 1.03
CA GLN F 82 -87.61 -46.41 0.31
C GLN F 82 -88.79 -46.53 1.27
N MET F 83 -89.78 -45.65 1.11
CA MET F 83 -90.99 -45.68 1.92
C MET F 83 -92.13 -46.29 1.10
N ASN F 84 -92.64 -47.43 1.57
CA ASN F 84 -93.78 -48.10 0.96
C ASN F 84 -94.89 -48.16 2.01
N SER F 85 -96.11 -48.49 1.56
CA SER F 85 -97.28 -48.48 2.43
C SER F 85 -97.37 -47.15 3.17
N LEU F 86 -97.09 -46.07 2.42
CA LEU F 86 -97.02 -44.73 2.98
C LEU F 86 -98.34 -44.35 3.62
N ARG F 87 -98.30 -44.04 4.91
CA ARG F 87 -99.47 -43.59 5.66
C ARG F 87 -99.46 -42.08 5.84
N ALA F 88 -100.57 -41.58 6.42
CA ALA F 88 -100.76 -40.15 6.61
C ALA F 88 -99.82 -39.58 7.66
N GLU F 89 -99.45 -40.37 8.66
CA GLU F 89 -98.51 -39.90 9.67
C GLU F 89 -97.09 -39.81 9.13
N ASP F 90 -96.87 -40.21 7.87
CA ASP F 90 -95.59 -40.02 7.20
C ASP F 90 -95.47 -38.69 6.45
N THR F 91 -96.51 -37.86 6.43
CA THR F 91 -96.36 -36.51 5.91
C THR F 91 -95.38 -35.73 6.78
N ALA F 92 -94.31 -35.22 6.18
CA ALA F 92 -93.27 -34.58 6.98
C ALA F 92 -92.25 -33.93 6.05
N LEU F 93 -91.40 -33.10 6.64
CA LEU F 93 -90.18 -32.63 6.01
C LEU F 93 -89.07 -33.59 6.41
N TYR F 94 -88.34 -34.11 5.45
CA TYR F 94 -87.37 -35.17 5.67
C TYR F 94 -85.94 -34.68 5.53
N TYR F 95 -85.10 -35.05 6.49
CA TYR F 95 -83.71 -34.61 6.53
C TYR F 95 -82.80 -35.82 6.54
N CYS F 96 -81.66 -35.71 5.87
CA CYS F 96 -80.57 -36.65 6.02
C CYS F 96 -79.46 -35.96 6.80
N ALA F 97 -78.73 -36.72 7.62
CA ALA F 97 -77.74 -36.12 8.50
C ALA F 97 -76.66 -37.13 8.80
N ASN F 98 -75.48 -36.62 9.17
CA ASN F 98 -74.38 -37.48 9.59
C ASN F 98 -73.52 -36.72 10.59
N GLY F 99 -72.40 -37.33 10.97
CA GLY F 99 -71.52 -36.78 11.98
C GLY F 99 -70.10 -36.49 11.57
N VAL F 100 -69.88 -35.89 10.40
CA VAL F 100 -68.53 -35.79 9.85
C VAL F 100 -67.60 -35.04 10.78
N ALA F 101 -68.11 -34.03 11.48
CA ALA F 101 -67.27 -33.17 12.31
C ALA F 101 -67.35 -33.51 13.78
N THR F 102 -68.18 -34.48 14.17
CA THR F 102 -68.31 -34.83 15.58
C THR F 102 -68.02 -36.31 15.76
N ALA F 103 -69.01 -37.16 15.58
CA ALA F 103 -68.81 -38.61 15.61
C ALA F 103 -69.78 -39.26 14.64
N ASP F 104 -69.51 -40.54 14.33
CA ASP F 104 -70.28 -41.22 13.30
C ASP F 104 -71.76 -41.29 13.65
N TRP F 105 -72.07 -41.30 14.95
CA TRP F 105 -73.42 -41.53 15.45
C TRP F 105 -74.17 -40.24 15.75
N TYR F 106 -73.60 -39.08 15.41
CA TYR F 106 -74.24 -37.81 15.69
C TYR F 106 -74.72 -37.17 14.39
N PHE F 107 -75.54 -36.13 14.53
CA PHE F 107 -76.05 -35.35 13.41
C PHE F 107 -75.57 -33.91 13.57
N ASP F 108 -74.37 -33.63 13.06
CA ASP F 108 -73.87 -32.26 13.05
C ASP F 108 -74.03 -31.57 11.70
N LEU F 109 -73.93 -32.30 10.60
CA LEU F 109 -74.18 -31.74 9.27
C LEU F 109 -75.61 -32.08 8.87
N TRP F 110 -76.36 -31.07 8.43
CA TRP F 110 -77.73 -31.27 8.00
C TRP F 110 -78.00 -30.63 6.64
N GLY F 111 -79.02 -31.16 5.97
CA GLY F 111 -79.58 -30.54 4.79
C GLY F 111 -80.66 -29.57 5.22
N ARG F 112 -81.41 -29.05 4.25
CA ARG F 112 -82.52 -28.20 4.65
C ARG F 112 -83.77 -29.02 4.84
N GLY F 113 -83.87 -30.12 4.14
CA GLY F 113 -84.98 -31.03 4.27
C GLY F 113 -85.81 -30.99 3.01
N THR F 114 -86.42 -32.12 2.68
CA THR F 114 -87.35 -32.19 1.57
C THR F 114 -88.69 -32.64 2.11
N LEU F 115 -89.74 -32.02 1.58
CA LEU F 115 -91.10 -32.21 2.06
C LEU F 115 -91.81 -33.33 1.32
N VAL F 116 -92.35 -34.27 2.08
CA VAL F 116 -93.09 -35.42 1.57
C VAL F 116 -94.50 -35.26 2.12
N THR F 117 -95.49 -35.21 1.22
CA THR F 117 -96.89 -35.05 1.58
C THR F 117 -97.65 -36.30 1.19
N VAL F 118 -98.32 -36.91 2.16
CA VAL F 118 -99.21 -38.05 1.94
C VAL F 118 -100.64 -37.55 2.08
N SER F 119 -101.39 -37.60 0.98
CA SER F 119 -102.75 -37.07 0.92
C SER F 119 -103.65 -37.65 2.01
N GLN G 1 -95.33 -19.34 0.21
CA GLN G 1 -94.12 -19.85 0.85
C GLN G 1 -93.16 -18.68 1.13
N SER G 2 -91.99 -18.99 1.67
CA SER G 2 -90.91 -18.03 1.85
C SER G 2 -89.70 -18.35 0.98
N ALA G 3 -89.84 -19.29 0.05
CA ALA G 3 -88.72 -19.72 -0.77
C ALA G 3 -88.22 -18.58 -1.64
N LEU G 4 -87.00 -18.75 -2.14
CA LEU G 4 -86.46 -17.83 -3.14
C LEU G 4 -87.29 -17.88 -4.40
N THR G 5 -87.50 -16.72 -5.02
CA THR G 5 -88.43 -16.60 -6.13
C THR G 5 -87.71 -16.93 -7.42
N GLN G 6 -88.15 -17.99 -8.08
CA GLN G 6 -87.64 -18.42 -9.37
C GLN G 6 -88.77 -18.36 -10.39
N PRO G 7 -88.44 -18.26 -11.68
CA PRO G 7 -89.45 -18.51 -12.71
C PRO G 7 -89.98 -19.93 -12.60
N ARG G 8 -91.26 -20.10 -12.90
CA ARG G 8 -91.83 -21.44 -12.84
C ARG G 8 -91.40 -22.25 -14.06
N SER G 9 -91.12 -21.58 -15.17
CA SER G 9 -90.81 -22.22 -16.43
C SER G 9 -89.85 -21.31 -17.19
N VAL G 10 -88.90 -21.92 -17.88
CA VAL G 10 -88.06 -21.22 -18.85
C VAL G 10 -87.83 -22.16 -20.03
N SER G 11 -87.81 -21.61 -21.24
CA SER G 11 -87.60 -22.41 -22.44
C SER G 11 -86.42 -21.85 -23.24
N GLY G 12 -85.72 -22.76 -23.91
CA GLY G 12 -84.57 -22.40 -24.71
C GLY G 12 -84.42 -23.37 -25.85
N SER G 13 -83.78 -22.91 -26.90
CA SER G 13 -83.59 -23.89 -27.96
C SER G 13 -82.23 -24.56 -27.82
N PRO G 14 -82.11 -25.82 -28.24
CA PRO G 14 -80.84 -26.53 -28.05
C PRO G 14 -79.69 -25.79 -28.72
N GLY G 15 -78.58 -25.67 -28.00
CA GLY G 15 -77.42 -24.91 -28.44
C GLY G 15 -77.43 -23.46 -28.01
N GLN G 16 -78.57 -22.94 -27.59
CA GLN G 16 -78.74 -21.55 -27.22
C GLN G 16 -78.43 -21.37 -25.74
N SER G 17 -78.62 -20.15 -25.25
CA SER G 17 -78.38 -19.81 -23.85
C SER G 17 -79.69 -19.44 -23.18
N VAL G 18 -79.79 -19.73 -21.88
CA VAL G 18 -80.92 -19.31 -21.06
C VAL G 18 -80.38 -18.87 -19.71
N THR G 19 -80.92 -17.74 -19.22
CA THR G 19 -80.59 -17.24 -17.89
C THR G 19 -81.79 -17.35 -16.95
N ILE G 20 -81.54 -17.84 -15.74
CA ILE G 20 -82.55 -18.04 -14.71
C ILE G 20 -82.18 -17.22 -13.49
N SER G 21 -83.15 -16.50 -12.95
CA SER G 21 -82.93 -15.54 -11.87
C SER G 21 -83.48 -16.12 -10.58
N CYS G 22 -82.93 -15.68 -9.44
CA CYS G 22 -83.35 -16.17 -8.14
C CYS G 22 -83.33 -15.02 -7.15
N THR G 23 -84.50 -14.54 -6.76
CA THR G 23 -84.65 -13.40 -5.85
C THR G 23 -85.10 -13.92 -4.50
N GLY G 24 -84.34 -13.61 -3.46
CA GLY G 24 -84.75 -13.95 -2.10
C GLY G 24 -84.87 -12.76 -1.18
N THR G 25 -84.57 -12.96 0.10
CA THR G 25 -84.73 -11.91 1.10
C THR G 25 -83.35 -11.49 1.61
N SER G 26 -83.35 -10.63 2.63
CA SER G 26 -82.10 -10.20 3.24
C SER G 26 -81.55 -11.22 4.22
N SER G 27 -82.28 -12.30 4.49
CA SER G 27 -81.83 -13.33 5.41
C SER G 27 -81.18 -14.50 4.69
N ASP G 28 -81.36 -14.61 3.38
CA ASP G 28 -80.80 -15.72 2.63
C ASP G 28 -79.83 -15.30 1.52
N VAL G 29 -80.33 -14.96 0.32
CA VAL G 29 -79.44 -14.62 -0.78
C VAL G 29 -78.58 -13.40 -0.45
N GLY G 30 -79.20 -12.36 0.13
CA GLY G 30 -78.45 -11.19 0.50
C GLY G 30 -77.77 -11.25 1.84
N GLY G 31 -77.92 -12.34 2.57
CA GLY G 31 -77.25 -12.49 3.84
C GLY G 31 -75.87 -13.08 3.74
N TYR G 32 -75.79 -14.33 3.30
CA TYR G 32 -74.50 -15.01 3.12
C TYR G 32 -74.27 -15.28 1.65
N ASN G 33 -73.05 -15.73 1.34
CA ASN G 33 -72.68 -16.13 -0.01
C ASN G 33 -72.80 -17.65 -0.18
N TYR G 34 -73.71 -18.26 0.55
CA TYR G 34 -73.85 -19.72 0.53
C TYR G 34 -74.97 -20.13 -0.41
N VAL G 35 -74.93 -19.68 -1.67
CA VAL G 35 -76.01 -19.97 -2.60
C VAL G 35 -75.59 -21.08 -3.54
N SER G 36 -76.50 -22.02 -3.74
CA SER G 36 -76.29 -23.18 -4.60
C SER G 36 -77.32 -23.18 -5.72
N TRP G 37 -77.01 -23.90 -6.80
CA TRP G 37 -77.94 -24.10 -7.88
C TRP G 37 -78.01 -25.59 -8.15
N PHE G 38 -79.22 -26.10 -8.37
CA PHE G 38 -79.47 -27.52 -8.50
C PHE G 38 -80.25 -27.86 -9.77
N GLN G 39 -79.85 -28.95 -10.43
CA GLN G 39 -80.63 -29.55 -11.49
C GLN G 39 -81.43 -30.69 -10.88
N HIS G 40 -82.71 -30.78 -11.24
CA HIS G 40 -83.60 -31.71 -10.56
C HIS G 40 -84.68 -32.22 -11.50
N HIS G 41 -84.91 -33.53 -11.46
CA HIS G 41 -86.07 -34.18 -12.05
C HIS G 41 -86.89 -34.82 -10.94
N PRO G 42 -88.13 -34.38 -10.70
CA PRO G 42 -88.94 -35.00 -9.64
C PRO G 42 -88.99 -36.51 -9.77
N GLY G 43 -88.73 -37.18 -8.66
CA GLY G 43 -88.61 -38.63 -8.61
C GLY G 43 -87.17 -39.10 -8.44
N LYS G 44 -86.20 -38.22 -8.71
CA LYS G 44 -84.80 -38.50 -8.49
C LYS G 44 -84.13 -37.33 -7.79
N ALA G 45 -82.91 -37.58 -7.29
CA ALA G 45 -82.18 -36.60 -6.50
C ALA G 45 -81.66 -35.44 -7.36
N PRO G 46 -81.65 -34.22 -6.84
CA PRO G 46 -80.98 -33.14 -7.55
C PRO G 46 -79.52 -33.49 -7.70
N LYS G 47 -78.89 -32.87 -8.68
CA LYS G 47 -77.46 -33.02 -8.89
C LYS G 47 -76.88 -31.64 -8.71
N LEU G 48 -75.90 -31.54 -7.83
CA LEU G 48 -75.28 -30.25 -7.61
C LEU G 48 -74.50 -29.82 -8.84
N MET G 49 -74.86 -28.66 -9.36
CA MET G 49 -74.22 -28.06 -10.50
C MET G 49 -73.44 -26.84 -10.10
N ILE G 50 -73.96 -26.10 -9.11
CA ILE G 50 -73.32 -24.89 -8.60
C ILE G 50 -73.50 -24.85 -7.09
N TYR G 51 -72.40 -24.62 -6.40
CA TYR G 51 -72.34 -24.33 -4.98
C TYR G 51 -71.42 -23.12 -4.97
N ASP G 52 -71.40 -22.34 -3.89
CA ASP G 52 -70.53 -21.16 -3.95
C ASP G 52 -70.88 -20.34 -5.19
N VAL G 53 -71.82 -19.40 -5.04
CA VAL G 53 -72.37 -18.54 -6.08
C VAL G 53 -71.81 -18.73 -7.49
N THR G 54 -70.49 -18.88 -7.66
CA THR G 54 -69.94 -18.88 -9.00
C THR G 54 -69.03 -20.08 -9.29
N ASP G 55 -68.84 -20.98 -8.34
CA ASP G 55 -67.91 -22.08 -8.50
C ASP G 55 -68.69 -23.35 -8.85
N ARG G 56 -68.12 -24.15 -9.76
CA ARG G 56 -68.76 -25.39 -10.21
C ARG G 56 -68.16 -26.60 -9.52
N PRO G 57 -68.98 -27.51 -8.97
CA PRO G 57 -68.44 -28.79 -8.48
C PRO G 57 -67.95 -29.72 -9.59
N SER G 58 -67.49 -30.90 -9.20
CA SER G 58 -66.97 -31.87 -10.16
C SER G 58 -68.04 -32.42 -11.09
N GLY G 59 -67.69 -32.50 -12.38
CA GLY G 59 -68.49 -33.13 -13.40
C GLY G 59 -69.54 -32.27 -14.06
N VAL G 60 -69.60 -31.00 -13.72
CA VAL G 60 -70.60 -30.08 -14.29
C VAL G 60 -69.93 -29.20 -15.33
N PRO G 61 -70.40 -29.17 -16.57
CA PRO G 61 -69.72 -28.41 -17.61
C PRO G 61 -69.76 -26.92 -17.32
N ASP G 62 -68.81 -26.20 -17.90
CA ASP G 62 -68.78 -24.74 -17.78
C ASP G 62 -69.95 -24.08 -18.49
N ARG G 63 -70.84 -24.85 -19.12
CA ARG G 63 -72.03 -24.26 -19.71
C ARG G 63 -72.97 -23.72 -18.63
N PHE G 64 -72.91 -24.30 -17.44
CA PHE G 64 -73.68 -23.82 -16.30
C PHE G 64 -72.81 -22.82 -15.53
N SER G 65 -73.34 -21.63 -15.31
CA SER G 65 -72.64 -20.61 -14.55
C SER G 65 -73.61 -19.86 -13.65
N GLY G 66 -73.07 -19.26 -12.60
CA GLY G 66 -73.87 -18.60 -11.60
C GLY G 66 -73.33 -17.21 -11.32
N SER G 67 -74.22 -16.36 -10.81
CA SER G 67 -73.90 -14.98 -10.49
C SER G 67 -74.82 -14.50 -9.38
N LYS G 68 -74.46 -13.35 -8.81
CA LYS G 68 -75.25 -12.73 -7.74
C LYS G 68 -75.14 -11.22 -7.83
N SER G 69 -76.25 -10.56 -7.52
CA SER G 69 -76.27 -9.11 -7.37
C SER G 69 -77.30 -8.78 -6.29
N GLY G 70 -76.84 -8.31 -5.14
CA GLY G 70 -77.78 -7.97 -4.09
C GLY G 70 -78.44 -9.22 -3.55
N ASN G 71 -79.77 -9.18 -3.47
CA ASN G 71 -80.61 -10.27 -3.00
C ASN G 71 -81.00 -11.21 -4.12
N THR G 72 -80.45 -11.01 -5.32
CA THR G 72 -80.80 -11.78 -6.50
C THR G 72 -79.60 -12.54 -7.01
N ALA G 73 -79.76 -13.85 -7.19
CA ALA G 73 -78.80 -14.69 -7.85
C ALA G 73 -79.29 -15.04 -9.25
N SER G 74 -78.34 -15.41 -10.11
CA SER G 74 -78.64 -15.66 -11.51
C SER G 74 -77.85 -16.88 -11.96
N LEU G 75 -78.55 -17.80 -12.60
CA LEU G 75 -77.96 -18.95 -13.26
C LEU G 75 -78.07 -18.80 -14.77
N THR G 76 -76.97 -19.08 -15.47
CA THR G 76 -76.97 -19.02 -16.93
C THR G 76 -76.48 -20.36 -17.47
N ILE G 77 -77.27 -20.93 -18.38
CA ILE G 77 -76.96 -22.20 -19.02
C ILE G 77 -76.66 -21.92 -20.48
N SER G 78 -75.44 -22.21 -20.91
CA SER G 78 -75.11 -22.03 -22.32
C SER G 78 -75.07 -23.40 -23.00
N GLY G 79 -75.15 -23.37 -24.33
CA GLY G 79 -75.12 -24.60 -25.10
C GLY G 79 -76.19 -25.62 -24.75
N LEU G 80 -77.45 -25.20 -24.67
CA LEU G 80 -78.50 -26.09 -24.18
C LEU G 80 -78.57 -27.38 -24.97
N GLN G 81 -78.62 -28.50 -24.25
CA GLN G 81 -78.81 -29.82 -24.82
C GLN G 81 -80.12 -30.40 -24.27
N ALA G 82 -80.66 -31.38 -25.01
CA ALA G 82 -81.93 -31.99 -24.60
C ALA G 82 -81.87 -32.53 -23.18
N GLU G 83 -80.71 -33.03 -22.75
CA GLU G 83 -80.62 -33.59 -21.40
C GLU G 83 -80.52 -32.51 -20.34
N ASP G 84 -80.34 -31.25 -20.71
CA ASP G 84 -80.41 -30.16 -19.74
C ASP G 84 -81.83 -29.90 -19.26
N ALA G 85 -82.84 -30.37 -20.00
CA ALA G 85 -84.22 -30.16 -19.61
C ALA G 85 -84.50 -30.82 -18.26
N ALA G 86 -84.89 -30.01 -17.28
CA ALA G 86 -85.14 -30.48 -15.92
C ALA G 86 -85.74 -29.32 -15.13
N ASP G 87 -85.89 -29.53 -13.82
CA ASP G 87 -86.28 -28.47 -12.91
C ASP G 87 -85.01 -27.95 -12.26
N TYR G 88 -84.90 -26.63 -12.16
CA TYR G 88 -83.72 -26.01 -11.61
C TYR G 88 -84.09 -25.20 -10.38
N TYR G 89 -83.35 -25.40 -9.30
CA TYR G 89 -83.62 -24.79 -8.01
C TYR G 89 -82.40 -24.01 -7.57
N CYS G 90 -82.60 -22.74 -7.19
CA CYS G 90 -81.51 -22.14 -6.45
C CYS G 90 -81.61 -22.57 -5.00
N CYS G 91 -80.57 -22.29 -4.24
CA CYS G 91 -80.53 -22.76 -2.86
C CYS G 91 -79.59 -21.86 -2.07
N SER G 92 -79.96 -21.56 -0.83
CA SER G 92 -79.14 -20.71 0.03
C SER G 92 -79.01 -21.37 1.39
N TYR G 93 -77.77 -21.52 1.86
CA TYR G 93 -77.48 -21.89 3.23
C TYR G 93 -77.33 -20.62 4.06
N ALA G 94 -78.07 -20.53 5.17
CA ALA G 94 -78.12 -19.33 5.99
C ALA G 94 -77.64 -19.55 7.41
N GLY G 95 -76.97 -20.65 7.69
CA GLY G 95 -76.53 -20.89 9.04
C GLY G 95 -77.51 -21.75 9.82
N THR G 96 -78.65 -21.17 10.18
CA THR G 96 -79.66 -21.92 10.92
C THR G 96 -80.58 -22.70 9.99
N TYR G 97 -80.50 -22.46 8.68
CA TYR G 97 -81.35 -23.18 7.74
C TYR G 97 -80.75 -23.06 6.35
N THR G 98 -81.09 -24.03 5.52
CA THR G 98 -80.91 -23.93 4.07
C THR G 98 -82.29 -23.76 3.44
N VAL G 99 -82.36 -22.99 2.35
CA VAL G 99 -83.65 -22.75 1.70
C VAL G 99 -83.52 -22.79 0.18
N PHE G 100 -84.41 -23.54 -0.46
CA PHE G 100 -84.49 -23.65 -1.91
C PHE G 100 -85.50 -22.67 -2.49
N GLY G 101 -85.23 -22.25 -3.72
CA GLY G 101 -86.21 -21.54 -4.50
C GLY G 101 -87.31 -22.49 -4.93
N GLY G 102 -88.37 -21.90 -5.50
CA GLY G 102 -89.49 -22.73 -5.91
C GLY G 102 -89.23 -23.58 -7.14
N GLY G 103 -88.14 -23.34 -7.86
CA GLY G 103 -87.80 -24.16 -9.00
C GLY G 103 -88.27 -23.66 -10.35
N THR G 104 -87.43 -23.83 -11.36
CA THR G 104 -87.78 -23.51 -12.75
C THR G 104 -87.66 -24.75 -13.62
N LYS G 105 -88.74 -25.11 -14.29
CA LYS G 105 -88.69 -26.21 -15.25
C LYS G 105 -88.14 -25.67 -16.56
N LEU G 106 -87.00 -26.19 -16.98
CA LEU G 106 -86.41 -25.82 -18.26
C LEU G 106 -86.79 -26.87 -19.30
N THR G 107 -87.42 -26.41 -20.38
CA THR G 107 -87.77 -27.29 -21.50
C THR G 107 -86.92 -26.88 -22.68
N VAL G 108 -86.20 -27.84 -23.26
CA VAL G 108 -85.40 -27.59 -24.44
C VAL G 108 -86.20 -28.11 -25.62
N LEU G 109 -86.85 -27.19 -26.34
CA LEU G 109 -87.68 -27.52 -27.50
C LEU G 109 -86.76 -27.82 -28.68
#